data_8BUL
#
_entry.id   8BUL
#
_cell.length_a   249.356
_cell.length_b   249.356
_cell.length_c   217.993
_cell.angle_alpha   90.000
_cell.angle_beta   90.000
_cell.angle_gamma   120.000
#
_symmetry.space_group_name_H-M   'P 31 2 1'
#
loop_
_entity.id
_entity.type
_entity.pdbx_description
1 polymer 'DNA damage-binding protein 1'
2 polymer 'Cyclin-dependent kinase 12'
3 polymer Cyclin-K
4 non-polymer 1,2-ETHANEDIOL
5 non-polymer 'SULFATE ION'
6 non-polymer (2~{R})-2-[[6-(3-phenylpropylamino)-9-propan-2-yl-purin-2-yl]amino]butan-1-ol
#
loop_
_entity_poly.entity_id
_entity_poly.type
_entity_poly.pdbx_seq_one_letter_code
_entity_poly.pdbx_strand_id
1 'polypeptide(L)'
;GGGRMSYNYVVTAQKPTAVNGCVTGHFTSAEDLNLLIAKNTRLEIYVVTAEGLRPVKEVGMYGKIAVMELFRPKGESKDL
LFILTAKYNACILEYKQSGESIDIITRAHGNVQDRIGRPSETGIIGIIDPECRMIGLRLYDGLFKVIPLDRDNKELKAFN
IRLEELHVIDVKFLYGCQAPTICFVYQDPQGRHVKTYEVSLREKEFNKGPWKQENVEAEASMVIAVPEPFGGAIIIGQES
ITYHNGDKYLAIAPPIIKQSTIVCHNRVDPNGSRYLLGDMEGRLFMLLLEKEEQMDGTVTLKDLRVELLGETSIAECLTY
LDNGVVFVGSRLGDSQLVKLNVDSNEQGSYVVAMETFTNLGPIVDMCVVDLERQGQGQLVTCSGAFKEGSLRIIRNGIGG
NGNSGEIQKLHIRTVPLYESPRKICYQEVSQCFGVLSSRIEVQDTSGGTTALRPSASTQALSSSVSSSKLFSSSTAPHET
SFGEEVEVHNLLIIDQHTFEVLHAHQFLQNEYALSLVSCKLGKDPNTYFIVGTAMVYPEEAEPKQGRIVVFQYSDGKLQT
VAEKEVKGAVYSMVEFNGKLLASINSTVRLYEWTTEKELRTECNHYNNIMALYLKTKGDFILVGDLMRSVLLLAYKPMEG
NFEEIARDFNPNWMSAVEILDDDNFLGAENAFNLFVCQKDSAATTDEERQHLQEVGLFHLGEFVNVFCHGSLVMQNLGET
STPTQGSVLFGTVNGMIGLVTSLSESWYNLLLDMQNRLNKVIKSVGKIEHSFWRSFHTERKTEPATGFIDGDLIESFLDI
SRPKMQEVVANLQYDDGSGMKREATADDLIKVVEELTRIH
;
A,D,G
2 'polypeptide(L)'
;GGGRRQTESDWGKRCVDKFDIIGIIGEGTYGQVYKAKDKDTGELVALKKVRLDNEKEGFPITAIREIKILRQLIHRSVVN
MKEIVTDKQDALDFKKDKGAFYLVFEYMDHDLMGLLESGLVHFSEDHIKSFMKQLMEGLEYCHKKNFLHRDIKCSNILLN
NSGQIKLADFGLARLYNSEESRPY(TPO)NKVITLWYRPPELLLGEERYTPAIDVWSCGCILGELFTKKPIFQANLELAQ
LELISRLCGSPCPAVWPDVIRLPYFNTMKPKKQYRRRLREEFSFIPSAALDLLDHMLTLDPSKRCTAEQTLQSDFLKDVE
LSKMAPPDLPHWQDCHELWSKKRRRQRQ
;
B,E,H
3 'polypeptide(L)'
;GGGRMKENKENSSPSVTSANLDHTKPCWYWDKKDLAHTPSQLEGLDPATEARYRREGARFIFDVGTRLGLHYDTLATGII
YFHRFYMFHSFKQFPRYVTGACCLFLAGKVEETPKKCKDIIKTARSLLNDVQFGQFGDDPKEEVMVLERILLQTIKFDLQ
VEHPYQFLLKYAKQLKGDKNKIQKLVQMAWTFVNDSLCTTLSLQWEPEIIAVAVMYLAGRLCKFEIQEWTSKPMYRRWWE
QFVQDVPVDVLEDICHQILDLYSQGKQQMPH
;
C,F,I
#
# COMPACT_ATOMS: atom_id res chain seq x y z
N MET A 5 -42.20 -43.49 8.85
CA MET A 5 -41.22 -44.60 8.98
C MET A 5 -40.74 -44.94 7.56
N SER A 6 -39.67 -45.72 7.46
CA SER A 6 -39.15 -46.18 6.17
C SER A 6 -38.94 -47.69 6.18
N TYR A 7 -39.07 -48.30 5.00
CA TYR A 7 -38.97 -49.74 4.85
C TYR A 7 -37.96 -50.07 3.77
N ASN A 8 -36.97 -50.90 4.11
CA ASN A 8 -35.88 -51.24 3.21
C ASN A 8 -35.50 -52.71 3.35
N TYR A 9 -34.79 -53.20 2.34
CA TYR A 9 -34.44 -54.61 2.18
C TYR A 9 -32.95 -54.69 1.90
N VAL A 10 -32.24 -55.59 2.59
CA VAL A 10 -30.80 -55.74 2.44
C VAL A 10 -30.44 -57.18 2.12
N VAL A 11 -29.75 -57.39 1.01
CA VAL A 11 -29.36 -58.71 0.56
C VAL A 11 -27.87 -58.73 0.26
N THR A 12 -27.27 -59.92 0.37
CA THR A 12 -25.86 -60.14 0.12
C THR A 12 -25.68 -60.68 -1.30
N ALA A 13 -25.02 -59.91 -2.16
CA ALA A 13 -24.78 -60.40 -3.52
C ALA A 13 -23.55 -61.31 -3.59
N GLN A 14 -22.47 -60.93 -2.92
CA GLN A 14 -21.26 -61.74 -2.82
C GLN A 14 -20.91 -61.80 -1.34
N LYS A 15 -20.67 -63.00 -0.83
CA LYS A 15 -20.38 -63.17 0.59
C LYS A 15 -18.95 -62.74 0.90
N PRO A 16 -18.64 -62.55 2.18
CA PRO A 16 -17.25 -62.22 2.55
C PRO A 16 -16.27 -63.21 1.94
N THR A 17 -15.21 -62.67 1.34
CA THR A 17 -14.18 -63.44 0.69
C THR A 17 -12.87 -63.44 1.46
N ALA A 18 -12.74 -62.55 2.45
CA ALA A 18 -11.51 -62.40 3.20
C ALA A 18 -11.40 -63.46 4.29
N VAL A 19 -10.23 -64.09 4.37
CA VAL A 19 -10.00 -65.10 5.40
C VAL A 19 -9.59 -64.40 6.69
N ASN A 20 -10.38 -64.62 7.75
CA ASN A 20 -10.15 -64.00 9.04
C ASN A 20 -9.41 -64.91 10.01
N GLY A 21 -9.35 -66.20 9.72
CA GLY A 21 -8.66 -67.16 10.55
C GLY A 21 -8.81 -68.58 10.05
N CYS A 22 -7.79 -69.41 10.29
CA CYS A 22 -7.78 -70.79 9.83
C CYS A 22 -7.11 -71.68 10.88
N VAL A 23 -7.73 -72.84 11.12
CA VAL A 23 -7.22 -73.84 12.06
C VAL A 23 -7.27 -75.19 11.38
N THR A 24 -6.42 -76.10 11.84
CA THR A 24 -6.37 -77.46 11.34
C THR A 24 -6.61 -78.44 12.49
N GLY A 25 -7.39 -79.47 12.24
CA GLY A 25 -7.67 -80.45 13.28
C GLY A 25 -8.45 -81.61 12.74
N HIS A 26 -9.01 -82.39 13.67
CA HIS A 26 -9.80 -83.58 13.40
C HIS A 26 -11.21 -83.32 13.92
N PHE A 27 -11.96 -82.51 13.18
CA PHE A 27 -13.27 -82.02 13.60
C PHE A 27 -14.43 -82.85 13.07
N THR A 28 -14.41 -83.23 11.78
CA THR A 28 -15.53 -83.96 11.19
C THR A 28 -15.48 -85.44 11.56
N SER A 29 -14.29 -86.01 11.74
CA SER A 29 -14.10 -87.38 12.18
C SER A 29 -12.77 -87.44 12.90
N ALA A 30 -12.65 -88.37 13.86
CA ALA A 30 -11.37 -88.52 14.55
C ALA A 30 -10.26 -88.91 13.58
N GLU A 31 -10.62 -89.29 12.37
CA GLU A 31 -9.71 -89.82 11.36
C GLU A 31 -9.26 -88.80 10.33
N ASP A 32 -10.11 -87.85 9.97
CA ASP A 32 -9.84 -86.88 8.92
C ASP A 32 -9.08 -85.66 9.42
N LEU A 33 -8.11 -85.21 8.60
CA LEU A 33 -7.52 -83.90 8.81
C LEU A 33 -8.36 -82.82 8.15
N ASN A 34 -8.75 -81.82 8.92
CA ASN A 34 -9.64 -80.78 8.44
C ASN A 34 -8.94 -79.44 8.47
N LEU A 35 -9.40 -78.56 7.58
CA LEU A 35 -9.03 -77.15 7.56
C LEU A 35 -10.33 -76.39 7.76
N LEU A 36 -10.47 -75.74 8.90
CA LEU A 36 -11.63 -74.88 9.15
C LEU A 36 -11.19 -73.45 8.84
N ILE A 37 -11.70 -72.91 7.74
CA ILE A 37 -11.41 -71.54 7.32
C ILE A 37 -12.57 -70.68 7.78
N ALA A 38 -12.26 -69.50 8.29
CA ALA A 38 -13.27 -68.58 8.83
C ALA A 38 -13.24 -67.27 8.05
N LYS A 39 -14.37 -66.92 7.45
CA LYS A 39 -14.64 -65.58 6.94
C LYS A 39 -15.70 -64.96 7.84
N ASN A 40 -15.80 -63.64 7.80
CA ASN A 40 -16.70 -62.98 8.74
C ASN A 40 -18.09 -63.61 8.61
N THR A 41 -18.62 -64.12 9.72
CA THR A 41 -19.95 -64.72 9.84
C THR A 41 -20.10 -66.06 9.12
N ARG A 42 -19.06 -66.58 8.46
CA ARG A 42 -19.17 -67.79 7.65
C ARG A 42 -18.05 -68.76 8.04
N LEU A 43 -18.40 -70.00 8.35
CA LEU A 43 -17.44 -71.05 8.63
C LEU A 43 -17.40 -72.08 7.49
N GLU A 44 -16.21 -72.36 6.98
CA GLU A 44 -16.03 -73.32 5.89
C GLU A 44 -15.22 -74.50 6.41
N ILE A 45 -15.75 -75.70 6.25
CA ILE A 45 -15.10 -76.93 6.71
C ILE A 45 -14.61 -77.69 5.49
N TYR A 46 -13.31 -78.00 5.48
CA TYR A 46 -12.67 -78.76 4.40
C TYR A 46 -12.01 -80.00 4.99
N VAL A 47 -11.83 -81.03 4.14
CA VAL A 47 -11.09 -82.22 4.51
C VAL A 47 -9.85 -82.33 3.62
N VAL A 48 -8.68 -82.51 4.24
CA VAL A 48 -7.40 -82.49 3.55
C VAL A 48 -7.16 -83.85 2.90
N THR A 49 -7.00 -83.83 1.58
CA THR A 49 -6.70 -85.00 0.76
C THR A 49 -5.47 -84.91 -0.12
N ALA A 50 -5.32 -85.86 -1.05
CA ALA A 50 -4.27 -85.73 -2.06
C ALA A 50 -4.48 -84.45 -2.86
N GLU A 51 -5.75 -84.11 -3.13
CA GLU A 51 -6.09 -82.80 -3.62
C GLU A 51 -6.00 -81.89 -2.42
N GLY A 52 -5.79 -80.61 -2.66
CA GLY A 52 -5.52 -79.72 -1.54
C GLY A 52 -6.60 -79.78 -0.48
N LEU A 53 -7.86 -79.62 -0.89
CA LEU A 53 -8.97 -79.53 0.05
C LEU A 53 -10.22 -80.15 -0.55
N ARG A 54 -10.98 -80.88 0.28
CA ARG A 54 -12.27 -81.38 -0.14
C ARG A 54 -13.35 -80.63 0.65
N PRO A 55 -14.18 -79.80 0.01
CA PRO A 55 -15.22 -79.09 0.79
C PRO A 55 -16.32 -80.07 1.23
N VAL A 56 -16.76 -79.91 2.49
CA VAL A 56 -17.76 -80.79 3.08
C VAL A 56 -18.97 -80.04 3.63
N LYS A 57 -18.76 -78.89 4.27
CA LYS A 57 -19.86 -78.18 4.91
C LYS A 57 -19.53 -76.72 5.07
N GLU A 58 -20.54 -75.86 4.89
CA GLU A 58 -20.44 -74.44 5.20
C GLU A 58 -21.67 -73.97 5.98
N VAL A 59 -21.44 -73.28 7.09
CA VAL A 59 -22.52 -72.74 7.91
C VAL A 59 -22.33 -71.24 8.09
N GLY A 60 -23.44 -70.53 8.29
CA GLY A 60 -23.41 -69.15 8.70
C GLY A 60 -23.77 -69.04 10.17
N MET A 61 -23.16 -68.06 10.85
CA MET A 61 -23.43 -67.79 12.25
C MET A 61 -23.95 -66.36 12.39
N TYR A 62 -24.83 -66.14 13.37
CA TYR A 62 -25.40 -64.82 13.58
C TYR A 62 -24.46 -64.01 14.47
N GLY A 63 -23.22 -63.88 13.99
CA GLY A 63 -22.18 -63.20 14.73
C GLY A 63 -20.90 -63.19 13.92
N LYS A 64 -20.04 -62.25 14.27
CA LYS A 64 -18.71 -62.15 13.67
C LYS A 64 -17.77 -63.11 14.38
N ILE A 65 -17.22 -64.06 13.65
CA ILE A 65 -16.36 -65.06 14.28
C ILE A 65 -15.04 -64.39 14.70
N ALA A 66 -14.80 -64.35 16.00
CA ALA A 66 -13.61 -63.70 16.57
C ALA A 66 -12.57 -64.68 17.10
N VAL A 67 -12.99 -65.72 17.80
CA VAL A 67 -12.12 -66.80 18.26
C VAL A 67 -12.61 -68.09 17.63
N MET A 68 -11.67 -68.86 17.09
CA MET A 68 -11.96 -70.18 16.53
C MET A 68 -10.81 -71.11 16.90
N GLU A 69 -11.12 -72.16 17.66
CA GLU A 69 -10.10 -73.08 18.16
C GLU A 69 -10.71 -74.46 18.26
N LEU A 70 -9.89 -75.48 18.02
CA LEU A 70 -10.30 -76.86 18.15
C LEU A 70 -9.65 -77.47 19.39
N PHE A 71 -10.44 -78.24 20.15
CA PHE A 71 -9.98 -78.89 21.38
C PHE A 71 -10.64 -80.25 21.46
N ARG A 72 -9.93 -81.21 22.07
CA ARG A 72 -10.44 -82.57 22.22
C ARG A 72 -10.31 -82.97 23.67
N PRO A 73 -11.36 -82.76 24.46
CA PRO A 73 -11.27 -83.12 25.88
C PRO A 73 -11.29 -84.62 26.08
N LYS A 74 -10.63 -85.06 27.15
CA LYS A 74 -10.62 -86.49 27.47
C LYS A 74 -12.04 -87.03 27.47
N GLY A 75 -12.24 -88.13 26.75
CA GLY A 75 -13.51 -88.77 26.61
C GLY A 75 -14.18 -88.53 25.28
N GLU A 76 -13.74 -87.52 24.52
CA GLU A 76 -14.28 -87.27 23.19
C GLU A 76 -13.46 -88.04 22.17
N SER A 77 -14.14 -88.54 21.12
CA SER A 77 -13.44 -89.24 20.05
C SER A 77 -12.76 -88.27 19.10
N LYS A 78 -13.30 -87.06 18.96
CA LYS A 78 -12.86 -86.13 17.92
C LYS A 78 -12.89 -84.71 18.47
N ASP A 79 -12.30 -83.80 17.70
CA ASP A 79 -12.14 -82.43 18.15
C ASP A 79 -13.49 -81.74 18.23
N LEU A 80 -13.66 -80.88 19.22
CA LEU A 80 -14.80 -79.99 19.31
C LEU A 80 -14.34 -78.58 18.92
N LEU A 81 -15.29 -77.76 18.53
CA LEU A 81 -15.00 -76.43 18.01
C LEU A 81 -15.53 -75.37 18.98
N PHE A 82 -14.65 -74.46 19.37
CA PHE A 82 -15.04 -73.31 20.16
C PHE A 82 -15.06 -72.07 19.27
N ILE A 83 -16.13 -71.28 19.39
CA ILE A 83 -16.24 -70.03 18.67
C ILE A 83 -16.81 -68.98 19.63
N LEU A 84 -16.25 -67.78 19.57
CA LEU A 84 -16.74 -66.61 20.30
C LEU A 84 -16.99 -65.52 19.28
N THR A 85 -18.16 -64.90 19.34
CA THR A 85 -18.45 -63.85 18.36
C THR A 85 -17.99 -62.50 18.92
N ALA A 86 -17.93 -61.51 18.04
CA ALA A 86 -17.50 -60.18 18.47
C ALA A 86 -18.51 -59.52 19.41
N LYS A 87 -19.75 -59.98 19.45
CA LYS A 87 -20.73 -59.52 20.43
C LYS A 87 -20.73 -60.39 21.69
N TYR A 88 -19.68 -61.21 21.85
CA TYR A 88 -19.44 -62.04 23.02
C TYR A 88 -20.43 -63.19 23.15
N ASN A 89 -20.87 -63.75 22.02
CA ASN A 89 -21.66 -64.98 22.03
C ASN A 89 -20.67 -66.13 21.98
N ALA A 90 -20.71 -67.01 22.98
CA ALA A 90 -19.81 -68.16 23.05
C ALA A 90 -20.59 -69.47 22.85
N CYS A 91 -19.92 -70.45 22.26
CA CYS A 91 -20.54 -71.75 22.03
C CYS A 91 -19.47 -72.80 21.78
N ILE A 92 -19.84 -74.06 22.03
CA ILE A 92 -19.03 -75.23 21.66
C ILE A 92 -19.83 -76.04 20.65
N LEU A 93 -19.19 -76.37 19.53
CA LEU A 93 -19.89 -76.98 18.40
C LEU A 93 -19.33 -78.37 18.10
N GLU A 94 -20.22 -79.25 17.63
CA GLU A 94 -19.84 -80.60 17.23
C GLU A 94 -20.38 -80.92 15.85
N TYR A 95 -19.55 -81.56 15.03
CA TYR A 95 -19.95 -82.08 13.73
C TYR A 95 -20.58 -83.46 13.91
N LYS A 96 -21.74 -83.66 13.30
CA LYS A 96 -22.44 -84.94 13.33
C LYS A 96 -22.98 -85.21 11.93
N GLN A 97 -22.75 -86.42 11.42
CA GLN A 97 -23.15 -86.79 10.08
C GLN A 97 -23.89 -88.10 10.15
N SER A 98 -25.07 -88.15 9.54
CA SER A 98 -25.91 -89.35 9.50
C SER A 98 -26.06 -89.70 8.04
N GLY A 99 -25.14 -90.51 7.52
CA GLY A 99 -25.22 -90.80 6.10
C GLY A 99 -25.00 -89.53 5.30
N GLU A 100 -26.05 -89.14 4.58
CA GLU A 100 -26.05 -87.95 3.74
C GLU A 100 -26.39 -86.67 4.49
N SER A 101 -26.92 -86.77 5.71
CA SER A 101 -27.36 -85.61 6.49
C SER A 101 -26.21 -85.07 7.35
N ILE A 102 -25.82 -83.83 7.10
CA ILE A 102 -24.74 -83.18 7.86
C ILE A 102 -25.34 -82.01 8.65
N ASP A 103 -25.12 -82.00 9.96
CA ASP A 103 -25.61 -80.92 10.82
C ASP A 103 -24.58 -80.57 11.89
N ILE A 104 -24.69 -79.35 12.43
CA ILE A 104 -23.77 -78.84 13.45
C ILE A 104 -24.49 -78.71 14.79
N ILE A 105 -23.95 -79.40 15.80
CA ILE A 105 -24.56 -79.49 17.11
C ILE A 105 -24.04 -78.36 17.98
N THR A 106 -24.94 -77.67 18.68
CA THR A 106 -24.56 -76.69 19.69
C THR A 106 -24.50 -77.38 21.05
N ARG A 107 -23.28 -77.68 21.52
CA ARG A 107 -23.14 -78.45 22.75
C ARG A 107 -23.25 -77.59 24.00
N ALA A 108 -22.76 -76.35 23.93
CA ALA A 108 -22.81 -75.42 25.04
C ALA A 108 -22.87 -74.02 24.44
N HIS A 109 -23.50 -73.09 25.15
CA HIS A 109 -23.57 -71.74 24.64
C HIS A 109 -23.91 -70.74 25.74
N GLY A 110 -23.54 -69.49 25.48
CA GLY A 110 -23.86 -68.40 26.38
C GLY A 110 -23.14 -67.15 25.94
N ASN A 111 -23.54 -66.03 26.53
CA ASN A 111 -22.95 -64.73 26.26
C ASN A 111 -22.10 -64.33 27.46
N VAL A 112 -20.83 -64.03 27.22
CA VAL A 112 -19.86 -63.84 28.29
C VAL A 112 -19.56 -62.36 28.54
N GLN A 113 -20.40 -61.47 28.03
CA GLN A 113 -20.17 -60.03 28.18
C GLN A 113 -20.28 -59.62 29.64
N ASP A 114 -19.40 -58.72 30.06
CA ASP A 114 -19.42 -58.18 31.41
C ASP A 114 -20.12 -56.82 31.41
N ARG A 115 -20.87 -56.56 32.48
CA ARG A 115 -21.55 -55.28 32.61
C ARG A 115 -20.56 -54.13 32.62
N ILE A 116 -19.38 -54.34 33.23
CA ILE A 116 -18.36 -53.32 33.31
C ILE A 116 -17.04 -53.89 32.81
N GLY A 117 -16.41 -53.21 31.85
CA GLY A 117 -15.10 -53.59 31.36
C GLY A 117 -14.59 -52.64 30.30
N ARG A 118 -13.26 -52.50 30.18
CA ARG A 118 -12.69 -51.70 29.11
C ARG A 118 -12.20 -52.63 28.02
N PRO A 119 -12.74 -52.55 26.80
CA PRO A 119 -12.23 -53.40 25.70
C PRO A 119 -10.75 -53.12 25.37
N SER A 120 -9.99 -54.20 25.21
CA SER A 120 -8.55 -54.11 25.06
C SER A 120 -8.13 -53.67 23.65
N GLU A 121 -6.96 -53.03 23.57
CA GLU A 121 -6.47 -52.51 22.31
C GLU A 121 -6.13 -53.61 21.32
N THR A 122 -5.45 -54.65 21.77
CA THR A 122 -5.08 -55.75 20.88
C THR A 122 -6.24 -56.69 20.57
N GLY A 123 -7.40 -56.51 21.17
CA GLY A 123 -8.60 -57.21 20.76
C GLY A 123 -8.85 -58.44 21.59
N ILE A 124 -9.95 -59.12 21.27
CA ILE A 124 -10.29 -60.37 21.93
C ILE A 124 -9.22 -61.41 21.61
N ILE A 125 -8.65 -62.03 22.64
CA ILE A 125 -7.72 -63.14 22.48
C ILE A 125 -8.35 -64.34 23.15
N GLY A 126 -8.39 -65.45 22.43
CA GLY A 126 -8.91 -66.68 22.97
C GLY A 126 -7.89 -67.80 22.90
N ILE A 127 -7.67 -68.48 24.03
CA ILE A 127 -6.72 -69.58 24.13
C ILE A 127 -7.37 -70.70 24.92
N ILE A 128 -6.92 -71.92 24.65
CA ILE A 128 -7.43 -73.12 25.28
C ILE A 128 -6.26 -73.86 25.92
N ASP A 129 -6.57 -74.56 27.00
CA ASP A 129 -5.59 -75.27 27.78
C ASP A 129 -4.94 -76.39 26.95
N PRO A 130 -3.70 -76.78 27.29
CA PRO A 130 -3.15 -77.97 26.62
C PRO A 130 -3.87 -79.24 27.02
N GLU A 131 -4.27 -79.33 28.28
CA GLU A 131 -5.07 -80.43 28.78
C GLU A 131 -6.57 -80.19 28.60
N CYS A 132 -6.94 -79.09 27.95
CA CYS A 132 -8.34 -78.74 27.71
C CYS A 132 -9.14 -78.65 29.01
N ARG A 133 -8.48 -78.22 30.07
CA ARG A 133 -9.18 -78.01 31.33
C ARG A 133 -9.95 -76.70 31.35
N MET A 134 -9.50 -75.70 30.57
CA MET A 134 -10.12 -74.38 30.63
C MET A 134 -9.92 -73.62 29.32
N ILE A 135 -10.80 -72.64 29.11
CA ILE A 135 -10.71 -71.68 28.01
C ILE A 135 -10.51 -70.29 28.62
N GLY A 136 -9.45 -69.62 28.20
CA GLY A 136 -9.15 -68.28 28.69
C GLY A 136 -9.50 -67.24 27.64
N LEU A 137 -10.19 -66.20 28.08
CA LEU A 137 -10.60 -65.11 27.20
C LEU A 137 -10.05 -63.80 27.76
N ARG A 138 -9.29 -63.08 26.93
CA ARG A 138 -8.83 -61.74 27.25
C ARG A 138 -9.74 -60.75 26.53
N LEU A 139 -10.81 -60.34 27.21
CA LEU A 139 -11.76 -59.40 26.65
C LEU A 139 -11.51 -57.97 27.08
N TYR A 140 -11.21 -57.73 28.36
CA TYR A 140 -11.10 -56.40 28.90
C TYR A 140 -9.73 -56.16 29.50
N ASP A 141 -9.34 -54.89 29.54
CA ASP A 141 -8.09 -54.51 30.18
C ASP A 141 -8.18 -54.81 31.67
N GLY A 142 -7.15 -55.45 32.22
CA GLY A 142 -7.12 -55.71 33.64
C GLY A 142 -7.89 -56.92 34.11
N LEU A 143 -8.50 -57.68 33.19
CA LEU A 143 -9.28 -58.85 33.57
C LEU A 143 -9.06 -60.00 32.61
N PHE A 144 -8.95 -61.21 33.18
CA PHE A 144 -8.80 -62.47 32.46
C PHE A 144 -10.00 -63.34 32.79
N LYS A 145 -10.76 -63.73 31.77
CA LYS A 145 -11.96 -64.56 31.96
C LYS A 145 -11.61 -66.04 31.78
N VAL A 146 -12.13 -66.87 32.69
CA VAL A 146 -11.91 -68.31 32.63
C VAL A 146 -13.27 -68.99 32.47
N ILE A 147 -13.42 -69.75 31.39
CA ILE A 147 -14.53 -70.69 31.26
C ILE A 147 -13.96 -72.08 31.54
N PRO A 148 -14.22 -72.68 32.71
CA PRO A 148 -13.72 -74.04 32.95
C PRO A 148 -14.48 -75.05 32.11
N LEU A 149 -13.75 -75.99 31.52
CA LEU A 149 -14.37 -76.98 30.65
C LEU A 149 -14.77 -78.25 31.42
N ASP A 150 -15.71 -78.09 32.35
CA ASP A 150 -16.32 -79.25 32.98
C ASP A 150 -17.56 -79.68 32.20
N ARG A 151 -17.91 -80.96 32.33
CA ARG A 151 -19.05 -81.54 31.62
C ARG A 151 -20.34 -80.80 31.92
N ASP A 152 -20.47 -80.21 33.11
CA ASP A 152 -21.73 -79.63 33.52
C ASP A 152 -21.94 -78.20 33.04
N ASN A 153 -20.89 -77.55 32.54
CA ASN A 153 -20.98 -76.13 32.19
C ASN A 153 -21.57 -75.94 30.79
N LYS A 154 -22.83 -76.34 30.64
CA LYS A 154 -23.47 -76.24 29.34
C LYS A 154 -23.80 -74.80 28.99
N GLU A 155 -23.83 -73.91 29.97
CA GLU A 155 -24.09 -72.49 29.74
C GLU A 155 -22.81 -71.67 29.62
N LEU A 156 -21.65 -72.30 29.73
CA LEU A 156 -20.35 -71.63 29.65
C LEU A 156 -20.25 -70.49 30.67
N LYS A 157 -20.65 -70.78 31.91
CA LYS A 157 -20.49 -69.81 32.99
C LYS A 157 -19.01 -69.61 33.28
N ALA A 158 -18.66 -68.38 33.68
CA ALA A 158 -17.26 -68.04 33.81
C ALA A 158 -17.04 -67.00 34.90
N PHE A 159 -15.77 -66.87 35.30
CA PHE A 159 -15.34 -65.97 36.36
C PHE A 159 -14.09 -65.21 35.93
N ASN A 160 -13.97 -63.98 36.43
CA ASN A 160 -12.81 -63.15 36.13
C ASN A 160 -11.78 -63.17 37.27
N ILE A 161 -10.52 -63.26 36.87
CA ILE A 161 -9.37 -63.11 37.76
C ILE A 161 -8.80 -61.73 37.54
N ARG A 162 -8.45 -61.05 38.62
CA ARG A 162 -7.89 -59.71 38.48
C ARG A 162 -6.49 -59.83 37.92
N LEU A 163 -6.20 -59.04 36.89
CA LEU A 163 -4.90 -59.01 36.24
C LEU A 163 -4.26 -57.65 36.50
N GLU A 164 -3.11 -57.65 37.18
CA GLU A 164 -2.45 -56.38 37.47
C GLU A 164 -1.98 -55.70 36.19
N GLU A 165 -1.49 -56.46 35.22
CA GLU A 165 -0.92 -55.92 33.99
C GLU A 165 -2.04 -55.50 33.04
N LEU A 166 -2.30 -54.20 32.96
CA LEU A 166 -3.47 -53.71 32.25
C LEU A 166 -3.34 -53.85 30.74
N HIS A 167 -2.14 -53.66 30.19
CA HIS A 167 -1.94 -53.63 28.73
C HIS A 167 -1.21 -54.89 28.27
N VAL A 168 -1.97 -55.83 27.70
CA VAL A 168 -1.44 -57.12 27.25
C VAL A 168 -1.45 -57.16 25.73
N ILE A 169 -0.35 -57.64 25.15
CA ILE A 169 -0.25 -57.73 23.69
C ILE A 169 -0.70 -59.08 23.16
N ASP A 170 -0.18 -60.18 23.70
CA ASP A 170 -0.62 -61.51 23.33
C ASP A 170 -0.37 -62.44 24.51
N VAL A 171 -1.31 -63.36 24.73
CA VAL A 171 -1.23 -64.36 25.78
C VAL A 171 -1.59 -65.71 25.17
N LYS A 172 -0.85 -66.75 25.54
CA LYS A 172 -1.04 -68.10 25.05
C LYS A 172 -0.77 -69.05 26.20
N PHE A 173 -1.55 -70.12 26.27
CA PHE A 173 -1.30 -71.16 27.26
C PHE A 173 -0.02 -71.91 26.92
N LEU A 174 0.81 -72.16 27.94
CA LEU A 174 2.09 -72.81 27.73
C LEU A 174 1.99 -74.32 27.91
N TYR A 175 2.88 -75.03 27.21
CA TYR A 175 2.93 -76.48 27.27
C TYR A 175 3.95 -76.92 28.33
N GLY A 176 3.73 -78.08 28.92
CA GLY A 176 4.74 -78.66 29.79
C GLY A 176 4.78 -78.11 31.20
N CYS A 177 3.63 -77.82 31.79
CA CYS A 177 3.57 -77.26 33.13
C CYS A 177 2.73 -78.10 34.08
N GLN A 178 3.19 -78.10 35.35
CA GLN A 178 2.50 -78.87 36.39
C GLN A 178 1.06 -78.42 36.56
N ALA A 179 0.78 -77.16 36.32
CA ALA A 179 -0.55 -76.56 36.38
C ALA A 179 -0.70 -75.60 35.21
N PRO A 180 -1.93 -75.40 34.74
CA PRO A 180 -2.14 -74.51 33.59
C PRO A 180 -1.43 -73.16 33.76
N THR A 181 -0.66 -72.78 32.75
CA THR A 181 0.17 -71.58 32.81
C THR A 181 -0.08 -70.71 31.59
N ILE A 182 -0.31 -69.42 31.82
CA ILE A 182 -0.45 -68.44 30.74
C ILE A 182 0.87 -67.69 30.63
N CYS A 183 1.35 -67.53 29.40
CA CYS A 183 2.51 -66.72 29.09
C CYS A 183 2.03 -65.52 28.28
N PHE A 184 2.29 -64.31 28.77
CA PHE A 184 1.79 -63.12 28.09
C PHE A 184 2.89 -62.07 28.02
N VAL A 185 2.90 -61.33 26.92
CA VAL A 185 3.70 -60.11 26.77
C VAL A 185 2.80 -58.91 27.08
N TYR A 186 3.29 -58.03 27.96
CA TYR A 186 2.50 -56.87 28.40
C TYR A 186 3.33 -55.61 28.26
N GLN A 187 2.63 -54.47 28.32
CA GLN A 187 3.29 -53.18 28.20
C GLN A 187 2.93 -52.27 29.37
N ASP A 188 3.93 -51.71 30.02
CA ASP A 188 3.79 -50.68 31.04
C ASP A 188 4.77 -49.57 30.66
N PRO A 189 4.90 -48.50 31.44
CA PRO A 189 5.76 -47.38 31.00
C PRO A 189 7.22 -47.76 30.82
N GLN A 190 7.69 -48.85 31.42
CA GLN A 190 9.10 -49.20 31.37
C GLN A 190 9.46 -50.02 30.13
N GLY A 191 8.52 -50.21 29.21
CA GLY A 191 8.76 -51.05 28.06
C GLY A 191 7.82 -52.24 28.01
N ARG A 192 8.19 -53.27 27.27
CA ARG A 192 7.41 -54.51 27.21
C ARG A 192 8.14 -55.63 27.94
N HIS A 193 7.37 -56.57 28.47
CA HIS A 193 7.89 -57.66 29.27
C HIS A 193 7.11 -58.93 29.00
N VAL A 194 7.77 -60.06 29.21
CA VAL A 194 7.15 -61.37 29.13
C VAL A 194 7.05 -61.89 30.56
N LYS A 195 5.86 -62.33 30.94
CA LYS A 195 5.58 -62.78 32.29
C LYS A 195 4.78 -64.08 32.21
N THR A 196 4.78 -64.85 33.30
CA THR A 196 3.96 -66.05 33.39
C THR A 196 3.24 -66.08 34.73
N TYR A 197 1.99 -66.54 34.70
CA TYR A 197 1.18 -66.79 35.88
C TYR A 197 0.65 -68.22 35.77
N GLU A 198 0.13 -68.74 36.88
CA GLU A 198 -0.60 -70.00 36.89
C GLU A 198 -2.07 -69.76 37.25
N VAL A 199 -2.95 -70.59 36.70
CA VAL A 199 -4.39 -70.40 36.82
C VAL A 199 -4.96 -71.53 37.67
N SER A 200 -5.59 -71.18 38.78
CA SER A 200 -6.15 -72.15 39.72
C SER A 200 -7.67 -72.16 39.66
N LEU A 201 -8.24 -73.21 39.05
CA LEU A 201 -9.69 -73.32 39.02
C LEU A 201 -10.27 -73.51 40.41
N ARG A 202 -9.55 -74.19 41.31
CA ARG A 202 -10.06 -74.43 42.66
C ARG A 202 -10.07 -73.13 43.46
N GLU A 203 -8.98 -72.36 43.38
CA GLU A 203 -8.91 -71.08 44.07
C GLU A 203 -9.44 -69.90 43.28
N LYS A 204 -9.62 -70.06 41.97
CA LYS A 204 -10.16 -69.00 41.11
C LYS A 204 -9.30 -67.73 41.22
N GLU A 205 -7.99 -67.91 41.11
CA GLU A 205 -7.04 -66.81 41.14
C GLU A 205 -5.73 -67.24 40.46
N PHE A 206 -4.82 -66.29 40.29
CA PHE A 206 -3.50 -66.54 39.73
C PHE A 206 -2.51 -66.85 40.85
N ASN A 207 -1.57 -67.75 40.59
CA ASN A 207 -0.43 -68.00 41.48
C ASN A 207 0.86 -67.73 40.73
N LYS A 208 1.97 -67.64 41.47
CA LYS A 208 3.23 -67.24 40.84
C LYS A 208 3.60 -68.20 39.71
N GLY A 209 4.17 -67.63 38.64
CA GLY A 209 4.46 -68.35 37.42
C GLY A 209 5.75 -69.15 37.45
N PRO A 210 5.86 -70.14 36.55
CA PRO A 210 7.06 -70.99 36.58
C PRO A 210 8.36 -70.25 36.38
N TRP A 211 8.46 -69.36 35.39
CA TRP A 211 9.74 -68.72 35.12
C TRP A 211 9.63 -67.20 35.17
N LYS A 212 10.79 -66.60 35.43
CA LYS A 212 10.84 -65.18 35.76
C LYS A 212 10.40 -64.31 34.59
N GLN A 213 10.09 -63.05 34.91
CA GLN A 213 9.84 -62.03 33.91
C GLN A 213 11.17 -61.56 33.30
N GLU A 214 11.11 -61.19 32.02
CA GLU A 214 12.24 -60.61 31.30
C GLU A 214 11.70 -59.42 30.51
N ASN A 215 12.46 -58.32 30.50
CA ASN A 215 12.11 -57.22 29.61
C ASN A 215 12.46 -57.61 28.17
N VAL A 216 11.51 -57.42 27.26
CA VAL A 216 11.63 -57.90 25.89
C VAL A 216 11.56 -56.72 24.93
N GLU A 217 11.77 -57.04 23.65
CA GLU A 217 11.78 -56.01 22.62
C GLU A 217 10.52 -55.15 22.71
N ALA A 218 10.70 -53.86 22.47
CA ALA A 218 9.60 -52.91 22.58
C ALA A 218 8.48 -53.19 21.61
N GLU A 219 8.75 -53.88 20.51
CA GLU A 219 7.75 -54.18 19.50
C GLU A 219 7.42 -55.66 19.44
N ALA A 220 7.60 -56.36 20.57
CA ALA A 220 7.20 -57.76 20.67
C ALA A 220 5.69 -57.90 20.49
N SER A 221 5.28 -58.76 19.57
CA SER A 221 3.87 -58.82 19.19
C SER A 221 3.20 -60.18 19.38
N MET A 222 3.91 -61.30 19.32
CA MET A 222 3.21 -62.58 19.30
C MET A 222 3.93 -63.56 20.23
N VAL A 223 3.13 -64.41 20.89
CA VAL A 223 3.66 -65.45 21.76
C VAL A 223 3.33 -66.79 21.11
N ILE A 224 4.37 -67.56 20.82
CA ILE A 224 4.25 -68.93 20.31
C ILE A 224 4.50 -69.87 21.48
N ALA A 225 3.63 -70.85 21.67
CA ALA A 225 3.82 -71.83 22.73
C ALA A 225 4.55 -73.03 22.14
N VAL A 226 5.80 -73.24 22.56
CA VAL A 226 6.66 -74.27 21.98
C VAL A 226 6.22 -75.60 22.60
N PRO A 227 6.15 -76.69 21.83
CA PRO A 227 5.58 -77.93 22.37
C PRO A 227 6.48 -78.55 23.44
N GLU A 228 5.96 -79.64 24.03
CA GLU A 228 6.57 -80.17 25.24
C GLU A 228 8.01 -80.63 25.06
N PRO A 229 8.41 -81.23 23.93
CA PRO A 229 9.82 -81.67 23.82
C PRO A 229 10.83 -80.56 24.06
N PHE A 230 10.59 -79.37 23.50
CA PHE A 230 11.46 -78.22 23.71
C PHE A 230 11.04 -77.48 24.96
N GLY A 231 9.74 -77.18 25.10
CA GLY A 231 9.24 -76.42 26.24
C GLY A 231 9.46 -74.93 26.05
N GLY A 232 8.80 -74.15 26.90
CA GLY A 232 9.00 -72.71 26.87
C GLY A 232 8.12 -72.02 25.83
N ALA A 233 8.53 -70.81 25.46
CA ALA A 233 7.78 -69.95 24.54
C ALA A 233 8.75 -69.17 23.65
N ILE A 234 8.25 -68.75 22.48
CA ILE A 234 8.99 -67.90 21.55
C ILE A 234 8.21 -66.61 21.34
N ILE A 235 8.90 -65.49 21.39
CA ILE A 235 8.33 -64.15 21.25
C ILE A 235 8.88 -63.54 19.97
N ILE A 236 8.00 -63.12 19.07
CA ILE A 236 8.37 -62.56 17.78
C ILE A 236 8.17 -61.04 17.82
N GLY A 237 9.22 -60.29 17.48
CA GLY A 237 9.14 -58.84 17.34
C GLY A 237 9.44 -58.40 15.93
N GLN A 238 9.80 -57.13 15.69
CA GLN A 238 10.17 -56.75 14.33
C GLN A 238 11.65 -57.01 14.06
N GLU A 239 12.54 -56.69 15.02
CA GLU A 239 13.96 -56.89 14.76
C GLU A 239 14.48 -58.23 15.27
N SER A 240 13.86 -58.81 16.30
CA SER A 240 14.42 -60.01 16.92
C SER A 240 13.36 -61.05 17.30
N ILE A 241 13.79 -62.31 17.38
CA ILE A 241 12.99 -63.43 17.85
C ILE A 241 13.69 -64.00 19.08
N THR A 242 12.94 -64.17 20.16
CA THR A 242 13.51 -64.62 21.43
C THR A 242 12.74 -65.81 21.97
N TYR A 243 13.49 -66.74 22.58
CA TYR A 243 12.93 -67.93 23.22
C TYR A 243 13.25 -67.87 24.71
N HIS A 244 12.24 -68.05 25.55
CA HIS A 244 12.42 -68.04 27.00
C HIS A 244 11.82 -69.32 27.57
N ASN A 245 12.64 -70.07 28.31
CA ASN A 245 12.18 -71.23 29.08
C ASN A 245 12.99 -71.30 30.37
N GLY A 246 12.35 -70.99 31.49
CA GLY A 246 13.05 -71.00 32.77
C GLY A 246 14.28 -70.12 32.79
N ASP A 247 15.44 -70.71 33.09
CA ASP A 247 16.71 -69.97 33.06
C ASP A 247 17.24 -69.77 31.64
N LYS A 248 16.85 -70.62 30.70
CA LYS A 248 17.39 -70.55 29.34
C LYS A 248 16.79 -69.36 28.61
N TYR A 249 17.65 -68.59 27.93
CA TYR A 249 17.24 -67.45 27.13
C TYR A 249 18.08 -67.48 25.86
N LEU A 250 17.41 -67.53 24.71
CA LEU A 250 18.04 -67.54 23.40
C LEU A 250 17.45 -66.38 22.60
N ALA A 251 18.30 -65.77 21.76
CA ALA A 251 17.88 -64.58 21.03
C ALA A 251 18.58 -64.53 19.68
N ILE A 252 17.80 -64.64 18.60
CA ILE A 252 18.29 -64.50 17.24
C ILE A 252 17.71 -63.22 16.65
N ALA A 253 18.56 -62.46 15.98
CA ALA A 253 18.18 -61.17 15.39
C ALA A 253 18.64 -61.12 13.94
N PRO A 254 18.00 -61.89 13.06
CA PRO A 254 18.44 -61.90 11.65
C PRO A 254 18.20 -60.61 10.97
N PRO A 255 19.09 -60.15 10.10
CA PRO A 255 18.94 -58.86 9.43
C PRO A 255 17.80 -58.87 8.40
N ILE A 256 17.26 -60.04 8.09
CA ILE A 256 16.28 -60.15 7.01
C ILE A 256 14.89 -59.77 7.50
N ILE A 257 14.56 -60.13 8.75
CA ILE A 257 13.20 -59.88 9.24
C ILE A 257 12.96 -58.42 9.61
N LYS A 258 14.01 -57.63 9.86
CA LYS A 258 13.82 -56.22 10.18
C LYS A 258 13.15 -55.48 9.05
N GLN A 259 13.24 -56.02 7.82
CA GLN A 259 12.72 -55.34 6.64
C GLN A 259 11.21 -55.21 6.65
N SER A 260 10.50 -56.24 7.09
CA SER A 260 9.05 -56.22 7.08
C SER A 260 8.46 -56.88 8.32
N THR A 261 7.44 -56.23 8.86
CA THR A 261 6.77 -56.70 10.06
C THR A 261 6.18 -58.09 9.85
N ILE A 262 6.48 -59.01 10.77
CA ILE A 262 5.95 -60.37 10.74
C ILE A 262 4.60 -60.40 11.45
N VAL A 263 3.60 -61.00 10.81
CA VAL A 263 2.23 -60.92 11.30
C VAL A 263 1.58 -62.29 11.57
N CYS A 264 2.11 -63.41 11.10
CA CYS A 264 1.45 -64.69 11.32
C CYS A 264 2.47 -65.80 11.58
N HIS A 265 2.02 -66.84 12.29
CA HIS A 265 2.89 -67.95 12.67
C HIS A 265 2.08 -69.24 12.75
N ASN A 266 2.73 -70.35 12.41
CA ASN A 266 2.12 -71.67 12.47
C ASN A 266 3.22 -72.71 12.68
N ARG A 267 2.85 -73.87 13.25
CA ARG A 267 3.81 -74.93 13.56
C ARG A 267 3.86 -75.97 12.45
N VAL A 268 5.05 -76.16 11.88
CA VAL A 268 5.20 -77.11 10.79
C VAL A 268 5.28 -78.54 11.33
N ASP A 269 6.29 -78.80 12.25
CA ASP A 269 6.57 -80.12 12.83
C ASP A 269 5.92 -80.21 14.20
N PRO A 270 5.14 -81.25 14.48
CA PRO A 270 4.43 -81.30 15.78
C PRO A 270 5.31 -81.20 17.02
N ASN A 271 6.53 -81.74 17.01
CA ASN A 271 7.39 -81.59 18.18
C ASN A 271 7.86 -80.15 18.38
N GLY A 272 7.65 -79.28 17.41
CA GLY A 272 8.10 -77.92 17.46
C GLY A 272 9.42 -77.63 16.78
N SER A 273 9.96 -78.57 16.02
CA SER A 273 11.28 -78.38 15.41
C SER A 273 11.25 -77.25 14.38
N ARG A 274 10.15 -77.09 13.66
CA ARG A 274 10.06 -76.12 12.58
C ARG A 274 8.78 -75.32 12.74
N TYR A 275 8.88 -74.00 12.51
CA TYR A 275 7.74 -73.09 12.54
C TYR A 275 7.72 -72.23 11.28
N LEU A 276 6.52 -71.83 10.87
CA LEU A 276 6.33 -70.95 9.71
C LEU A 276 6.03 -69.54 10.18
N LEU A 277 6.73 -68.56 9.59
CA LEU A 277 6.54 -67.15 9.89
C LEU A 277 6.24 -66.44 8.57
N GLY A 278 5.37 -65.44 8.62
CA GLY A 278 5.04 -64.68 7.43
C GLY A 278 4.96 -63.20 7.74
N ASP A 279 5.31 -62.37 6.75
CA ASP A 279 5.36 -60.92 6.93
C ASP A 279 4.52 -60.24 5.87
N MET A 280 4.42 -58.91 5.98
CA MET A 280 3.43 -58.17 5.21
C MET A 280 3.87 -57.88 3.78
N GLU A 281 5.15 -58.01 3.46
CA GLU A 281 5.58 -57.91 2.07
C GLU A 281 5.49 -59.25 1.37
N GLY A 282 4.83 -60.21 2.02
CA GLY A 282 4.54 -61.52 1.49
C GLY A 282 5.61 -62.57 1.68
N ARG A 283 6.69 -62.27 2.39
CA ARG A 283 7.75 -63.25 2.58
C ARG A 283 7.35 -64.29 3.61
N LEU A 284 7.69 -65.54 3.30
CA LEU A 284 7.39 -66.70 4.14
C LEU A 284 8.71 -67.26 4.63
N PHE A 285 8.84 -67.38 5.94
CA PHE A 285 10.07 -67.85 6.58
C PHE A 285 9.86 -69.21 7.24
N MET A 286 10.97 -69.84 7.59
CA MET A 286 10.98 -71.07 8.38
C MET A 286 11.79 -70.83 9.64
N LEU A 287 11.13 -70.90 10.79
CA LEU A 287 11.83 -70.82 12.08
C LEU A 287 12.24 -72.24 12.47
N LEU A 288 13.52 -72.44 12.70
CA LEU A 288 14.05 -73.76 12.99
C LEU A 288 14.58 -73.81 14.42
N LEU A 289 14.18 -74.84 15.16
CA LEU A 289 14.65 -75.10 16.52
C LEU A 289 15.69 -76.22 16.43
N GLU A 290 16.94 -75.89 16.76
CA GLU A 290 18.08 -76.80 16.64
C GLU A 290 18.15 -77.63 17.90
N LYS A 291 17.91 -78.94 17.80
CA LYS A 291 17.92 -79.80 18.97
C LYS A 291 19.35 -79.94 19.50
N GLU A 292 19.47 -80.09 20.84
CA GLU A 292 20.77 -80.34 21.48
C GLU A 292 20.55 -81.36 22.60
N GLU A 293 20.37 -82.62 22.20
CA GLU A 293 20.11 -83.68 23.16
C GLU A 293 21.37 -83.94 23.97
N GLN A 294 21.24 -83.93 25.29
CA GLN A 294 22.37 -84.13 26.18
C GLN A 294 22.39 -85.55 26.71
N MET A 295 23.61 -86.04 27.00
CA MET A 295 23.73 -87.39 27.51
C MET A 295 22.98 -87.63 28.80
N ASP A 296 22.50 -86.58 29.43
CA ASP A 296 21.76 -86.71 30.67
C ASP A 296 20.35 -87.21 30.43
N GLY A 297 20.03 -87.51 29.17
CA GLY A 297 18.70 -87.88 28.77
C GLY A 297 17.77 -86.72 28.48
N THR A 298 18.27 -85.49 28.41
CA THR A 298 17.47 -84.30 28.18
C THR A 298 17.66 -83.69 26.80
N VAL A 299 16.58 -83.14 26.24
CA VAL A 299 16.59 -82.45 24.96
C VAL A 299 16.53 -80.95 25.26
N THR A 300 17.51 -80.19 24.78
CA THR A 300 17.55 -78.74 24.99
C THR A 300 17.63 -78.01 23.65
N LEU A 301 17.27 -76.73 23.67
CA LEU A 301 17.33 -75.88 22.49
C LEU A 301 18.74 -75.30 22.29
N LYS A 302 19.36 -75.59 21.14
CA LYS A 302 20.70 -75.10 20.86
C LYS A 302 20.75 -73.65 20.35
N ASP A 303 20.00 -73.36 19.28
CA ASP A 303 20.00 -72.04 18.67
C ASP A 303 18.69 -71.92 17.89
N LEU A 304 18.39 -70.70 17.46
CA LEU A 304 17.24 -70.41 16.62
C LEU A 304 17.75 -69.90 15.28
N ARG A 305 17.20 -70.45 14.21
CA ARG A 305 17.60 -70.14 12.84
C ARG A 305 16.37 -69.76 12.05
N VAL A 306 16.54 -68.81 11.15
CA VAL A 306 15.48 -68.35 10.28
C VAL A 306 15.94 -68.49 8.83
N GLU A 307 15.11 -69.11 8.00
CA GLU A 307 15.43 -69.35 6.60
C GLU A 307 14.27 -68.85 5.75
N LEU A 308 14.59 -68.05 4.74
CA LEU A 308 13.59 -67.50 3.82
C LEU A 308 13.19 -68.56 2.80
N LEU A 309 11.89 -68.81 2.68
CA LEU A 309 11.38 -69.81 1.75
C LEU A 309 10.97 -69.25 0.39
N GLY A 310 10.27 -68.12 0.36
CA GLY A 310 9.81 -67.57 -0.91
C GLY A 310 8.77 -66.49 -0.70
N GLU A 311 7.86 -66.41 -1.65
CA GLU A 311 6.82 -65.40 -1.59
C GLU A 311 5.45 -66.05 -1.60
N THR A 312 4.58 -65.55 -0.72
CA THR A 312 3.17 -65.91 -0.63
C THR A 312 2.37 -64.62 -0.77
N SER A 313 1.05 -64.76 -0.74
CA SER A 313 0.21 -63.60 -0.57
C SER A 313 0.35 -63.04 0.84
N ILE A 314 0.14 -61.73 0.98
CA ILE A 314 0.17 -61.10 2.30
C ILE A 314 -0.80 -61.91 3.17
N ALA A 315 -0.28 -62.57 4.20
CA ALA A 315 -1.07 -63.58 4.91
C ALA A 315 -1.58 -63.04 6.24
N GLU A 316 -2.89 -63.23 6.47
CA GLU A 316 -3.45 -63.01 7.80
C GLU A 316 -3.24 -64.23 8.69
N CYS A 317 -3.58 -65.41 8.19
CA CYS A 317 -3.40 -66.63 8.96
C CYS A 317 -2.64 -67.62 8.07
N LEU A 318 -1.73 -68.38 8.67
CA LEU A 318 -1.07 -69.49 8.00
C LEU A 318 -1.45 -70.78 8.72
N THR A 319 -1.78 -71.79 7.92
CA THR A 319 -2.06 -73.13 8.41
C THR A 319 -1.28 -74.09 7.52
N TYR A 320 -0.50 -74.97 8.16
CA TYR A 320 0.25 -75.98 7.43
C TYR A 320 -0.63 -77.22 7.23
N LEU A 321 -0.85 -77.58 5.96
CA LEU A 321 -1.50 -78.84 5.60
C LEU A 321 -0.40 -79.92 5.58
N ASP A 322 -0.80 -81.17 5.57
CA ASP A 322 0.10 -82.23 6.03
C ASP A 322 1.42 -82.28 5.24
N ASN A 323 1.35 -82.34 3.91
CA ASN A 323 2.50 -82.79 3.12
C ASN A 323 3.09 -81.67 2.26
N GLY A 324 3.75 -80.74 2.94
CA GLY A 324 4.36 -79.63 2.25
C GLY A 324 3.38 -78.71 1.58
N VAL A 325 2.11 -78.82 1.95
CA VAL A 325 1.05 -77.94 1.47
C VAL A 325 0.80 -76.94 2.58
N VAL A 326 0.77 -75.66 2.25
CA VAL A 326 0.53 -74.61 3.23
C VAL A 326 -0.67 -73.84 2.72
N PHE A 327 -1.57 -73.48 3.62
CA PHE A 327 -2.71 -72.66 3.26
C PHE A 327 -2.47 -71.22 3.70
N VAL A 328 -2.44 -70.31 2.73
CA VAL A 328 -2.17 -68.90 2.97
C VAL A 328 -3.53 -68.21 3.07
N GLY A 329 -3.99 -67.99 4.29
CA GLY A 329 -5.22 -67.24 4.48
C GLY A 329 -4.99 -65.75 4.45
N SER A 330 -5.50 -65.08 3.42
CA SER A 330 -5.20 -63.67 3.20
C SER A 330 -6.46 -62.82 3.31
N ARG A 331 -6.28 -61.64 3.88
CA ARG A 331 -7.30 -60.62 4.02
C ARG A 331 -7.09 -59.44 3.08
N LEU A 332 -5.87 -59.25 2.59
CA LEU A 332 -5.55 -58.17 1.67
C LEU A 332 -5.42 -58.65 0.24
N GLY A 333 -5.28 -59.95 0.04
CA GLY A 333 -5.20 -60.51 -1.29
C GLY A 333 -5.78 -61.90 -1.39
N ASP A 334 -5.59 -62.55 -2.54
CA ASP A 334 -6.13 -63.90 -2.72
C ASP A 334 -5.49 -64.87 -1.74
N SER A 335 -6.31 -65.76 -1.18
CA SER A 335 -5.79 -66.84 -0.38
C SER A 335 -5.22 -67.91 -1.28
N GLN A 336 -4.38 -68.76 -0.69
CA GLN A 336 -3.63 -69.67 -1.53
C GLN A 336 -3.35 -71.01 -0.89
N LEU A 337 -2.94 -71.94 -1.76
CA LEU A 337 -2.31 -73.21 -1.40
C LEU A 337 -0.95 -73.21 -2.09
N VAL A 338 0.11 -73.31 -1.30
CA VAL A 338 1.49 -73.26 -1.79
C VAL A 338 2.16 -74.55 -1.36
N LYS A 339 3.20 -74.94 -2.07
CA LYS A 339 3.99 -76.10 -1.69
C LYS A 339 5.43 -75.72 -1.34
N LEU A 340 5.89 -76.20 -0.19
CA LEU A 340 7.27 -75.99 0.21
C LEU A 340 8.08 -77.18 -0.28
N ASN A 341 9.02 -76.93 -1.19
CA ASN A 341 9.83 -77.98 -1.77
C ASN A 341 11.14 -78.04 -1.01
N VAL A 342 11.74 -79.24 -0.97
CA VAL A 342 13.03 -79.38 -0.32
C VAL A 342 14.12 -78.72 -1.16
N ASP A 343 14.01 -78.83 -2.48
CA ASP A 343 14.93 -78.20 -3.40
C ASP A 343 14.32 -76.89 -3.89
N SER A 344 15.16 -75.86 -3.95
CA SER A 344 14.76 -74.58 -4.51
C SER A 344 14.66 -74.67 -6.03
N ASN A 345 13.89 -73.75 -6.62
CA ASN A 345 13.80 -73.67 -8.07
C ASN A 345 14.95 -72.79 -8.55
N GLU A 346 15.02 -72.53 -9.86
CA GLU A 346 16.17 -71.82 -10.41
C GLU A 346 16.24 -70.36 -9.98
N GLN A 347 15.18 -69.81 -9.40
CA GLN A 347 15.18 -68.44 -8.90
C GLN A 347 15.57 -68.36 -7.43
N GLY A 348 15.74 -69.51 -6.77
CA GLY A 348 16.06 -69.58 -5.35
C GLY A 348 14.89 -69.77 -4.43
N SER A 349 13.68 -69.96 -4.96
CA SER A 349 12.49 -70.08 -4.13
C SER A 349 12.14 -71.53 -3.88
N TYR A 350 11.67 -71.82 -2.66
CA TYR A 350 11.17 -73.13 -2.30
C TYR A 350 9.64 -73.19 -2.35
N VAL A 351 8.99 -72.10 -2.73
CA VAL A 351 7.53 -71.97 -2.65
C VAL A 351 6.99 -71.89 -4.07
N VAL A 352 6.02 -72.75 -4.38
CA VAL A 352 5.39 -72.77 -5.70
C VAL A 352 3.89 -72.83 -5.49
N ALA A 353 3.18 -71.85 -6.04
CA ALA A 353 1.73 -71.74 -5.86
C ALA A 353 1.03 -72.92 -6.53
N MET A 354 0.02 -73.45 -5.83
CA MET A 354 -0.82 -74.52 -6.37
C MET A 354 -2.17 -74.02 -6.86
N GLU A 355 -2.97 -73.44 -5.97
CA GLU A 355 -4.31 -72.99 -6.28
C GLU A 355 -4.46 -71.57 -5.77
N THR A 356 -5.36 -70.82 -6.38
CA THR A 356 -5.60 -69.44 -6.01
C THR A 356 -7.09 -69.27 -5.74
N PHE A 357 -7.41 -68.80 -4.54
CA PHE A 357 -8.79 -68.62 -4.08
C PHE A 357 -9.12 -67.13 -4.11
N THR A 358 -10.14 -66.77 -4.87
CA THR A 358 -10.48 -65.36 -5.07
C THR A 358 -10.84 -64.67 -3.76
N ASN A 359 -10.21 -63.53 -3.52
CA ASN A 359 -10.55 -62.64 -2.40
C ASN A 359 -10.76 -61.25 -2.99
N LEU A 360 -11.99 -60.75 -2.94
CA LEU A 360 -12.20 -59.37 -3.39
C LEU A 360 -11.49 -58.35 -2.50
N GLY A 361 -10.83 -58.80 -1.43
CA GLY A 361 -9.98 -57.96 -0.62
C GLY A 361 -10.76 -56.80 -0.06
N PRO A 362 -10.06 -55.83 0.51
CA PRO A 362 -10.73 -54.56 0.84
C PRO A 362 -11.23 -53.90 -0.44
N ILE A 363 -12.50 -53.57 -0.48
CA ILE A 363 -13.07 -52.83 -1.61
C ILE A 363 -13.04 -51.37 -1.21
N VAL A 364 -11.99 -50.66 -1.65
CA VAL A 364 -11.82 -49.26 -1.26
C VAL A 364 -12.84 -48.38 -1.97
N ASP A 365 -13.13 -48.67 -3.24
CA ASP A 365 -14.07 -47.91 -4.03
C ASP A 365 -14.51 -48.82 -5.17
N MET A 366 -15.64 -48.46 -5.80
CA MET A 366 -16.10 -49.20 -6.96
C MET A 366 -17.09 -48.37 -7.76
N CYS A 367 -17.28 -48.74 -9.03
CA CYS A 367 -18.26 -48.11 -9.90
C CYS A 367 -18.94 -49.15 -10.78
N VAL A 368 -20.18 -48.88 -11.16
CA VAL A 368 -20.94 -49.74 -12.07
C VAL A 368 -20.94 -49.12 -13.46
N VAL A 369 -20.54 -49.89 -14.46
CA VAL A 369 -20.40 -49.41 -15.84
C VAL A 369 -20.86 -50.53 -16.77
N ASP A 370 -21.58 -50.16 -17.83
CA ASP A 370 -22.02 -51.11 -18.86
C ASP A 370 -20.98 -51.14 -19.96
N LEU A 371 -20.01 -52.06 -19.83
CA LEU A 371 -18.86 -52.06 -20.73
C LEU A 371 -19.22 -52.58 -22.13
N GLU A 372 -20.21 -53.47 -22.24
CA GLU A 372 -20.58 -54.10 -23.50
C GLU A 372 -21.91 -53.63 -24.09
N ARG A 373 -22.52 -52.58 -23.53
CA ARG A 373 -23.78 -52.02 -24.04
C ARG A 373 -24.96 -52.97 -23.86
N GLN A 374 -24.90 -53.84 -22.85
CA GLN A 374 -25.91 -54.87 -22.62
C GLN A 374 -27.11 -54.48 -21.77
N GLY A 375 -27.04 -53.38 -21.04
CA GLY A 375 -28.08 -53.04 -20.09
C GLY A 375 -28.03 -53.86 -18.81
N GLN A 376 -27.05 -54.75 -18.70
CA GLN A 376 -26.83 -55.54 -17.50
C GLN A 376 -25.98 -54.77 -16.50
N GLY A 377 -24.85 -54.28 -16.95
CA GLY A 377 -23.93 -53.57 -16.10
C GLY A 377 -22.95 -54.47 -15.39
N GLN A 378 -21.71 -54.01 -15.33
CA GLN A 378 -20.60 -54.67 -14.66
C GLN A 378 -20.15 -53.80 -13.48
N LEU A 379 -19.50 -54.45 -12.53
CA LEU A 379 -19.02 -53.81 -11.30
C LEU A 379 -17.49 -53.87 -11.31
N VAL A 380 -16.87 -52.69 -11.30
CA VAL A 380 -15.41 -52.56 -11.29
C VAL A 380 -14.99 -52.07 -9.90
N THR A 381 -14.24 -52.91 -9.18
CA THR A 381 -13.86 -52.62 -7.81
C THR A 381 -12.39 -52.28 -7.70
N CYS A 382 -12.07 -51.35 -6.79
CA CYS A 382 -10.71 -51.19 -6.29
C CYS A 382 -10.51 -52.15 -5.14
N SER A 383 -9.74 -53.22 -5.37
CA SER A 383 -9.66 -54.31 -4.40
C SER A 383 -8.21 -54.65 -4.06
N GLY A 384 -8.02 -55.06 -2.81
CA GLY A 384 -6.73 -55.44 -2.30
C GLY A 384 -5.94 -54.24 -1.78
N ALA A 385 -4.76 -54.54 -1.23
CA ALA A 385 -3.84 -53.52 -0.77
C ALA A 385 -2.42 -53.97 -1.06
N PHE A 386 -1.55 -52.98 -1.22
CA PHE A 386 -0.10 -53.19 -1.38
C PHE A 386 0.12 -54.11 -2.57
N LYS A 387 0.93 -55.16 -2.43
CA LYS A 387 1.30 -56.01 -3.55
C LYS A 387 0.11 -56.79 -4.09
N GLU A 388 -0.90 -57.02 -3.28
CA GLU A 388 -2.07 -57.78 -3.67
C GLU A 388 -3.18 -56.92 -4.23
N GLY A 389 -2.93 -55.62 -4.40
CA GLY A 389 -3.95 -54.73 -4.93
C GLY A 389 -4.25 -55.00 -6.40
N SER A 390 -5.53 -54.89 -6.74
CA SER A 390 -5.98 -55.21 -8.10
C SER A 390 -7.31 -54.50 -8.36
N LEU A 391 -7.64 -54.40 -9.65
CA LEU A 391 -9.01 -54.17 -10.06
C LEU A 391 -9.71 -55.50 -10.31
N ARG A 392 -11.02 -55.52 -10.09
CA ARG A 392 -11.83 -56.71 -10.35
C ARG A 392 -13.05 -56.35 -11.16
N ILE A 393 -13.29 -57.06 -12.25
CA ILE A 393 -14.48 -56.85 -13.06
C ILE A 393 -15.47 -57.95 -12.70
N ILE A 394 -16.64 -57.58 -12.21
CA ILE A 394 -17.63 -58.52 -11.69
C ILE A 394 -18.94 -58.34 -12.46
N ARG A 395 -19.46 -59.44 -13.02
CA ARG A 395 -20.70 -59.45 -13.76
C ARG A 395 -21.50 -60.69 -13.41
N ASN A 396 -22.80 -60.50 -13.21
CA ASN A 396 -23.72 -61.57 -12.84
C ASN A 396 -24.08 -62.40 -14.07
N GLY A 397 -23.18 -63.31 -14.43
CA GLY A 397 -23.37 -64.15 -15.59
C GLY A 397 -24.18 -65.40 -15.36
N GLN A 408 -26.16 -70.33 -9.67
CA GLN A 408 -25.83 -68.94 -10.00
C GLN A 408 -24.48 -68.53 -9.39
N LYS A 409 -23.54 -68.11 -10.24
CA LYS A 409 -22.25 -67.62 -9.79
C LYS A 409 -21.94 -66.35 -10.60
N LEU A 410 -21.01 -65.56 -10.08
CA LEU A 410 -20.56 -64.33 -10.71
C LEU A 410 -19.23 -64.53 -11.40
N HIS A 411 -19.11 -64.03 -12.63
CA HIS A 411 -17.85 -64.06 -13.36
C HIS A 411 -16.95 -62.90 -12.95
N ILE A 412 -15.71 -63.21 -12.55
CA ILE A 412 -14.81 -62.20 -12.00
C ILE A 412 -13.48 -62.26 -12.72
N ARG A 413 -13.13 -61.15 -13.37
CA ARG A 413 -11.82 -60.95 -13.98
C ARG A 413 -10.96 -60.12 -13.03
N THR A 414 -9.69 -60.48 -12.94
CA THR A 414 -8.76 -59.83 -12.02
C THR A 414 -7.68 -59.10 -12.80
N VAL A 415 -7.40 -57.86 -12.40
CA VAL A 415 -6.41 -57.02 -13.06
C VAL A 415 -5.33 -56.64 -12.06
N PRO A 416 -4.22 -57.38 -11.95
CA PRO A 416 -3.22 -57.08 -10.92
C PRO A 416 -2.57 -55.71 -11.13
N LEU A 417 -2.44 -54.96 -10.03
CA LEU A 417 -1.80 -53.66 -10.01
C LEU A 417 -0.53 -53.60 -9.18
N TYR A 418 -0.33 -54.51 -8.23
CA TYR A 418 0.86 -54.57 -7.38
C TYR A 418 1.08 -53.31 -6.57
N GLU A 419 0.05 -52.47 -6.45
CA GLU A 419 0.04 -51.27 -5.65
C GLU A 419 -1.39 -51.07 -5.16
N SER A 420 -1.56 -50.15 -4.22
CA SER A 420 -2.86 -49.98 -3.58
C SER A 420 -3.76 -49.09 -4.44
N PRO A 421 -4.93 -49.58 -4.89
CA PRO A 421 -5.91 -48.69 -5.54
C PRO A 421 -6.78 -48.02 -4.51
N ARG A 422 -7.16 -46.77 -4.79
CA ARG A 422 -7.86 -45.93 -3.81
C ARG A 422 -9.24 -45.48 -4.25
N LYS A 423 -9.35 -44.89 -5.44
CA LYS A 423 -10.62 -44.42 -5.97
C LYS A 423 -10.67 -44.71 -7.46
N ILE A 424 -11.85 -45.07 -7.97
CA ILE A 424 -12.02 -45.35 -9.39
C ILE A 424 -13.22 -44.57 -9.93
N CYS A 425 -13.13 -44.21 -11.21
CA CYS A 425 -14.20 -43.51 -11.91
C CYS A 425 -14.07 -43.77 -13.41
N TYR A 426 -15.19 -43.94 -14.10
CA TYR A 426 -15.22 -44.28 -15.52
C TYR A 426 -15.46 -43.03 -16.38
N GLN A 427 -14.69 -42.93 -17.47
CA GLN A 427 -14.77 -41.82 -18.43
C GLN A 427 -15.10 -42.44 -19.79
N GLU A 428 -16.39 -42.44 -20.16
CA GLU A 428 -16.78 -43.13 -21.39
C GLU A 428 -16.17 -42.47 -22.62
N VAL A 429 -16.15 -41.14 -22.65
CA VAL A 429 -15.62 -40.42 -23.81
C VAL A 429 -14.25 -40.95 -24.20
N SER A 430 -13.46 -41.38 -23.22
CA SER A 430 -12.10 -41.84 -23.44
C SER A 430 -11.97 -43.35 -23.46
N GLN A 431 -13.07 -44.08 -23.40
CA GLN A 431 -13.03 -45.54 -23.36
C GLN A 431 -12.00 -46.05 -22.35
N CYS A 432 -11.96 -45.41 -21.18
CA CYS A 432 -10.98 -45.80 -20.18
C CYS A 432 -11.46 -45.43 -18.78
N PHE A 433 -10.79 -46.03 -17.78
CA PHE A 433 -10.99 -45.73 -16.38
C PHE A 433 -9.85 -44.88 -15.83
N GLY A 434 -10.16 -43.97 -14.91
CA GLY A 434 -9.16 -43.35 -14.06
C GLY A 434 -9.15 -44.02 -12.71
N VAL A 435 -7.95 -44.33 -12.23
CA VAL A 435 -7.78 -45.02 -10.94
C VAL A 435 -6.68 -44.31 -10.17
N LEU A 436 -7.00 -43.88 -8.95
CA LEU A 436 -6.01 -43.36 -8.01
C LEU A 436 -5.34 -44.54 -7.30
N SER A 437 -4.02 -44.48 -7.17
CA SER A 437 -3.26 -45.57 -6.59
C SER A 437 -2.11 -44.98 -5.78
N SER A 438 -1.64 -45.77 -4.81
CA SER A 438 -0.46 -45.38 -4.04
C SER A 438 0.44 -46.60 -3.86
N ARG A 439 1.74 -46.37 -3.96
CA ARG A 439 2.74 -47.41 -3.80
C ARG A 439 3.73 -46.99 -2.73
N ILE A 440 4.38 -47.98 -2.14
CA ILE A 440 5.30 -47.77 -1.03
C ILE A 440 6.72 -47.76 -1.57
N GLU A 441 7.45 -46.67 -1.34
CA GLU A 441 8.88 -46.59 -1.57
C GLU A 441 9.55 -46.37 -0.22
N VAL A 442 10.86 -46.62 -0.16
CA VAL A 442 11.61 -46.56 1.09
C VAL A 442 12.79 -45.61 0.90
N GLN A 443 13.05 -44.79 1.92
CA GLN A 443 14.17 -43.84 1.81
C GLN A 443 15.46 -44.61 1.66
N ASP A 444 16.21 -44.30 0.60
CA ASP A 444 17.42 -45.05 0.27
C ASP A 444 18.63 -44.14 0.42
N THR A 445 19.79 -44.73 0.16
CA THR A 445 21.03 -44.01 0.42
C THR A 445 21.22 -42.84 -0.52
N SER A 446 20.52 -42.81 -1.65
CA SER A 446 20.69 -41.68 -2.56
C SER A 446 20.09 -40.39 -2.01
N GLY A 447 19.25 -40.48 -0.98
CA GLY A 447 18.47 -39.35 -0.52
C GLY A 447 17.06 -39.34 -1.07
N GLY A 448 16.78 -40.13 -2.09
CA GLY A 448 15.47 -40.31 -2.65
C GLY A 448 14.85 -41.58 -2.12
N THR A 449 13.96 -42.18 -2.92
CA THR A 449 13.28 -43.38 -2.50
C THR A 449 13.29 -44.42 -3.62
N THR A 450 13.19 -45.68 -3.21
CA THR A 450 13.23 -46.82 -4.13
C THR A 450 12.05 -47.74 -3.85
N ALA A 451 11.36 -48.13 -4.91
CA ALA A 451 10.21 -49.02 -4.80
C ALA A 451 10.65 -50.47 -4.64
N LEU A 452 9.91 -51.21 -3.81
CA LEU A 452 10.24 -52.58 -3.47
C LEU A 452 9.94 -53.55 -4.60
N ARG A 453 9.00 -53.19 -5.47
CA ARG A 453 8.51 -54.03 -6.54
C ARG A 453 7.96 -53.15 -7.65
N PRO A 454 8.07 -53.57 -8.90
CA PRO A 454 7.45 -52.83 -10.00
C PRO A 454 5.94 -52.92 -9.89
N SER A 455 5.26 -51.88 -10.36
CA SER A 455 3.81 -51.85 -10.22
C SER A 455 3.18 -50.96 -11.30
N ALA A 456 1.86 -50.85 -11.21
CA ALA A 456 1.08 -50.22 -12.27
C ALA A 456 1.60 -48.83 -12.60
N SER A 457 1.90 -48.04 -11.57
CA SER A 457 2.29 -46.66 -11.78
C SER A 457 3.70 -46.53 -12.35
N THR A 458 4.47 -47.64 -12.36
CA THR A 458 5.80 -47.67 -12.95
C THR A 458 5.85 -48.44 -14.26
N GLN A 459 4.81 -49.21 -14.56
CA GLN A 459 4.73 -49.96 -15.81
C GLN A 459 3.74 -49.33 -16.79
N ALA A 460 3.41 -48.05 -16.61
CA ALA A 460 2.52 -47.36 -17.54
C ALA A 460 3.22 -47.15 -18.88
N LEU A 461 2.43 -47.14 -19.96
CA LEU A 461 3.02 -46.93 -21.28
C LEU A 461 3.68 -45.56 -21.38
N SER A 462 2.93 -44.50 -21.08
CA SER A 462 3.45 -43.14 -21.00
C SER A 462 3.31 -42.66 -19.57
N SER A 463 4.11 -41.67 -19.18
CA SER A 463 4.09 -41.22 -17.79
C SER A 463 4.38 -39.72 -17.70
N SER A 464 3.95 -39.14 -16.58
CA SER A 464 4.12 -37.71 -16.32
C SER A 464 4.24 -37.50 -14.81
N VAL A 465 4.78 -36.34 -14.43
CA VAL A 465 4.96 -35.99 -13.02
C VAL A 465 4.58 -34.53 -12.81
N SER A 466 3.81 -34.27 -11.75
CA SER A 466 3.40 -32.91 -11.45
C SER A 466 4.64 -32.03 -11.25
N SER A 467 4.62 -30.85 -11.86
CA SER A 467 5.66 -29.84 -11.67
C SER A 467 5.09 -28.61 -10.95
N SER A 468 4.00 -28.78 -10.22
CA SER A 468 3.31 -27.64 -9.64
C SER A 468 4.22 -26.87 -8.69
N LYS A 469 4.12 -25.56 -8.76
CA LYS A 469 4.91 -24.68 -7.93
C LYS A 469 4.12 -24.14 -6.74
N LEU A 470 2.90 -24.66 -6.54
CA LEU A 470 2.00 -24.06 -5.56
C LEU A 470 2.62 -24.05 -4.17
N PHE A 471 3.04 -25.22 -3.68
CA PHE A 471 3.67 -25.36 -2.37
C PHE A 471 5.18 -25.26 -2.42
N SER A 472 5.77 -25.00 -3.58
CA SER A 472 7.21 -24.94 -3.73
C SER A 472 7.92 -23.93 -2.83
N SER A 473 7.21 -23.01 -2.19
CA SER A 473 7.92 -22.04 -1.37
C SER A 473 8.44 -22.68 -0.09
N SER A 474 7.78 -23.75 0.33
CA SER A 474 8.17 -24.51 1.52
C SER A 474 8.75 -23.70 2.67
N THR A 475 10.04 -23.86 2.95
CA THR A 475 10.70 -23.33 4.15
C THR A 475 10.26 -24.08 5.40
N ALA A 476 9.52 -25.18 5.23
CA ALA A 476 9.09 -26.10 6.29
C ALA A 476 9.93 -27.37 6.26
N PRO A 477 10.72 -27.67 7.27
CA PRO A 477 11.66 -28.82 7.18
C PRO A 477 11.00 -30.16 7.55
N HIS A 478 11.26 -31.16 6.71
CA HIS A 478 10.77 -32.53 6.98
C HIS A 478 11.95 -33.48 6.79
N GLU A 479 12.60 -33.88 7.88
CA GLU A 479 13.78 -34.74 7.80
C GLU A 479 13.43 -36.19 7.49
N THR A 480 14.34 -36.83 6.75
CA THR A 480 14.18 -38.20 6.27
C THR A 480 15.27 -39.10 6.83
N SER A 481 14.87 -40.27 7.34
CA SER A 481 15.80 -41.28 7.82
C SER A 481 15.76 -42.47 6.87
N PHE A 482 16.94 -43.03 6.59
CA PHE A 482 17.03 -44.18 5.71
C PHE A 482 16.18 -45.33 6.23
N GLY A 483 15.42 -45.96 5.33
CA GLY A 483 14.59 -47.09 5.68
C GLY A 483 13.13 -46.78 5.96
N GLU A 484 12.80 -45.51 6.16
CA GLU A 484 11.40 -45.13 6.42
C GLU A 484 10.57 -45.29 5.14
N GLU A 485 9.29 -45.60 5.33
CA GLU A 485 8.38 -45.74 4.20
C GLU A 485 7.75 -44.41 3.83
N VAL A 486 7.38 -44.28 2.56
CA VAL A 486 6.60 -43.14 2.06
C VAL A 486 5.55 -43.68 1.10
N GLU A 487 4.44 -42.96 0.98
CA GLU A 487 3.44 -43.26 -0.04
C GLU A 487 3.68 -42.35 -1.24
N VAL A 488 3.58 -42.91 -2.44
CA VAL A 488 3.67 -42.19 -3.69
C VAL A 488 2.35 -42.40 -4.40
N HIS A 489 1.65 -41.31 -4.68
CA HIS A 489 0.30 -41.36 -5.22
C HIS A 489 0.28 -41.05 -6.71
N ASN A 490 -0.61 -41.72 -7.43
CA ASN A 490 -0.65 -41.63 -8.88
C ASN A 490 -2.08 -41.65 -9.37
N LEU A 491 -2.31 -41.05 -10.53
CA LEU A 491 -3.52 -41.25 -11.31
C LEU A 491 -3.19 -42.20 -12.45
N LEU A 492 -3.95 -43.28 -12.56
CA LEU A 492 -3.75 -44.28 -13.60
C LEU A 492 -4.84 -44.16 -14.65
N ILE A 493 -4.47 -44.17 -15.93
CA ILE A 493 -5.43 -44.22 -17.02
C ILE A 493 -5.38 -45.62 -17.61
N ILE A 494 -6.51 -46.33 -17.52
CA ILE A 494 -6.58 -47.77 -17.78
C ILE A 494 -7.65 -48.04 -18.83
N ASP A 495 -7.29 -48.76 -19.89
CA ASP A 495 -8.20 -49.03 -20.99
C ASP A 495 -9.33 -49.93 -20.52
N GLN A 496 -10.54 -49.68 -21.01
CA GLN A 496 -11.71 -50.40 -20.55
C GLN A 496 -11.84 -51.79 -21.17
N HIS A 497 -11.10 -52.09 -22.23
CA HIS A 497 -11.17 -53.39 -22.88
C HIS A 497 -9.98 -54.27 -22.53
N THR A 498 -8.78 -53.71 -22.54
CA THR A 498 -7.57 -54.46 -22.25
C THR A 498 -7.07 -54.28 -20.83
N PHE A 499 -7.45 -53.18 -20.15
CA PHE A 499 -6.96 -52.87 -18.81
C PHE A 499 -5.44 -52.76 -18.79
N GLU A 500 -4.91 -52.32 -19.93
CA GLU A 500 -3.54 -51.84 -20.00
C GLU A 500 -3.45 -50.51 -19.28
N VAL A 501 -2.37 -50.31 -18.53
CA VAL A 501 -2.16 -49.00 -17.92
C VAL A 501 -1.62 -48.10 -19.02
N LEU A 502 -2.48 -47.25 -19.56
CA LEU A 502 -2.05 -46.39 -20.66
C LEU A 502 -1.19 -45.25 -20.16
N HIS A 503 -1.52 -44.69 -19.00
CA HIS A 503 -0.80 -43.53 -18.50
C HIS A 503 -0.78 -43.60 -16.99
N ALA A 504 0.30 -43.06 -16.41
CA ALA A 504 0.44 -42.91 -14.97
C ALA A 504 0.96 -41.51 -14.69
N HIS A 505 0.22 -40.76 -13.90
CA HIS A 505 0.63 -39.43 -13.47
C HIS A 505 0.99 -39.49 -12.00
N GLN A 506 2.19 -39.02 -11.66
CA GLN A 506 2.65 -39.04 -10.28
C GLN A 506 2.42 -37.68 -9.63
N PHE A 507 1.84 -37.68 -8.44
CA PHE A 507 1.56 -36.44 -7.75
C PHE A 507 2.80 -35.99 -6.98
N LEU A 508 2.70 -34.83 -6.35
CA LEU A 508 3.82 -34.22 -5.68
C LEU A 508 4.29 -35.08 -4.52
N GLN A 509 5.54 -34.86 -4.12
CA GLN A 509 6.08 -35.54 -2.94
C GLN A 509 5.24 -35.17 -1.73
N ASN A 510 4.75 -36.18 -1.03
CA ASN A 510 3.89 -36.02 0.14
C ASN A 510 2.47 -35.57 -0.22
N GLU A 511 2.09 -35.65 -1.48
CA GLU A 511 0.73 -35.32 -1.89
C GLU A 511 -0.06 -36.63 -1.92
N TYR A 512 -1.20 -36.63 -1.26
CA TYR A 512 -2.09 -37.78 -1.24
C TYR A 512 -3.30 -37.48 -2.11
N ALA A 513 -3.60 -38.36 -3.06
CA ALA A 513 -4.80 -38.25 -3.86
C ALA A 513 -5.93 -38.90 -3.05
N LEU A 514 -6.98 -38.12 -2.78
CA LEU A 514 -8.08 -38.57 -1.95
C LEU A 514 -9.40 -38.71 -2.70
N SER A 515 -9.60 -37.98 -3.81
CA SER A 515 -10.88 -37.94 -4.49
C SER A 515 -10.68 -37.82 -6.00
N LEU A 516 -11.62 -38.42 -6.74
CA LEU A 516 -11.53 -38.46 -8.20
C LEU A 516 -12.91 -38.48 -8.85
N VAL A 517 -13.08 -37.59 -9.84
CA VAL A 517 -14.30 -37.54 -10.63
C VAL A 517 -13.97 -37.39 -12.13
N SER A 518 -14.92 -37.79 -12.97
CA SER A 518 -14.83 -37.59 -14.42
C SER A 518 -16.10 -36.87 -14.86
N CYS A 519 -15.94 -35.70 -15.48
CA CYS A 519 -17.11 -34.90 -15.84
C CYS A 519 -16.75 -33.75 -16.75
N LYS A 520 -17.79 -33.16 -17.36
CA LYS A 520 -17.72 -31.88 -18.04
C LYS A 520 -18.17 -30.80 -17.06
N LEU A 521 -17.64 -29.59 -17.22
CA LEU A 521 -18.06 -28.48 -16.40
C LEU A 521 -18.52 -27.32 -17.27
N GLY A 522 -19.50 -26.59 -16.76
CA GLY A 522 -19.96 -25.36 -17.39
C GLY A 522 -20.28 -25.53 -18.85
N LYS A 523 -19.84 -24.56 -19.64
CA LYS A 523 -19.99 -24.58 -21.08
C LYS A 523 -18.79 -25.22 -21.76
N ASP A 524 -17.93 -25.86 -20.99
CA ASP A 524 -16.73 -26.48 -21.53
C ASP A 524 -17.05 -27.86 -22.09
N PRO A 525 -16.89 -28.10 -23.39
CA PRO A 525 -17.27 -29.40 -23.97
C PRO A 525 -16.31 -30.53 -23.64
N ASN A 526 -15.11 -30.22 -23.15
CA ASN A 526 -14.12 -31.27 -22.86
C ASN A 526 -14.50 -32.05 -21.62
N THR A 527 -14.22 -33.35 -21.65
CA THR A 527 -14.46 -34.22 -20.51
C THR A 527 -13.15 -34.37 -19.74
N TYR A 528 -13.16 -34.03 -18.46
CA TYR A 528 -11.94 -33.98 -17.66
C TYR A 528 -11.94 -35.05 -16.56
N PHE A 529 -10.73 -35.45 -16.17
CA PHE A 529 -10.48 -36.16 -14.92
C PHE A 529 -10.09 -35.11 -13.89
N ILE A 530 -10.76 -35.09 -12.74
CA ILE A 530 -10.45 -34.11 -11.69
C ILE A 530 -10.12 -34.84 -10.41
N VAL A 531 -8.97 -34.51 -9.82
CA VAL A 531 -8.43 -35.21 -8.67
C VAL A 531 -8.23 -34.20 -7.54
N GLY A 532 -8.64 -34.58 -6.34
CA GLY A 532 -8.45 -33.76 -5.14
C GLY A 532 -7.38 -34.36 -4.23
N THR A 533 -6.46 -33.52 -3.78
CA THR A 533 -5.28 -33.97 -3.06
C THR A 533 -5.15 -33.24 -1.73
N ALA A 534 -4.23 -33.73 -0.90
CA ALA A 534 -3.90 -33.12 0.39
C ALA A 534 -2.41 -33.26 0.64
N MET A 535 -1.79 -32.20 1.18
CA MET A 535 -0.39 -32.28 1.56
C MET A 535 -0.30 -32.88 2.96
N VAL A 536 0.23 -34.08 3.05
CA VAL A 536 0.24 -34.90 4.24
C VAL A 536 1.67 -34.87 4.76
N TYR A 537 1.88 -34.24 5.90
CA TYR A 537 3.17 -34.25 6.56
C TYR A 537 3.00 -34.91 7.93
N PRO A 538 3.96 -35.73 8.38
CA PRO A 538 3.77 -36.46 9.65
C PRO A 538 3.49 -35.55 10.83
N GLU A 539 3.95 -34.30 10.76
CA GLU A 539 3.81 -33.38 11.88
C GLU A 539 2.37 -32.92 12.08
N GLU A 540 1.58 -32.88 11.00
CA GLU A 540 0.26 -32.28 11.06
C GLU A 540 -0.81 -33.23 11.57
N ALA A 541 -1.70 -32.70 12.41
CA ALA A 541 -2.87 -33.45 12.85
C ALA A 541 -3.94 -33.51 11.75
N GLU A 542 -4.20 -32.40 11.08
CA GLU A 542 -5.14 -32.29 9.99
C GLU A 542 -4.44 -31.56 8.84
N PRO A 543 -4.47 -32.09 7.62
CA PRO A 543 -3.72 -31.43 6.54
C PRO A 543 -4.19 -30.00 6.34
N LYS A 544 -3.25 -29.11 6.02
CA LYS A 544 -3.58 -27.70 5.84
C LYS A 544 -3.31 -27.17 4.44
N GLN A 545 -2.85 -28.00 3.52
CA GLN A 545 -2.62 -27.61 2.14
C GLN A 545 -3.25 -28.67 1.25
N GLY A 546 -3.66 -28.25 0.06
CA GLY A 546 -4.26 -29.18 -0.87
C GLY A 546 -4.41 -28.59 -2.25
N ARG A 547 -4.75 -29.47 -3.19
CA ARG A 547 -4.95 -29.06 -4.56
C ARG A 547 -6.21 -29.71 -5.13
N ILE A 548 -6.84 -29.00 -6.05
CA ILE A 548 -7.77 -29.59 -7.00
C ILE A 548 -7.13 -29.44 -8.38
N VAL A 549 -6.96 -30.54 -9.08
CA VAL A 549 -6.24 -30.56 -10.33
C VAL A 549 -7.18 -31.06 -11.41
N VAL A 550 -7.24 -30.32 -12.50
CA VAL A 550 -8.06 -30.69 -13.65
C VAL A 550 -7.11 -31.24 -14.71
N PHE A 551 -7.34 -32.48 -15.13
CA PHE A 551 -6.55 -33.12 -16.17
C PHE A 551 -7.42 -33.32 -17.40
N GLN A 552 -6.76 -33.48 -18.54
CA GLN A 552 -7.46 -33.96 -19.72
C GLN A 552 -6.69 -35.12 -20.33
N TYR A 553 -7.35 -36.25 -20.46
CA TYR A 553 -6.80 -37.39 -21.15
C TYR A 553 -7.14 -37.24 -22.63
N SER A 554 -6.13 -36.95 -23.43
CA SER A 554 -6.30 -36.81 -24.87
C SER A 554 -5.12 -37.42 -25.58
N ASP A 555 -5.39 -38.24 -26.59
CA ASP A 555 -4.36 -38.80 -27.46
C ASP A 555 -3.22 -39.42 -26.67
N GLY A 556 -3.58 -40.26 -25.70
CA GLY A 556 -2.60 -41.04 -24.98
C GLY A 556 -1.75 -40.27 -24.00
N LYS A 557 -2.02 -38.99 -23.82
CA LYS A 557 -1.29 -38.17 -22.86
C LYS A 557 -2.29 -37.46 -21.95
N LEU A 558 -1.96 -37.41 -20.67
CA LEU A 558 -2.71 -36.63 -19.70
C LEU A 558 -2.14 -35.22 -19.70
N GLN A 559 -3.01 -34.22 -19.82
CA GLN A 559 -2.58 -32.83 -19.85
C GLN A 559 -3.14 -32.15 -18.62
N THR A 560 -2.32 -31.36 -17.95
CA THR A 560 -2.80 -30.60 -16.79
C THR A 560 -3.48 -29.31 -17.27
N VAL A 561 -4.78 -29.20 -17.00
CA VAL A 561 -5.59 -28.10 -17.53
C VAL A 561 -5.64 -26.92 -16.57
N ALA A 562 -5.77 -27.15 -15.27
CA ALA A 562 -5.88 -26.07 -14.32
C ALA A 562 -5.66 -26.62 -12.93
N GLU A 563 -5.21 -25.78 -12.02
CA GLU A 563 -5.03 -26.19 -10.65
C GLU A 563 -5.59 -25.11 -9.73
N LYS A 564 -6.24 -25.53 -8.66
CA LYS A 564 -6.81 -24.64 -7.64
C LYS A 564 -6.21 -25.06 -6.31
N GLU A 565 -5.56 -24.13 -5.63
CA GLU A 565 -5.01 -24.41 -4.31
C GLU A 565 -6.11 -24.30 -3.26
N VAL A 566 -6.13 -25.22 -2.31
CA VAL A 566 -7.08 -25.17 -1.20
C VAL A 566 -6.32 -25.36 0.10
N LYS A 567 -6.93 -24.90 1.19
CA LYS A 567 -6.26 -24.89 2.49
C LYS A 567 -6.73 -26.07 3.35
N GLY A 568 -6.63 -27.27 2.79
CA GLY A 568 -7.08 -28.45 3.50
C GLY A 568 -6.97 -29.67 2.59
N ALA A 569 -7.65 -30.73 2.99
CA ALA A 569 -7.69 -31.97 2.22
C ALA A 569 -9.02 -32.05 1.49
N VAL A 570 -8.97 -32.36 0.19
CA VAL A 570 -10.20 -32.51 -0.60
C VAL A 570 -10.61 -33.97 -0.45
N TYR A 571 -11.32 -34.26 0.65
CA TYR A 571 -11.65 -35.66 0.94
C TYR A 571 -12.62 -36.22 -0.09
N SER A 572 -13.55 -35.41 -0.58
CA SER A 572 -14.55 -35.90 -1.52
C SER A 572 -14.94 -34.79 -2.47
N MET A 573 -15.15 -35.14 -3.74
CA MET A 573 -15.64 -34.23 -4.75
C MET A 573 -16.76 -34.91 -5.50
N VAL A 574 -17.73 -34.11 -5.94
CA VAL A 574 -18.87 -34.61 -6.70
C VAL A 574 -19.32 -33.47 -7.62
N GLU A 575 -19.75 -33.84 -8.81
CA GLU A 575 -20.25 -32.88 -9.79
C GLU A 575 -21.69 -32.49 -9.46
N PHE A 576 -21.95 -31.17 -9.48
CA PHE A 576 -23.22 -30.59 -9.04
C PHE A 576 -23.71 -29.71 -10.19
N ASN A 577 -24.53 -30.27 -11.08
CA ASN A 577 -25.21 -29.49 -12.12
C ASN A 577 -24.22 -28.54 -12.81
N GLY A 578 -23.15 -29.15 -13.32
CA GLY A 578 -22.10 -28.45 -14.06
C GLY A 578 -21.06 -27.73 -13.22
N LYS A 579 -21.13 -27.82 -11.90
CA LYS A 579 -20.21 -27.20 -10.96
C LYS A 579 -19.52 -28.31 -10.17
N LEU A 580 -18.42 -27.96 -9.50
CA LEU A 580 -17.67 -28.93 -8.74
C LEU A 580 -17.94 -28.72 -7.25
N LEU A 581 -18.52 -29.73 -6.61
CA LEU A 581 -18.77 -29.73 -5.17
C LEU A 581 -17.59 -30.41 -4.49
N ALA A 582 -16.95 -29.71 -3.57
CA ALA A 582 -15.72 -30.18 -2.97
C ALA A 582 -15.78 -30.02 -1.46
N SER A 583 -15.07 -30.91 -0.77
CA SER A 583 -15.03 -30.89 0.69
C SER A 583 -13.62 -30.71 1.21
N ILE A 584 -13.23 -29.45 1.36
CA ILE A 584 -12.02 -29.11 2.09
C ILE A 584 -12.34 -29.28 3.57
N ASN A 585 -11.58 -30.15 4.26
CA ASN A 585 -11.94 -30.54 5.62
C ASN A 585 -12.71 -29.44 6.35
N SER A 586 -13.92 -29.73 6.80
CA SER A 586 -14.76 -28.81 7.56
C SER A 586 -15.47 -27.79 6.66
N THR A 587 -15.28 -27.82 5.35
CA THR A 587 -15.86 -26.83 4.44
C THR A 587 -16.44 -27.57 3.24
N VAL A 588 -17.66 -27.20 2.85
CA VAL A 588 -18.28 -27.71 1.62
C VAL A 588 -18.36 -26.54 0.65
N ARG A 589 -17.70 -26.67 -0.51
CA ARG A 589 -17.56 -25.58 -1.46
C ARG A 589 -18.10 -25.98 -2.83
N LEU A 590 -18.75 -25.03 -3.49
CA LEU A 590 -19.22 -25.19 -4.86
C LEU A 590 -18.38 -24.26 -5.74
N TYR A 591 -17.78 -24.83 -6.78
CA TYR A 591 -16.92 -24.10 -7.70
C TYR A 591 -17.60 -24.02 -9.07
N GLU A 592 -17.46 -22.89 -9.75
CA GLU A 592 -17.90 -22.76 -11.14
C GLU A 592 -16.69 -22.87 -12.06
N TRP A 593 -16.92 -23.34 -13.29
CA TRP A 593 -15.88 -23.51 -14.30
C TRP A 593 -16.02 -22.41 -15.34
N THR A 594 -15.09 -21.45 -15.32
CA THR A 594 -15.22 -20.23 -16.11
C THR A 594 -14.89 -20.48 -17.57
N THR A 595 -15.17 -19.48 -18.41
CA THR A 595 -14.75 -19.53 -19.79
C THR A 595 -13.24 -19.45 -19.93
N GLU A 596 -12.51 -19.08 -18.87
CA GLU A 596 -11.05 -19.10 -18.88
C GLU A 596 -10.47 -20.41 -18.35
N LYS A 597 -11.28 -21.45 -18.20
CA LYS A 597 -10.81 -22.76 -17.77
C LYS A 597 -10.04 -22.65 -16.43
N GLU A 598 -10.69 -22.03 -15.46
CA GLU A 598 -10.22 -21.97 -14.09
C GLU A 598 -11.43 -22.15 -13.18
N LEU A 599 -11.18 -22.67 -11.98
CA LEU A 599 -12.25 -22.89 -11.02
C LEU A 599 -12.50 -21.62 -10.22
N ARG A 600 -13.76 -21.29 -10.01
CA ARG A 600 -14.12 -20.09 -9.27
C ARG A 600 -15.12 -20.48 -8.21
N THR A 601 -14.87 -20.04 -6.98
CA THR A 601 -15.75 -20.37 -5.87
C THR A 601 -17.06 -19.61 -5.98
N GLU A 602 -18.18 -20.31 -5.81
CA GLU A 602 -19.49 -19.67 -5.74
C GLU A 602 -19.97 -19.49 -4.31
N CYS A 603 -20.02 -20.58 -3.54
CA CYS A 603 -20.60 -20.53 -2.20
C CYS A 603 -19.96 -21.60 -1.31
N ASN A 604 -20.08 -21.39 0.00
CA ASN A 604 -19.46 -22.26 0.99
C ASN A 604 -20.42 -22.62 2.12
N HIS A 605 -20.14 -23.77 2.76
CA HIS A 605 -20.79 -24.17 4.00
C HIS A 605 -19.70 -24.58 4.99
N TYR A 606 -19.76 -24.04 6.21
CA TYR A 606 -18.67 -24.25 7.15
C TYR A 606 -19.01 -25.04 8.41
N ASN A 607 -20.26 -25.45 8.65
CA ASN A 607 -20.60 -26.12 9.90
C ASN A 607 -20.44 -27.64 9.78
N ASN A 608 -19.18 -28.08 9.79
CA ASN A 608 -18.86 -29.50 9.83
C ASN A 608 -17.58 -29.67 10.64
N ILE A 609 -17.34 -30.90 11.08
CA ILE A 609 -16.09 -31.26 11.75
C ILE A 609 -15.12 -31.72 10.67
N MET A 610 -15.54 -32.72 9.89
CA MET A 610 -14.82 -33.15 8.70
C MET A 610 -15.82 -33.60 7.65
N ALA A 611 -15.78 -32.95 6.49
CA ALA A 611 -16.72 -33.26 5.42
C ALA A 611 -16.15 -34.40 4.57
N LEU A 612 -16.23 -35.61 5.14
CA LEU A 612 -15.57 -36.75 4.52
C LEU A 612 -16.31 -37.25 3.28
N TYR A 613 -17.64 -37.29 3.33
CA TYR A 613 -18.39 -37.89 2.23
C TYR A 613 -19.47 -36.96 1.73
N LEU A 614 -19.59 -36.89 0.40
CA LEU A 614 -20.57 -36.04 -0.28
C LEU A 614 -21.32 -36.85 -1.33
N LYS A 615 -22.65 -36.69 -1.36
CA LYS A 615 -23.53 -37.22 -2.40
C LYS A 615 -24.58 -36.18 -2.73
N THR A 616 -25.08 -36.21 -3.98
CA THR A 616 -26.03 -35.21 -4.42
C THR A 616 -27.19 -35.83 -5.19
N LYS A 617 -28.34 -35.14 -5.17
CA LYS A 617 -29.47 -35.50 -6.03
C LYS A 617 -30.19 -34.19 -6.37
N GLY A 618 -30.17 -33.82 -7.64
CA GLY A 618 -30.79 -32.56 -8.01
C GLY A 618 -30.00 -31.43 -7.39
N ASP A 619 -30.68 -30.54 -6.69
CA ASP A 619 -30.02 -29.46 -5.98
C ASP A 619 -29.83 -29.76 -4.49
N PHE A 620 -30.00 -31.01 -4.07
CA PHE A 620 -29.76 -31.45 -2.70
C PHE A 620 -28.37 -32.08 -2.54
N ILE A 621 -27.79 -31.91 -1.36
CA ILE A 621 -26.48 -32.45 -1.02
C ILE A 621 -26.57 -33.14 0.32
N LEU A 622 -26.10 -34.38 0.39
CA LEU A 622 -25.98 -35.13 1.63
C LEU A 622 -24.51 -35.21 2.03
N VAL A 623 -24.18 -34.60 3.16
CA VAL A 623 -22.81 -34.56 3.66
C VAL A 623 -22.69 -35.53 4.83
N GLY A 624 -21.66 -36.35 4.79
CA GLY A 624 -21.35 -37.28 5.86
C GLY A 624 -20.15 -36.82 6.66
N ASP A 625 -20.30 -36.66 7.97
CA ASP A 625 -19.29 -36.06 8.82
C ASP A 625 -18.62 -37.16 9.64
N LEU A 626 -17.44 -36.84 10.14
CA LEU A 626 -16.67 -37.81 10.91
C LEU A 626 -17.43 -38.28 12.14
N MET A 627 -18.08 -37.36 12.84
CA MET A 627 -18.80 -37.70 14.06
C MET A 627 -20.22 -37.14 14.11
N ARG A 628 -20.63 -36.30 13.16
CA ARG A 628 -21.92 -35.61 13.21
C ARG A 628 -22.96 -36.18 12.24
N SER A 629 -22.84 -37.47 11.90
CA SER A 629 -23.83 -38.21 11.10
C SER A 629 -24.01 -37.52 9.76
N VAL A 630 -25.23 -37.24 9.30
CA VAL A 630 -25.47 -36.77 7.95
C VAL A 630 -26.27 -35.47 7.98
N LEU A 631 -25.99 -34.60 7.01
CA LEU A 631 -26.65 -33.30 6.89
C LEU A 631 -27.09 -33.08 5.44
N LEU A 632 -28.40 -32.86 5.26
CA LEU A 632 -28.98 -32.50 3.96
C LEU A 632 -28.86 -30.99 3.73
N LEU A 633 -28.03 -30.60 2.76
CA LEU A 633 -27.87 -29.24 2.27
C LEU A 633 -28.65 -29.04 0.98
N ALA A 634 -28.91 -27.77 0.64
CA ALA A 634 -29.51 -27.43 -0.64
C ALA A 634 -28.83 -26.21 -1.23
N TYR A 635 -28.65 -26.21 -2.55
CA TYR A 635 -28.19 -25.03 -3.29
C TYR A 635 -29.44 -24.23 -3.66
N LYS A 636 -29.47 -22.98 -3.25
CA LYS A 636 -30.63 -22.14 -3.55
C LYS A 636 -30.24 -21.30 -4.75
N PRO A 637 -30.58 -21.74 -5.98
CA PRO A 637 -30.02 -21.06 -7.16
C PRO A 637 -30.41 -19.60 -7.21
N MET A 638 -31.59 -19.26 -6.68
CA MET A 638 -32.04 -17.88 -6.70
C MET A 638 -31.07 -16.98 -5.96
N GLU A 639 -30.43 -17.50 -4.92
CA GLU A 639 -29.56 -16.68 -4.09
C GLU A 639 -28.06 -16.93 -4.28
N GLY A 640 -27.68 -18.09 -4.80
CA GLY A 640 -26.28 -18.41 -4.97
C GLY A 640 -25.56 -18.80 -3.69
N ASN A 641 -26.20 -19.61 -2.84
CA ASN A 641 -25.60 -20.05 -1.59
C ASN A 641 -26.26 -21.36 -1.16
N PHE A 642 -25.73 -21.95 -0.08
CA PHE A 642 -26.26 -23.18 0.50
C PHE A 642 -27.30 -22.92 1.61
N GLU A 643 -28.01 -23.99 1.99
CA GLU A 643 -28.88 -23.92 3.16
C GLU A 643 -29.00 -25.30 3.80
N GLU A 644 -28.95 -25.32 5.14
CA GLU A 644 -29.03 -26.57 5.89
C GLU A 644 -30.51 -26.99 5.96
N ILE A 645 -30.88 -28.05 5.23
CA ILE A 645 -32.25 -28.52 5.31
C ILE A 645 -32.49 -29.25 6.64
N ALA A 646 -31.64 -30.22 6.96
CA ALA A 646 -31.81 -31.02 8.17
C ALA A 646 -30.53 -31.81 8.47
N ARG A 647 -30.37 -32.14 9.75
CA ARG A 647 -29.22 -32.86 10.29
C ARG A 647 -29.69 -34.04 11.13
N ASP A 648 -28.91 -35.13 11.11
CA ASP A 648 -29.13 -36.25 12.02
C ASP A 648 -28.38 -35.91 13.29
N PHE A 649 -29.11 -35.52 14.35
CA PHE A 649 -28.42 -35.01 15.53
C PHE A 649 -27.74 -36.11 16.35
N ASN A 650 -28.21 -37.35 16.29
CA ASN A 650 -27.51 -38.41 17.01
C ASN A 650 -26.08 -38.55 16.47
N PRO A 651 -25.07 -38.59 17.33
CA PRO A 651 -23.68 -38.58 16.81
C PRO A 651 -23.27 -39.98 16.38
N ASN A 652 -22.88 -40.12 15.10
CA ASN A 652 -22.36 -41.37 14.59
C ASN A 652 -21.12 -41.17 13.73
N TRP A 653 -20.18 -42.10 13.90
CA TRP A 653 -18.98 -42.18 13.08
C TRP A 653 -19.32 -42.77 11.72
N MET A 654 -19.00 -42.05 10.66
CA MET A 654 -19.42 -42.42 9.32
C MET A 654 -18.38 -43.22 8.54
N SER A 655 -18.85 -44.19 7.73
CA SER A 655 -17.99 -44.87 6.78
C SER A 655 -18.35 -44.59 5.32
N ALA A 656 -19.62 -44.41 5.01
CA ALA A 656 -20.06 -44.02 3.68
C ALA A 656 -21.53 -43.66 3.77
N VAL A 657 -21.98 -42.84 2.82
CA VAL A 657 -23.36 -42.40 2.77
C VAL A 657 -23.86 -42.54 1.33
N GLU A 658 -25.17 -42.66 1.21
CA GLU A 658 -25.83 -42.67 -0.09
C GLU A 658 -27.24 -42.13 0.08
N ILE A 659 -27.72 -41.52 -0.99
CA ILE A 659 -29.08 -40.99 -1.07
C ILE A 659 -29.98 -42.06 -1.69
N LEU A 660 -31.05 -42.42 -1.00
CA LEU A 660 -31.98 -43.42 -1.54
C LEU A 660 -33.07 -42.79 -2.40
N ASP A 661 -33.68 -41.71 -1.91
CA ASP A 661 -34.67 -40.93 -2.65
C ASP A 661 -34.70 -39.54 -2.04
N ASP A 662 -35.60 -38.68 -2.51
CA ASP A 662 -35.56 -37.28 -2.09
C ASP A 662 -35.73 -37.10 -0.60
N ASP A 663 -36.26 -38.11 0.10
CA ASP A 663 -36.52 -38.03 1.54
C ASP A 663 -35.72 -38.99 2.40
N ASN A 664 -35.29 -40.14 1.88
CA ASN A 664 -34.62 -41.17 2.66
C ASN A 664 -33.13 -41.20 2.37
N PHE A 665 -32.30 -41.22 3.42
CA PHE A 665 -30.86 -41.19 3.28
C PHE A 665 -30.20 -42.32 4.04
N LEU A 666 -29.25 -42.98 3.40
CA LEU A 666 -28.60 -44.17 3.93
C LEU A 666 -27.18 -43.84 4.38
N GLY A 667 -26.76 -44.48 5.46
CA GLY A 667 -25.45 -44.24 6.02
C GLY A 667 -24.96 -45.49 6.72
N ALA A 668 -23.64 -45.63 6.80
CA ALA A 668 -23.00 -46.76 7.43
C ALA A 668 -22.03 -46.26 8.48
N GLU A 669 -21.98 -46.96 9.61
CA GLU A 669 -21.21 -46.55 10.77
C GLU A 669 -19.91 -47.35 10.80
N ASN A 670 -18.92 -46.85 11.55
CA ASN A 670 -17.69 -47.61 11.74
C ASN A 670 -17.85 -48.77 12.73
N ALA A 671 -19.04 -48.96 13.29
CA ALA A 671 -19.34 -50.09 14.16
C ALA A 671 -19.97 -51.25 13.40
N PHE A 672 -19.96 -51.20 12.07
CA PHE A 672 -20.56 -52.22 11.22
C PHE A 672 -22.09 -52.15 11.24
N ASN A 673 -22.63 -50.93 11.35
CA ASN A 673 -24.07 -50.69 11.41
C ASN A 673 -24.53 -49.83 10.25
N LEU A 674 -25.81 -50.00 9.88
CA LEU A 674 -26.48 -49.21 8.86
C LEU A 674 -27.66 -48.45 9.46
N PHE A 675 -27.91 -47.24 8.94
CA PHE A 675 -29.10 -46.48 9.33
C PHE A 675 -29.61 -45.66 8.15
N VAL A 676 -30.90 -45.35 8.20
CA VAL A 676 -31.59 -44.55 7.20
C VAL A 676 -32.32 -43.42 7.92
N CYS A 677 -32.08 -42.20 7.48
CA CYS A 677 -32.65 -41.00 8.08
C CYS A 677 -33.64 -40.37 7.09
N GLN A 678 -34.81 -40.00 7.58
CA GLN A 678 -35.81 -39.37 6.73
C GLN A 678 -36.11 -37.95 7.23
N LYS A 679 -36.42 -37.05 6.29
CA LYS A 679 -36.96 -35.76 6.69
C LYS A 679 -38.21 -36.01 7.53
N ASP A 680 -38.37 -35.26 8.62
CA ASP A 680 -39.52 -35.56 9.48
C ASP A 680 -40.85 -35.24 8.81
N SER A 681 -40.80 -34.67 7.60
CA SER A 681 -41.97 -34.42 6.76
C SER A 681 -43.13 -33.80 7.53
N ALA A 682 -42.83 -32.96 8.51
CA ALA A 682 -43.84 -32.27 9.31
C ALA A 682 -43.47 -30.80 9.30
N ALA A 683 -44.33 -29.97 8.71
CA ALA A 683 -44.08 -28.54 8.58
C ALA A 683 -44.71 -27.73 9.70
N THR A 684 -45.13 -28.39 10.77
CA THR A 684 -45.71 -27.68 11.91
C THR A 684 -44.72 -26.68 12.51
N THR A 685 -43.51 -27.14 12.82
CA THR A 685 -42.42 -26.31 13.33
C THR A 685 -41.21 -26.39 12.42
N ASP A 686 -40.44 -25.29 12.36
CA ASP A 686 -39.17 -25.30 11.64
C ASP A 686 -38.20 -26.34 12.21
N GLU A 687 -38.25 -26.56 13.53
CA GLU A 687 -37.37 -27.49 14.21
C GLU A 687 -37.59 -28.93 13.72
N GLU A 688 -38.85 -29.32 13.53
CA GLU A 688 -39.14 -30.67 13.05
C GLU A 688 -38.59 -30.89 11.64
N ARG A 689 -38.71 -29.87 10.79
CA ARG A 689 -38.20 -29.95 9.42
C ARG A 689 -36.69 -30.17 9.42
N GLN A 690 -35.98 -29.47 10.29
CA GLN A 690 -34.53 -29.50 10.41
C GLN A 690 -34.01 -30.70 11.20
N HIS A 691 -34.88 -31.60 11.64
CA HIS A 691 -34.47 -32.83 12.32
C HIS A 691 -34.67 -34.06 11.44
N LEU A 692 -33.56 -34.64 10.97
CA LEU A 692 -33.62 -35.93 10.32
C LEU A 692 -33.71 -36.98 11.42
N GLN A 693 -34.72 -37.85 11.35
CA GLN A 693 -34.94 -38.85 12.38
C GLN A 693 -34.58 -40.22 11.81
N GLU A 694 -33.67 -40.92 12.49
CA GLU A 694 -33.29 -42.26 12.07
C GLU A 694 -34.51 -43.18 12.15
N VAL A 695 -34.98 -43.63 10.98
CA VAL A 695 -36.15 -44.50 10.90
C VAL A 695 -35.76 -45.93 10.55
N GLY A 696 -34.49 -46.18 10.30
CA GLY A 696 -33.99 -47.51 10.04
C GLY A 696 -32.67 -47.72 10.78
N LEU A 697 -32.56 -48.87 11.44
CA LEU A 697 -31.36 -49.24 12.18
C LEU A 697 -31.10 -50.71 11.88
N PHE A 698 -29.86 -51.04 11.57
CA PHE A 698 -29.52 -52.41 11.17
C PHE A 698 -28.03 -52.66 11.40
N HIS A 699 -27.72 -53.78 12.06
CA HIS A 699 -26.34 -54.21 12.23
C HIS A 699 -25.98 -55.13 11.06
N LEU A 700 -25.18 -54.60 10.12
CA LEU A 700 -24.81 -55.41 8.95
C LEU A 700 -23.73 -56.44 9.27
N GLY A 701 -22.71 -56.06 10.02
CA GLY A 701 -21.60 -56.94 10.29
C GLY A 701 -20.40 -56.80 9.38
N GLU A 702 -20.43 -55.88 8.43
CA GLU A 702 -19.35 -55.61 7.51
C GLU A 702 -19.09 -54.11 7.55
N PHE A 703 -17.89 -53.72 7.13
CA PHE A 703 -17.52 -52.31 7.08
C PHE A 703 -17.79 -51.83 5.67
N VAL A 704 -18.66 -50.85 5.51
CA VAL A 704 -19.05 -50.39 4.18
C VAL A 704 -18.17 -49.20 3.81
N ASN A 705 -17.34 -49.37 2.77
CA ASN A 705 -16.55 -48.25 2.27
C ASN A 705 -17.28 -47.45 1.21
N VAL A 706 -18.03 -48.10 0.33
CA VAL A 706 -18.60 -47.43 -0.83
C VAL A 706 -20.05 -47.86 -1.03
N PHE A 707 -20.90 -46.87 -1.29
CA PHE A 707 -22.27 -47.07 -1.75
C PHE A 707 -22.32 -46.65 -3.21
N CYS A 708 -22.99 -47.43 -4.05
CA CYS A 708 -23.04 -47.16 -5.48
C CYS A 708 -24.41 -47.56 -6.02
N HIS A 709 -25.05 -46.65 -6.75
CA HIS A 709 -26.33 -46.97 -7.35
C HIS A 709 -26.07 -47.85 -8.57
N GLY A 710 -26.69 -49.03 -8.61
CA GLY A 710 -26.58 -49.90 -9.77
C GLY A 710 -27.04 -51.30 -9.45
N SER A 711 -27.17 -52.10 -10.51
CA SER A 711 -27.46 -53.51 -10.36
C SER A 711 -26.84 -54.26 -11.53
N LEU A 712 -26.27 -55.41 -11.24
CA LEU A 712 -25.69 -56.30 -12.23
C LEU A 712 -26.72 -57.23 -12.86
N VAL A 713 -28.01 -57.09 -12.53
CA VAL A 713 -29.01 -58.04 -13.02
C VAL A 713 -29.22 -57.85 -14.51
N MET A 714 -29.19 -58.97 -15.24
CA MET A 714 -29.40 -58.92 -16.68
C MET A 714 -30.88 -58.61 -16.94
N GLN A 715 -31.14 -57.56 -17.71
CA GLN A 715 -32.51 -57.17 -18.05
C GLN A 715 -32.73 -57.18 -19.56
N ASN A 716 -33.64 -58.04 -20.02
CA ASN A 716 -34.10 -58.04 -21.40
C ASN A 716 -35.46 -57.35 -21.55
N LEU A 717 -36.00 -56.81 -20.45
CA LEU A 717 -37.32 -56.17 -20.36
C LEU A 717 -38.46 -57.16 -20.19
N GLY A 718 -38.22 -58.43 -20.48
CA GLY A 718 -39.24 -59.44 -20.22
C GLY A 718 -39.55 -59.67 -18.75
N GLU A 719 -38.58 -59.39 -17.88
CA GLU A 719 -38.75 -59.62 -16.45
C GLU A 719 -39.62 -58.51 -15.86
N THR A 720 -40.63 -58.91 -15.09
CA THR A 720 -41.48 -57.94 -14.40
C THR A 720 -40.74 -57.32 -13.22
N SER A 721 -41.11 -56.10 -12.88
CA SER A 721 -40.46 -55.42 -11.78
C SER A 721 -40.75 -56.17 -10.48
N THR A 722 -39.70 -56.49 -9.74
CA THR A 722 -39.83 -57.13 -8.45
C THR A 722 -40.47 -56.15 -7.47
N PRO A 723 -41.04 -56.66 -6.37
CA PRO A 723 -41.63 -55.73 -5.38
C PRO A 723 -40.64 -54.69 -4.87
N THR A 724 -39.37 -55.05 -4.78
CA THR A 724 -38.32 -54.14 -4.35
C THR A 724 -38.14 -53.02 -5.37
N GLN A 725 -38.02 -51.78 -4.90
CA GLN A 725 -37.78 -50.64 -5.79
C GLN A 725 -36.49 -49.94 -5.39
N GLY A 726 -35.65 -49.67 -6.38
CA GLY A 726 -34.36 -49.05 -6.20
C GLY A 726 -33.25 -50.07 -6.02
N SER A 727 -32.01 -49.63 -6.30
CA SER A 727 -30.87 -50.53 -6.18
C SER A 727 -29.62 -49.76 -5.80
N VAL A 728 -29.12 -50.04 -4.59
CA VAL A 728 -27.85 -49.52 -4.11
C VAL A 728 -26.95 -50.70 -3.80
N LEU A 729 -25.79 -50.75 -4.44
CA LEU A 729 -24.76 -51.74 -4.16
C LEU A 729 -23.73 -51.16 -3.20
N PHE A 730 -23.19 -51.99 -2.32
CA PHE A 730 -22.14 -51.51 -1.43
C PHE A 730 -21.01 -52.52 -1.29
N GLY A 731 -19.79 -51.99 -1.19
CA GLY A 731 -18.59 -52.80 -1.00
C GLY A 731 -18.04 -52.65 0.41
N THR A 732 -17.49 -53.73 0.93
CA THR A 732 -17.00 -53.77 2.31
C THR A 732 -15.54 -54.19 2.36
N VAL A 733 -15.01 -54.15 3.59
CA VAL A 733 -13.59 -54.41 3.78
C VAL A 733 -13.31 -55.91 3.84
N ASN A 734 -14.29 -56.71 4.25
CA ASN A 734 -14.13 -58.16 4.27
C ASN A 734 -14.45 -58.79 2.92
N GLY A 735 -14.69 -57.97 1.90
CA GLY A 735 -14.95 -58.43 0.55
C GLY A 735 -16.42 -58.59 0.20
N MET A 736 -17.32 -58.48 1.17
CA MET A 736 -18.74 -58.69 0.89
C MET A 736 -19.28 -57.58 -0.02
N ILE A 737 -20.17 -57.96 -0.93
CA ILE A 737 -20.94 -57.02 -1.75
C ILE A 737 -22.41 -57.18 -1.38
N GLY A 738 -23.16 -56.06 -1.32
CA GLY A 738 -24.55 -56.10 -0.93
C GLY A 738 -25.42 -55.16 -1.75
N LEU A 739 -26.73 -55.34 -1.59
CA LEU A 739 -27.73 -54.55 -2.29
C LEU A 739 -28.74 -54.08 -1.24
N VAL A 740 -29.04 -52.79 -1.27
CA VAL A 740 -30.07 -52.18 -0.42
C VAL A 740 -31.16 -51.69 -1.34
N THR A 741 -32.41 -52.08 -1.06
CA THR A 741 -33.55 -51.68 -1.89
C THR A 741 -34.75 -51.44 -0.98
N SER A 742 -35.66 -50.58 -1.45
CA SER A 742 -36.83 -50.16 -0.70
C SER A 742 -38.05 -51.05 -0.93
N LEU A 743 -38.98 -51.01 0.04
CA LEU A 743 -40.19 -51.80 0.03
C LEU A 743 -41.40 -50.89 0.31
N SER A 744 -42.58 -51.34 -0.12
CA SER A 744 -43.83 -50.68 0.29
C SER A 744 -44.18 -51.11 1.71
N GLU A 745 -44.98 -50.29 2.40
CA GLU A 745 -45.35 -50.65 3.76
C GLU A 745 -45.92 -52.07 3.79
N SER A 746 -46.78 -52.40 2.83
CA SER A 746 -47.39 -53.73 2.79
C SER A 746 -46.35 -54.83 2.68
N TRP A 747 -45.37 -54.67 1.78
CA TRP A 747 -44.43 -55.76 1.55
C TRP A 747 -43.50 -55.95 2.75
N TYR A 748 -43.08 -54.85 3.37
CA TYR A 748 -42.25 -54.93 4.58
C TYR A 748 -42.93 -55.75 5.67
N ASN A 749 -44.19 -55.42 5.98
CA ASN A 749 -44.87 -56.09 7.08
C ASN A 749 -45.02 -57.58 6.81
N LEU A 750 -45.33 -57.96 5.58
CA LEU A 750 -45.37 -59.38 5.25
C LEU A 750 -44.03 -60.04 5.55
N LEU A 751 -42.96 -59.45 5.03
CA LEU A 751 -41.63 -60.05 5.15
C LEU A 751 -41.13 -59.98 6.59
N LEU A 752 -41.45 -58.89 7.30
CA LEU A 752 -41.10 -58.80 8.70
C LEU A 752 -41.80 -59.85 9.53
N ASP A 753 -43.13 -59.97 9.37
CA ASP A 753 -43.87 -61.00 10.07
C ASP A 753 -43.30 -62.38 9.75
N MET A 754 -42.90 -62.58 8.50
CA MET A 754 -42.32 -63.84 8.10
C MET A 754 -40.96 -64.08 8.77
N GLN A 755 -40.17 -63.02 8.94
CA GLN A 755 -38.90 -63.21 9.65
C GLN A 755 -39.15 -63.75 11.06
N ASN A 756 -40.06 -63.10 11.79
CA ASN A 756 -40.36 -63.55 13.15
C ASN A 756 -40.85 -64.99 13.16
N ARG A 757 -41.51 -65.43 12.07
CA ARG A 757 -41.90 -66.83 11.97
C ARG A 757 -40.69 -67.69 11.66
N LEU A 758 -39.85 -67.26 10.71
CA LEU A 758 -38.66 -68.06 10.36
C LEU A 758 -37.70 -68.18 11.54
N ASN A 759 -37.58 -67.12 12.35
CA ASN A 759 -36.63 -67.18 13.46
C ASN A 759 -37.05 -68.23 14.48
N LYS A 760 -38.35 -68.46 14.64
CA LYS A 760 -38.80 -69.52 15.54
C LYS A 760 -38.50 -70.90 14.96
N VAL A 761 -38.45 -71.01 13.64
CA VAL A 761 -38.34 -72.32 12.97
C VAL A 761 -36.90 -72.71 12.70
N ILE A 762 -36.05 -71.76 12.31
CA ILE A 762 -34.69 -72.09 11.86
C ILE A 762 -33.77 -72.19 13.07
N LYS A 763 -32.98 -73.25 13.11
CA LYS A 763 -32.04 -73.49 14.20
C LYS A 763 -30.75 -72.75 13.92
N SER A 764 -30.30 -71.95 14.89
CA SER A 764 -29.10 -71.15 14.71
C SER A 764 -27.89 -71.89 15.25
N VAL A 765 -26.75 -71.68 14.58
CA VAL A 765 -25.51 -72.26 15.06
C VAL A 765 -25.05 -71.50 16.30
N GLY A 766 -24.79 -72.23 17.38
CA GLY A 766 -24.49 -71.59 18.63
C GLY A 766 -25.70 -71.08 19.37
N LYS A 767 -26.90 -71.35 18.85
CA LYS A 767 -28.14 -70.88 19.44
C LYS A 767 -28.07 -69.38 19.69
N ILE A 768 -27.70 -68.64 18.64
CA ILE A 768 -27.63 -67.19 18.69
C ILE A 768 -28.94 -66.61 18.16
N GLU A 769 -29.60 -65.80 18.98
CA GLU A 769 -30.84 -65.16 18.56
C GLU A 769 -30.62 -64.23 17.37
N HIS A 770 -31.40 -64.45 16.32
CA HIS A 770 -31.27 -63.59 15.13
C HIS A 770 -31.56 -62.14 15.48
N SER A 771 -32.58 -61.89 16.31
CA SER A 771 -32.92 -60.53 16.68
C SER A 771 -31.76 -59.84 17.40
N PHE A 772 -31.02 -60.58 18.23
CA PHE A 772 -29.85 -60.01 18.90
C PHE A 772 -28.77 -59.63 17.90
N TRP A 773 -28.49 -60.54 16.96
CA TRP A 773 -27.43 -60.33 15.98
C TRP A 773 -27.65 -59.05 15.19
N ARG A 774 -28.86 -58.82 14.70
CA ARG A 774 -29.12 -57.64 13.89
C ARG A 774 -29.40 -56.39 14.71
N SER A 775 -29.31 -56.45 16.04
CA SER A 775 -29.54 -55.25 16.85
C SER A 775 -28.40 -54.25 16.62
N PHE A 776 -28.78 -52.98 16.41
CA PHE A 776 -27.80 -51.89 16.29
C PHE A 776 -26.85 -51.95 17.47
N HIS A 777 -25.54 -51.95 17.23
CA HIS A 777 -24.60 -52.14 18.31
C HIS A 777 -23.38 -51.26 18.14
N THR A 778 -23.20 -50.35 19.10
CA THR A 778 -21.98 -49.62 19.38
C THR A 778 -21.57 -50.04 20.80
N GLU A 779 -20.32 -49.81 21.18
CA GLU A 779 -19.94 -50.17 22.54
C GLU A 779 -20.93 -49.58 23.54
N ARG A 780 -21.39 -48.36 23.27
CA ARG A 780 -22.25 -47.64 24.20
C ARG A 780 -23.72 -48.05 24.10
N LYS A 781 -24.22 -48.32 22.89
CA LYS A 781 -25.66 -48.53 22.71
C LYS A 781 -25.99 -49.81 21.99
N THR A 782 -27.11 -50.43 22.38
CA THR A 782 -27.70 -51.54 21.64
C THR A 782 -29.19 -51.28 21.46
N GLU A 783 -29.65 -51.30 20.22
CA GLU A 783 -31.03 -51.00 19.87
C GLU A 783 -31.56 -52.11 18.98
N PRO A 784 -32.85 -52.46 19.10
CA PRO A 784 -33.41 -53.46 18.18
C PRO A 784 -33.45 -52.90 16.76
N ALA A 785 -33.28 -53.79 15.79
CA ALA A 785 -33.29 -53.38 14.40
C ALA A 785 -34.65 -52.86 13.99
N THR A 786 -34.66 -51.89 13.07
CA THR A 786 -35.92 -51.32 12.61
C THR A 786 -35.81 -50.90 11.15
N GLY A 787 -36.88 -51.14 10.40
CA GLY A 787 -36.99 -50.66 9.04
C GLY A 787 -36.20 -51.45 8.02
N PHE A 788 -35.62 -52.59 8.40
CA PHE A 788 -34.77 -53.36 7.53
C PHE A 788 -35.17 -54.83 7.55
N ILE A 789 -35.27 -55.43 6.36
CA ILE A 789 -35.60 -56.84 6.20
C ILE A 789 -34.31 -57.57 5.88
N ASP A 790 -33.93 -58.51 6.74
CA ASP A 790 -32.72 -59.29 6.47
C ASP A 790 -32.96 -60.24 5.30
N GLY A 791 -32.63 -59.80 4.08
CA GLY A 791 -32.96 -60.59 2.92
C GLY A 791 -32.42 -62.01 3.00
N ASP A 792 -31.25 -62.19 3.62
CA ASP A 792 -30.66 -63.51 3.73
C ASP A 792 -31.53 -64.44 4.56
N LEU A 793 -32.17 -63.91 5.61
CA LEU A 793 -33.09 -64.75 6.38
C LEU A 793 -34.32 -65.10 5.54
N ILE A 794 -34.87 -64.12 4.83
CA ILE A 794 -36.01 -64.38 3.95
C ILE A 794 -35.64 -65.40 2.88
N GLU A 795 -34.48 -65.24 2.24
CA GLU A 795 -34.07 -66.15 1.18
C GLU A 795 -33.72 -67.56 1.66
N SER A 796 -33.59 -67.79 2.96
CA SER A 796 -33.36 -69.14 3.47
C SER A 796 -34.66 -69.93 3.62
N PHE A 797 -35.81 -69.32 3.34
CA PHE A 797 -37.07 -70.05 3.31
C PHE A 797 -37.03 -71.18 2.29
N LEU A 798 -36.36 -70.95 1.15
CA LEU A 798 -36.27 -71.93 0.08
C LEU A 798 -35.33 -73.08 0.43
N ASP A 799 -34.58 -73.01 1.53
CA ASP A 799 -33.67 -74.07 1.93
C ASP A 799 -34.14 -74.88 3.13
N ILE A 800 -35.22 -74.47 3.80
CA ILE A 800 -35.73 -75.22 4.94
C ILE A 800 -36.66 -76.32 4.46
N SER A 801 -36.83 -77.36 5.27
CA SER A 801 -37.61 -78.51 4.87
C SER A 801 -39.07 -78.15 4.65
N ARG A 802 -39.75 -78.92 3.80
CA ARG A 802 -41.16 -78.65 3.53
C ARG A 802 -42.02 -78.63 4.78
N PRO A 803 -41.88 -79.55 5.75
CA PRO A 803 -42.66 -79.41 7.00
C PRO A 803 -42.44 -78.06 7.67
N LYS A 804 -41.20 -77.59 7.69
CA LYS A 804 -40.92 -76.28 8.30
C LYS A 804 -41.55 -75.16 7.48
N MET A 805 -41.61 -75.31 6.16
CA MET A 805 -42.26 -74.32 5.31
C MET A 805 -43.74 -74.13 5.66
N GLN A 806 -44.45 -75.24 5.88
CA GLN A 806 -45.86 -75.13 6.23
C GLN A 806 -46.03 -74.51 7.61
N GLU A 807 -45.13 -74.84 8.53
CA GLU A 807 -45.16 -74.21 9.86
C GLU A 807 -44.93 -72.71 9.77
N VAL A 808 -44.12 -72.26 8.80
CA VAL A 808 -43.83 -70.84 8.68
C VAL A 808 -45.02 -70.10 8.11
N VAL A 809 -45.72 -70.71 7.13
CA VAL A 809 -46.83 -70.04 6.48
C VAL A 809 -48.16 -70.21 7.19
N ALA A 810 -48.21 -71.04 8.24
CA ALA A 810 -49.45 -71.22 8.99
C ALA A 810 -49.88 -69.91 9.63
N ASN A 811 -51.14 -69.54 9.43
CA ASN A 811 -51.71 -68.35 10.04
C ASN A 811 -51.03 -67.07 9.56
N LEU A 812 -50.69 -67.00 8.27
CA LEU A 812 -50.03 -65.84 7.69
C LEU A 812 -51.00 -65.12 6.77
N GLN A 813 -51.22 -63.83 7.04
CA GLN A 813 -52.21 -63.02 6.34
C GLN A 813 -51.54 -61.87 5.61
N TYR A 814 -52.15 -61.45 4.50
CA TYR A 814 -51.73 -60.29 3.71
C TYR A 814 -52.51 -59.02 4.09
N ASP A 815 -52.04 -57.88 3.58
CA ASP A 815 -52.71 -56.60 3.80
C ASP A 815 -52.57 -55.71 2.56
N ASP A 816 -53.40 -54.66 2.51
CA ASP A 816 -53.40 -53.69 1.42
C ASP A 816 -53.35 -54.38 0.06
N GLY A 817 -54.29 -55.27 -0.17
CA GLY A 817 -54.37 -56.02 -1.41
C GLY A 817 -55.81 -56.16 -1.87
N SER A 818 -56.06 -56.96 -2.91
CA SER A 818 -57.43 -57.19 -3.34
C SER A 818 -58.25 -57.77 -2.18
N GLY A 819 -57.64 -58.65 -1.40
CA GLY A 819 -58.28 -59.21 -0.21
C GLY A 819 -57.60 -58.63 1.01
N MET A 820 -58.34 -57.93 1.86
CA MET A 820 -57.72 -57.26 3.00
C MET A 820 -56.91 -58.25 3.84
N LYS A 821 -57.50 -59.39 4.19
CA LYS A 821 -56.80 -60.49 4.83
C LYS A 821 -56.81 -61.71 3.92
N ARG A 822 -55.62 -62.21 3.55
CA ARG A 822 -55.45 -63.30 2.60
C ARG A 822 -54.45 -64.29 3.20
N GLU A 823 -54.85 -65.56 3.27
CA GLU A 823 -53.98 -66.60 3.80
C GLU A 823 -52.85 -66.94 2.82
N ALA A 824 -51.67 -67.24 3.34
CA ALA A 824 -50.52 -67.59 2.51
C ALA A 824 -50.32 -69.12 2.43
N THR A 825 -49.99 -69.60 1.23
CA THR A 825 -49.58 -70.98 0.99
C THR A 825 -48.06 -71.04 0.95
N ALA A 826 -47.50 -72.21 1.29
CA ALA A 826 -46.05 -72.36 1.22
C ALA A 826 -45.52 -72.18 -0.20
N ASP A 827 -46.24 -72.69 -1.20
CA ASP A 827 -45.81 -72.50 -2.58
C ASP A 827 -45.87 -71.03 -2.98
N ASP A 828 -46.85 -70.29 -2.47
CA ASP A 828 -46.96 -68.86 -2.75
C ASP A 828 -45.74 -68.10 -2.23
N LEU A 829 -45.28 -68.43 -1.02
CA LEU A 829 -44.08 -67.77 -0.52
C LEU A 829 -42.84 -68.24 -1.29
N ILE A 830 -42.81 -69.51 -1.71
CA ILE A 830 -41.70 -69.98 -2.52
C ILE A 830 -41.62 -69.13 -3.79
N LYS A 831 -42.76 -68.71 -4.31
CA LYS A 831 -42.75 -67.80 -5.45
C LYS A 831 -42.25 -66.42 -5.06
N VAL A 832 -42.70 -65.89 -3.92
CA VAL A 832 -42.32 -64.53 -3.54
C VAL A 832 -40.81 -64.46 -3.30
N VAL A 833 -40.27 -65.43 -2.56
CA VAL A 833 -38.84 -65.41 -2.27
C VAL A 833 -38.04 -65.56 -3.56
N GLU A 834 -38.49 -66.44 -4.45
CA GLU A 834 -37.77 -66.62 -5.71
C GLU A 834 -37.74 -65.34 -6.52
N GLU A 835 -38.78 -64.51 -6.43
CA GLU A 835 -38.73 -63.22 -7.12
C GLU A 835 -37.70 -62.30 -6.48
N LEU A 836 -37.55 -62.39 -5.16
CA LEU A 836 -36.58 -61.57 -4.43
C LEU A 836 -35.15 -62.03 -4.71
N THR A 837 -34.96 -63.32 -4.97
CA THR A 837 -33.64 -63.83 -5.31
C THR A 837 -33.15 -63.32 -6.66
N ARG A 838 -34.00 -62.64 -7.41
CA ARG A 838 -33.60 -62.09 -8.70
C ARG A 838 -32.97 -60.70 -8.60
N ILE A 839 -33.17 -60.01 -7.49
CA ILE A 839 -32.61 -58.67 -7.36
C ILE A 839 -31.08 -58.73 -7.37
N HIS A 840 -30.50 -59.82 -6.86
CA HIS A 840 -29.06 -59.99 -6.87
C HIS A 840 -28.65 -61.05 -7.92
N THR B 7 -23.68 0.67 26.16
CA THR B 7 -22.59 -0.05 26.79
C THR B 7 -22.73 -1.56 26.60
N GLU B 8 -21.73 -2.30 27.08
CA GLU B 8 -21.73 -3.76 26.97
C GLU B 8 -22.83 -4.41 27.77
N SER B 9 -23.44 -3.69 28.70
CA SER B 9 -24.38 -4.25 29.66
C SER B 9 -25.83 -4.12 29.22
N ASP B 10 -26.08 -3.35 28.16
CA ASP B 10 -27.44 -3.04 27.69
C ASP B 10 -27.92 -4.16 26.76
N TRP B 11 -28.28 -5.29 27.38
CA TRP B 11 -28.66 -6.49 26.66
C TRP B 11 -30.08 -6.40 26.11
N GLY B 12 -30.34 -7.22 25.09
CA GLY B 12 -31.65 -7.35 24.50
C GLY B 12 -31.95 -6.39 23.37
N LYS B 13 -31.09 -5.43 23.10
CA LYS B 13 -31.30 -4.45 22.05
C LYS B 13 -30.53 -4.75 20.77
N ARG B 14 -29.28 -5.20 20.88
CA ARG B 14 -28.49 -5.47 19.68
C ARG B 14 -29.19 -6.54 18.85
N CYS B 15 -29.13 -6.39 17.53
CA CYS B 15 -29.87 -7.29 16.64
C CYS B 15 -29.02 -8.49 16.24
N VAL B 16 -29.70 -9.61 15.96
CA VAL B 16 -29.01 -10.81 15.48
C VAL B 16 -28.42 -10.62 14.08
N ASP B 17 -28.69 -9.48 13.44
CA ASP B 17 -28.03 -9.19 12.18
C ASP B 17 -26.52 -9.26 12.32
N LYS B 18 -26.04 -8.98 13.53
CA LYS B 18 -24.62 -8.85 13.79
C LYS B 18 -23.89 -10.19 13.76
N PHE B 19 -24.61 -11.28 13.53
CA PHE B 19 -24.03 -12.61 13.42
C PHE B 19 -24.40 -13.22 12.09
N ASP B 20 -23.40 -13.88 11.47
CA ASP B 20 -23.62 -14.71 10.30
C ASP B 20 -23.94 -16.11 10.81
N ILE B 21 -25.18 -16.57 10.60
CA ILE B 21 -25.52 -17.93 11.04
C ILE B 21 -24.76 -18.92 10.18
N ILE B 22 -24.11 -19.88 10.81
CA ILE B 22 -23.30 -20.86 10.09
C ILE B 22 -24.02 -22.19 9.97
N GLY B 23 -24.66 -22.65 11.03
CA GLY B 23 -25.39 -23.91 10.98
C GLY B 23 -26.19 -24.11 12.25
N ILE B 24 -26.93 -25.21 12.28
CA ILE B 24 -27.72 -25.58 13.44
C ILE B 24 -26.92 -26.65 14.16
N ILE B 25 -26.37 -26.29 15.32
CA ILE B 25 -25.55 -27.25 16.07
C ILE B 25 -26.41 -28.24 16.84
N GLY B 26 -27.53 -27.79 17.40
CA GLY B 26 -28.33 -28.73 18.17
C GLY B 26 -29.76 -28.29 18.32
N GLU B 27 -30.56 -29.22 18.85
CA GLU B 27 -31.97 -29.00 19.13
C GLU B 27 -32.08 -28.81 20.63
N GLY B 28 -32.42 -27.59 21.05
CA GLY B 28 -32.46 -27.26 22.46
C GLY B 28 -33.84 -27.43 23.05
N THR B 29 -33.91 -27.20 24.36
CA THR B 29 -35.18 -27.38 25.06
C THR B 29 -36.20 -26.34 24.65
N TYR B 30 -35.81 -25.07 24.61
CA TYR B 30 -36.73 -23.98 24.32
C TYR B 30 -36.56 -23.41 22.93
N GLY B 31 -35.49 -23.77 22.22
CA GLY B 31 -35.31 -23.44 20.82
C GLY B 31 -34.02 -24.10 20.39
N GLN B 32 -33.77 -24.08 19.10
CA GLN B 32 -32.60 -24.76 18.58
C GLN B 32 -31.38 -23.85 18.68
N VAL B 33 -30.23 -24.45 18.96
CA VAL B 33 -29.00 -23.68 19.06
C VAL B 33 -28.38 -23.63 17.68
N TYR B 34 -27.92 -22.45 17.27
CA TYR B 34 -27.31 -22.24 15.96
C TYR B 34 -25.89 -21.75 16.23
N LYS B 35 -24.95 -22.15 15.38
CA LYS B 35 -23.58 -21.65 15.43
C LYS B 35 -23.50 -20.41 14.55
N ALA B 36 -22.82 -19.38 15.03
CA ALA B 36 -22.78 -18.12 14.30
C ALA B 36 -21.41 -17.49 14.45
N LYS B 37 -21.08 -16.61 13.52
CA LYS B 37 -19.83 -15.87 13.52
C LYS B 37 -20.18 -14.39 13.67
N ASP B 38 -19.53 -13.72 14.63
CA ASP B 38 -19.71 -12.30 14.85
C ASP B 38 -19.15 -11.53 13.66
N LYS B 39 -19.97 -10.69 13.05
CA LYS B 39 -19.53 -9.96 11.88
C LYS B 39 -18.43 -8.96 12.20
N ASP B 40 -18.44 -8.39 13.40
CA ASP B 40 -17.48 -7.35 13.74
C ASP B 40 -16.14 -7.93 14.18
N THR B 41 -16.16 -8.95 15.04
CA THR B 41 -14.95 -9.49 15.63
C THR B 41 -14.47 -10.78 14.97
N GLY B 42 -15.36 -11.50 14.28
CA GLY B 42 -15.01 -12.80 13.77
C GLY B 42 -15.16 -13.92 14.77
N GLU B 43 -15.57 -13.61 16.01
CA GLU B 43 -15.72 -14.64 17.01
C GLU B 43 -16.81 -15.62 16.62
N LEU B 44 -16.57 -16.87 16.97
CA LEU B 44 -17.57 -17.92 16.82
C LEU B 44 -18.39 -17.98 18.11
N VAL B 45 -19.70 -17.90 17.97
CA VAL B 45 -20.62 -17.93 19.10
C VAL B 45 -21.67 -18.99 18.80
N ALA B 46 -22.47 -19.28 19.81
CA ALA B 46 -23.60 -20.19 19.67
C ALA B 46 -24.82 -19.44 20.18
N LEU B 47 -25.80 -19.25 19.32
CA LEU B 47 -27.04 -18.55 19.64
C LEU B 47 -28.09 -19.61 20.01
N LYS B 48 -28.66 -19.49 21.20
CA LYS B 48 -29.75 -20.33 21.68
C LYS B 48 -31.04 -19.51 21.51
N LYS B 49 -31.89 -19.92 20.58
CA LYS B 49 -33.08 -19.12 20.27
C LYS B 49 -34.13 -19.31 21.35
N VAL B 50 -34.74 -18.20 21.77
CA VAL B 50 -35.79 -18.24 22.79
C VAL B 50 -37.06 -17.81 22.10
N ARG B 51 -38.05 -18.70 22.05
CA ARG B 51 -39.31 -18.40 21.39
C ARG B 51 -40.33 -18.04 22.47
N LEU B 52 -40.67 -16.76 22.55
CA LEU B 52 -41.79 -16.32 23.38
C LEU B 52 -43.02 -16.04 22.53
N ASP B 53 -43.01 -16.46 21.26
CA ASP B 53 -44.18 -16.26 20.41
C ASP B 53 -45.30 -17.21 20.80
N ASN B 54 -44.96 -18.33 21.47
CA ASN B 54 -45.99 -19.26 21.91
C ASN B 54 -47.03 -18.58 22.79
N GLU B 55 -46.58 -17.68 23.67
CA GLU B 55 -47.47 -16.90 24.52
C GLU B 55 -48.34 -17.81 25.37
N LYS B 56 -47.86 -19.01 25.67
CA LYS B 56 -48.52 -19.89 26.63
C LYS B 56 -48.39 -19.32 28.05
N GLU B 57 -47.15 -19.17 28.53
CA GLU B 57 -46.84 -18.46 29.77
C GLU B 57 -45.54 -17.67 29.61
N GLY B 58 -45.36 -17.06 28.44
CA GLY B 58 -44.29 -16.11 28.19
C GLY B 58 -42.89 -16.71 28.11
N PHE B 59 -41.92 -15.89 28.51
CA PHE B 59 -40.52 -16.27 28.41
C PHE B 59 -40.33 -17.60 29.14
N PRO B 60 -39.63 -18.58 28.55
CA PRO B 60 -39.49 -19.88 29.23
C PRO B 60 -38.71 -19.73 30.53
N ILE B 61 -39.17 -20.45 31.56
CA ILE B 61 -38.48 -20.35 32.84
C ILE B 61 -37.12 -21.03 32.77
N THR B 62 -36.97 -22.06 31.92
CA THR B 62 -35.66 -22.66 31.72
C THR B 62 -34.66 -21.62 31.23
N ALA B 63 -35.08 -20.75 30.32
CA ALA B 63 -34.18 -19.71 29.85
C ALA B 63 -33.97 -18.63 30.91
N ILE B 64 -34.99 -18.33 31.70
CA ILE B 64 -34.82 -17.34 32.76
C ILE B 64 -33.76 -17.82 33.76
N ARG B 65 -33.78 -19.11 34.10
CA ARG B 65 -32.77 -19.66 34.99
C ARG B 65 -31.37 -19.56 34.37
N GLU B 66 -31.23 -19.93 33.10
CA GLU B 66 -29.92 -19.87 32.46
C GLU B 66 -29.41 -18.44 32.38
N ILE B 67 -30.31 -17.46 32.22
CA ILE B 67 -29.89 -16.06 32.20
C ILE B 67 -29.55 -15.58 33.61
N LYS B 68 -30.43 -15.89 34.58
CA LYS B 68 -30.25 -15.45 35.96
C LYS B 68 -28.98 -16.01 36.57
N ILE B 69 -28.70 -17.28 36.31
CA ILE B 69 -27.60 -17.96 37.00
C ILE B 69 -26.27 -17.64 36.33
N LEU B 70 -26.21 -17.72 35.01
CA LEU B 70 -24.93 -17.57 34.33
C LEU B 70 -24.39 -16.16 34.39
N ARG B 71 -25.26 -15.14 34.47
CA ARG B 71 -24.77 -13.78 34.66
C ARG B 71 -24.12 -13.58 36.03
N GLN B 72 -24.33 -14.51 36.96
CA GLN B 72 -23.69 -14.52 38.26
C GLN B 72 -22.41 -15.35 38.31
N LEU B 73 -22.33 -16.41 37.52
CA LEU B 73 -21.26 -17.38 37.62
C LEU B 73 -20.14 -17.05 36.63
N ILE B 74 -18.93 -16.92 37.15
CA ILE B 74 -17.74 -16.61 36.36
C ILE B 74 -16.66 -17.60 36.78
N HIS B 75 -16.44 -18.64 35.98
CA HIS B 75 -15.39 -19.62 36.25
C HIS B 75 -14.91 -20.19 34.92
N ARG B 76 -13.66 -20.67 34.91
CA ARG B 76 -13.09 -21.13 33.64
C ARG B 76 -13.86 -22.31 33.08
N SER B 77 -14.55 -23.05 33.95
CA SER B 77 -15.22 -24.29 33.61
C SER B 77 -16.73 -24.13 33.56
N VAL B 78 -17.21 -22.91 33.43
CA VAL B 78 -18.64 -22.63 33.33
C VAL B 78 -18.88 -21.82 32.07
N VAL B 79 -19.79 -22.31 31.22
CA VAL B 79 -20.04 -21.67 29.96
C VAL B 79 -20.48 -20.23 30.19
N ASN B 80 -20.02 -19.34 29.33
CA ASN B 80 -20.29 -17.91 29.45
C ASN B 80 -21.39 -17.48 28.47
N MET B 81 -22.34 -16.71 28.99
CA MET B 81 -23.32 -16.02 28.14
C MET B 81 -22.72 -14.66 27.80
N LYS B 82 -22.49 -14.39 26.52
CA LYS B 82 -21.82 -13.14 26.19
C LYS B 82 -22.83 -11.98 26.12
N GLU B 83 -24.01 -12.22 25.57
CA GLU B 83 -25.05 -11.17 25.49
C GLU B 83 -26.36 -11.83 25.06
N ILE B 84 -27.41 -11.02 24.97
CA ILE B 84 -28.70 -11.44 24.44
C ILE B 84 -29.08 -10.47 23.34
N VAL B 85 -29.45 -11.02 22.17
CA VAL B 85 -29.77 -10.23 20.99
C VAL B 85 -31.15 -10.64 20.50
N THR B 86 -31.70 -9.84 19.59
CA THR B 86 -33.08 -10.03 19.16
C THR B 86 -33.23 -10.00 17.64
N ASP B 87 -34.35 -10.58 17.19
CA ASP B 87 -34.81 -10.47 15.82
C ASP B 87 -35.19 -9.02 15.53
N LYS B 88 -35.19 -8.65 14.24
CA LYS B 88 -35.60 -7.29 13.88
C LYS B 88 -36.98 -7.05 14.49
N GLN B 89 -37.06 -6.14 15.47
CA GLN B 89 -38.31 -5.90 16.20
C GLN B 89 -39.23 -4.99 15.39
N ASP B 90 -40.53 -5.17 15.55
CA ASP B 90 -41.48 -4.29 14.86
C ASP B 90 -41.34 -2.90 15.46
N ALA B 91 -41.48 -1.88 14.62
CA ALA B 91 -41.35 -0.50 15.06
C ALA B 91 -42.67 0.11 15.51
N LEU B 92 -42.66 0.67 16.72
CA LEU B 92 -43.77 1.38 17.35
C LEU B 92 -45.02 0.52 17.58
N ASP B 93 -44.93 -0.80 17.47
CA ASP B 93 -46.07 -1.69 17.67
C ASP B 93 -45.55 -2.87 18.50
N PHE B 94 -45.29 -2.63 19.80
CA PHE B 94 -44.70 -3.67 20.64
C PHE B 94 -45.64 -4.87 20.80
N LYS B 95 -46.97 -4.66 20.75
CA LYS B 95 -47.91 -5.77 20.85
C LYS B 95 -47.81 -6.74 19.66
N LYS B 96 -47.68 -6.21 18.44
CA LYS B 96 -47.58 -7.11 17.28
C LYS B 96 -46.28 -7.92 17.30
N ASP B 97 -45.20 -7.36 17.82
CA ASP B 97 -43.90 -8.03 17.72
C ASP B 97 -43.96 -9.42 18.34
N LYS B 98 -43.53 -10.41 17.55
CA LYS B 98 -43.40 -11.79 18.02
C LYS B 98 -42.02 -12.30 17.70
N GLY B 99 -41.04 -11.41 17.60
CA GLY B 99 -39.71 -11.86 17.29
C GLY B 99 -39.13 -12.58 18.48
N ALA B 100 -38.01 -13.25 18.27
CA ALA B 100 -37.48 -14.09 19.32
C ALA B 100 -36.19 -13.46 19.80
N PHE B 101 -35.70 -13.99 20.91
CA PHE B 101 -34.45 -13.56 21.52
C PHE B 101 -33.45 -14.69 21.36
N TYR B 102 -32.17 -14.33 21.33
CA TYR B 102 -31.09 -15.29 21.18
C TYR B 102 -30.11 -15.08 22.31
N LEU B 103 -29.77 -16.16 23.02
CA LEU B 103 -28.77 -16.11 24.08
C LEU B 103 -27.41 -16.44 23.45
N VAL B 104 -26.51 -15.47 23.45
CA VAL B 104 -25.18 -15.66 22.84
C VAL B 104 -24.27 -16.35 23.85
N PHE B 105 -23.62 -17.42 23.40
CA PHE B 105 -22.66 -18.16 24.21
C PHE B 105 -21.38 -18.31 23.39
N GLU B 106 -20.27 -18.58 24.07
CA GLU B 106 -19.05 -18.98 23.38
C GLU B 106 -19.27 -20.32 22.69
N TYR B 107 -18.71 -20.47 21.50
CA TYR B 107 -18.89 -21.71 20.74
C TYR B 107 -17.84 -22.74 21.15
N MET B 108 -18.31 -23.94 21.52
CA MET B 108 -17.46 -25.06 21.88
C MET B 108 -17.46 -26.08 20.75
N ASP B 109 -16.27 -26.61 20.45
CA ASP B 109 -16.11 -27.44 19.26
C ASP B 109 -16.85 -28.76 19.37
N HIS B 110 -16.76 -29.43 20.51
CA HIS B 110 -17.30 -30.77 20.66
C HIS B 110 -18.09 -30.87 21.96
N ASP B 111 -18.79 -31.99 22.11
CA ASP B 111 -19.44 -32.36 23.36
C ASP B 111 -19.00 -33.75 23.76
N LEU B 112 -18.90 -33.98 25.07
CA LEU B 112 -18.32 -35.23 25.54
C LEU B 112 -19.02 -36.43 24.94
N MET B 113 -20.35 -36.37 24.83
CA MET B 113 -21.08 -37.49 24.26
C MET B 113 -20.72 -37.67 22.79
N GLY B 114 -20.67 -36.56 22.03
CA GLY B 114 -20.31 -36.65 20.63
C GLY B 114 -18.92 -37.21 20.41
N LEU B 115 -17.97 -36.82 21.28
CA LEU B 115 -16.63 -37.39 21.17
C LEU B 115 -16.63 -38.87 21.52
N LEU B 116 -17.43 -39.27 22.51
CA LEU B 116 -17.44 -40.68 22.91
C LEU B 116 -18.30 -41.54 21.99
N GLU B 117 -19.47 -41.03 21.55
CA GLU B 117 -20.33 -41.83 20.68
C GLU B 117 -19.59 -42.22 19.40
N SER B 118 -18.82 -41.29 18.82
CA SER B 118 -17.97 -41.64 17.69
C SER B 118 -16.96 -42.70 18.08
N GLY B 119 -16.65 -42.84 19.37
CA GLY B 119 -15.68 -43.82 19.82
C GLY B 119 -14.25 -43.45 19.52
N LEU B 120 -14.04 -42.23 19.06
CA LEU B 120 -12.77 -41.76 18.54
C LEU B 120 -11.79 -41.45 19.66
N VAL B 121 -12.25 -40.83 20.74
CA VAL B 121 -11.33 -40.29 21.73
C VAL B 121 -10.92 -41.43 22.64
N HIS B 122 -9.65 -41.45 22.99
CA HIS B 122 -9.10 -42.32 24.01
C HIS B 122 -8.50 -41.45 25.10
N PHE B 123 -8.94 -41.64 26.33
CA PHE B 123 -8.54 -40.81 27.46
C PHE B 123 -7.49 -41.55 28.27
N SER B 124 -6.33 -40.92 28.47
CA SER B 124 -5.32 -41.45 29.37
C SER B 124 -5.63 -40.97 30.78
N GLU B 125 -5.02 -41.65 31.77
CA GLU B 125 -5.26 -41.22 33.14
C GLU B 125 -5.01 -39.71 33.28
N ASP B 126 -3.95 -39.21 32.63
CA ASP B 126 -3.59 -37.80 32.72
C ASP B 126 -4.55 -36.89 31.98
N HIS B 127 -5.31 -37.42 31.01
CA HIS B 127 -6.38 -36.62 30.44
C HIS B 127 -7.58 -36.59 31.36
N ILE B 128 -7.93 -37.75 31.95
CA ILE B 128 -9.04 -37.81 32.88
C ILE B 128 -8.78 -36.94 34.09
N LYS B 129 -7.51 -36.83 34.51
CA LYS B 129 -7.17 -35.90 35.57
C LYS B 129 -7.45 -34.46 35.17
N SER B 130 -7.00 -34.06 33.97
CA SER B 130 -7.24 -32.70 33.53
C SER B 130 -8.73 -32.48 33.29
N PHE B 131 -9.42 -33.50 32.80
CA PHE B 131 -10.85 -33.40 32.54
C PHE B 131 -11.63 -33.21 33.85
N MET B 132 -11.43 -34.11 34.81
CA MET B 132 -12.23 -34.07 36.02
C MET B 132 -11.85 -32.92 36.94
N LYS B 133 -10.58 -32.53 36.95
CA LYS B 133 -10.20 -31.39 37.77
C LYS B 133 -10.97 -30.14 37.37
N GLN B 134 -11.09 -29.90 36.07
CA GLN B 134 -11.84 -28.74 35.61
C GLN B 134 -13.32 -28.88 35.93
N LEU B 135 -13.89 -30.04 35.62
CA LEU B 135 -15.31 -30.25 35.87
C LEU B 135 -15.63 -30.09 37.35
N MET B 136 -14.86 -30.74 38.22
CA MET B 136 -15.15 -30.65 39.64
C MET B 136 -14.80 -29.29 40.22
N GLU B 137 -13.78 -28.62 39.69
CA GLU B 137 -13.54 -27.24 40.12
C GLU B 137 -14.70 -26.35 39.72
N GLY B 138 -15.26 -26.55 38.53
CA GLY B 138 -16.42 -25.79 38.15
C GLY B 138 -17.61 -26.07 39.05
N LEU B 139 -17.87 -27.35 39.32
CA LEU B 139 -18.96 -27.69 40.23
C LEU B 139 -18.73 -27.09 41.60
N GLU B 140 -17.48 -27.08 42.07
CA GLU B 140 -17.16 -26.44 43.34
C GLU B 140 -17.54 -24.96 43.30
N TYR B 141 -17.20 -24.26 42.23
CA TYR B 141 -17.59 -22.85 42.13
C TYR B 141 -19.10 -22.72 42.26
N CYS B 142 -19.85 -23.53 41.51
CA CYS B 142 -21.30 -23.45 41.58
C CYS B 142 -21.82 -23.85 42.94
N HIS B 143 -21.25 -24.89 43.54
CA HIS B 143 -21.71 -25.34 44.84
C HIS B 143 -21.39 -24.31 45.92
N LYS B 144 -20.23 -23.67 45.86
CA LYS B 144 -19.91 -22.63 46.85
C LYS B 144 -20.88 -21.45 46.75
N LYS B 145 -21.43 -21.20 45.56
CA LYS B 145 -22.43 -20.17 45.33
C LYS B 145 -23.85 -20.67 45.57
N ASN B 146 -24.01 -21.85 46.16
CA ASN B 146 -25.31 -22.46 46.48
C ASN B 146 -26.19 -22.67 45.25
N PHE B 147 -25.59 -23.14 44.17
CA PHE B 147 -26.31 -23.47 42.94
C PHE B 147 -26.17 -24.95 42.61
N LEU B 148 -27.27 -25.59 42.21
CA LEU B 148 -27.27 -26.99 41.78
C LEU B 148 -27.56 -27.11 40.29
N HIS B 149 -26.69 -27.84 39.58
CA HIS B 149 -26.85 -28.01 38.14
C HIS B 149 -28.05 -28.89 37.78
N ARG B 150 -28.12 -30.08 38.35
CA ARG B 150 -29.28 -30.96 38.34
C ARG B 150 -29.48 -31.67 37.01
N ASP B 151 -28.58 -31.52 36.04
CA ASP B 151 -28.70 -32.29 34.81
C ASP B 151 -27.32 -32.57 34.24
N ILE B 152 -26.45 -33.19 35.05
CA ILE B 152 -25.07 -33.41 34.63
C ILE B 152 -25.09 -34.66 33.76
N LYS B 153 -24.90 -34.49 32.46
CA LYS B 153 -24.84 -35.62 31.54
C LYS B 153 -23.73 -35.36 30.53
N CYS B 154 -23.41 -36.39 29.75
CA CYS B 154 -22.35 -36.23 28.74
C CYS B 154 -22.70 -35.14 27.74
N SER B 155 -23.98 -35.03 27.37
CA SER B 155 -24.36 -34.04 26.37
C SER B 155 -24.10 -32.62 26.85
N ASN B 156 -24.10 -32.39 28.16
CA ASN B 156 -23.95 -31.04 28.71
C ASN B 156 -22.49 -30.66 29.00
N ILE B 157 -21.55 -31.59 28.90
CA ILE B 157 -20.14 -31.28 29.11
C ILE B 157 -19.52 -30.97 27.76
N LEU B 158 -19.03 -29.74 27.60
CA LEU B 158 -18.46 -29.29 26.35
C LEU B 158 -16.94 -29.20 26.44
N LEU B 159 -16.28 -29.65 25.36
CA LEU B 159 -14.84 -29.80 25.30
C LEU B 159 -14.30 -29.10 24.06
N ASN B 160 -13.20 -28.39 24.24
CA ASN B 160 -12.49 -27.80 23.11
C ASN B 160 -11.27 -28.64 22.75
N ASN B 161 -10.77 -28.43 21.53
CA ASN B 161 -9.59 -29.16 21.09
C ASN B 161 -8.42 -28.89 22.01
N SER B 162 -8.43 -27.71 22.64
CA SER B 162 -7.38 -27.29 23.55
C SER B 162 -7.41 -28.07 24.85
N GLY B 163 -8.53 -28.70 25.17
CA GLY B 163 -8.66 -29.40 26.43
C GLY B 163 -9.41 -28.67 27.51
N GLN B 164 -9.92 -27.49 27.22
CA GLN B 164 -10.73 -26.78 28.20
C GLN B 164 -12.11 -27.41 28.25
N ILE B 165 -12.64 -27.55 29.45
CA ILE B 165 -13.92 -28.19 29.70
C ILE B 165 -14.83 -27.13 30.29
N LYS B 166 -16.07 -27.07 29.83
CA LYS B 166 -17.06 -26.15 30.40
C LYS B 166 -18.38 -26.89 30.59
N LEU B 167 -19.08 -26.58 31.68
CA LEU B 167 -20.43 -27.06 31.94
C LEU B 167 -21.43 -26.11 31.30
N ALA B 168 -22.60 -26.64 30.88
CA ALA B 168 -23.41 -25.85 29.96
C ALA B 168 -24.90 -25.67 30.15
N ASP B 169 -25.70 -26.72 30.12
CA ASP B 169 -27.15 -26.58 30.17
C ASP B 169 -27.61 -26.40 31.62
N PHE B 170 -27.74 -25.16 32.07
CA PHE B 170 -28.26 -24.87 33.40
C PHE B 170 -29.79 -24.66 33.43
N GLY B 171 -30.52 -25.14 32.41
CA GLY B 171 -31.96 -24.92 32.37
C GLY B 171 -32.74 -25.44 33.57
N LEU B 172 -32.26 -26.51 34.21
CA LEU B 172 -32.89 -27.07 35.39
C LEU B 172 -32.20 -26.73 36.70
N ALA B 173 -31.35 -25.71 36.71
CA ALA B 173 -30.57 -25.36 37.90
C ALA B 173 -31.34 -24.37 38.80
N ARG B 174 -31.23 -24.59 40.12
CA ARG B 174 -31.90 -23.76 41.13
C ARG B 174 -31.01 -23.62 42.37
N LEU B 175 -31.26 -22.56 43.13
CA LEU B 175 -30.50 -22.27 44.34
C LEU B 175 -30.93 -23.15 45.51
N TYR B 176 -29.95 -23.57 46.32
CA TYR B 176 -30.18 -24.46 47.46
C TYR B 176 -29.66 -23.78 48.72
N ASN B 177 -30.52 -23.67 49.73
CA ASN B 177 -30.17 -23.21 51.06
C ASN B 177 -30.21 -24.42 51.99
N SER B 178 -29.09 -24.72 52.63
CA SER B 178 -29.02 -25.88 53.51
C SER B 178 -29.88 -25.70 54.75
N GLU B 179 -29.91 -24.49 55.32
CA GLU B 179 -30.67 -24.28 56.54
C GLU B 179 -32.15 -24.55 56.33
N GLU B 180 -32.67 -24.26 55.14
CA GLU B 180 -34.08 -24.47 54.82
C GLU B 180 -34.21 -25.62 53.83
N SER B 181 -34.88 -26.69 54.24
CA SER B 181 -35.27 -27.76 53.32
C SER B 181 -36.47 -27.29 52.48
N ARG B 182 -36.33 -27.35 51.15
CA ARG B 182 -37.36 -26.86 50.24
C ARG B 182 -37.88 -27.98 49.37
N PRO B 183 -39.20 -28.06 49.12
CA PRO B 183 -39.69 -29.11 48.23
C PRO B 183 -39.22 -28.88 46.79
N TYR B 184 -38.65 -29.93 46.18
CA TYR B 184 -38.12 -29.83 44.81
C TYR B 184 -38.73 -30.90 43.87
N ASN B 186 -38.49 -34.21 41.97
CA ASN B 186 -37.65 -35.39 42.22
C ASN B 186 -37.01 -35.99 40.96
N LYS B 187 -37.67 -35.87 39.82
CA LYS B 187 -37.20 -36.47 38.57
C LYS B 187 -36.45 -35.41 37.76
N VAL B 188 -35.27 -35.02 38.26
CA VAL B 188 -34.60 -33.89 37.61
C VAL B 188 -33.39 -34.27 36.76
N ILE B 189 -32.74 -35.42 37.03
CA ILE B 189 -31.53 -35.78 36.27
C ILE B 189 -31.81 -36.93 35.29
N THR B 190 -31.02 -36.97 34.20
CA THR B 190 -31.20 -38.01 33.17
C THR B 190 -31.02 -39.38 33.78
N LEU B 191 -31.84 -40.34 33.35
CA LEU B 191 -31.92 -41.61 34.07
C LEU B 191 -30.53 -42.23 34.26
N TRP B 192 -29.69 -42.21 33.22
CA TRP B 192 -28.38 -42.85 33.34
C TRP B 192 -27.53 -42.21 34.43
N TYR B 193 -27.62 -40.89 34.59
CA TYR B 193 -26.85 -40.17 35.58
C TYR B 193 -27.66 -39.77 36.81
N ARG B 194 -28.82 -40.41 37.03
CA ARG B 194 -29.64 -39.99 38.16
C ARG B 194 -29.10 -40.62 39.46
N PRO B 195 -29.03 -39.84 40.53
CA PRO B 195 -28.55 -40.39 41.81
C PRO B 195 -29.59 -41.31 42.42
N PRO B 196 -29.18 -42.18 43.33
CA PRO B 196 -30.16 -43.12 43.90
C PRO B 196 -31.29 -42.46 44.68
N GLU B 197 -31.00 -41.37 45.40
CA GLU B 197 -32.03 -40.70 46.18
C GLU B 197 -33.17 -40.22 45.28
N LEU B 198 -32.85 -39.64 44.12
CA LEU B 198 -33.89 -39.16 43.22
C LEU B 198 -34.65 -40.32 42.57
N LEU B 199 -33.98 -41.45 42.35
CA LEU B 199 -34.67 -42.65 41.87
C LEU B 199 -35.62 -43.22 42.91
N LEU B 200 -35.29 -43.11 44.19
CA LEU B 200 -36.14 -43.55 45.28
C LEU B 200 -37.10 -42.45 45.74
N GLY B 201 -37.19 -41.36 44.99
CA GLY B 201 -38.24 -40.37 45.20
C GLY B 201 -37.87 -39.20 46.08
N GLU B 202 -36.58 -39.00 46.33
CA GLU B 202 -36.15 -37.96 47.26
C GLU B 202 -36.41 -36.57 46.71
N GLU B 203 -37.09 -35.76 47.51
CA GLU B 203 -37.22 -34.32 47.37
C GLU B 203 -36.37 -33.63 48.43
N ARG B 204 -36.08 -32.35 48.19
CA ARG B 204 -35.24 -31.60 49.11
C ARG B 204 -33.83 -32.17 49.08
N TYR B 205 -33.34 -32.43 47.87
CA TYR B 205 -32.12 -33.21 47.67
C TYR B 205 -30.89 -32.33 47.88
N THR B 206 -29.78 -32.98 48.17
CA THR B 206 -28.54 -32.29 48.45
C THR B 206 -27.86 -31.91 47.15
N PRO B 207 -26.82 -31.06 47.22
CA PRO B 207 -25.99 -30.84 46.03
C PRO B 207 -25.17 -32.05 45.63
N ALA B 208 -25.17 -33.10 46.46
CA ALA B 208 -24.45 -34.32 46.15
C ALA B 208 -25.08 -35.09 45.00
N ILE B 209 -26.27 -34.70 44.55
CA ILE B 209 -26.85 -35.35 43.38
C ILE B 209 -25.96 -35.12 42.17
N ASP B 210 -25.37 -33.93 42.07
CA ASP B 210 -24.48 -33.64 40.95
C ASP B 210 -23.20 -34.46 41.06
N VAL B 211 -22.71 -34.68 42.28
CA VAL B 211 -21.50 -35.47 42.45
C VAL B 211 -21.70 -36.88 41.92
N TRP B 212 -22.87 -37.48 42.19
CA TRP B 212 -23.15 -38.81 41.67
C TRP B 212 -23.02 -38.84 40.16
N SER B 213 -23.63 -37.86 39.50
CA SER B 213 -23.56 -37.78 38.04
C SER B 213 -22.11 -37.71 37.59
N CYS B 214 -21.32 -36.86 38.23
CA CYS B 214 -19.92 -36.71 37.84
C CYS B 214 -19.14 -38.00 38.07
N GLY B 215 -19.52 -38.77 39.09
CA GLY B 215 -18.89 -40.06 39.29
C GLY B 215 -19.22 -41.04 38.18
N CYS B 216 -20.48 -41.08 37.76
CA CYS B 216 -20.86 -41.91 36.62
C CYS B 216 -19.99 -41.59 35.42
N ILE B 217 -19.72 -40.31 35.21
CA ILE B 217 -18.85 -39.88 34.12
C ILE B 217 -17.42 -40.33 34.38
N LEU B 218 -16.95 -40.19 35.62
CA LEU B 218 -15.59 -40.60 35.93
C LEU B 218 -15.34 -42.04 35.51
N GLY B 219 -16.27 -42.94 35.84
CA GLY B 219 -16.13 -44.31 35.41
C GLY B 219 -16.32 -44.46 33.91
N GLU B 220 -17.21 -43.66 33.33
CA GLU B 220 -17.46 -43.75 31.90
C GLU B 220 -16.23 -43.36 31.09
N LEU B 221 -15.37 -42.50 31.65
CA LEU B 221 -14.16 -42.13 30.94
C LEU B 221 -13.16 -43.28 30.90
N PHE B 222 -13.12 -44.09 31.96
CA PHE B 222 -12.23 -45.25 31.97
C PHE B 222 -12.80 -46.40 31.14
N THR B 223 -14.10 -46.68 31.27
CA THR B 223 -14.67 -47.82 30.55
C THR B 223 -14.97 -47.50 29.09
N LYS B 224 -15.26 -46.24 28.77
CA LYS B 224 -15.72 -45.76 27.47
C LYS B 224 -17.19 -46.09 27.23
N LYS B 225 -17.91 -46.60 28.23
CA LYS B 225 -19.34 -46.93 28.13
C LYS B 225 -20.03 -46.47 29.41
N PRO B 226 -21.24 -45.90 29.31
CA PRO B 226 -21.94 -45.50 30.54
C PRO B 226 -22.08 -46.66 31.51
N ILE B 227 -22.13 -46.33 32.79
CA ILE B 227 -22.11 -47.37 33.82
C ILE B 227 -23.51 -47.96 34.04
N PHE B 228 -24.50 -47.10 34.22
CA PHE B 228 -25.85 -47.52 34.56
C PHE B 228 -26.75 -47.13 33.40
N GLN B 229 -27.02 -48.10 32.53
CA GLN B 229 -27.85 -47.89 31.36
C GLN B 229 -29.13 -48.68 31.55
N ALA B 230 -30.24 -47.97 31.72
CA ALA B 230 -31.54 -48.61 31.91
C ALA B 230 -32.57 -47.75 31.22
N ASN B 231 -33.79 -48.31 31.08
CA ASN B 231 -34.88 -47.56 30.48
C ASN B 231 -35.91 -47.14 31.50
N LEU B 232 -36.00 -47.83 32.63
CA LEU B 232 -37.02 -47.58 33.63
C LEU B 232 -36.36 -47.39 34.98
N GLU B 233 -37.04 -46.61 35.83
CA GLU B 233 -36.46 -46.22 37.11
C GLU B 233 -36.11 -47.43 37.98
N LEU B 234 -36.93 -48.49 37.92
CA LEU B 234 -36.62 -49.66 38.72
C LEU B 234 -35.39 -50.39 38.21
N ALA B 235 -35.30 -50.61 36.89
CA ALA B 235 -34.14 -51.29 36.32
C ALA B 235 -32.86 -50.55 36.64
N GLN B 236 -32.93 -49.22 36.74
CA GLN B 236 -31.76 -48.41 37.07
C GLN B 236 -31.32 -48.67 38.50
N LEU B 237 -32.26 -48.68 39.44
CA LEU B 237 -31.92 -48.99 40.83
C LEU B 237 -31.31 -50.37 40.94
N GLU B 238 -31.78 -51.31 40.11
CA GLU B 238 -31.21 -52.67 40.11
C GLU B 238 -29.75 -52.64 39.66
N LEU B 239 -29.45 -51.91 38.58
CA LEU B 239 -28.08 -51.84 38.11
C LEU B 239 -27.18 -51.16 39.13
N ILE B 240 -27.61 -50.01 39.65
CA ILE B 240 -26.84 -49.35 40.71
C ILE B 240 -26.63 -50.32 41.88
N SER B 241 -27.67 -51.05 42.25
CA SER B 241 -27.57 -51.97 43.37
C SER B 241 -26.61 -53.12 43.06
N ARG B 242 -26.60 -53.60 41.82
CA ARG B 242 -25.68 -54.70 41.52
C ARG B 242 -24.24 -54.28 41.77
N LEU B 243 -23.94 -52.99 41.55
CA LEU B 243 -22.59 -52.48 41.68
C LEU B 243 -22.33 -51.88 43.06
N CYS B 244 -23.20 -50.97 43.51
CA CYS B 244 -22.95 -50.20 44.73
C CYS B 244 -23.52 -50.84 45.98
N GLY B 245 -24.37 -51.84 45.84
CA GLY B 245 -25.07 -52.41 46.96
C GLY B 245 -26.50 -51.91 47.05
N SER B 246 -27.38 -52.77 47.53
CA SER B 246 -28.78 -52.40 47.63
C SER B 246 -28.95 -51.33 48.69
N PRO B 247 -29.79 -50.32 48.46
CA PRO B 247 -30.13 -49.41 49.57
C PRO B 247 -30.61 -50.26 50.73
N CYS B 248 -29.94 -50.12 51.86
CA CYS B 248 -30.27 -50.93 53.03
C CYS B 248 -30.14 -49.98 54.22
N PRO B 249 -30.79 -50.30 55.32
CA PRO B 249 -30.71 -49.36 56.46
C PRO B 249 -29.29 -49.11 56.96
N ALA B 250 -28.41 -50.11 56.87
CA ALA B 250 -27.06 -49.97 57.43
C ALA B 250 -26.21 -48.94 56.67
N VAL B 251 -26.23 -48.99 55.35
CA VAL B 251 -25.36 -48.07 54.63
C VAL B 251 -26.02 -46.71 54.45
N TRP B 252 -27.35 -46.65 54.56
CA TRP B 252 -28.15 -45.45 54.28
C TRP B 252 -29.20 -45.39 55.38
N PRO B 253 -28.87 -44.78 56.53
CA PRO B 253 -29.78 -44.90 57.67
C PRO B 253 -31.17 -44.35 57.39
N ASP B 254 -31.26 -43.26 56.62
CA ASP B 254 -32.52 -42.58 56.38
C ASP B 254 -33.21 -43.09 55.12
N VAL B 255 -32.75 -44.19 54.54
CA VAL B 255 -33.39 -44.71 53.33
C VAL B 255 -34.83 -45.07 53.64
N ILE B 256 -35.12 -45.42 54.89
CA ILE B 256 -36.47 -45.75 55.31
C ILE B 256 -37.40 -44.56 55.26
N ARG B 257 -36.85 -43.35 55.14
CA ARG B 257 -37.65 -42.14 55.07
C ARG B 257 -38.00 -41.75 53.64
N LEU B 258 -37.41 -42.40 52.64
CA LEU B 258 -37.67 -42.01 51.27
C LEU B 258 -38.99 -42.61 50.79
N PRO B 259 -39.69 -41.92 49.88
CA PRO B 259 -41.05 -42.35 49.54
C PRO B 259 -41.14 -43.77 49.02
N TYR B 260 -40.18 -44.24 48.22
CA TYR B 260 -40.33 -45.50 47.52
C TYR B 260 -39.41 -46.61 48.04
N PHE B 261 -38.81 -46.46 49.21
CA PHE B 261 -37.85 -47.46 49.67
C PHE B 261 -38.47 -48.84 49.77
N ASN B 262 -39.63 -48.94 50.40
CA ASN B 262 -40.33 -50.22 50.50
C ASN B 262 -40.87 -50.66 49.15
N THR B 263 -41.23 -49.71 48.29
CA THR B 263 -41.80 -50.03 46.99
C THR B 263 -40.77 -50.63 46.04
N MET B 264 -39.64 -49.92 45.84
CA MET B 264 -38.69 -50.27 44.79
C MET B 264 -37.55 -51.14 45.33
N LYS B 265 -37.90 -52.35 45.74
CA LYS B 265 -36.82 -53.23 46.20
C LYS B 265 -36.10 -53.86 45.02
N PRO B 266 -34.76 -53.94 45.07
CA PRO B 266 -34.03 -54.71 44.04
C PRO B 266 -34.19 -56.20 44.24
N LYS B 267 -33.83 -56.96 43.20
CA LYS B 267 -34.00 -58.41 43.24
C LYS B 267 -33.43 -59.01 44.52
N LYS B 268 -32.25 -58.56 44.93
CA LYS B 268 -31.57 -59.07 46.11
C LYS B 268 -31.14 -57.89 46.98
N GLN B 269 -30.62 -58.21 48.17
CA GLN B 269 -29.85 -57.25 48.96
C GLN B 269 -28.39 -57.50 48.59
N TYR B 270 -27.94 -56.83 47.53
CA TYR B 270 -26.63 -57.07 46.95
C TYR B 270 -25.54 -56.50 47.86
N ARG B 271 -24.33 -57.05 47.72
CA ARG B 271 -23.14 -56.52 48.36
C ARG B 271 -22.41 -55.63 47.36
N ARG B 272 -21.71 -54.61 47.88
CA ARG B 272 -20.99 -53.69 47.02
C ARG B 272 -19.81 -54.41 46.37
N ARG B 273 -19.71 -54.26 45.04
CA ARG B 273 -18.62 -54.85 44.27
C ARG B 273 -17.86 -53.79 43.48
N LEU B 274 -18.10 -52.50 43.75
CA LEU B 274 -17.55 -51.44 42.91
C LEU B 274 -16.06 -51.63 42.70
N ARG B 275 -15.33 -51.91 43.78
CA ARG B 275 -13.88 -52.08 43.66
C ARG B 275 -13.50 -53.32 42.84
N GLU B 276 -14.35 -54.33 42.83
CA GLU B 276 -14.03 -55.53 42.07
C GLU B 276 -14.28 -55.33 40.58
N GLU B 277 -15.47 -54.87 40.19
CA GLU B 277 -15.77 -54.71 38.78
C GLU B 277 -14.93 -53.60 38.16
N PHE B 278 -14.41 -52.66 38.97
CA PHE B 278 -13.51 -51.62 38.47
C PHE B 278 -12.05 -51.85 38.89
N SER B 279 -11.61 -53.11 38.97
CA SER B 279 -10.24 -53.37 39.41
C SER B 279 -9.22 -52.76 38.43
N PHE B 280 -9.58 -52.65 37.14
CA PHE B 280 -8.66 -52.12 36.15
C PHE B 280 -8.39 -50.62 36.34
N ILE B 281 -9.25 -49.91 37.07
CA ILE B 281 -9.03 -48.47 37.31
C ILE B 281 -7.85 -48.26 38.24
N PRO B 282 -7.05 -47.21 38.04
CA PRO B 282 -5.96 -46.93 38.99
C PRO B 282 -6.45 -46.71 40.42
N SER B 283 -5.57 -47.05 41.36
CA SER B 283 -5.93 -47.02 42.77
C SER B 283 -6.36 -45.62 43.20
N ALA B 284 -5.69 -44.59 42.67
CA ALA B 284 -6.08 -43.22 43.00
C ALA B 284 -7.50 -42.93 42.53
N ALA B 285 -7.85 -43.36 41.32
CA ALA B 285 -9.18 -43.07 40.80
C ALA B 285 -10.24 -43.95 41.45
N LEU B 286 -9.96 -45.24 41.63
CA LEU B 286 -10.98 -46.14 42.19
C LEU B 286 -11.47 -45.62 43.53
N ASP B 287 -10.59 -45.02 44.34
CA ASP B 287 -11.04 -44.36 45.56
C ASP B 287 -12.01 -43.22 45.26
N LEU B 288 -11.66 -42.37 44.29
CA LEU B 288 -12.54 -41.27 43.92
C LEU B 288 -13.88 -41.80 43.44
N LEU B 289 -13.87 -42.82 42.58
CA LEU B 289 -15.13 -43.40 42.12
C LEU B 289 -15.93 -43.97 43.27
N ASP B 290 -15.28 -44.71 44.17
CA ASP B 290 -15.98 -45.31 45.29
C ASP B 290 -16.67 -44.26 46.15
N HIS B 291 -16.00 -43.12 46.38
CA HIS B 291 -16.56 -42.09 47.25
C HIS B 291 -17.61 -41.25 46.54
N MET B 292 -17.46 -41.07 45.22
CA MET B 292 -18.44 -40.30 44.48
C MET B 292 -19.72 -41.11 44.29
N LEU B 293 -19.61 -42.43 44.16
CA LEU B 293 -20.77 -43.28 43.96
C LEU B 293 -21.19 -43.97 45.25
N THR B 294 -21.20 -43.23 46.35
CA THR B 294 -21.70 -43.73 47.62
C THR B 294 -23.19 -43.48 47.70
N LEU B 295 -23.94 -44.49 48.14
CA LEU B 295 -25.39 -44.42 48.11
C LEU B 295 -25.91 -43.27 48.96
N ASP B 296 -25.42 -43.17 50.18
CA ASP B 296 -25.94 -42.18 51.12
C ASP B 296 -25.47 -40.78 50.76
N PRO B 297 -26.38 -39.83 50.48
CA PRO B 297 -25.93 -38.47 50.14
C PRO B 297 -25.09 -37.81 51.23
N SER B 298 -25.27 -38.22 52.48
CA SER B 298 -24.49 -37.64 53.57
C SER B 298 -23.09 -38.22 53.66
N LYS B 299 -22.86 -39.37 53.05
CA LYS B 299 -21.55 -40.00 52.99
C LYS B 299 -20.88 -39.83 51.63
N ARG B 300 -21.61 -39.30 50.65
CA ARG B 300 -21.03 -38.99 49.35
C ARG B 300 -20.18 -37.72 49.44
N CYS B 301 -18.98 -37.80 48.89
CA CYS B 301 -18.02 -36.71 48.96
C CYS B 301 -18.56 -35.43 48.33
N THR B 302 -17.93 -34.32 48.71
CA THR B 302 -18.28 -33.02 48.16
C THR B 302 -17.39 -32.70 46.97
N ALA B 303 -17.68 -31.58 46.31
CA ALA B 303 -16.79 -31.16 45.21
C ALA B 303 -15.39 -30.90 45.72
N GLU B 304 -15.28 -30.17 46.83
CA GLU B 304 -13.96 -29.84 47.37
C GLU B 304 -13.19 -31.11 47.73
N GLN B 305 -13.87 -32.10 48.31
CA GLN B 305 -13.19 -33.33 48.71
C GLN B 305 -12.56 -34.02 47.51
N THR B 306 -13.21 -33.94 46.35
CA THR B 306 -12.63 -34.52 45.13
C THR B 306 -11.39 -33.76 44.68
N LEU B 307 -11.36 -32.43 44.89
CA LEU B 307 -10.17 -31.65 44.53
C LEU B 307 -9.03 -31.83 45.53
N GLN B 308 -9.32 -32.31 46.74
CA GLN B 308 -8.33 -32.65 47.75
C GLN B 308 -8.18 -34.17 47.85
N SER B 309 -8.16 -34.82 46.69
CA SER B 309 -7.98 -36.26 46.56
C SER B 309 -6.62 -36.56 45.93
N ASP B 310 -6.12 -37.75 46.22
CA ASP B 310 -4.86 -38.18 45.63
C ASP B 310 -4.90 -38.15 44.11
N PHE B 311 -6.09 -38.25 43.51
CA PHE B 311 -6.19 -38.25 42.06
C PHE B 311 -6.10 -36.86 41.48
N LEU B 312 -6.93 -35.94 41.96
CA LEU B 312 -7.08 -34.64 41.31
C LEU B 312 -6.33 -33.51 41.99
N LYS B 313 -5.76 -33.74 43.18
CA LYS B 313 -5.18 -32.63 43.93
C LYS B 313 -3.91 -32.09 43.28
N ASP B 314 -2.99 -32.96 42.90
CA ASP B 314 -1.68 -32.58 42.42
C ASP B 314 -1.67 -32.41 40.92
N VAL B 315 -2.84 -32.38 40.30
CA VAL B 315 -2.96 -32.18 38.86
C VAL B 315 -2.71 -30.70 38.59
N GLU B 316 -1.65 -30.39 37.83
CA GLU B 316 -1.34 -28.99 37.55
C GLU B 316 -2.25 -28.60 36.38
N LEU B 317 -3.05 -27.56 36.58
CA LEU B 317 -4.03 -27.23 35.56
C LEU B 317 -3.46 -26.46 34.38
N SER B 318 -2.29 -25.85 34.53
CA SER B 318 -1.64 -25.20 33.39
C SER B 318 -1.32 -26.20 32.29
N LYS B 319 -0.95 -27.42 32.65
CA LYS B 319 -0.62 -28.46 31.66
C LYS B 319 -1.90 -29.20 31.24
N MET B 320 -2.84 -28.43 30.71
CA MET B 320 -4.05 -29.01 30.13
C MET B 320 -3.65 -29.96 29.01
N ALA B 321 -4.19 -31.17 29.03
CA ALA B 321 -3.83 -32.17 28.04
C ALA B 321 -4.95 -32.35 27.04
N PRO B 322 -4.70 -32.14 25.75
CA PRO B 322 -5.75 -32.38 24.75
C PRO B 322 -6.13 -33.85 24.71
N PRO B 323 -7.44 -34.16 24.65
CA PRO B 323 -7.85 -35.57 24.50
C PRO B 323 -7.36 -36.13 23.17
N ASP B 324 -7.21 -37.45 23.10
CA ASP B 324 -6.66 -38.06 21.90
C ASP B 324 -7.72 -37.96 20.82
N LEU B 325 -7.60 -36.97 19.94
CA LEU B 325 -8.59 -36.75 18.91
C LEU B 325 -8.03 -37.29 17.60
N PRO B 326 -8.54 -38.42 17.09
CA PRO B 326 -8.02 -39.02 15.85
C PRO B 326 -8.74 -38.54 14.59
N HIS B 327 -8.48 -37.28 14.24
CA HIS B 327 -9.09 -36.69 13.05
C HIS B 327 -8.63 -37.41 11.78
N TRP B 328 -7.33 -37.73 11.68
CA TRP B 328 -6.82 -38.39 10.48
C TRP B 328 -7.11 -39.88 10.44
N GLN B 329 -7.63 -40.47 11.53
CA GLN B 329 -7.91 -41.90 11.54
C GLN B 329 -8.80 -42.30 10.36
N ASP B 330 -9.99 -41.73 10.29
CA ASP B 330 -10.94 -42.13 9.26
C ASP B 330 -10.40 -41.87 7.86
N CYS B 331 -9.67 -40.76 7.69
CA CYS B 331 -9.09 -40.44 6.38
C CYS B 331 -8.15 -41.56 5.94
N THR C 24 -19.93 -4.85 31.58
CA THR C 24 -20.29 -6.08 32.26
C THR C 24 -21.72 -6.06 32.81
N LYS C 25 -21.93 -5.49 34.02
CA LYS C 25 -23.26 -5.44 34.63
C LYS C 25 -23.76 -4.00 34.76
N PRO C 26 -25.07 -3.77 34.59
CA PRO C 26 -25.58 -2.40 34.50
C PRO C 26 -25.63 -1.67 35.84
N CYS C 27 -25.64 -0.33 35.74
CA CYS C 27 -25.73 0.53 36.92
C CYS C 27 -27.19 0.85 37.19
N TRP C 28 -27.69 0.47 38.36
CA TRP C 28 -29.12 0.61 38.64
C TRP C 28 -29.45 1.64 39.71
N TYR C 29 -28.59 2.64 39.91
CA TYR C 29 -28.82 3.62 40.96
C TYR C 29 -28.64 5.02 40.39
N TRP C 30 -29.56 5.90 40.75
CA TRP C 30 -29.57 7.30 40.33
C TRP C 30 -29.53 8.18 41.59
N ASP C 31 -29.19 9.46 41.40
CA ASP C 31 -29.24 10.45 42.47
C ASP C 31 -30.63 11.08 42.56
N LYS C 32 -31.01 11.48 43.78
CA LYS C 32 -32.32 12.08 43.99
C LYS C 32 -32.61 13.18 42.98
N LYS C 33 -31.62 14.02 42.69
CA LYS C 33 -31.81 15.10 41.74
C LYS C 33 -32.22 14.58 40.38
N ASP C 34 -31.76 13.38 40.02
CA ASP C 34 -32.04 12.83 38.70
C ASP C 34 -33.50 12.44 38.55
N LEU C 35 -34.19 12.17 39.65
CA LEU C 35 -35.58 11.74 39.60
C LEU C 35 -36.52 12.84 39.11
N ALA C 36 -36.07 14.11 39.16
CA ALA C 36 -36.83 15.22 38.59
C ALA C 36 -36.85 15.24 37.08
N HIS C 37 -36.04 14.40 36.44
CA HIS C 37 -35.92 14.33 35.00
C HIS C 37 -36.33 12.95 34.50
N THR C 38 -37.23 12.27 35.22
CA THR C 38 -37.77 11.02 34.72
C THR C 38 -38.72 11.31 33.55
N PRO C 39 -38.86 10.34 32.64
CA PRO C 39 -39.74 10.55 31.47
C PRO C 39 -41.13 11.03 31.84
N SER C 40 -41.70 10.44 32.91
CA SER C 40 -43.03 10.82 33.33
C SER C 40 -43.07 12.29 33.69
N GLN C 41 -42.08 12.76 34.43
CA GLN C 41 -42.01 14.17 34.77
C GLN C 41 -41.95 15.04 33.52
N LEU C 42 -41.13 14.66 32.56
CA LEU C 42 -40.92 15.52 31.40
C LEU C 42 -42.09 15.51 30.44
N GLU C 43 -43.02 14.56 30.58
CA GLU C 43 -44.26 14.63 29.83
C GLU C 43 -45.32 15.44 30.54
N GLY C 44 -45.00 16.02 31.71
CA GLY C 44 -45.90 16.91 32.41
C GLY C 44 -46.45 16.43 33.73
N LEU C 45 -46.13 15.23 34.18
CA LEU C 45 -46.57 14.76 35.47
C LEU C 45 -45.87 15.55 36.57
N ASP C 46 -46.61 15.96 37.59
CA ASP C 46 -45.97 16.71 38.67
C ASP C 46 -45.30 15.73 39.63
N PRO C 47 -44.28 16.19 40.37
CA PRO C 47 -43.50 15.22 41.16
C PRO C 47 -44.38 14.42 42.12
N ALA C 48 -45.31 15.11 42.78
CA ALA C 48 -46.17 14.43 43.75
C ALA C 48 -46.95 13.31 43.07
N THR C 49 -47.49 13.57 41.87
CA THR C 49 -48.29 12.58 41.18
C THR C 49 -47.46 11.37 40.77
N GLU C 50 -46.22 11.59 40.30
CA GLU C 50 -45.42 10.41 39.95
C GLU C 50 -45.18 9.56 41.19
N ALA C 51 -44.88 10.21 42.33
CA ALA C 51 -44.66 9.47 43.58
C ALA C 51 -45.91 8.71 43.99
N ARG C 52 -47.08 9.34 43.88
CA ARG C 52 -48.32 8.65 44.19
C ARG C 52 -48.51 7.47 43.26
N TYR C 53 -48.23 7.66 41.96
CA TYR C 53 -48.33 6.52 41.05
C TYR C 53 -47.34 5.43 41.44
N ARG C 54 -46.13 5.82 41.88
CA ARG C 54 -45.14 4.82 42.27
C ARG C 54 -45.60 4.03 43.49
N ARG C 55 -46.15 4.70 44.49
CA ARG C 55 -46.66 3.99 45.66
C ARG C 55 -47.82 3.06 45.28
N GLU C 56 -48.79 3.59 44.54
CA GLU C 56 -49.96 2.82 44.15
C GLU C 56 -49.55 1.59 43.37
N GLY C 57 -48.62 1.75 42.44
CA GLY C 57 -48.15 0.61 41.68
C GLY C 57 -47.43 -0.40 42.56
N ALA C 58 -46.54 0.08 43.43
CA ALA C 58 -45.83 -0.84 44.31
C ALA C 58 -46.80 -1.55 45.24
N ARG C 59 -47.70 -0.82 45.87
CA ARG C 59 -48.65 -1.42 46.81
C ARG C 59 -49.59 -2.40 46.10
N PHE C 60 -50.00 -2.07 44.87
CA PHE C 60 -50.74 -3.01 44.03
C PHE C 60 -49.96 -4.31 43.88
N ILE C 61 -48.68 -4.21 43.53
CA ILE C 61 -47.85 -5.42 43.41
C ILE C 61 -47.83 -6.18 44.73
N PHE C 62 -47.68 -5.46 45.84
CA PHE C 62 -47.59 -6.09 47.15
C PHE C 62 -48.90 -6.80 47.50
N ASP C 63 -50.02 -6.10 47.32
CA ASP C 63 -51.30 -6.66 47.71
C ASP C 63 -51.65 -7.87 46.87
N VAL C 64 -51.43 -7.78 45.56
CA VAL C 64 -51.76 -8.91 44.69
C VAL C 64 -50.95 -10.14 45.08
N GLY C 65 -49.63 -9.97 45.22
CA GLY C 65 -48.79 -11.11 45.54
C GLY C 65 -49.08 -11.70 46.91
N THR C 66 -49.45 -10.85 47.87
CA THR C 66 -49.80 -11.34 49.20
C THR C 66 -51.03 -12.25 49.14
N ARG C 67 -52.03 -11.86 48.35
CA ARG C 67 -53.20 -12.72 48.17
C ARG C 67 -52.82 -14.05 47.54
N LEU C 68 -51.88 -14.03 46.61
CA LEU C 68 -51.40 -15.25 45.95
C LEU C 68 -50.43 -16.03 46.82
N GLY C 69 -50.09 -15.53 48.00
CA GLY C 69 -49.21 -16.25 48.90
C GLY C 69 -47.74 -16.14 48.57
N LEU C 70 -47.32 -15.07 47.90
CA LEU C 70 -45.97 -15.03 47.39
C LEU C 70 -44.97 -14.65 48.46
N HIS C 71 -43.77 -15.23 48.32
CA HIS C 71 -42.64 -14.93 49.16
C HIS C 71 -42.32 -13.44 49.13
N TYR C 72 -41.74 -12.93 50.23
CA TYR C 72 -41.46 -11.50 50.29
C TYR C 72 -40.45 -11.07 49.24
N ASP C 73 -39.47 -11.95 48.93
CA ASP C 73 -38.51 -11.61 47.89
C ASP C 73 -39.19 -11.47 46.53
N THR C 74 -40.17 -12.33 46.25
CA THR C 74 -40.87 -12.22 44.98
C THR C 74 -41.60 -10.89 44.86
N LEU C 75 -42.25 -10.45 45.95
CA LEU C 75 -42.92 -9.16 45.92
C LEU C 75 -41.93 -8.03 45.66
N ALA C 76 -40.78 -8.05 46.36
CA ALA C 76 -39.81 -6.98 46.21
C ALA C 76 -39.22 -6.96 44.81
N THR C 77 -38.85 -8.12 44.27
CA THR C 77 -38.30 -8.17 42.92
C THR C 77 -39.24 -7.53 41.91
N GLY C 78 -40.53 -7.85 42.00
CA GLY C 78 -41.49 -7.18 41.12
C GLY C 78 -41.44 -5.67 41.31
N ILE C 79 -41.41 -5.22 42.56
CA ILE C 79 -41.45 -3.79 42.85
C ILE C 79 -40.18 -3.11 42.34
N ILE C 80 -39.05 -3.81 42.37
CA ILE C 80 -37.81 -3.21 41.88
C ILE C 80 -37.84 -3.13 40.36
N TYR C 81 -38.26 -4.21 39.70
CA TYR C 81 -38.50 -4.16 38.26
C TYR C 81 -39.37 -2.97 37.92
N PHE C 82 -40.49 -2.83 38.65
CA PHE C 82 -41.44 -1.75 38.41
C PHE C 82 -40.78 -0.40 38.55
N HIS C 83 -40.12 -0.14 39.68
CA HIS C 83 -39.51 1.18 39.89
C HIS C 83 -38.47 1.50 38.82
N ARG C 84 -37.66 0.52 38.47
CA ARG C 84 -36.67 0.74 37.42
C ARG C 84 -37.33 1.03 36.09
N PHE C 85 -38.41 0.31 35.78
CA PHE C 85 -39.13 0.53 34.52
C PHE C 85 -39.44 2.01 34.30
N TYR C 86 -40.03 2.66 35.30
CA TYR C 86 -40.47 4.04 35.12
C TYR C 86 -39.35 5.06 35.29
N MET C 87 -38.10 4.58 35.35
CA MET C 87 -36.95 5.43 35.07
C MET C 87 -36.61 5.50 33.59
N PHE C 88 -37.15 4.57 32.79
CA PHE C 88 -36.92 4.53 31.35
C PHE C 88 -38.17 4.80 30.52
N HIS C 89 -39.36 4.83 31.14
CA HIS C 89 -40.62 5.01 30.43
C HIS C 89 -41.50 5.96 31.22
N SER C 90 -42.57 6.43 30.57
CA SER C 90 -43.46 7.39 31.19
C SER C 90 -44.77 6.73 31.63
N PHE C 91 -45.28 7.18 32.78
CA PHE C 91 -46.55 6.68 33.26
C PHE C 91 -47.70 6.99 32.32
N LYS C 92 -47.62 8.10 31.57
CA LYS C 92 -48.75 8.48 30.75
C LYS C 92 -48.96 7.54 29.57
N GLN C 93 -47.91 6.89 29.09
CA GLN C 93 -47.99 5.98 27.97
C GLN C 93 -48.01 4.50 28.37
N PHE C 94 -47.56 4.15 29.57
CA PHE C 94 -47.57 2.78 30.07
C PHE C 94 -48.36 2.69 31.36
N PRO C 95 -49.54 2.08 31.37
CA PRO C 95 -50.39 2.07 32.58
C PRO C 95 -49.75 1.36 33.77
N ARG C 96 -49.93 1.96 34.96
CA ARG C 96 -49.16 1.51 36.12
C ARG C 96 -49.61 0.13 36.61
N TYR C 97 -50.92 -0.11 36.68
CA TYR C 97 -51.39 -1.39 37.20
C TYR C 97 -51.10 -2.53 36.25
N VAL C 98 -51.06 -2.25 34.94
CA VAL C 98 -50.65 -3.27 33.99
C VAL C 98 -49.18 -3.61 34.18
N THR C 99 -48.32 -2.59 34.22
CA THR C 99 -46.90 -2.81 34.44
C THR C 99 -46.67 -3.63 35.71
N GLY C 100 -47.30 -3.22 36.80
CA GLY C 100 -47.14 -3.95 38.06
C GLY C 100 -47.46 -5.42 37.92
N ALA C 101 -48.62 -5.74 37.36
CA ALA C 101 -49.00 -7.13 37.14
C ALA C 101 -47.93 -7.86 36.33
N CYS C 102 -47.41 -7.21 35.28
CA CYS C 102 -46.36 -7.81 34.48
C CYS C 102 -45.09 -8.04 35.31
N CYS C 103 -44.68 -7.03 36.09
CA CYS C 103 -43.51 -7.20 36.93
C CYS C 103 -43.65 -8.37 37.88
N LEU C 104 -44.81 -8.47 38.55
CA LEU C 104 -45.01 -9.57 39.49
C LEU C 104 -45.00 -10.90 38.74
N PHE C 105 -45.61 -10.94 37.56
CA PHE C 105 -45.61 -12.16 36.77
C PHE C 105 -44.20 -12.61 36.45
N LEU C 106 -43.34 -11.68 36.02
CA LEU C 106 -41.97 -12.06 35.71
C LEU C 106 -41.19 -12.34 36.98
N ALA C 107 -41.39 -11.53 38.02
CA ALA C 107 -40.70 -11.76 39.29
C ALA C 107 -40.95 -13.16 39.80
N GLY C 108 -42.19 -13.65 39.65
CA GLY C 108 -42.48 -15.02 40.04
C GLY C 108 -41.60 -16.03 39.34
N LYS C 109 -41.40 -15.86 38.04
CA LYS C 109 -40.53 -16.78 37.32
C LYS C 109 -39.07 -16.62 37.72
N VAL C 110 -38.64 -15.38 37.96
CA VAL C 110 -37.24 -15.17 38.32
C VAL C 110 -36.93 -15.80 39.67
N GLU C 111 -37.77 -15.55 40.67
CA GLU C 111 -37.52 -16.00 42.03
C GLU C 111 -38.04 -17.42 42.31
N GLU C 112 -38.51 -18.13 41.27
CA GLU C 112 -39.00 -19.52 41.37
C GLU C 112 -40.21 -19.65 42.28
N THR C 113 -41.09 -18.65 42.24
CA THR C 113 -42.40 -18.71 42.90
C THR C 113 -43.45 -18.41 41.83
N PRO C 114 -43.50 -19.22 40.77
CA PRO C 114 -44.27 -18.83 39.58
C PRO C 114 -45.76 -18.84 39.80
N LYS C 115 -46.46 -17.98 39.04
CA LYS C 115 -47.91 -17.98 39.01
C LYS C 115 -48.37 -17.89 37.56
N LYS C 116 -49.59 -18.36 37.31
CA LYS C 116 -50.14 -18.26 35.98
C LYS C 116 -50.68 -16.86 35.78
N CYS C 117 -50.51 -16.33 34.57
CA CYS C 117 -50.95 -14.96 34.32
C CYS C 117 -52.43 -14.80 34.59
N LYS C 118 -53.24 -15.81 34.26
CA LYS C 118 -54.67 -15.70 34.51
C LYS C 118 -54.98 -15.56 35.99
N ASP C 119 -54.14 -16.14 36.85
CA ASP C 119 -54.37 -16.00 38.28
C ASP C 119 -54.02 -14.60 38.77
N ILE C 120 -52.98 -13.99 38.20
CA ILE C 120 -52.66 -12.62 38.58
C ILE C 120 -53.75 -11.68 38.10
N ILE C 121 -54.27 -11.91 36.88
CA ILE C 121 -55.37 -11.08 36.39
C ILE C 121 -56.56 -11.20 37.33
N LYS C 122 -56.93 -12.43 37.68
CA LYS C 122 -58.05 -12.65 38.59
C LYS C 122 -57.85 -11.88 39.89
N THR C 123 -56.68 -12.04 40.51
CA THR C 123 -56.43 -11.37 41.78
C THR C 123 -56.47 -9.86 41.59
N ALA C 124 -55.97 -9.38 40.46
CA ALA C 124 -56.03 -7.95 40.18
C ALA C 124 -57.48 -7.46 40.09
N ARG C 125 -58.35 -8.24 39.46
CA ARG C 125 -59.73 -7.82 39.32
C ARG C 125 -60.37 -7.63 40.69
N SER C 126 -60.09 -8.55 41.61
CA SER C 126 -60.68 -8.48 42.96
C SER C 126 -60.29 -7.19 43.67
N LEU C 127 -59.04 -6.77 43.53
CA LEU C 127 -58.52 -5.66 44.31
C LEU C 127 -58.68 -4.32 43.60
N LEU C 128 -58.97 -4.31 42.30
CA LEU C 128 -59.08 -3.06 41.55
C LEU C 128 -60.51 -2.65 41.25
N ASN C 129 -60.72 -1.33 41.15
CA ASN C 129 -61.98 -0.78 40.71
C ASN C 129 -62.16 -1.03 39.22
N ASP C 130 -63.37 -0.72 38.73
CA ASP C 130 -63.63 -0.93 37.32
C ASP C 130 -62.84 0.05 36.47
N VAL C 131 -62.75 1.30 36.95
CA VAL C 131 -61.95 2.31 36.27
C VAL C 131 -60.50 1.87 36.23
N GLN C 132 -59.98 1.42 37.37
CA GLN C 132 -58.60 1.00 37.46
C GLN C 132 -58.35 -0.21 36.56
N PHE C 133 -59.22 -1.21 36.64
CA PHE C 133 -59.07 -2.37 35.78
C PHE C 133 -59.28 -2.02 34.32
N GLY C 134 -59.81 -0.83 34.04
CA GLY C 134 -59.91 -0.39 32.66
C GLY C 134 -58.56 -0.28 31.97
N GLN C 135 -57.50 -0.01 32.74
CA GLN C 135 -56.16 0.04 32.16
C GLN C 135 -55.80 -1.29 31.53
N PHE C 136 -56.29 -2.41 32.08
CA PHE C 136 -56.00 -3.73 31.54
C PHE C 136 -56.74 -3.98 30.24
N GLY C 137 -57.75 -3.16 29.94
CA GLY C 137 -58.41 -3.20 28.66
C GLY C 137 -59.31 -4.40 28.41
N ASP C 138 -59.60 -4.61 27.14
CA ASP C 138 -60.56 -5.63 26.74
C ASP C 138 -60.02 -7.02 27.02
N ASP C 139 -58.71 -7.20 26.94
CA ASP C 139 -58.05 -8.49 27.14
C ASP C 139 -56.94 -8.28 28.16
N PRO C 140 -57.25 -8.43 29.45
CA PRO C 140 -56.20 -8.18 30.47
C PRO C 140 -54.96 -9.05 30.31
N LYS C 141 -55.13 -10.38 30.18
CA LYS C 141 -53.97 -11.26 30.08
C LYS C 141 -53.05 -10.84 28.93
N GLU C 142 -53.63 -10.51 27.77
CA GLU C 142 -52.82 -10.13 26.63
C GLU C 142 -52.00 -8.87 26.91
N GLU C 143 -52.64 -7.82 27.44
CA GLU C 143 -51.90 -6.60 27.71
C GLU C 143 -50.70 -6.88 28.61
N VAL C 144 -50.87 -7.78 29.59
CA VAL C 144 -49.79 -8.10 30.51
C VAL C 144 -48.72 -8.96 29.84
N MET C 145 -49.12 -9.99 29.08
CA MET C 145 -48.12 -10.90 28.52
C MET C 145 -47.34 -10.22 27.40
N VAL C 146 -47.95 -9.23 26.74
CA VAL C 146 -47.28 -8.50 25.68
C VAL C 146 -46.20 -7.61 26.25
N LEU C 147 -46.42 -7.09 27.46
CA LEU C 147 -45.47 -6.16 28.07
C LEU C 147 -44.21 -6.85 28.53
N GLU C 148 -44.23 -8.18 28.70
CA GLU C 148 -43.05 -8.88 29.19
C GLU C 148 -41.85 -8.64 28.27
N ARG C 149 -42.09 -8.62 26.96
CA ARG C 149 -41.01 -8.33 26.03
C ARG C 149 -40.34 -7.00 26.33
N ILE C 150 -41.13 -5.95 26.56
CA ILE C 150 -40.57 -4.64 26.85
C ILE C 150 -39.91 -4.64 28.23
N LEU C 151 -40.56 -5.23 29.22
CA LEU C 151 -39.99 -5.26 30.56
C LEU C 151 -38.59 -5.85 30.52
N LEU C 152 -38.44 -7.01 29.88
CA LEU C 152 -37.13 -7.66 29.87
C LEU C 152 -36.07 -6.78 29.22
N GLN C 153 -36.41 -6.10 28.12
CA GLN C 153 -35.43 -5.21 27.49
C GLN C 153 -35.16 -4.00 28.36
N THR C 154 -36.17 -3.52 29.06
CA THR C 154 -35.98 -2.33 29.90
C THR C 154 -35.02 -2.64 31.04
N ILE C 155 -35.23 -3.76 31.73
CA ILE C 155 -34.37 -4.12 32.85
C ILE C 155 -33.08 -4.76 32.35
N LYS C 156 -32.86 -4.73 31.05
CA LYS C 156 -31.59 -5.14 30.46
C LYS C 156 -31.21 -6.55 30.86
N PHE C 157 -32.22 -7.39 31.11
CA PHE C 157 -32.03 -8.79 31.50
C PHE C 157 -31.17 -8.94 32.76
N ASP C 158 -31.05 -7.88 33.57
CA ASP C 158 -30.41 -8.01 34.89
C ASP C 158 -31.52 -8.48 35.84
N LEU C 159 -31.72 -9.79 35.90
CA LEU C 159 -32.85 -10.36 36.62
C LEU C 159 -32.55 -10.60 38.10
N GLN C 160 -31.29 -10.86 38.43
CA GLN C 160 -30.93 -11.12 39.82
C GLN C 160 -31.00 -9.81 40.58
N VAL C 161 -31.71 -9.81 41.69
CA VAL C 161 -31.85 -8.63 42.52
C VAL C 161 -31.65 -9.07 43.97
N GLU C 162 -30.95 -8.23 44.74
CA GLU C 162 -30.75 -8.42 46.17
C GLU C 162 -31.62 -7.41 46.89
N HIS C 163 -32.10 -7.78 48.07
CA HIS C 163 -33.05 -6.93 48.77
C HIS C 163 -32.60 -6.68 50.19
N PRO C 164 -33.02 -5.58 50.81
CA PRO C 164 -32.55 -5.26 52.16
C PRO C 164 -32.79 -6.38 53.17
N TYR C 165 -33.76 -7.26 52.90
CA TYR C 165 -34.11 -8.26 53.91
C TYR C 165 -32.94 -9.15 54.27
N GLN C 166 -32.21 -9.64 53.26
CA GLN C 166 -31.16 -10.60 53.57
C GLN C 166 -30.06 -9.96 54.41
N PHE C 167 -29.81 -8.67 54.20
CA PHE C 167 -28.77 -7.98 54.96
C PHE C 167 -29.25 -7.64 56.36
N LEU C 168 -30.53 -7.29 56.51
CA LEU C 168 -31.08 -7.09 57.84
C LEU C 168 -30.85 -8.33 58.71
N LEU C 169 -31.10 -9.52 58.16
CA LEU C 169 -30.90 -10.75 58.93
C LEU C 169 -29.42 -11.09 59.07
N LYS C 170 -28.62 -10.95 57.99
CA LYS C 170 -27.20 -11.27 58.07
C LYS C 170 -26.52 -10.41 59.13
N TYR C 171 -26.86 -9.11 59.19
CA TYR C 171 -26.26 -8.22 60.17
C TYR C 171 -26.85 -8.49 61.56
N ALA C 172 -28.16 -8.72 61.64
CA ALA C 172 -28.77 -8.97 62.95
C ALA C 172 -28.22 -10.24 63.59
N LYS C 173 -27.83 -11.22 62.79
CA LYS C 173 -27.29 -12.47 63.33
C LYS C 173 -25.98 -12.24 64.06
N GLN C 174 -25.24 -11.19 63.72
CA GLN C 174 -23.97 -10.90 64.36
C GLN C 174 -24.14 -10.02 65.60
N LEU C 175 -25.37 -9.59 65.90
CA LEU C 175 -25.65 -8.91 67.15
C LEU C 175 -25.88 -9.96 68.22
N LYS C 176 -25.34 -9.72 69.41
CA LYS C 176 -25.50 -10.62 70.55
C LYS C 176 -25.92 -9.79 71.75
N GLY C 177 -26.96 -10.20 72.43
CA GLY C 177 -27.48 -9.47 73.58
C GLY C 177 -28.90 -9.90 73.87
N ASP C 178 -29.63 -9.00 74.51
CA ASP C 178 -31.03 -9.26 74.86
C ASP C 178 -31.81 -9.76 73.66
N LYS C 179 -32.25 -11.01 73.71
CA LYS C 179 -32.96 -11.60 72.58
C LYS C 179 -34.14 -10.73 72.16
N ASN C 180 -34.85 -10.18 73.14
CA ASN C 180 -36.09 -9.45 72.89
C ASN C 180 -35.87 -8.05 72.34
N LYS C 181 -34.83 -7.37 72.79
CA LYS C 181 -34.54 -6.05 72.25
C LYS C 181 -34.09 -6.14 70.80
N ILE C 182 -33.27 -7.16 70.47
CA ILE C 182 -32.84 -7.34 69.09
C ILE C 182 -34.00 -7.77 68.20
N GLN C 183 -34.85 -8.67 68.68
CA GLN C 183 -36.00 -9.04 67.86
C GLN C 183 -36.91 -7.84 67.63
N LYS C 184 -37.08 -6.99 68.65
CA LYS C 184 -37.87 -5.76 68.43
C LYS C 184 -37.20 -4.87 67.38
N LEU C 185 -35.87 -4.79 67.41
CA LEU C 185 -35.16 -4.00 66.41
C LEU C 185 -35.38 -4.57 65.02
N VAL C 186 -35.26 -5.89 64.87
CA VAL C 186 -35.40 -6.50 63.56
C VAL C 186 -36.80 -6.25 63.01
N GLN C 187 -37.83 -6.56 63.79
CA GLN C 187 -39.18 -6.42 63.26
C GLN C 187 -39.51 -4.99 62.88
N MET C 188 -39.14 -4.03 63.73
CA MET C 188 -39.37 -2.64 63.36
C MET C 188 -38.65 -2.29 62.07
N ALA C 189 -37.39 -2.70 61.96
CA ALA C 189 -36.62 -2.46 60.74
C ALA C 189 -37.25 -3.15 59.54
N TRP C 190 -37.68 -4.41 59.73
CA TRP C 190 -38.35 -5.13 58.66
C TRP C 190 -39.56 -4.36 58.15
N THR C 191 -40.36 -3.80 59.07
CA THR C 191 -41.47 -2.96 58.64
C THR C 191 -40.97 -1.77 57.83
N PHE C 192 -39.85 -1.18 58.23
CA PHE C 192 -39.30 -0.05 57.48
C PHE C 192 -38.87 -0.48 56.08
N VAL C 193 -38.35 -1.71 55.94
CA VAL C 193 -38.00 -2.19 54.60
C VAL C 193 -39.24 -2.28 53.73
N ASN C 194 -40.30 -2.92 54.23
CA ASN C 194 -41.53 -3.04 53.44
C ASN C 194 -42.04 -1.68 53.00
N ASP C 195 -41.95 -0.68 53.88
CA ASP C 195 -42.45 0.65 53.60
C ASP C 195 -41.60 1.34 52.54
N SER C 196 -40.29 1.10 52.56
CA SER C 196 -39.38 1.73 51.62
C SER C 196 -39.60 1.27 50.17
N LEU C 197 -40.25 0.12 49.97
CA LEU C 197 -40.52 -0.34 48.61
C LEU C 197 -41.43 0.63 47.87
N CYS C 198 -42.26 1.37 48.59
CA CYS C 198 -43.13 2.36 47.98
C CYS C 198 -42.39 3.58 47.46
N THR C 199 -41.13 3.76 47.85
CA THR C 199 -40.33 4.92 47.51
C THR C 199 -39.27 4.60 46.46
N THR C 200 -38.59 5.66 46.02
CA THR C 200 -37.50 5.55 45.08
C THR C 200 -36.16 5.28 45.75
N LEU C 201 -36.16 4.97 47.05
CA LEU C 201 -34.91 4.60 47.71
C LEU C 201 -34.30 3.37 47.05
N SER C 202 -35.15 2.48 46.53
CA SER C 202 -34.70 1.30 45.80
C SER C 202 -33.83 1.67 44.61
N LEU C 203 -33.97 2.89 44.12
CA LEU C 203 -33.26 3.38 42.96
C LEU C 203 -32.09 4.29 43.34
N GLN C 204 -31.90 4.57 44.62
CA GLN C 204 -30.84 5.48 45.05
C GLN C 204 -29.72 4.82 45.82
N TRP C 205 -30.00 3.77 46.58
CA TRP C 205 -29.01 3.21 47.49
C TRP C 205 -29.07 1.69 47.38
N GLU C 206 -27.89 1.08 47.38
CA GLU C 206 -27.80 -0.37 47.38
C GLU C 206 -28.59 -0.94 48.56
N PRO C 207 -29.09 -2.18 48.44
CA PRO C 207 -29.86 -2.77 49.55
C PRO C 207 -29.07 -2.88 50.85
N GLU C 208 -27.76 -3.14 50.79
CA GLU C 208 -26.97 -3.21 52.01
C GLU C 208 -27.12 -1.94 52.84
N ILE C 209 -27.10 -0.78 52.19
CA ILE C 209 -27.25 0.50 52.90
C ILE C 209 -28.65 0.61 53.49
N ILE C 210 -29.67 0.19 52.73
CA ILE C 210 -31.04 0.24 53.22
C ILE C 210 -31.17 -0.57 54.51
N ALA C 211 -30.62 -1.78 54.52
CA ALA C 211 -30.72 -2.63 55.71
C ALA C 211 -30.10 -1.92 56.91
N VAL C 212 -28.92 -1.31 56.71
CA VAL C 212 -28.30 -0.57 57.80
C VAL C 212 -29.18 0.61 58.20
N ALA C 213 -29.66 1.37 57.23
CA ALA C 213 -30.45 2.56 57.53
C ALA C 213 -31.66 2.20 58.40
N VAL C 214 -32.35 1.12 58.07
CA VAL C 214 -33.54 0.75 58.84
C VAL C 214 -33.14 0.24 60.22
N MET C 215 -32.00 -0.46 60.33
CA MET C 215 -31.48 -0.79 61.65
C MET C 215 -31.19 0.49 62.45
N TYR C 216 -30.52 1.45 61.82
CA TYR C 216 -30.20 2.72 62.44
C TYR C 216 -31.46 3.44 62.91
N LEU C 217 -32.49 3.47 62.05
CA LEU C 217 -33.74 4.13 62.42
C LEU C 217 -34.41 3.41 63.57
N ALA C 218 -34.58 2.09 63.47
CA ALA C 218 -35.22 1.34 64.54
C ALA C 218 -34.50 1.56 65.87
N GLY C 219 -33.16 1.59 65.84
CA GLY C 219 -32.42 1.88 67.06
C GLY C 219 -32.71 3.26 67.61
N ARG C 220 -32.63 4.28 66.75
CA ARG C 220 -32.86 5.65 67.20
C ARG C 220 -34.24 5.76 67.86
N LEU C 221 -35.25 5.14 67.26
CA LEU C 221 -36.62 5.20 67.79
C LEU C 221 -36.76 4.40 69.09
N CYS C 222 -36.10 3.24 69.19
CA CYS C 222 -36.22 2.42 70.40
C CYS C 222 -35.26 2.84 71.51
N LYS C 223 -34.42 3.84 71.26
CA LYS C 223 -33.37 4.26 72.21
C LYS C 223 -32.45 3.09 72.57
N PHE C 224 -32.11 2.27 71.57
CA PHE C 224 -31.15 1.19 71.71
C PHE C 224 -29.81 1.67 71.16
N GLU C 225 -28.72 1.25 71.78
CA GLU C 225 -27.36 1.58 71.30
C GLU C 225 -26.72 0.32 70.72
N ILE C 226 -26.88 0.17 69.40
CA ILE C 226 -26.51 -1.07 68.72
C ILE C 226 -25.05 -1.43 68.86
N GLN C 227 -24.16 -0.45 69.03
CA GLN C 227 -22.75 -0.80 69.10
C GLN C 227 -22.49 -1.82 70.21
N GLU C 228 -23.27 -1.77 71.29
CA GLU C 228 -23.03 -2.68 72.40
C GLU C 228 -23.28 -4.13 72.03
N TRP C 229 -24.07 -4.38 70.99
CA TRP C 229 -24.34 -5.74 70.55
C TRP C 229 -23.34 -6.22 69.51
N THR C 230 -22.42 -5.38 69.07
CA THR C 230 -21.45 -5.78 68.06
C THR C 230 -20.21 -6.37 68.72
N SER C 231 -19.36 -6.99 67.91
CA SER C 231 -18.07 -7.46 68.41
C SER C 231 -17.14 -6.30 68.77
N LYS C 232 -17.44 -5.08 68.33
CA LYS C 232 -16.62 -3.89 68.61
C LYS C 232 -17.47 -2.88 69.39
N PRO C 233 -17.69 -3.15 70.69
CA PRO C 233 -18.67 -2.35 71.45
C PRO C 233 -18.29 -0.90 71.65
N MET C 234 -17.03 -0.53 71.48
CA MET C 234 -16.58 0.84 71.63
C MET C 234 -16.37 1.54 70.29
N TYR C 235 -16.90 0.95 69.22
CA TYR C 235 -16.91 1.50 67.86
C TYR C 235 -18.30 2.10 67.66
N ARG C 236 -18.41 3.42 67.89
CA ARG C 236 -19.73 4.04 67.95
C ARG C 236 -20.44 4.00 66.60
N ARG C 237 -19.69 4.01 65.49
CA ARG C 237 -20.28 3.85 64.16
C ARG C 237 -20.36 2.37 63.79
N TRP C 238 -21.36 1.70 64.37
CA TRP C 238 -21.49 0.26 64.24
C TRP C 238 -21.66 -0.17 62.79
N TRP C 239 -22.22 0.68 61.92
CA TRP C 239 -22.46 0.22 60.56
C TRP C 239 -21.18 -0.08 59.79
N GLU C 240 -20.09 0.63 60.08
CA GLU C 240 -18.86 0.51 59.29
C GLU C 240 -18.32 -0.91 59.22
N GLN C 241 -18.63 -1.77 60.19
CA GLN C 241 -18.21 -3.17 60.10
C GLN C 241 -19.12 -4.00 59.22
N PHE C 242 -20.33 -3.53 58.93
CA PHE C 242 -21.20 -4.21 57.98
C PHE C 242 -21.11 -3.65 56.57
N VAL C 243 -21.10 -2.32 56.46
CA VAL C 243 -21.13 -1.61 55.18
C VAL C 243 -20.05 -0.56 55.22
N GLN C 244 -18.99 -0.75 54.45
CA GLN C 244 -17.89 0.19 54.45
C GLN C 244 -18.26 1.44 53.67
N ASP C 245 -17.77 2.59 54.14
CA ASP C 245 -17.87 3.85 53.41
C ASP C 245 -19.32 4.35 53.32
N VAL C 246 -20.03 4.32 54.44
CA VAL C 246 -21.36 4.93 54.42
C VAL C 246 -21.41 6.10 55.37
N PRO C 247 -21.56 7.31 54.83
CA PRO C 247 -21.68 8.47 55.71
C PRO C 247 -23.02 8.43 56.45
N VAL C 248 -23.03 9.06 57.63
CA VAL C 248 -24.29 9.15 58.36
C VAL C 248 -25.31 9.90 57.52
N ASP C 249 -24.84 10.88 56.74
CA ASP C 249 -25.72 11.66 55.88
C ASP C 249 -26.62 10.74 55.07
N VAL C 250 -26.03 9.72 54.46
CA VAL C 250 -26.81 8.79 53.67
C VAL C 250 -27.85 8.12 54.55
N LEU C 251 -27.41 7.65 55.72
CA LEU C 251 -28.36 7.01 56.63
C LEU C 251 -29.41 7.98 57.13
N GLU C 252 -29.06 9.24 57.36
CA GLU C 252 -30.08 10.20 57.80
C GLU C 252 -31.06 10.50 56.68
N ASP C 253 -30.56 10.65 55.45
CA ASP C 253 -31.45 10.88 54.33
C ASP C 253 -32.45 9.73 54.17
N ILE C 254 -31.94 8.50 54.18
CA ILE C 254 -32.84 7.36 54.03
C ILE C 254 -33.87 7.36 55.15
N CYS C 255 -33.42 7.56 56.39
CA CYS C 255 -34.34 7.63 57.51
C CYS C 255 -35.40 8.71 57.28
N HIS C 256 -34.98 9.91 56.90
CA HIS C 256 -35.92 11.00 56.67
C HIS C 256 -36.96 10.60 55.64
N GLN C 257 -36.53 10.02 54.52
CA GLN C 257 -37.47 9.64 53.47
C GLN C 257 -38.47 8.60 53.98
N ILE C 258 -38.01 7.67 54.82
CA ILE C 258 -38.94 6.67 55.34
C ILE C 258 -39.97 7.30 56.26
N LEU C 259 -39.53 8.11 57.22
CA LEU C 259 -40.49 8.72 58.14
C LEU C 259 -41.44 9.69 57.44
N ASP C 260 -41.04 10.27 56.30
CA ASP C 260 -41.95 11.16 55.58
C ASP C 260 -43.22 10.43 55.17
N LEU C 261 -43.09 9.17 54.75
CA LEU C 261 -44.26 8.39 54.37
C LEU C 261 -45.23 8.30 55.54
N TYR C 262 -44.71 8.11 56.77
CA TYR C 262 -45.59 8.03 57.94
C TYR C 262 -46.23 9.38 58.25
N SER C 263 -45.46 10.47 58.15
CA SER C 263 -46.01 11.79 58.50
C SER C 263 -47.03 12.25 57.47
N GLN C 264 -46.77 11.99 56.18
CA GLN C 264 -47.74 12.34 55.14
C GLN C 264 -49.05 11.57 55.33
N GLY C 265 -48.96 10.27 55.60
CA GLY C 265 -50.15 9.48 55.78
C GLY C 265 -50.74 9.74 57.16
N LYS C 266 -51.64 8.87 57.56
CA LYS C 266 -52.23 8.90 58.90
C LYS C 266 -51.53 7.93 59.83
N GLN C 267 -50.80 6.96 59.27
CA GLN C 267 -50.07 5.96 60.02
C GLN C 267 -48.88 6.55 60.77
N GLN C 268 -48.51 5.89 61.88
CA GLN C 268 -47.41 6.33 62.75
C GLN C 268 -46.35 5.23 62.87
N MET C 269 -45.22 5.60 63.49
CA MET C 269 -44.10 4.65 63.60
C MET C 269 -44.55 3.40 64.37
N PRO C 270 -44.11 2.20 63.97
CA PRO C 270 -44.71 0.98 64.56
C PRO C 270 -44.51 0.83 66.06
N HIS C 271 -43.29 1.02 66.54
CA HIS C 271 -42.93 0.85 67.94
C HIS C 271 -43.75 -0.19 68.68
N MET D 5 -30.99 54.48 -11.81
CA MET D 5 -31.68 54.33 -10.50
C MET D 5 -32.89 53.39 -10.65
N SER D 6 -33.38 52.90 -9.52
CA SER D 6 -34.54 52.00 -9.50
C SER D 6 -35.63 52.61 -8.64
N TYR D 7 -36.87 52.36 -9.04
CA TYR D 7 -38.04 52.98 -8.42
C TYR D 7 -39.01 51.90 -7.96
N ASN D 8 -39.38 51.95 -6.69
CA ASN D 8 -40.20 50.92 -6.07
C ASN D 8 -41.18 51.54 -5.08
N TYR D 9 -42.20 50.74 -4.76
CA TYR D 9 -43.38 51.09 -3.95
C TYR D 9 -43.52 49.99 -2.90
N VAL D 10 -43.72 50.38 -1.64
CA VAL D 10 -43.80 49.40 -0.56
C VAL D 10 -45.05 49.67 0.26
N VAL D 11 -45.93 48.65 0.39
CA VAL D 11 -47.18 48.78 1.12
C VAL D 11 -47.32 47.66 2.13
N THR D 12 -48.21 47.89 3.11
CA THR D 12 -48.54 46.91 4.13
C THR D 12 -49.80 46.16 3.73
N ALA D 13 -49.67 44.85 3.51
CA ALA D 13 -50.84 44.02 3.21
C ALA D 13 -51.55 43.58 4.49
N GLN D 14 -50.78 43.21 5.52
CA GLN D 14 -51.30 42.89 6.83
C GLN D 14 -50.48 43.66 7.84
N LYS D 15 -51.13 44.34 8.78
CA LYS D 15 -50.41 45.12 9.77
C LYS D 15 -49.73 44.20 10.79
N PRO D 16 -48.76 44.72 11.53
CA PRO D 16 -48.11 43.89 12.57
C PRO D 16 -49.15 43.29 13.51
N THR D 17 -48.98 42.00 13.81
CA THR D 17 -49.91 41.30 14.69
C THR D 17 -49.32 40.93 16.04
N ALA D 18 -48.00 40.99 16.18
CA ALA D 18 -47.35 40.53 17.41
C ALA D 18 -47.39 41.62 18.46
N VAL D 19 -47.71 41.23 19.69
CA VAL D 19 -47.79 42.15 20.80
C VAL D 19 -46.39 42.38 21.35
N ASN D 20 -45.96 43.64 21.36
CA ASN D 20 -44.65 44.02 21.87
C ASN D 20 -44.70 44.63 23.26
N GLY D 21 -45.89 45.02 23.72
CA GLY D 21 -46.08 45.54 25.06
C GLY D 21 -47.53 45.97 25.29
N CYS D 22 -48.02 45.84 26.53
CA CYS D 22 -49.38 46.23 26.87
C CYS D 22 -49.35 46.88 28.24
N VAL D 23 -50.12 47.97 28.41
CA VAL D 23 -50.20 48.67 29.68
C VAL D 23 -51.66 48.94 30.00
N THR D 24 -51.97 49.05 31.28
CA THR D 24 -53.34 49.33 31.71
C THR D 24 -53.36 50.59 32.57
N GLY D 25 -54.32 51.45 32.29
CA GLY D 25 -54.41 52.72 32.98
C GLY D 25 -55.66 53.47 32.59
N HIS D 26 -55.70 54.76 32.95
CA HIS D 26 -56.85 55.64 32.72
C HIS D 26 -56.47 56.75 31.77
N PHE D 27 -56.41 56.43 30.48
CA PHE D 27 -55.88 57.30 29.44
C PHE D 27 -56.96 58.10 28.72
N THR D 28 -58.08 57.48 28.36
CA THR D 28 -59.12 58.19 27.62
C THR D 28 -60.02 59.02 28.53
N SER D 29 -60.27 58.55 29.76
CA SER D 29 -61.04 59.29 30.74
C SER D 29 -60.60 58.84 32.12
N ALA D 30 -60.73 59.73 33.10
CA ALA D 30 -60.40 59.32 34.46
C ALA D 30 -61.30 58.19 34.94
N GLU D 31 -62.41 57.94 34.24
CA GLU D 31 -63.37 56.91 34.61
C GLU D 31 -63.07 55.61 33.88
N ASP D 32 -62.54 55.68 32.68
CA ASP D 32 -62.36 54.50 31.86
C ASP D 32 -61.05 53.80 32.23
N LEU D 33 -61.13 52.47 32.41
CA LEU D 33 -59.94 51.64 32.48
C LEU D 33 -59.58 51.25 31.05
N ASN D 34 -58.34 51.52 30.65
CA ASN D 34 -57.89 51.31 29.28
C ASN D 34 -56.80 50.25 29.23
N LEU D 35 -56.75 49.55 28.09
CA LEU D 35 -55.68 48.62 27.76
C LEU D 35 -55.06 49.11 26.46
N LEU D 36 -53.85 49.63 26.56
CA LEU D 36 -53.11 50.10 25.39
C LEU D 36 -52.15 48.97 24.99
N ILE D 37 -52.42 48.37 23.84
CA ILE D 37 -51.59 47.32 23.28
C ILE D 37 -50.70 47.94 22.21
N ALA D 38 -49.44 47.55 22.19
CA ALA D 38 -48.47 48.12 21.26
C ALA D 38 -47.95 47.02 20.34
N LYS D 39 -48.14 47.23 19.04
CA LYS D 39 -47.52 46.49 17.95
C LYS D 39 -46.39 47.36 17.41
N ASN D 40 -45.54 46.76 16.59
CA ASN D 40 -44.28 47.40 16.26
C ASN D 40 -44.44 48.87 15.93
N THR D 41 -45.35 49.19 15.00
CA THR D 41 -45.63 50.56 14.63
C THR D 41 -47.06 50.99 14.91
N ARG D 42 -47.85 50.17 15.60
CA ARG D 42 -49.26 50.44 15.79
C ARG D 42 -49.60 50.44 17.26
N LEU D 43 -50.28 51.51 17.70
CA LEU D 43 -50.79 51.63 19.05
C LEU D 43 -52.30 51.45 19.01
N GLU D 44 -52.80 50.52 19.83
CA GLU D 44 -54.21 50.18 19.90
C GLU D 44 -54.75 50.51 21.29
N ILE D 45 -55.83 51.29 21.33
CA ILE D 45 -56.44 51.73 22.58
C ILE D 45 -57.79 51.03 22.74
N TYR D 46 -57.98 50.38 23.89
CA TYR D 46 -59.20 49.66 24.22
C TYR D 46 -59.76 50.17 25.55
N VAL D 47 -61.07 49.94 25.75
CA VAL D 47 -61.74 50.21 27.01
C VAL D 47 -62.24 48.89 27.61
N VAL D 48 -61.92 48.67 28.88
CA VAL D 48 -62.22 47.40 29.54
C VAL D 48 -63.70 47.39 29.94
N THR D 49 -64.48 46.54 29.30
CA THR D 49 -65.85 46.26 29.72
C THR D 49 -65.92 44.81 30.20
N ALA D 50 -67.06 44.42 30.75
CA ALA D 50 -67.25 43.02 31.13
C ALA D 50 -67.34 42.11 29.92
N GLU D 51 -67.96 42.58 28.83
CA GLU D 51 -68.10 41.78 27.62
C GLU D 51 -66.74 41.41 27.03
N GLY D 52 -65.81 42.35 27.02
CA GLY D 52 -64.52 42.17 26.42
C GLY D 52 -63.94 43.54 26.11
N LEU D 53 -62.80 43.54 25.44
CA LEU D 53 -62.16 44.81 25.16
C LEU D 53 -63.03 45.57 24.15
N ARG D 54 -63.19 46.86 24.36
CA ARG D 54 -63.94 47.72 23.44
C ARG D 54 -62.99 48.63 22.69
N PRO D 55 -62.84 48.48 21.37
CA PRO D 55 -61.90 49.34 20.64
C PRO D 55 -62.42 50.78 20.56
N VAL D 56 -61.51 51.74 20.70
CA VAL D 56 -61.87 53.16 20.64
C VAL D 56 -61.09 53.89 19.56
N LYS D 57 -59.78 53.66 19.45
CA LYS D 57 -58.95 54.40 18.51
C LYS D 57 -57.68 53.60 18.24
N GLU D 58 -57.23 53.63 16.98
CA GLU D 58 -55.96 53.05 16.60
C GLU D 58 -55.14 54.04 15.77
N VAL D 59 -53.88 54.25 16.16
CA VAL D 59 -52.99 55.17 15.47
C VAL D 59 -51.70 54.47 15.09
N GLY D 60 -51.10 54.92 14.00
CA GLY D 60 -49.76 54.52 13.61
C GLY D 60 -48.77 55.62 13.91
N MET D 61 -47.55 55.22 14.28
CA MET D 61 -46.47 56.15 14.56
C MET D 61 -45.32 55.93 13.60
N TYR D 62 -44.58 57.00 13.30
CA TYR D 62 -43.44 56.93 12.40
C TYR D 62 -42.20 56.46 13.18
N GLY D 63 -42.35 55.29 13.81
CA GLY D 63 -41.28 54.76 14.64
C GLY D 63 -41.68 53.42 15.23
N LYS D 64 -40.67 52.68 15.67
CA LYS D 64 -40.87 51.43 16.42
C LYS D 64 -41.03 51.76 17.90
N ILE D 65 -42.16 51.38 18.48
CA ILE D 65 -42.43 51.71 19.89
C ILE D 65 -41.49 50.92 20.79
N ALA D 66 -40.65 51.62 21.53
CA ALA D 66 -39.69 50.97 22.42
C ALA D 66 -40.11 51.07 23.88
N VAL D 67 -40.55 52.24 24.34
CA VAL D 67 -41.07 52.40 25.68
C VAL D 67 -42.51 52.89 25.57
N MET D 68 -43.40 52.27 26.34
CA MET D 68 -44.79 52.70 26.41
C MET D 68 -45.23 52.58 27.86
N GLU D 69 -45.61 53.70 28.48
CA GLU D 69 -46.01 53.72 29.88
C GLU D 69 -47.03 54.82 30.10
N LEU D 70 -47.94 54.59 31.04
CA LEU D 70 -48.95 55.56 31.42
C LEU D 70 -48.57 56.17 32.77
N PHE D 71 -48.69 57.50 32.88
CA PHE D 71 -48.37 58.20 34.12
C PHE D 71 -49.34 59.36 34.25
N ARG D 72 -49.55 59.83 35.49
CA ARG D 72 -50.48 60.92 35.76
C ARG D 72 -49.82 61.95 36.67
N PRO D 73 -49.25 63.01 36.09
CA PRO D 73 -48.53 63.99 36.92
C PRO D 73 -49.47 64.83 37.77
N LYS D 74 -48.93 65.30 38.90
CA LYS D 74 -49.69 66.13 39.82
C LYS D 74 -50.37 67.25 39.04
N GLY D 75 -51.69 67.37 39.21
CA GLY D 75 -52.46 68.39 38.54
C GLY D 75 -53.28 67.94 37.34
N GLU D 76 -53.06 66.74 36.83
CA GLU D 76 -53.78 66.26 35.66
C GLU D 76 -55.10 65.58 35.99
N SER D 77 -56.03 65.67 35.04
CA SER D 77 -57.34 65.02 35.17
C SER D 77 -57.27 63.51 34.96
N LYS D 78 -56.40 63.06 34.06
CA LYS D 78 -56.35 61.66 33.65
C LYS D 78 -54.94 61.35 33.21
N ASP D 79 -54.68 60.07 32.97
CA ASP D 79 -53.33 59.63 32.64
C ASP D 79 -52.86 60.18 31.30
N LEU D 80 -51.57 60.45 31.22
CA LEU D 80 -50.87 60.75 29.97
C LEU D 80 -50.02 59.55 29.57
N LEU D 81 -49.68 59.48 28.29
CA LEU D 81 -48.97 58.35 27.72
C LEU D 81 -47.57 58.78 27.27
N PHE D 82 -46.56 58.05 27.72
CA PHE D 82 -45.20 58.26 27.25
C PHE D 82 -44.77 57.16 26.29
N ILE D 83 -44.15 57.55 25.16
CA ILE D 83 -43.62 56.61 24.18
C ILE D 83 -42.27 57.08 23.69
N LEU D 84 -41.33 56.12 23.59
CA LEU D 84 -40.01 56.30 23.03
C LEU D 84 -39.81 55.27 21.93
N THR D 85 -39.35 55.71 20.77
CA THR D 85 -39.12 54.81 19.65
C THR D 85 -37.68 54.30 19.60
N ALA D 86 -37.46 53.27 18.76
CA ALA D 86 -36.13 52.70 18.60
C ALA D 86 -35.17 53.66 17.92
N LYS D 87 -35.67 54.67 17.22
CA LYS D 87 -34.82 55.73 16.70
C LYS D 87 -34.65 56.88 17.70
N TYR D 88 -35.01 56.64 18.96
CA TYR D 88 -34.81 57.61 20.04
C TYR D 88 -35.71 58.83 19.86
N ASN D 89 -36.92 58.61 19.34
CA ASN D 89 -37.95 59.65 19.31
C ASN D 89 -38.81 59.54 20.57
N ALA D 90 -38.87 60.61 21.36
CA ALA D 90 -39.65 60.65 22.58
C ALA D 90 -40.83 61.60 22.42
N CYS D 91 -41.92 61.29 23.12
CA CYS D 91 -43.10 62.14 23.11
C CYS D 91 -43.98 61.80 24.29
N ILE D 92 -44.80 62.77 24.69
CA ILE D 92 -45.87 62.56 25.67
C ILE D 92 -47.19 62.85 24.97
N LEU D 93 -48.14 61.93 25.10
CA LEU D 93 -49.38 61.97 24.35
C LEU D 93 -50.59 62.10 25.27
N GLU D 94 -51.63 62.77 24.76
CA GLU D 94 -52.90 62.96 25.44
C GLU D 94 -54.04 62.53 24.53
N TYR D 95 -55.02 61.83 25.10
CA TYR D 95 -56.27 61.50 24.41
C TYR D 95 -57.22 62.68 24.59
N LYS D 96 -57.78 63.17 23.49
CA LYS D 96 -58.74 64.27 23.54
C LYS D 96 -59.88 63.98 22.57
N GLN D 97 -61.11 64.01 23.08
CA GLN D 97 -62.27 63.68 22.26
C GLN D 97 -63.37 64.70 22.48
N SER D 98 -63.89 65.25 21.37
CA SER D 98 -65.00 66.21 21.36
C SER D 98 -66.08 65.62 20.46
N GLY D 99 -67.07 64.96 21.06
CA GLY D 99 -68.07 64.25 20.29
C GLY D 99 -67.46 63.07 19.57
N GLU D 100 -67.61 63.01 18.25
CA GLU D 100 -67.05 61.92 17.47
C GLU D 100 -65.62 62.18 17.00
N SER D 101 -65.11 63.39 17.14
CA SER D 101 -63.78 63.71 16.65
C SER D 101 -62.75 63.24 17.68
N ILE D 102 -61.90 62.29 17.29
CA ILE D 102 -60.89 61.75 18.17
C ILE D 102 -59.51 62.12 17.62
N ASP D 103 -58.69 62.71 18.48
CA ASP D 103 -57.35 63.13 18.13
C ASP D 103 -56.40 62.72 19.25
N ILE D 104 -55.14 62.49 18.91
CA ILE D 104 -54.08 62.21 19.88
C ILE D 104 -53.12 63.39 19.83
N ILE D 105 -53.04 64.12 20.94
CA ILE D 105 -52.30 65.38 21.01
C ILE D 105 -50.87 65.15 21.48
N THR D 106 -49.93 65.81 20.81
CA THR D 106 -48.52 65.75 21.20
C THR D 106 -48.26 66.86 22.21
N ARG D 107 -48.14 66.47 23.48
CA ARG D 107 -47.91 67.46 24.54
C ARG D 107 -46.43 67.83 24.65
N ALA D 108 -45.54 66.87 24.38
CA ALA D 108 -44.09 67.10 24.43
C ALA D 108 -43.44 66.17 23.44
N HIS D 109 -42.33 66.61 22.84
CA HIS D 109 -41.63 65.74 21.91
C HIS D 109 -40.19 66.19 21.67
N GLY D 110 -39.36 65.23 21.29
CA GLY D 110 -37.98 65.48 20.96
C GLY D 110 -37.25 64.17 20.78
N ASN D 111 -36.02 64.26 20.31
CA ASN D 111 -35.15 63.10 20.11
C ASN D 111 -34.07 63.07 21.17
N VAL D 112 -33.98 61.95 21.88
CA VAL D 112 -33.17 61.85 23.08
C VAL D 112 -31.84 61.14 22.84
N GLN D 113 -31.43 60.98 21.59
CA GLN D 113 -30.20 60.28 21.28
C GLN D 113 -28.99 61.09 21.72
N ASP D 114 -27.98 60.40 22.23
CA ASP D 114 -26.72 61.02 22.63
C ASP D 114 -25.71 60.88 21.49
N ARG D 115 -24.85 61.89 21.33
CA ARG D 115 -23.89 61.83 20.23
C ARG D 115 -22.97 60.63 20.37
N ILE D 116 -22.55 60.31 21.60
CA ILE D 116 -21.64 59.21 21.87
C ILE D 116 -22.21 58.35 22.99
N GLY D 117 -22.33 57.05 22.71
CA GLY D 117 -22.79 56.08 23.68
C GLY D 117 -22.82 54.68 23.12
N ARG D 118 -22.71 53.66 23.98
CA ARG D 118 -22.81 52.27 23.56
C ARG D 118 -24.22 51.76 23.83
N PRO D 119 -24.95 51.32 22.81
CA PRO D 119 -26.28 50.73 23.08
C PRO D 119 -26.16 49.54 24.02
N SER D 120 -27.06 49.48 25.01
CA SER D 120 -26.96 48.45 26.02
C SER D 120 -27.40 47.10 25.45
N GLU D 121 -26.85 46.03 26.03
CA GLU D 121 -27.18 44.70 25.54
C GLU D 121 -28.64 44.37 25.80
N THR D 122 -29.13 44.67 27.00
CA THR D 122 -30.50 44.33 27.35
C THR D 122 -31.53 45.23 26.69
N GLY D 123 -31.11 46.32 26.03
CA GLY D 123 -32.00 47.16 25.27
C GLY D 123 -32.49 48.39 26.02
N ILE D 124 -33.26 49.20 25.29
CA ILE D 124 -33.81 50.41 25.87
C ILE D 124 -34.75 50.05 27.01
N ILE D 125 -34.55 50.70 28.16
CA ILE D 125 -35.42 50.55 29.31
C ILE D 125 -36.00 51.92 29.65
N GLY D 126 -37.31 51.97 29.85
CA GLY D 126 -37.96 53.20 30.25
C GLY D 126 -38.73 53.05 31.55
N ILE D 127 -38.54 53.96 32.49
CA ILE D 127 -39.24 53.92 33.77
C ILE D 127 -39.66 55.34 34.14
N ILE D 128 -40.71 55.44 34.94
CA ILE D 128 -41.22 56.72 35.40
C ILE D 128 -41.29 56.70 36.92
N ASP D 129 -41.13 57.87 37.51
CA ASP D 129 -41.17 58.02 38.95
C ASP D 129 -42.55 57.62 39.49
N PRO D 130 -42.63 57.17 40.74
CA PRO D 130 -43.96 56.96 41.33
C PRO D 130 -44.71 58.28 41.52
N GLU D 131 -43.98 59.34 41.85
CA GLU D 131 -44.48 60.70 41.97
C GLU D 131 -44.49 61.44 40.64
N CYS D 132 -44.12 60.77 39.55
CA CYS D 132 -44.16 61.37 38.22
C CYS D 132 -43.32 62.63 38.15
N ARG D 133 -42.22 62.66 38.91
CA ARG D 133 -41.30 63.78 38.83
C ARG D 133 -40.37 63.70 37.64
N MET D 134 -40.05 62.49 37.16
CA MET D 134 -39.07 62.37 36.10
C MET D 134 -39.28 61.07 35.34
N ILE D 135 -38.73 61.01 34.14
CA ILE D 135 -38.71 59.81 33.32
C ILE D 135 -37.25 59.40 33.17
N GLY D 136 -36.96 58.15 33.56
CA GLY D 136 -35.62 57.62 33.46
C GLY D 136 -35.50 56.68 32.28
N LEU D 137 -34.47 56.89 31.47
CA LEU D 137 -34.21 56.09 30.28
C LEU D 137 -32.82 55.51 30.38
N ARG D 138 -32.72 54.19 30.29
CA ARG D 138 -31.42 53.53 30.21
C ARG D 138 -31.22 53.18 28.73
N LEU D 139 -30.63 54.12 28.00
CA LEU D 139 -30.44 53.95 26.56
C LEU D 139 -29.07 53.34 26.24
N TYR D 140 -28.03 53.82 26.91
CA TYR D 140 -26.67 53.40 26.63
C TYR D 140 -26.03 52.82 27.87
N ASP D 141 -25.05 51.94 27.67
CA ASP D 141 -24.29 51.40 28.80
C ASP D 141 -23.53 52.54 29.45
N GLY D 142 -23.57 52.59 30.78
CA GLY D 142 -22.80 53.57 31.51
C GLY D 142 -23.40 54.96 31.63
N LEU D 143 -24.59 55.19 31.12
CA LEU D 143 -25.22 56.49 31.20
C LEU D 143 -26.70 56.27 31.51
N PHE D 144 -27.22 57.07 32.44
CA PHE D 144 -28.63 57.06 32.81
C PHE D 144 -29.21 58.42 32.44
N LYS D 145 -30.20 58.43 31.56
CA LYS D 145 -30.79 59.68 31.10
C LYS D 145 -32.03 60.01 31.93
N VAL D 146 -32.14 61.27 32.32
CA VAL D 146 -33.27 61.75 33.11
C VAL D 146 -33.99 62.83 32.32
N ILE D 147 -35.27 62.63 32.07
CA ILE D 147 -36.17 63.68 31.58
C ILE D 147 -37.01 64.15 32.75
N PRO D 148 -36.83 65.36 33.27
CA PRO D 148 -37.70 65.83 34.36
C PRO D 148 -39.10 66.14 33.86
N LEU D 149 -40.10 65.74 34.65
CA LEU D 149 -41.51 65.92 34.28
C LEU D 149 -41.95 67.29 34.78
N ASP D 150 -41.37 68.31 34.18
CA ASP D 150 -41.72 69.70 34.40
C ASP D 150 -42.88 70.09 33.48
N ARG D 151 -43.66 71.08 33.93
CA ARG D 151 -44.78 71.54 33.12
C ARG D 151 -44.27 72.15 31.82
N ASP D 152 -43.12 72.83 31.88
CA ASP D 152 -42.58 73.57 30.73
C ASP D 152 -41.63 72.75 29.86
N ASN D 153 -41.26 71.54 30.28
CA ASN D 153 -40.27 70.75 29.53
C ASN D 153 -40.93 70.16 28.27
N LYS D 154 -41.36 71.06 27.39
CA LYS D 154 -42.08 70.67 26.19
C LYS D 154 -41.16 70.06 25.14
N GLU D 155 -39.85 70.27 25.24
CA GLU D 155 -38.89 69.64 24.35
C GLU D 155 -38.30 68.36 24.90
N LEU D 156 -38.73 67.92 26.09
CA LEU D 156 -38.19 66.70 26.71
C LEU D 156 -36.67 66.77 26.80
N LYS D 157 -36.18 67.90 27.29
CA LYS D 157 -34.76 68.07 27.56
C LYS D 157 -34.33 67.12 28.68
N ALA D 158 -33.09 66.64 28.60
CA ALA D 158 -32.62 65.64 29.54
C ALA D 158 -31.12 65.79 29.80
N PHE D 159 -30.68 65.18 30.91
CA PHE D 159 -29.29 65.19 31.37
C PHE D 159 -28.96 63.75 31.77
N ASN D 160 -27.73 63.32 31.50
CA ASN D 160 -27.30 61.96 31.85
C ASN D 160 -26.44 61.95 33.09
N ILE D 161 -26.66 60.97 33.97
CA ILE D 161 -25.87 60.75 35.17
C ILE D 161 -24.98 59.53 34.92
N ARG D 162 -23.70 59.62 35.24
CA ARG D 162 -22.80 58.52 34.90
C ARG D 162 -23.09 57.34 35.82
N LEU D 163 -23.10 56.14 35.25
CA LEU D 163 -23.38 54.90 35.98
C LEU D 163 -22.11 54.05 36.02
N GLU D 164 -21.65 53.73 37.24
CA GLU D 164 -20.44 52.91 37.38
C GLU D 164 -20.65 51.50 36.84
N GLU D 165 -21.85 50.94 37.07
CA GLU D 165 -22.19 49.59 36.66
C GLU D 165 -22.52 49.64 35.17
N LEU D 166 -21.56 49.26 34.33
CA LEU D 166 -21.75 49.49 32.89
C LEU D 166 -22.84 48.60 32.33
N HIS D 167 -22.95 47.37 32.83
CA HIS D 167 -23.89 46.38 32.32
C HIS D 167 -25.03 46.17 33.31
N VAL D 168 -26.21 46.70 32.98
CA VAL D 168 -27.39 46.58 33.82
C VAL D 168 -28.36 45.63 33.16
N ILE D 169 -28.94 44.74 33.96
CA ILE D 169 -29.89 43.77 33.44
C ILE D 169 -31.29 44.37 33.42
N ASP D 170 -31.70 45.00 34.52
CA ASP D 170 -32.97 45.68 34.62
C ASP D 170 -32.91 46.76 35.69
N VAL D 171 -33.60 47.88 35.45
CA VAL D 171 -33.68 48.99 36.41
C VAL D 171 -35.14 49.39 36.53
N LYS D 172 -35.56 49.68 37.77
CA LYS D 172 -36.94 50.07 38.05
C LYS D 172 -36.95 51.12 39.15
N PHE D 173 -37.85 52.11 39.01
CA PHE D 173 -38.06 53.07 40.09
C PHE D 173 -38.78 52.38 41.26
N LEU D 174 -38.31 52.62 42.48
CA LEU D 174 -38.88 51.97 43.64
C LEU D 174 -39.95 52.81 44.33
N TYR D 175 -40.89 52.11 44.96
CA TYR D 175 -41.98 52.72 45.71
C TYR D 175 -41.57 52.79 47.18
N GLY D 176 -42.19 53.70 47.90
CA GLY D 176 -41.99 53.80 49.33
C GLY D 176 -40.79 54.58 49.78
N CYS D 177 -40.11 55.27 48.87
CA CYS D 177 -38.97 56.11 49.19
C CYS D 177 -39.34 57.58 49.00
N GLN D 178 -38.89 58.42 49.94
CA GLN D 178 -39.18 59.85 49.79
C GLN D 178 -38.38 60.45 48.63
N ALA D 179 -37.14 59.97 48.45
CA ALA D 179 -36.29 60.42 47.37
C ALA D 179 -36.37 59.42 46.23
N PRO D 180 -36.34 59.87 44.97
CA PRO D 180 -36.43 58.91 43.86
C PRO D 180 -35.36 57.83 43.97
N THR D 181 -35.78 56.57 43.90
CA THR D 181 -34.86 55.47 44.08
C THR D 181 -34.99 54.52 42.89
N ILE D 182 -33.86 54.22 42.26
CA ILE D 182 -33.78 53.22 41.21
C ILE D 182 -33.15 51.96 41.80
N CYS D 183 -33.74 50.82 41.49
CA CYS D 183 -33.22 49.51 41.86
C CYS D 183 -32.82 48.80 40.57
N PHE D 184 -31.56 48.42 40.44
CA PHE D 184 -31.07 47.80 39.23
C PHE D 184 -30.25 46.57 39.55
N VAL D 185 -30.46 45.53 38.75
CA VAL D 185 -29.64 44.33 38.73
C VAL D 185 -28.58 44.50 37.66
N TYR D 186 -27.32 44.34 38.05
CA TYR D 186 -26.20 44.54 37.15
C TYR D 186 -25.32 43.31 37.21
N GLN D 187 -24.46 43.19 36.21
CA GLN D 187 -23.54 42.08 36.12
C GLN D 187 -22.14 42.63 35.98
N ASP D 188 -21.25 42.17 36.83
CA ASP D 188 -19.84 42.50 36.80
C ASP D 188 -19.12 41.16 36.82
N PRO D 189 -17.79 41.13 36.78
CA PRO D 189 -17.09 39.84 36.79
C PRO D 189 -17.36 39.02 38.05
N GLN D 190 -17.88 39.64 39.11
CA GLN D 190 -18.08 38.98 40.39
C GLN D 190 -19.44 38.30 40.49
N GLY D 191 -20.23 38.32 39.40
CA GLY D 191 -21.57 37.77 39.42
C GLY D 191 -22.64 38.80 39.17
N ARG D 192 -23.90 38.51 39.54
CA ARG D 192 -24.97 39.48 39.45
C ARG D 192 -25.31 39.96 40.85
N HIS D 193 -25.71 41.23 40.92
CA HIS D 193 -25.97 41.91 42.17
C HIS D 193 -27.14 42.85 41.96
N VAL D 194 -27.83 43.17 43.05
CA VAL D 194 -28.88 44.19 43.05
C VAL D 194 -28.37 45.36 43.89
N LYS D 195 -28.45 46.57 43.34
CA LYS D 195 -27.97 47.79 43.98
C LYS D 195 -29.03 48.87 43.78
N THR D 196 -28.97 49.92 44.62
CA THR D 196 -29.89 51.03 44.54
C THR D 196 -29.13 52.34 44.59
N TYR D 197 -29.61 53.32 43.83
CA TYR D 197 -29.11 54.69 43.86
C TYR D 197 -30.32 55.62 44.02
N GLU D 198 -30.06 56.87 44.36
CA GLU D 198 -31.09 57.90 44.40
C GLU D 198 -30.81 58.97 43.34
N VAL D 199 -31.87 59.53 42.78
CA VAL D 199 -31.76 60.52 41.70
C VAL D 199 -32.18 61.87 42.26
N SER D 200 -31.26 62.83 42.24
CA SER D 200 -31.52 64.18 42.73
C SER D 200 -31.63 65.07 41.50
N LEU D 201 -32.85 65.48 41.17
CA LEU D 201 -33.03 66.36 40.03
C LEU D 201 -32.35 67.71 40.24
N ARG D 202 -32.29 68.17 41.49
CA ARG D 202 -31.68 69.46 41.76
C ARG D 202 -30.18 69.44 41.48
N GLU D 203 -29.50 68.41 41.96
CA GLU D 203 -28.06 68.30 41.78
C GLU D 203 -27.66 67.64 40.47
N LYS D 204 -28.61 66.98 39.80
CA LYS D 204 -28.34 66.27 38.56
C LYS D 204 -27.25 65.20 38.75
N GLU D 205 -27.41 64.39 39.80
CA GLU D 205 -26.45 63.32 40.06
C GLU D 205 -27.08 62.28 40.98
N PHE D 206 -26.33 61.20 41.18
CA PHE D 206 -26.76 60.10 42.05
C PHE D 206 -26.28 60.37 43.47
N ASN D 207 -27.09 59.97 44.45
CA ASN D 207 -26.71 59.97 45.86
C ASN D 207 -26.82 58.55 46.41
N LYS D 208 -26.37 58.41 47.65
CA LYS D 208 -26.25 57.10 48.28
C LYS D 208 -27.56 56.33 48.18
N GLY D 209 -27.47 55.00 48.05
CA GLY D 209 -28.65 54.21 47.84
C GLY D 209 -29.36 53.89 49.15
N PRO D 210 -30.66 53.59 49.07
CA PRO D 210 -31.39 53.31 50.32
C PRO D 210 -30.92 52.06 51.05
N TRP D 211 -30.80 50.94 50.35
CA TRP D 211 -30.45 49.68 51.00
C TRP D 211 -29.27 49.03 50.30
N LYS D 212 -28.59 48.16 51.04
CA LYS D 212 -27.30 47.67 50.60
C LYS D 212 -27.42 46.88 49.30
N GLN D 213 -26.29 46.75 48.62
CA GLN D 213 -26.15 45.82 47.51
C GLN D 213 -26.13 44.40 48.08
N GLU D 214 -26.73 43.46 47.38
CA GLU D 214 -26.74 42.07 47.80
C GLU D 214 -26.30 41.24 46.61
N ASN D 215 -25.47 40.24 46.86
CA ASN D 215 -25.10 39.29 45.82
C ASN D 215 -26.31 38.41 45.52
N VAL D 216 -26.71 38.36 44.24
CA VAL D 216 -27.97 37.70 43.89
C VAL D 216 -27.74 36.58 42.89
N GLU D 217 -28.83 35.91 42.51
CA GLU D 217 -28.77 34.82 41.56
C GLU D 217 -28.09 35.21 40.25
N ALA D 218 -27.32 34.26 39.69
CA ALA D 218 -26.57 34.50 38.47
C ALA D 218 -27.48 34.76 37.27
N GLU D 219 -28.73 34.30 37.33
CA GLU D 219 -29.68 34.48 36.25
C GLU D 219 -30.81 35.42 36.67
N ALA D 220 -30.51 36.37 37.56
CA ALA D 220 -31.50 37.38 37.89
C ALA D 220 -31.93 38.08 36.61
N SER D 221 -33.22 38.09 36.35
CA SER D 221 -33.72 38.54 35.06
C SER D 221 -34.58 39.79 35.13
N MET D 222 -35.35 39.98 36.20
CA MET D 222 -36.31 41.06 36.24
C MET D 222 -36.43 41.67 37.63
N VAL D 223 -36.67 42.97 37.65
CA VAL D 223 -36.89 43.72 38.88
C VAL D 223 -38.35 44.14 38.92
N ILE D 224 -39.05 43.69 39.95
CA ILE D 224 -40.42 44.09 40.22
C ILE D 224 -40.41 45.09 41.37
N ALA D 225 -41.11 46.20 41.20
CA ALA D 225 -41.22 47.23 42.23
C ALA D 225 -42.50 46.97 43.03
N VAL D 226 -42.36 46.61 44.30
CA VAL D 226 -43.51 46.29 45.15
C VAL D 226 -44.14 47.55 45.74
N PRO D 227 -45.49 47.61 45.78
CA PRO D 227 -46.17 48.84 46.20
C PRO D 227 -46.04 49.14 47.68
N GLU D 228 -46.60 50.29 48.07
CA GLU D 228 -46.28 50.85 49.39
C GLU D 228 -46.63 49.98 50.58
N PRO D 229 -47.73 49.21 50.61
CA PRO D 229 -47.98 48.41 51.83
C PRO D 229 -46.76 47.59 52.24
N PHE D 230 -46.10 46.94 51.28
CA PHE D 230 -44.89 46.19 51.56
C PHE D 230 -43.64 47.03 51.33
N GLY D 231 -43.52 47.61 50.14
CA GLY D 231 -42.32 48.34 49.77
C GLY D 231 -41.23 47.37 49.35
N GLY D 232 -40.17 47.93 48.77
CA GLY D 232 -39.03 47.14 48.37
C GLY D 232 -39.19 46.56 46.97
N ALA D 233 -38.41 45.51 46.70
CA ALA D 233 -38.34 44.95 45.36
C ALA D 233 -38.29 43.43 45.40
N ILE D 234 -38.73 42.82 44.30
CA ILE D 234 -38.66 41.38 44.08
C ILE D 234 -37.80 41.14 42.85
N ILE D 235 -36.90 40.17 42.94
CA ILE D 235 -35.99 39.82 41.85
C ILE D 235 -36.37 38.43 41.35
N ILE D 236 -36.62 38.34 40.04
CA ILE D 236 -37.03 37.09 39.40
C ILE D 236 -35.82 36.49 38.70
N GLY D 237 -35.52 35.25 39.03
CA GLY D 237 -34.43 34.56 38.39
C GLY D 237 -34.85 33.33 37.60
N GLN D 238 -33.88 32.44 37.39
CA GLN D 238 -34.13 31.17 36.74
C GLN D 238 -34.64 30.15 37.77
N GLU D 239 -33.95 30.07 38.90
CA GLU D 239 -34.26 29.12 39.97
C GLU D 239 -34.97 29.73 41.17
N SER D 240 -34.75 31.02 41.46
CA SER D 240 -35.24 31.57 42.72
C SER D 240 -35.86 32.95 42.52
N ILE D 241 -36.75 33.31 43.45
CA ILE D 241 -37.37 34.62 43.55
C ILE D 241 -37.00 35.21 44.91
N THR D 242 -36.52 36.46 44.91
CA THR D 242 -36.04 37.09 46.13
C THR D 242 -36.71 38.44 46.32
N TYR D 243 -36.95 38.79 47.59
CA TYR D 243 -37.48 40.10 47.98
C TYR D 243 -36.46 40.80 48.88
N HIS D 244 -36.13 42.05 48.54
CA HIS D 244 -35.19 42.84 49.35
C HIS D 244 -35.84 44.20 49.66
N ASN D 245 -35.88 44.58 50.96
CA ASN D 245 -36.21 45.97 51.34
C ASN D 245 -35.30 46.29 52.53
N GLY D 246 -34.06 46.64 52.24
CA GLY D 246 -33.11 46.91 53.31
C GLY D 246 -32.90 45.71 54.23
N ASP D 247 -33.26 45.89 55.49
CA ASP D 247 -32.96 44.88 56.50
C ASP D 247 -33.68 43.57 56.22
N LYS D 248 -34.81 43.63 55.50
CA LYS D 248 -35.58 42.43 55.21
C LYS D 248 -35.01 41.71 53.99
N TYR D 249 -34.91 40.38 54.09
CA TYR D 249 -34.47 39.55 52.97
C TYR D 249 -35.26 38.24 52.96
N LEU D 250 -35.89 37.92 51.83
CA LEU D 250 -36.63 36.67 51.67
C LEU D 250 -36.19 36.00 50.38
N ALA D 251 -36.21 34.67 50.36
CA ALA D 251 -35.82 33.93 49.16
C ALA D 251 -36.59 32.61 49.08
N ILE D 252 -37.44 32.48 48.06
CA ILE D 252 -38.14 31.24 47.77
C ILE D 252 -37.60 30.67 46.46
N ALA D 253 -37.31 29.37 46.44
CA ALA D 253 -36.75 28.70 45.27
C ALA D 253 -37.53 27.43 45.00
N PRO D 254 -38.78 27.57 44.56
CA PRO D 254 -39.62 26.37 44.33
C PRO D 254 -39.11 25.60 43.13
N PRO D 255 -39.16 24.27 43.17
CA PRO D 255 -38.58 23.49 42.05
C PRO D 255 -39.35 23.65 40.75
N ILE D 256 -40.50 24.32 40.77
CA ILE D 256 -41.38 24.34 39.62
C ILE D 256 -40.92 25.34 38.57
N ILE D 257 -40.40 26.49 39.01
CA ILE D 257 -40.03 27.53 38.06
C ILE D 257 -38.73 27.22 37.33
N LYS D 258 -37.90 26.34 37.86
CA LYS D 258 -36.67 26.03 37.15
C LYS D 258 -36.97 25.36 35.81
N GLN D 259 -38.15 24.73 35.67
CA GLN D 259 -38.41 23.93 34.47
C GLN D 259 -38.40 24.79 33.21
N SER D 260 -38.93 26.02 33.29
CA SER D 260 -38.83 26.91 32.14
C SER D 260 -38.66 28.35 32.60
N THR D 261 -37.83 29.09 31.88
CA THR D 261 -37.52 30.46 32.26
C THR D 261 -38.75 31.35 32.34
N ILE D 262 -38.84 32.10 33.44
CA ILE D 262 -39.92 33.09 33.61
C ILE D 262 -39.50 34.37 32.91
N VAL D 263 -40.40 34.93 32.10
CA VAL D 263 -40.03 36.05 31.24
C VAL D 263 -40.88 37.29 31.45
N CYS D 264 -42.05 37.21 32.10
CA CYS D 264 -42.87 38.40 32.24
C CYS D 264 -43.62 38.39 33.57
N HIS D 265 -44.04 39.59 34.01
CA HIS D 265 -44.73 39.76 35.28
C HIS D 265 -45.71 40.93 35.20
N ASN D 266 -46.76 40.85 36.02
CA ASN D 266 -47.67 41.96 36.18
C ASN D 266 -48.28 41.94 37.58
N ARG D 267 -48.63 43.14 38.06
CA ARG D 267 -49.16 43.34 39.40
C ARG D 267 -50.69 43.21 39.34
N VAL D 268 -51.21 42.26 40.11
CA VAL D 268 -52.66 42.07 40.17
C VAL D 268 -53.32 43.04 41.15
N ASP D 269 -52.87 43.02 42.40
CA ASP D 269 -53.50 43.77 43.49
C ASP D 269 -52.71 45.05 43.71
N PRO D 270 -53.32 46.24 43.70
CA PRO D 270 -52.51 47.45 43.93
C PRO D 270 -51.71 47.42 45.22
N ASN D 271 -52.20 46.77 46.29
CA ASN D 271 -51.38 46.68 47.50
C ASN D 271 -50.12 45.82 47.28
N GLY D 272 -50.06 45.06 46.19
CA GLY D 272 -48.92 44.22 45.91
C GLY D 272 -49.01 42.80 46.43
N SER D 273 -50.17 42.37 46.91
CA SER D 273 -50.28 41.07 47.54
C SER D 273 -50.09 39.95 46.53
N ARG D 274 -50.54 40.15 45.29
CA ARG D 274 -50.49 39.09 44.28
C ARG D 274 -49.94 39.61 42.95
N TYR D 275 -49.09 38.79 42.33
CA TYR D 275 -48.47 39.09 41.04
C TYR D 275 -48.64 37.90 40.10
N LEU D 276 -48.70 38.18 38.80
CA LEU D 276 -48.78 37.15 37.78
C LEU D 276 -47.42 36.95 37.12
N LEU D 277 -47.02 35.70 36.94
CA LEU D 277 -45.76 35.37 36.27
C LEU D 277 -46.02 34.43 35.09
N GLY D 278 -45.22 34.58 34.05
CA GLY D 278 -45.32 33.70 32.89
C GLY D 278 -43.94 33.31 32.41
N ASP D 279 -43.86 32.08 31.88
CA ASP D 279 -42.59 31.51 31.46
C ASP D 279 -42.69 31.00 30.03
N MET D 280 -41.56 30.47 29.53
CA MET D 280 -41.47 30.20 28.10
C MET D 280 -42.24 28.97 27.66
N GLU D 281 -42.65 28.10 28.58
CA GLU D 281 -43.54 27.01 28.22
C GLU D 281 -45.00 27.40 28.33
N GLY D 282 -45.29 28.69 28.50
CA GLY D 282 -46.66 29.14 28.50
C GLY D 282 -47.36 29.02 29.83
N ARG D 283 -46.64 28.62 30.88
CA ARG D 283 -47.26 28.39 32.16
C ARG D 283 -47.52 29.73 32.83
N LEU D 284 -48.66 29.83 33.52
CA LEU D 284 -49.05 31.03 34.22
C LEU D 284 -49.06 30.77 35.71
N PHE D 285 -48.33 31.60 36.45
CA PHE D 285 -48.23 31.45 37.90
C PHE D 285 -48.84 32.64 38.63
N MET D 286 -49.07 32.45 39.93
CA MET D 286 -49.50 33.50 40.84
C MET D 286 -48.45 33.60 41.93
N LEU D 287 -47.78 34.76 42.01
CA LEU D 287 -46.86 35.05 43.09
C LEU D 287 -47.63 35.75 44.22
N LEU D 288 -47.51 35.20 45.43
CA LEU D 288 -48.26 35.66 46.59
C LEU D 288 -47.30 36.22 47.63
N LEU D 289 -47.58 37.43 48.10
CA LEU D 289 -46.83 38.06 49.19
C LEU D 289 -47.66 37.96 50.46
N GLU D 290 -47.21 37.14 51.42
CA GLU D 290 -47.96 36.91 52.65
C GLU D 290 -47.59 37.97 53.68
N LYS D 291 -48.55 38.85 53.97
CA LYS D 291 -48.36 39.95 54.90
C LYS D 291 -48.36 39.48 56.36
N GLU D 292 -47.72 40.28 57.20
CA GLU D 292 -47.70 40.09 58.64
C GLU D 292 -47.81 41.45 59.30
N GLU D 293 -48.91 41.69 60.01
CA GLU D 293 -49.07 42.95 60.73
C GLU D 293 -48.31 42.89 62.04
N GLN D 294 -47.55 43.95 62.32
CA GLN D 294 -46.76 44.04 63.53
C GLN D 294 -47.57 44.73 64.61
N MET D 295 -47.20 44.47 65.87
CA MET D 295 -47.89 45.13 66.97
C MET D 295 -47.85 46.65 66.81
N ASP D 296 -47.05 47.16 65.87
CA ASP D 296 -46.94 48.59 65.62
C ASP D 296 -48.10 49.12 64.79
N GLY D 297 -48.87 48.22 64.17
CA GLY D 297 -49.80 48.59 63.13
C GLY D 297 -49.16 48.67 61.77
N THR D 298 -47.89 48.28 61.66
CA THR D 298 -47.11 48.30 60.43
C THR D 298 -47.08 46.88 59.89
N VAL D 299 -47.12 46.75 58.58
CA VAL D 299 -47.19 45.44 57.91
C VAL D 299 -45.84 45.13 57.28
N THR D 300 -45.31 43.95 57.57
CA THR D 300 -44.07 43.45 56.99
C THR D 300 -44.38 42.20 56.16
N LEU D 301 -43.49 41.92 55.20
CA LEU D 301 -43.63 40.73 54.37
C LEU D 301 -43.12 39.49 55.10
N LYS D 302 -44.03 38.55 55.38
CA LYS D 302 -43.66 37.33 56.09
C LYS D 302 -43.07 36.27 55.14
N ASP D 303 -43.74 36.01 54.01
CA ASP D 303 -43.28 34.93 53.14
C ASP D 303 -43.75 35.12 51.71
N LEU D 304 -43.17 34.32 50.82
CA LEU D 304 -43.49 34.30 49.40
C LEU D 304 -43.97 32.91 48.99
N ARG D 305 -45.04 32.86 48.20
CA ARG D 305 -45.61 31.60 47.71
C ARG D 305 -45.83 31.72 46.20
N VAL D 306 -45.69 30.60 45.49
CA VAL D 306 -45.97 30.53 44.06
C VAL D 306 -46.99 29.44 43.81
N GLU D 307 -48.02 29.75 43.02
CA GLU D 307 -49.07 28.79 42.70
C GLU D 307 -49.25 28.73 41.19
N LEU D 308 -49.29 27.51 40.64
CA LEU D 308 -49.50 27.32 39.22
C LEU D 308 -50.97 27.49 38.88
N LEU D 309 -51.27 28.42 37.97
CA LEU D 309 -52.66 28.67 37.58
C LEU D 309 -53.06 27.84 36.37
N GLY D 310 -52.21 27.74 35.36
CA GLY D 310 -52.54 26.97 34.17
C GLY D 310 -51.61 27.31 33.02
N GLU D 311 -52.17 27.24 31.81
CA GLU D 311 -51.44 27.47 30.58
C GLU D 311 -52.11 28.56 29.76
N THR D 312 -51.30 29.46 29.22
CA THR D 312 -51.73 30.48 28.27
C THR D 312 -50.82 30.38 27.05
N SER D 313 -51.01 31.27 26.08
CA SER D 313 -50.02 31.40 25.02
C SER D 313 -48.72 31.96 25.59
N ILE D 314 -47.60 31.63 24.95
CA ILE D 314 -46.30 32.15 25.38
C ILE D 314 -46.39 33.67 25.43
N ALA D 315 -46.15 34.24 26.61
CA ALA D 315 -46.46 35.64 26.85
C ALA D 315 -45.24 36.54 26.81
N GLU D 316 -45.33 37.61 26.01
CA GLU D 316 -44.36 38.69 26.11
C GLU D 316 -44.74 39.62 27.27
N CYS D 317 -45.99 40.03 27.30
CA CYS D 317 -46.53 40.92 28.32
C CYS D 317 -47.84 40.35 28.85
N LEU D 318 -48.03 40.46 30.16
CA LEU D 318 -49.27 40.10 30.83
C LEU D 318 -49.87 41.34 31.50
N THR D 319 -51.18 41.49 31.39
CA THR D 319 -51.86 42.57 32.10
C THR D 319 -53.11 42.03 32.76
N TYR D 320 -53.30 42.35 34.03
CA TYR D 320 -54.52 41.99 34.74
C TYR D 320 -55.54 43.11 34.55
N LEU D 321 -56.66 42.78 33.91
CA LEU D 321 -57.84 43.64 33.86
C LEU D 321 -58.73 43.30 35.06
N ASP D 322 -59.75 44.11 35.30
CA ASP D 322 -60.50 43.85 36.51
C ASP D 322 -61.50 42.72 36.26
N ASN D 323 -61.96 42.12 37.37
CA ASN D 323 -62.88 41.00 37.36
C ASN D 323 -62.24 39.71 36.87
N GLY D 324 -61.04 39.39 37.36
CA GLY D 324 -60.41 38.14 37.04
C GLY D 324 -60.03 37.88 35.60
N VAL D 325 -59.93 38.91 34.78
CA VAL D 325 -59.61 38.78 33.36
C VAL D 325 -58.15 39.18 33.13
N VAL D 326 -57.44 38.38 32.31
CA VAL D 326 -56.04 38.65 31.98
C VAL D 326 -55.86 38.65 30.46
N PHE D 327 -55.04 39.59 29.96
CA PHE D 327 -54.69 39.68 28.55
C PHE D 327 -53.28 39.11 28.35
N VAL D 328 -53.18 38.04 27.57
CA VAL D 328 -51.91 37.37 27.30
C VAL D 328 -51.40 37.95 25.99
N GLY D 329 -50.50 38.94 26.08
CA GLY D 329 -49.89 39.51 24.90
C GLY D 329 -48.71 38.68 24.43
N SER D 330 -48.83 38.06 23.26
CA SER D 330 -47.86 37.12 22.77
C SER D 330 -47.18 37.62 21.50
N ARG D 331 -45.90 37.29 21.36
CA ARG D 331 -45.13 37.60 20.16
C ARG D 331 -44.80 36.37 19.34
N LEU D 332 -44.95 35.18 19.92
CA LEU D 332 -44.72 33.92 19.22
C LEU D 332 -45.99 33.18 18.83
N GLY D 333 -47.13 33.51 19.45
CA GLY D 333 -48.38 32.83 19.12
C GLY D 333 -49.56 33.75 19.28
N ASP D 334 -50.78 33.20 19.23
CA ASP D 334 -51.97 34.02 19.36
C ASP D 334 -52.01 34.69 20.73
N SER D 335 -52.40 35.96 20.76
CA SER D 335 -52.67 36.64 22.02
C SER D 335 -54.02 36.18 22.54
N GLN D 336 -54.27 36.40 23.83
CA GLN D 336 -55.44 35.78 24.41
C GLN D 336 -56.03 36.66 25.50
N LEU D 337 -57.31 36.39 25.82
CA LEU D 337 -58.00 36.92 26.99
C LEU D 337 -58.44 35.72 27.80
N VAL D 338 -57.95 35.61 29.03
CA VAL D 338 -58.24 34.43 29.83
C VAL D 338 -58.88 34.84 31.15
N LYS D 339 -59.79 33.98 31.60
CA LYS D 339 -60.52 34.18 32.85
C LYS D 339 -59.86 33.32 33.90
N LEU D 340 -59.50 33.93 35.02
CA LEU D 340 -58.92 33.24 36.16
C LEU D 340 -60.02 32.91 37.17
N ASN D 341 -60.18 31.64 37.48
CA ASN D 341 -61.22 31.16 38.39
C ASN D 341 -60.67 30.84 39.77
N VAL D 342 -61.53 30.97 40.78
CA VAL D 342 -61.13 30.65 42.15
C VAL D 342 -61.05 29.13 42.34
N ASP D 343 -61.99 28.38 41.76
CA ASP D 343 -61.98 26.93 41.79
C ASP D 343 -61.37 26.40 40.50
N SER D 344 -60.56 25.36 40.61
CA SER D 344 -59.98 24.70 39.45
C SER D 344 -61.04 23.87 38.74
N ASN D 345 -60.78 23.59 37.46
CA ASN D 345 -61.67 22.72 36.69
C ASN D 345 -61.25 21.26 36.89
N GLU D 346 -61.84 20.36 36.10
CA GLU D 346 -61.61 18.94 36.30
C GLU D 346 -60.18 18.54 35.98
N GLN D 347 -59.43 19.40 35.28
CA GLN D 347 -58.05 19.11 34.90
C GLN D 347 -57.03 19.67 35.88
N GLY D 348 -57.47 20.42 36.87
CA GLY D 348 -56.59 21.07 37.81
C GLY D 348 -56.23 22.47 37.42
N SER D 349 -56.82 23.00 36.35
CA SER D 349 -56.49 24.32 35.84
C SER D 349 -57.45 25.37 36.39
N TYR D 350 -56.91 26.55 36.70
CA TYR D 350 -57.71 27.69 37.09
C TYR D 350 -57.90 28.69 35.95
N VAL D 351 -57.42 28.37 34.76
CA VAL D 351 -57.38 29.30 33.64
C VAL D 351 -58.32 28.80 32.54
N VAL D 352 -59.20 29.68 32.07
CA VAL D 352 -60.14 29.36 31.02
C VAL D 352 -60.08 30.48 30.00
N ALA D 353 -59.70 30.14 28.77
CA ALA D 353 -59.59 31.14 27.72
C ALA D 353 -60.97 31.68 27.37
N MET D 354 -61.06 32.99 27.19
CA MET D 354 -62.27 33.64 26.75
C MET D 354 -62.22 33.95 25.25
N GLU D 355 -61.22 34.72 24.82
CA GLU D 355 -61.09 35.15 23.43
C GLU D 355 -59.67 34.91 22.95
N THR D 356 -59.54 34.72 21.64
CA THR D 356 -58.25 34.45 20.99
C THR D 356 -58.06 35.42 19.84
N PHE D 357 -56.93 36.15 19.87
CA PHE D 357 -56.64 37.18 18.88
C PHE D 357 -55.55 36.70 17.92
N THR D 358 -55.86 36.70 16.63
CA THR D 358 -54.93 36.15 15.64
C THR D 358 -53.60 36.90 15.65
N ASN D 359 -52.51 36.14 15.78
CA ASN D 359 -51.15 36.64 15.66
C ASN D 359 -50.42 35.78 14.63
N LEU D 360 -50.06 36.36 13.49
CA LEU D 360 -49.27 35.62 12.52
C LEU D 360 -47.86 35.33 13.02
N GLY D 361 -47.47 35.87 14.17
CA GLY D 361 -46.26 35.47 14.84
C GLY D 361 -45.06 35.62 13.96
N PRO D 362 -43.94 35.04 14.39
CA PRO D 362 -42.78 34.96 13.49
C PRO D 362 -43.16 34.19 12.23
N ILE D 363 -42.96 34.80 11.07
CA ILE D 363 -43.16 34.13 9.79
C ILE D 363 -41.79 33.64 9.35
N VAL D 364 -41.48 32.36 9.63
CA VAL D 364 -40.16 31.85 9.28
C VAL D 364 -40.04 31.67 7.77
N ASP D 365 -41.09 31.21 7.12
CA ASP D 365 -41.12 31.00 5.68
C ASP D 365 -42.57 31.02 5.22
N MET D 366 -42.77 31.21 3.92
CA MET D 366 -44.12 31.18 3.36
C MET D 366 -44.06 30.95 1.86
N CYS D 367 -45.17 30.47 1.31
CA CYS D 367 -45.29 30.24 -0.13
C CYS D 367 -46.68 30.67 -0.60
N VAL D 368 -46.74 31.14 -1.83
CA VAL D 368 -47.98 31.57 -2.46
C VAL D 368 -48.46 30.44 -3.37
N VAL D 369 -49.69 29.99 -3.18
CA VAL D 369 -50.24 28.91 -3.98
C VAL D 369 -51.72 29.19 -4.21
N ASP D 370 -52.17 29.03 -5.46
CA ASP D 370 -53.57 29.22 -5.81
C ASP D 370 -54.25 27.88 -5.63
N LEU D 371 -54.75 27.62 -4.43
CA LEU D 371 -55.34 26.32 -4.15
C LEU D 371 -56.67 26.15 -4.87
N GLU D 372 -57.35 27.27 -5.14
CA GLU D 372 -58.64 27.22 -5.81
C GLU D 372 -58.47 27.23 -7.31
N ARG D 373 -57.24 27.31 -7.78
CA ARG D 373 -56.82 27.35 -9.18
C ARG D 373 -57.37 28.54 -9.97
N GLN D 374 -57.91 29.54 -9.30
CA GLN D 374 -58.35 30.78 -9.92
C GLN D 374 -57.20 31.78 -9.84
N GLY D 375 -57.37 32.94 -10.45
CA GLY D 375 -56.25 33.85 -10.40
C GLY D 375 -55.96 34.43 -9.03
N GLN D 376 -56.77 34.10 -8.04
CA GLN D 376 -56.54 34.52 -6.66
C GLN D 376 -55.64 33.51 -5.97
N GLY D 377 -54.60 34.02 -5.34
CA GLY D 377 -53.60 33.21 -4.67
C GLY D 377 -53.74 33.30 -3.16
N GLN D 378 -53.44 32.20 -2.48
CA GLN D 378 -53.44 32.14 -1.03
C GLN D 378 -52.01 31.99 -0.52
N LEU D 379 -51.81 32.40 0.73
CA LEU D 379 -50.49 32.43 1.34
C LEU D 379 -50.49 31.49 2.54
N VAL D 380 -49.65 30.47 2.50
CA VAL D 380 -49.50 29.54 3.61
C VAL D 380 -48.16 29.83 4.28
N THR D 381 -48.21 30.24 5.55
CA THR D 381 -47.02 30.70 6.26
C THR D 381 -46.59 29.64 7.29
N CYS D 382 -45.29 29.51 7.50
CA CYS D 382 -44.76 28.84 8.68
C CYS D 382 -44.70 29.87 9.81
N SER D 383 -45.59 29.75 10.80
CA SER D 383 -45.73 30.81 11.80
C SER D 383 -45.64 30.29 13.23
N GLY D 384 -45.11 31.14 14.11
CA GLY D 384 -45.01 30.82 15.51
C GLY D 384 -43.72 30.06 15.86
N ALA D 385 -43.59 29.81 17.16
CA ALA D 385 -42.50 28.99 17.68
C ALA D 385 -43.00 28.13 18.83
N PHE D 386 -42.34 26.98 19.01
CA PHE D 386 -42.60 26.05 20.11
C PHE D 386 -44.05 25.61 20.07
N LYS D 387 -44.78 25.59 21.20
CA LYS D 387 -46.13 25.05 21.18
C LYS D 387 -47.05 25.88 20.31
N GLU D 388 -46.65 27.11 20.00
CA GLU D 388 -47.47 28.00 19.19
C GLU D 388 -47.24 27.82 17.70
N GLY D 389 -46.45 26.82 17.31
CA GLY D 389 -46.14 26.64 15.90
C GLY D 389 -47.40 26.27 15.12
N SER D 390 -47.51 26.85 13.93
CA SER D 390 -48.69 26.67 13.12
C SER D 390 -48.37 27.00 11.67
N LEU D 391 -49.20 26.47 10.78
CA LEU D 391 -49.33 27.02 9.44
C LEU D 391 -50.50 28.01 9.48
N ARG D 392 -50.41 29.04 8.65
CA ARG D 392 -51.48 30.02 8.51
C ARG D 392 -51.79 30.15 7.03
N ILE D 393 -53.05 29.90 6.66
CA ILE D 393 -53.51 30.07 5.29
C ILE D 393 -54.25 31.40 5.23
N ILE D 394 -53.75 32.31 4.41
CA ILE D 394 -54.23 33.68 4.34
C ILE D 394 -54.71 33.92 2.92
N ARG D 395 -55.94 34.37 2.78
CA ARG D 395 -56.54 34.60 1.48
C ARG D 395 -57.25 35.95 1.52
N ASN D 396 -57.24 36.63 0.38
CA ASN D 396 -57.90 37.94 0.29
C ASN D 396 -59.42 37.73 0.21
N GLY D 397 -60.15 38.32 1.14
CA GLY D 397 -61.58 38.09 1.19
C GLY D 397 -62.37 38.94 0.21
N ILE D 398 -63.50 38.38 -0.20
CA ILE D 398 -64.43 39.08 -1.09
C ILE D 398 -65.78 39.23 -0.39
N GLN D 408 -63.65 44.87 4.29
CA GLN D 408 -62.46 44.31 3.68
C GLN D 408 -61.50 43.81 4.78
N LYS D 409 -61.12 42.54 4.67
CA LYS D 409 -60.28 41.86 5.63
C LYS D 409 -59.59 40.68 4.94
N LEU D 410 -58.58 40.12 5.61
CA LEU D 410 -57.94 38.89 5.18
C LEU D 410 -58.56 37.76 6.01
N HIS D 411 -59.05 36.72 5.33
CA HIS D 411 -59.57 35.54 6.00
C HIS D 411 -58.38 34.63 6.28
N ILE D 412 -58.23 34.21 7.53
CA ILE D 412 -57.04 33.50 7.99
C ILE D 412 -57.48 32.19 8.62
N ARG D 413 -57.05 31.08 8.03
CA ARG D 413 -57.23 29.75 8.58
C ARG D 413 -55.96 29.37 9.32
N THR D 414 -56.11 28.77 10.50
CA THR D 414 -54.99 28.43 11.36
C THR D 414 -54.85 26.93 11.50
N VAL D 415 -53.63 26.42 11.33
CA VAL D 415 -53.35 24.99 11.43
C VAL D 415 -52.31 24.74 12.51
N PRO D 416 -52.71 24.45 13.75
CA PRO D 416 -51.71 24.25 14.81
C PRO D 416 -50.84 23.01 14.59
N LEU D 417 -49.54 23.18 14.88
CA LEU D 417 -48.56 22.11 14.82
C LEU D 417 -47.94 21.75 16.16
N TYR D 418 -48.02 22.63 17.15
CA TYR D 418 -47.50 22.43 18.51
C TYR D 418 -46.00 22.14 18.54
N GLU D 419 -45.30 22.49 17.47
CA GLU D 419 -43.85 22.38 17.37
C GLU D 419 -43.44 23.50 16.42
N SER D 420 -42.16 23.79 16.37
CA SER D 420 -41.70 24.96 15.64
C SER D 420 -41.65 24.66 14.15
N PRO D 421 -42.39 25.39 13.30
CA PRO D 421 -42.27 25.21 11.84
C PRO D 421 -41.13 26.08 11.34
N ARG D 422 -40.37 25.58 10.36
CA ARG D 422 -39.19 26.33 9.92
C ARG D 422 -39.19 26.67 8.42
N LYS D 423 -39.46 25.71 7.53
CA LYS D 423 -39.55 26.02 6.11
C LYS D 423 -40.68 25.22 5.48
N ILE D 424 -41.32 25.83 4.48
CA ILE D 424 -42.46 25.22 3.81
C ILE D 424 -42.23 25.18 2.30
N CYS D 425 -42.78 24.15 1.68
CA CYS D 425 -42.65 23.96 0.25
C CYS D 425 -43.88 23.25 -0.26
N TYR D 426 -44.38 23.71 -1.40
CA TYR D 426 -45.60 23.17 -1.99
C TYR D 426 -45.21 22.24 -3.13
N GLN D 427 -45.82 21.06 -3.16
CA GLN D 427 -45.60 20.04 -4.19
C GLN D 427 -46.95 19.76 -4.82
N GLU D 428 -47.22 20.37 -5.98
CA GLU D 428 -48.52 20.21 -6.59
C GLU D 428 -48.82 18.76 -6.94
N VAL D 429 -47.83 18.05 -7.49
CA VAL D 429 -48.07 16.69 -7.97
C VAL D 429 -48.72 15.84 -6.90
N SER D 430 -48.36 16.05 -5.64
CA SER D 430 -48.89 15.27 -4.53
C SER D 430 -49.99 16.00 -3.76
N GLN D 431 -50.45 17.14 -4.27
CA GLN D 431 -51.47 17.95 -3.61
C GLN D 431 -51.16 18.09 -2.11
N CYS D 432 -49.89 18.38 -1.81
CA CYS D 432 -49.48 18.48 -0.42
C CYS D 432 -48.32 19.47 -0.29
N PHE D 433 -48.12 19.90 0.95
CA PHE D 433 -46.99 20.73 1.32
C PHE D 433 -45.96 19.88 2.05
N GLY D 434 -44.69 20.20 1.85
CA GLY D 434 -43.61 19.72 2.70
C GLY D 434 -43.25 20.83 3.67
N VAL D 435 -43.11 20.47 4.93
CA VAL D 435 -42.80 21.43 5.98
C VAL D 435 -41.69 20.89 6.87
N LEU D 436 -40.61 21.64 6.99
CA LEU D 436 -39.55 21.34 7.96
C LEU D 436 -39.95 21.91 9.31
N SER D 437 -39.80 21.11 10.37
CA SER D 437 -40.21 21.53 11.70
C SER D 437 -39.25 20.95 12.72
N SER D 438 -39.21 21.57 13.89
CA SER D 438 -38.42 21.03 14.99
C SER D 438 -39.18 21.15 16.30
N ARG D 439 -39.02 20.14 17.16
CA ARG D 439 -39.61 20.09 18.47
C ARG D 439 -38.52 19.92 19.52
N ILE D 440 -38.82 20.35 20.74
CA ILE D 440 -37.84 20.30 21.82
C ILE D 440 -38.08 19.04 22.65
N GLU D 441 -37.08 18.19 22.76
CA GLU D 441 -37.09 17.10 23.72
C GLU D 441 -36.04 17.37 24.77
N VAL D 442 -36.15 16.67 25.89
CA VAL D 442 -35.28 16.92 27.04
C VAL D 442 -34.65 15.61 27.48
N GLN D 443 -33.36 15.68 27.83
CA GLN D 443 -32.63 14.53 28.31
C GLN D 443 -33.23 14.00 29.61
N ASP D 444 -33.54 12.71 29.64
CA ASP D 444 -34.22 12.06 30.76
C ASP D 444 -33.31 10.97 31.35
N THR D 445 -33.84 10.29 32.37
CA THR D 445 -33.07 9.27 33.06
C THR D 445 -32.82 8.03 32.22
N SER D 446 -33.57 7.81 31.13
CA SER D 446 -33.30 6.63 30.32
C SER D 446 -32.00 6.77 29.54
N GLY D 447 -31.44 7.97 29.47
CA GLY D 447 -30.32 8.28 28.60
C GLY D 447 -30.71 8.91 27.28
N GLY D 448 -31.99 8.90 26.94
CA GLY D 448 -32.54 9.52 25.76
C GLY D 448 -33.16 10.88 26.02
N THR D 449 -34.17 11.19 25.22
CA THR D 449 -34.88 12.46 25.29
C THR D 449 -36.37 12.16 25.31
N THR D 450 -37.12 13.09 25.90
CA THR D 450 -38.56 12.97 26.04
C THR D 450 -39.20 14.27 25.57
N ALA D 451 -40.26 14.16 24.77
CA ALA D 451 -40.96 15.33 24.26
C ALA D 451 -41.80 15.95 25.37
N LEU D 452 -41.82 17.29 25.41
CA LEU D 452 -42.55 17.93 26.50
C LEU D 452 -44.05 17.81 26.28
N ARG D 453 -44.48 17.70 25.03
CA ARG D 453 -45.89 17.60 24.70
C ARG D 453 -46.02 16.91 23.36
N PRO D 454 -47.14 16.26 23.09
CA PRO D 454 -47.36 15.72 21.74
C PRO D 454 -47.49 16.87 20.75
N SER D 455 -47.05 16.61 19.52
CA SER D 455 -47.06 17.63 18.48
C SER D 455 -47.11 16.95 17.12
N ALA D 456 -47.11 17.77 16.07
CA ALA D 456 -47.40 17.27 14.73
C ALA D 456 -46.51 16.08 14.36
N SER D 457 -45.21 16.17 14.65
CA SER D 457 -44.30 15.13 14.22
C SER D 457 -44.40 13.86 15.06
N THR D 458 -45.10 13.90 16.20
CA THR D 458 -45.25 12.74 17.05
C THR D 458 -46.64 12.12 16.95
N GLN D 459 -47.60 12.86 16.41
CA GLN D 459 -48.97 12.39 16.24
C GLN D 459 -49.25 12.11 14.78
N ALA D 460 -48.20 12.02 13.97
CA ALA D 460 -48.39 11.78 12.55
C ALA D 460 -48.93 10.39 12.30
N LEU D 461 -49.74 10.28 11.23
CA LEU D 461 -50.32 9.00 10.85
C LEU D 461 -49.23 7.99 10.50
N SER D 462 -48.32 8.38 9.61
CA SER D 462 -47.17 7.57 9.25
C SER D 462 -45.91 8.27 9.75
N SER D 463 -44.90 7.48 10.07
CA SER D 463 -43.67 8.02 10.63
C SER D 463 -42.49 7.21 10.13
N SER D 464 -41.34 7.87 10.09
CA SER D 464 -40.09 7.25 9.66
C SER D 464 -38.94 7.96 10.37
N VAL D 465 -37.78 7.31 10.40
CA VAL D 465 -36.58 7.87 11.00
C VAL D 465 -35.41 7.54 10.09
N SER D 466 -34.58 8.54 9.78
CA SER D 466 -33.43 8.27 8.92
C SER D 466 -32.57 7.20 9.57
N SER D 467 -32.10 6.27 8.74
CA SER D 467 -31.17 5.22 9.14
C SER D 467 -29.81 5.48 8.54
N SER D 468 -29.54 6.73 8.16
CA SER D 468 -28.30 7.06 7.47
C SER D 468 -27.10 6.73 8.34
N LYS D 469 -26.10 6.11 7.72
CA LYS D 469 -24.87 5.75 8.41
C LYS D 469 -23.71 6.66 8.01
N LEU D 470 -23.99 7.74 7.26
CA LEU D 470 -22.92 8.56 6.68
C LEU D 470 -21.95 9.07 7.74
N PHE D 471 -22.48 9.69 8.79
CA PHE D 471 -21.61 10.18 9.84
C PHE D 471 -21.29 9.08 10.85
N SER D 472 -22.01 7.96 10.78
CA SER D 472 -21.72 6.77 11.55
C SER D 472 -21.27 7.10 12.96
N SER D 473 -20.41 6.27 13.51
CA SER D 473 -19.76 6.51 14.79
C SER D 473 -18.47 7.31 14.63
N SER D 474 -18.15 7.76 13.42
CA SER D 474 -16.95 8.56 13.19
C SER D 474 -16.87 9.74 14.16
N THR D 475 -17.94 10.52 14.29
CA THR D 475 -17.96 11.64 15.22
C THR D 475 -18.03 11.11 16.65
N ALA D 476 -17.13 11.58 17.51
CA ALA D 476 -17.14 11.18 18.90
C ALA D 476 -18.41 11.66 19.61
N PRO D 477 -19.01 10.84 20.48
CA PRO D 477 -20.25 11.26 21.15
C PRO D 477 -19.95 12.28 22.23
N HIS D 478 -20.82 13.26 22.35
CA HIS D 478 -20.65 14.34 23.29
C HIS D 478 -21.42 14.07 24.58
N GLU D 479 -20.96 14.70 25.65
CA GLU D 479 -21.51 14.40 26.95
C GLU D 479 -22.93 14.95 27.01
N THR D 480 -23.85 14.19 27.59
CA THR D 480 -25.24 14.61 27.76
C THR D 480 -25.56 14.60 29.24
N SER D 481 -26.15 15.70 29.70
CA SER D 481 -26.55 15.88 31.09
C SER D 481 -28.07 15.88 31.17
N PHE D 482 -28.61 15.25 32.22
CA PHE D 482 -30.06 15.22 32.36
C PHE D 482 -30.61 16.64 32.44
N GLY D 483 -31.71 16.88 31.72
CA GLY D 483 -32.37 18.16 31.74
C GLY D 483 -32.03 19.08 30.60
N GLU D 484 -30.97 18.82 29.85
CA GLU D 484 -30.63 19.68 28.73
C GLU D 484 -31.65 19.52 27.60
N GLU D 485 -31.89 20.61 26.90
CA GLU D 485 -32.79 20.60 25.76
C GLU D 485 -32.03 20.23 24.50
N VAL D 486 -32.73 19.57 23.57
CA VAL D 486 -32.20 19.30 22.25
C VAL D 486 -33.34 19.50 21.25
N GLU D 487 -32.98 19.84 20.03
CA GLU D 487 -33.95 19.95 18.95
C GLU D 487 -34.01 18.66 18.17
N VAL D 488 -35.22 18.25 17.80
CA VAL D 488 -35.44 17.10 16.93
C VAL D 488 -36.16 17.61 15.69
N HIS D 489 -35.56 17.40 14.54
CA HIS D 489 -36.07 17.94 13.29
C HIS D 489 -36.79 16.86 12.49
N ASN D 490 -37.81 17.27 11.76
CA ASN D 490 -38.67 16.35 11.04
C ASN D 490 -39.07 17.00 9.72
N LEU D 491 -39.34 16.15 8.74
CA LEU D 491 -40.02 16.55 7.52
C LEU D 491 -41.48 16.15 7.68
N LEU D 492 -42.38 17.11 7.53
CA LEU D 492 -43.82 16.86 7.62
C LEU D 492 -44.43 16.96 6.22
N ILE D 493 -45.25 15.98 5.87
CA ILE D 493 -46.01 15.99 4.64
C ILE D 493 -47.47 16.26 5.02
N ILE D 494 -48.02 17.37 4.54
CA ILE D 494 -49.30 17.88 5.01
C ILE D 494 -50.22 18.06 3.80
N ASP D 495 -51.45 17.53 3.91
CA ASP D 495 -52.41 17.59 2.81
C ASP D 495 -52.84 19.03 2.54
N GLN D 496 -53.00 19.38 1.27
CA GLN D 496 -53.21 20.76 0.88
C GLN D 496 -54.62 21.27 1.15
N HIS D 497 -55.57 20.38 1.40
CA HIS D 497 -56.95 20.77 1.69
C HIS D 497 -57.34 20.58 3.13
N THR D 498 -56.94 19.46 3.73
CA THR D 498 -57.29 19.15 5.10
C THR D 498 -56.23 19.53 6.09
N PHE D 499 -54.97 19.64 5.64
CA PHE D 499 -53.84 19.92 6.50
C PHE D 499 -53.70 18.86 7.58
N GLU D 500 -54.11 17.64 7.25
CA GLU D 500 -53.74 16.47 8.02
C GLU D 500 -52.27 16.16 7.80
N VAL D 501 -51.57 15.78 8.86
CA VAL D 501 -50.18 15.35 8.74
C VAL D 501 -50.15 13.91 8.27
N LEU D 502 -49.81 13.72 7.01
CA LEU D 502 -49.81 12.38 6.42
C LEU D 502 -48.57 11.59 6.81
N HIS D 503 -47.43 12.26 6.91
CA HIS D 503 -46.19 11.57 7.25
C HIS D 503 -45.28 12.49 8.05
N ALA D 504 -44.44 11.88 8.88
CA ALA D 504 -43.41 12.61 9.64
C ALA D 504 -42.11 11.84 9.51
N HIS D 505 -41.07 12.49 9.00
CA HIS D 505 -39.76 11.87 8.90
C HIS D 505 -38.87 12.55 9.93
N GLN D 506 -38.28 11.77 10.82
CA GLN D 506 -37.40 12.32 11.86
C GLN D 506 -35.97 12.19 11.36
N PHE D 507 -35.23 13.28 11.42
CA PHE D 507 -33.86 13.24 10.93
C PHE D 507 -32.92 12.70 12.01
N LEU D 508 -31.65 12.60 11.66
CA LEU D 508 -30.67 12.00 12.55
C LEU D 508 -30.55 12.79 13.83
N GLN D 509 -30.05 12.11 14.87
CA GLN D 509 -29.79 12.78 16.13
C GLN D 509 -28.79 13.90 15.94
N ASN D 510 -29.18 15.09 16.37
CA ASN D 510 -28.40 16.31 16.22
C ASN D 510 -28.33 16.82 14.78
N GLU D 511 -29.22 16.35 13.90
CA GLU D 511 -29.29 16.87 12.54
C GLU D 511 -30.35 17.96 12.49
N TYR D 512 -30.00 19.11 11.93
CA TYR D 512 -30.91 20.24 11.76
C TYR D 512 -31.29 20.34 10.29
N ALA D 513 -32.60 20.36 10.02
CA ALA D 513 -33.09 20.58 8.66
C ALA D 513 -33.13 22.07 8.40
N LEU D 514 -32.41 22.52 7.37
CA LEU D 514 -32.27 23.94 7.10
C LEU D 514 -32.90 24.40 5.79
N SER D 515 -33.02 23.54 4.78
CA SER D 515 -33.47 23.97 3.47
C SER D 515 -34.32 22.88 2.85
N LEU D 516 -35.30 23.30 2.04
CA LEU D 516 -36.28 22.39 1.46
C LEU D 516 -36.71 22.90 0.10
N VAL D 517 -36.73 22.00 -0.89
CA VAL D 517 -37.25 22.30 -2.21
C VAL D 517 -38.15 21.16 -2.69
N SER D 518 -39.04 21.49 -3.62
CA SER D 518 -39.85 20.53 -4.34
C SER D 518 -39.61 20.78 -5.82
N CYS D 519 -39.17 19.75 -6.54
CA CYS D 519 -38.85 19.96 -7.95
C CYS D 519 -38.64 18.64 -8.65
N LYS D 520 -38.63 18.71 -9.99
CA LYS D 520 -38.15 17.65 -10.86
C LYS D 520 -36.70 17.98 -11.21
N LEU D 521 -35.87 16.96 -11.37
CA LEU D 521 -34.48 17.17 -11.75
C LEU D 521 -34.10 16.34 -12.97
N GLY D 522 -33.16 16.88 -13.74
CA GLY D 522 -32.59 16.12 -14.84
C GLY D 522 -33.63 15.58 -15.78
N LYS D 523 -33.45 14.32 -16.17
CA LYS D 523 -34.40 13.62 -17.01
C LYS D 523 -35.36 12.73 -16.21
N ASP D 524 -35.38 12.90 -14.88
CA ASP D 524 -36.27 12.12 -14.02
C ASP D 524 -37.63 12.80 -13.94
N PRO D 525 -38.72 12.16 -14.40
CA PRO D 525 -40.04 12.80 -14.31
C PRO D 525 -40.61 12.83 -12.90
N ASN D 526 -40.03 12.09 -11.96
CA ASN D 526 -40.55 12.05 -10.60
C ASN D 526 -40.28 13.37 -9.88
N THR D 527 -41.26 13.83 -9.12
CA THR D 527 -41.15 15.07 -8.35
C THR D 527 -40.79 14.74 -6.90
N TYR D 528 -39.70 15.35 -6.42
CA TYR D 528 -39.12 15.01 -5.13
C TYR D 528 -39.19 16.16 -4.15
N PHE D 529 -39.21 15.81 -2.86
CA PHE D 529 -38.90 16.73 -1.77
C PHE D 529 -37.43 16.54 -1.43
N ILE D 530 -36.67 17.64 -1.43
CA ILE D 530 -35.23 17.58 -1.16
C ILE D 530 -34.93 18.48 0.03
N VAL D 531 -34.20 17.96 1.01
CA VAL D 531 -33.93 18.66 2.26
C VAL D 531 -32.43 18.78 2.43
N GLY D 532 -31.98 19.98 2.81
CA GLY D 532 -30.59 20.24 3.12
C GLY D 532 -30.42 20.39 4.62
N THR D 533 -29.43 19.70 5.16
CA THR D 533 -29.29 19.55 6.59
C THR D 533 -27.90 19.97 7.05
N ALA D 534 -27.75 20.06 8.38
CA ALA D 534 -26.49 20.38 9.02
C ALA D 534 -26.41 19.57 10.31
N MET D 535 -25.23 19.03 10.61
CA MET D 535 -24.98 18.35 11.87
C MET D 535 -24.53 19.37 12.89
N VAL D 536 -25.37 19.63 13.88
CA VAL D 536 -25.14 20.70 14.83
C VAL D 536 -24.69 20.06 16.13
N TYR D 537 -23.43 20.22 16.46
CA TYR D 537 -22.88 19.80 17.73
C TYR D 537 -22.44 21.04 18.51
N PRO D 538 -22.73 21.09 19.81
CA PRO D 538 -22.53 22.36 20.55
C PRO D 538 -21.13 22.93 20.52
N GLU D 539 -20.10 22.09 20.41
CA GLU D 539 -18.74 22.58 20.49
C GLU D 539 -18.31 23.34 19.25
N GLU D 540 -18.85 22.98 18.09
CA GLU D 540 -18.36 23.53 16.83
C GLU D 540 -18.96 24.90 16.62
N ALA D 541 -18.14 25.84 16.17
CA ALA D 541 -18.66 27.16 15.86
C ALA D 541 -19.48 27.15 14.58
N GLU D 542 -19.00 26.43 13.57
CA GLU D 542 -19.66 26.32 12.29
C GLU D 542 -19.77 24.81 12.02
N PRO D 543 -20.96 24.31 11.68
CA PRO D 543 -21.08 22.88 11.40
C PRO D 543 -20.18 22.47 10.25
N LYS D 544 -19.58 21.29 10.36
CA LYS D 544 -18.65 20.80 9.35
C LYS D 544 -19.16 19.55 8.65
N GLN D 545 -20.35 19.06 9.00
CA GLN D 545 -20.96 17.91 8.35
C GLN D 545 -22.40 18.21 7.99
N GLY D 546 -22.87 17.56 6.92
CA GLY D 546 -24.24 17.77 6.48
C GLY D 546 -24.65 16.78 5.42
N ARG D 547 -25.95 16.80 5.12
CA ARG D 547 -26.52 15.93 4.13
C ARG D 547 -27.48 16.70 3.24
N ILE D 548 -27.58 16.26 2.00
CA ILE D 548 -28.68 16.59 1.11
C ILE D 548 -29.46 15.30 0.90
N VAL D 549 -30.76 15.33 1.19
CA VAL D 549 -31.59 14.13 1.16
C VAL D 549 -32.73 14.35 0.18
N VAL D 550 -32.91 13.40 -0.73
CA VAL D 550 -33.98 13.44 -1.72
C VAL D 550 -35.02 12.40 -1.34
N PHE D 551 -36.27 12.84 -1.17
CA PHE D 551 -37.39 11.98 -0.83
C PHE D 551 -38.39 11.96 -1.99
N GLN D 552 -39.25 10.92 -2.01
CA GLN D 552 -40.43 10.93 -2.86
C GLN D 552 -41.64 10.51 -2.04
N TYR D 553 -42.66 11.37 -1.99
CA TYR D 553 -43.95 11.01 -1.40
C TYR D 553 -44.88 10.52 -2.52
N SER D 554 -45.12 9.21 -2.58
CA SER D 554 -46.00 8.62 -3.58
C SER D 554 -46.76 7.47 -2.94
N ASP D 555 -48.04 7.36 -3.27
CA ASP D 555 -48.91 6.31 -2.74
C ASP D 555 -48.91 6.31 -1.21
N GLY D 556 -48.96 7.51 -0.63
CA GLY D 556 -49.09 7.60 0.80
C GLY D 556 -47.86 7.26 1.60
N LYS D 557 -46.72 6.99 0.97
CA LYS D 557 -45.50 6.65 1.69
C LYS D 557 -44.30 7.43 1.17
N LEU D 558 -43.47 7.89 2.10
CA LEU D 558 -42.22 8.55 1.78
C LEU D 558 -41.09 7.54 1.61
N GLN D 559 -40.33 7.69 0.53
CA GLN D 559 -39.19 6.85 0.22
C GLN D 559 -37.95 7.72 0.15
N THR D 560 -36.87 7.29 0.80
CA THR D 560 -35.61 8.02 0.74
C THR D 560 -34.92 7.62 -0.55
N VAL D 561 -34.80 8.54 -1.49
CA VAL D 561 -34.34 8.18 -2.82
C VAL D 561 -32.82 8.22 -2.91
N ALA D 562 -32.21 9.21 -2.27
CA ALA D 562 -30.76 9.36 -2.33
C ALA D 562 -30.31 10.34 -1.25
N GLU D 563 -29.07 10.18 -0.82
CA GLU D 563 -28.45 11.06 0.14
C GLU D 563 -27.05 11.41 -0.35
N LYS D 564 -26.70 12.67 -0.22
CA LYS D 564 -25.41 13.22 -0.62
C LYS D 564 -24.78 13.84 0.61
N GLU D 565 -23.58 13.40 0.95
CA GLU D 565 -22.86 13.96 2.08
C GLU D 565 -22.14 15.24 1.67
N VAL D 566 -22.18 16.24 2.53
CA VAL D 566 -21.45 17.47 2.33
C VAL D 566 -20.70 17.81 3.61
N LYS D 567 -19.70 18.68 3.48
CA LYS D 567 -18.84 19.06 4.59
C LYS D 567 -19.28 20.40 5.18
N GLY D 568 -20.56 20.57 5.46
CA GLY D 568 -21.07 21.81 5.98
C GLY D 568 -22.59 21.79 6.07
N ALA D 569 -23.15 22.98 6.29
CA ALA D 569 -24.59 23.13 6.45
C ALA D 569 -25.21 23.64 5.15
N VAL D 570 -26.26 22.97 4.71
CA VAL D 570 -26.95 23.35 3.46
C VAL D 570 -28.01 24.37 3.84
N TYR D 571 -27.58 25.64 3.91
CA TYR D 571 -28.49 26.70 4.36
C TYR D 571 -29.59 26.95 3.34
N SER D 572 -29.28 26.85 2.05
CA SER D 572 -30.22 27.20 1.01
C SER D 572 -30.07 26.29 -0.20
N MET D 573 -31.20 25.96 -0.82
CA MET D 573 -31.25 25.21 -2.06
C MET D 573 -32.31 25.83 -2.93
N VAL D 574 -32.11 25.74 -4.24
CA VAL D 574 -33.11 26.18 -5.20
C VAL D 574 -32.92 25.38 -6.48
N GLU D 575 -34.05 25.09 -7.14
CA GLU D 575 -33.99 24.38 -8.40
C GLU D 575 -33.51 25.33 -9.50
N PHE D 576 -32.52 24.88 -10.25
CA PHE D 576 -31.82 25.71 -11.23
C PHE D 576 -31.76 24.94 -12.56
N ASN D 577 -32.74 25.20 -13.43
CA ASN D 577 -32.72 24.69 -14.79
C ASN D 577 -32.44 23.19 -14.78
N GLY D 578 -33.25 22.47 -14.02
CA GLY D 578 -33.12 21.04 -13.94
C GLY D 578 -31.97 20.54 -13.08
N LYS D 579 -31.19 21.43 -12.49
CA LYS D 579 -30.09 21.07 -11.61
C LYS D 579 -30.39 21.62 -10.22
N LEU D 580 -29.68 21.09 -9.23
CA LEU D 580 -29.88 21.47 -7.84
C LEU D 580 -28.79 22.44 -7.42
N LEU D 581 -29.17 23.67 -7.10
CA LEU D 581 -28.25 24.69 -6.62
C LEU D 581 -28.35 24.73 -5.09
N ALA D 582 -27.23 24.49 -4.42
CA ALA D 582 -27.19 24.39 -2.97
C ALA D 582 -26.00 25.18 -2.45
N SER D 583 -26.12 25.69 -1.22
CA SER D 583 -25.11 26.53 -0.58
C SER D 583 -24.65 25.81 0.69
N ILE D 584 -23.49 25.17 0.63
CA ILE D 584 -22.82 24.62 1.80
C ILE D 584 -21.80 25.63 2.35
N ASN D 585 -22.03 26.13 3.57
CA ASN D 585 -21.22 27.19 4.18
C ASN D 585 -20.80 28.29 3.21
N SER D 586 -19.50 28.42 2.93
CA SER D 586 -19.05 29.44 2.00
C SER D 586 -19.15 29.02 0.54
N THR D 587 -19.50 27.78 0.26
CA THR D 587 -19.40 27.24 -1.09
C THR D 587 -20.80 27.23 -1.69
N VAL D 588 -20.90 27.66 -2.95
CA VAL D 588 -22.12 27.56 -3.73
C VAL D 588 -21.87 26.53 -4.82
N ARG D 589 -22.66 25.45 -4.81
CA ARG D 589 -22.46 24.32 -5.72
C ARG D 589 -23.68 24.09 -6.59
N LEU D 590 -23.44 23.64 -7.82
CA LEU D 590 -24.48 23.18 -8.73
C LEU D 590 -24.35 21.67 -8.86
N TYR D 591 -25.44 20.96 -8.61
CA TYR D 591 -25.46 19.51 -8.67
C TYR D 591 -26.30 19.05 -9.85
N GLU D 592 -25.84 18.01 -10.55
CA GLU D 592 -26.61 17.35 -11.59
C GLU D 592 -27.21 16.05 -11.04
N TRP D 593 -28.33 15.64 -11.62
CA TRP D 593 -29.05 14.44 -11.20
C TRP D 593 -28.81 13.36 -12.25
N THR D 594 -28.04 12.34 -11.88
CA THR D 594 -27.61 11.36 -12.85
C THR D 594 -28.75 10.40 -13.19
N THR D 595 -28.54 9.59 -14.21
CA THR D 595 -29.48 8.53 -14.53
C THR D 595 -29.48 7.40 -13.50
N GLU D 596 -28.50 7.35 -12.60
CA GLU D 596 -28.52 6.43 -11.47
C GLU D 596 -29.16 7.02 -10.23
N LYS D 597 -29.90 8.13 -10.39
CA LYS D 597 -30.64 8.76 -9.30
C LYS D 597 -29.73 9.11 -8.11
N GLU D 598 -28.63 9.83 -8.40
CA GLU D 598 -27.78 10.39 -7.36
C GLU D 598 -27.25 11.74 -7.82
N LEU D 599 -26.85 12.56 -6.85
CA LEU D 599 -26.36 13.91 -7.13
C LEU D 599 -24.86 13.91 -7.41
N ARG D 600 -24.46 14.65 -8.46
CA ARG D 600 -23.08 14.75 -8.90
C ARG D 600 -22.71 16.23 -9.03
N THR D 601 -21.59 16.62 -8.42
CA THR D 601 -21.20 18.03 -8.45
C THR D 601 -20.74 18.42 -9.85
N GLU D 602 -21.23 19.55 -10.35
CA GLU D 602 -20.75 20.08 -11.63
C GLU D 602 -19.69 21.16 -11.42
N CYS D 603 -20.03 22.20 -10.67
CA CYS D 603 -19.11 23.31 -10.49
C CYS D 603 -19.38 23.99 -9.16
N ASN D 604 -18.38 24.70 -8.67
CA ASN D 604 -18.46 25.36 -7.37
C ASN D 604 -17.98 26.80 -7.48
N HIS D 605 -18.45 27.60 -6.52
CA HIS D 605 -18.01 28.97 -6.27
C HIS D 605 -17.71 29.09 -4.79
N TYR D 606 -16.51 29.56 -4.44
CA TYR D 606 -16.09 29.50 -3.06
C TYR D 606 -15.92 30.87 -2.39
N ASN D 607 -16.10 31.97 -3.12
CA ASN D 607 -15.80 33.29 -2.53
C ASN D 607 -17.01 33.83 -1.76
N ASN D 608 -17.21 33.28 -0.57
CA ASN D 608 -18.26 33.75 0.32
C ASN D 608 -17.81 33.58 1.75
N ILE D 609 -18.48 34.31 2.64
CA ILE D 609 -18.29 34.10 4.08
C ILE D 609 -19.28 33.03 4.53
N MET D 610 -20.56 33.30 4.34
CA MET D 610 -21.60 32.29 4.52
C MET D 610 -22.70 32.57 3.51
N ALA D 611 -22.96 31.61 2.63
CA ALA D 611 -23.93 31.76 1.54
C ALA D 611 -25.29 31.39 2.10
N LEU D 612 -25.88 32.31 2.85
CA LEU D 612 -27.10 32.01 3.59
C LEU D 612 -28.31 31.91 2.67
N TYR D 613 -28.40 32.78 1.66
CA TYR D 613 -29.60 32.82 0.82
C TYR D 613 -29.27 32.76 -0.67
N LEU D 614 -30.09 32.02 -1.43
CA LEU D 614 -29.91 31.83 -2.86
C LEU D 614 -31.25 32.09 -3.54
N LYS D 615 -31.22 32.82 -4.66
CA LYS D 615 -32.37 33.02 -5.53
C LYS D 615 -31.87 32.92 -6.97
N THR D 616 -32.78 32.56 -7.88
CA THR D 616 -32.38 32.39 -9.27
C THR D 616 -33.36 33.01 -10.25
N LYS D 617 -32.83 33.40 -11.41
CA LYS D 617 -33.61 33.83 -12.58
C LYS D 617 -32.79 33.47 -13.82
N GLY D 618 -33.29 32.54 -14.63
CA GLY D 618 -32.53 32.15 -15.81
C GLY D 618 -31.26 31.44 -15.41
N ASP D 619 -30.13 31.87 -15.97
CA ASP D 619 -28.82 31.35 -15.61
C ASP D 619 -28.11 32.23 -14.59
N PHE D 620 -28.83 33.19 -14.00
CA PHE D 620 -28.30 34.09 -13.00
C PHE D 620 -28.66 33.64 -11.60
N ILE D 621 -27.77 33.89 -10.65
CA ILE D 621 -27.95 33.49 -9.26
C ILE D 621 -27.63 34.67 -8.36
N LEU D 622 -28.51 34.96 -7.42
CA LEU D 622 -28.27 36.01 -6.43
C LEU D 622 -27.92 35.32 -5.12
N VAL D 623 -26.70 35.54 -4.63
CA VAL D 623 -26.22 34.89 -3.42
C VAL D 623 -26.33 35.91 -2.29
N GLY D 624 -26.91 35.49 -1.17
CA GLY D 624 -27.00 36.35 0.00
C GLY D 624 -26.03 35.92 1.08
N ASP D 625 -25.14 36.80 1.49
CA ASP D 625 -24.05 36.47 2.39
C ASP D 625 -24.29 37.09 3.76
N LEU D 626 -23.53 36.60 4.73
CA LEU D 626 -23.67 37.06 6.11
C LEU D 626 -23.38 38.56 6.23
N MET D 627 -22.27 39.00 5.64
CA MET D 627 -21.80 40.36 5.77
C MET D 627 -21.43 41.01 4.45
N ARG D 628 -21.38 40.26 3.36
CA ARG D 628 -20.94 40.80 2.08
C ARG D 628 -22.10 41.06 1.14
N SER D 629 -23.29 41.30 1.71
CA SER D 629 -24.47 41.76 0.97
C SER D 629 -24.79 40.72 -0.10
N VAL D 630 -24.93 41.12 -1.36
CA VAL D 630 -25.43 40.26 -2.42
C VAL D 630 -24.39 40.21 -3.54
N LEU D 631 -24.30 39.05 -4.17
CA LEU D 631 -23.39 38.78 -5.26
C LEU D 631 -24.22 38.15 -6.38
N LEU D 632 -24.22 38.79 -7.54
CA LEU D 632 -24.85 38.21 -8.72
C LEU D 632 -23.86 37.23 -9.35
N LEU D 633 -24.14 35.94 -9.22
CA LEU D 633 -23.44 34.93 -9.98
C LEU D 633 -24.21 34.59 -11.26
N ALA D 634 -23.48 34.05 -12.23
CA ALA D 634 -24.09 33.58 -13.46
C ALA D 634 -23.47 32.23 -13.80
N TYR D 635 -24.29 31.33 -14.32
CA TYR D 635 -23.84 30.05 -14.82
C TYR D 635 -23.47 30.21 -16.29
N LYS D 636 -22.24 29.85 -16.63
CA LYS D 636 -21.83 29.94 -18.03
C LYS D 636 -21.90 28.54 -18.63
N PRO D 637 -22.98 28.17 -19.31
CA PRO D 637 -23.14 26.77 -19.74
C PRO D 637 -22.05 26.30 -20.69
N MET D 638 -21.49 27.19 -21.54
CA MET D 638 -20.47 26.72 -22.47
C MET D 638 -19.27 26.15 -21.73
N GLU D 639 -18.95 26.67 -20.54
CA GLU D 639 -17.78 26.18 -19.82
C GLU D 639 -18.13 25.25 -18.66
N GLY D 640 -19.37 25.28 -18.18
CA GLY D 640 -19.75 24.42 -17.07
C GLY D 640 -19.25 24.88 -15.72
N ASN D 641 -19.35 26.18 -15.43
CA ASN D 641 -18.82 26.74 -14.20
C ASN D 641 -19.50 28.08 -13.96
N PHE D 642 -19.22 28.66 -12.81
CA PHE D 642 -19.79 29.95 -12.44
C PHE D 642 -18.86 31.08 -12.88
N GLU D 643 -19.42 32.29 -12.89
CA GLU D 643 -18.66 33.52 -13.15
C GLU D 643 -19.35 34.64 -12.38
N GLU D 644 -18.56 35.46 -11.70
CA GLU D 644 -19.09 36.53 -10.86
C GLU D 644 -19.42 37.74 -11.74
N ILE D 645 -20.71 37.99 -11.96
CA ILE D 645 -21.08 39.17 -12.74
C ILE D 645 -20.87 40.44 -11.93
N ALA D 646 -21.41 40.49 -10.71
CA ALA D 646 -21.30 41.72 -9.92
C ALA D 646 -21.57 41.45 -8.45
N ARG D 647 -20.93 42.26 -7.59
CA ARG D 647 -21.08 42.13 -6.15
C ARG D 647 -21.36 43.51 -5.54
N ASP D 648 -22.17 43.53 -4.49
CA ASP D 648 -22.37 44.74 -3.70
C ASP D 648 -21.26 44.78 -2.65
N PHE D 649 -20.26 45.62 -2.87
CA PHE D 649 -19.13 45.64 -1.95
C PHE D 649 -19.46 46.26 -0.61
N ASN D 650 -20.50 47.06 -0.52
CA ASN D 650 -20.92 47.61 0.77
C ASN D 650 -21.34 46.50 1.72
N PRO D 651 -20.89 46.48 2.96
CA PRO D 651 -21.15 45.33 3.86
C PRO D 651 -22.50 45.49 4.55
N ASN D 652 -23.36 44.46 4.39
CA ASN D 652 -24.66 44.44 5.03
C ASN D 652 -24.96 43.06 5.61
N TRP D 653 -25.54 43.01 6.81
CA TRP D 653 -26.02 41.74 7.36
C TRP D 653 -27.36 41.41 6.71
N MET D 654 -27.41 40.34 5.94
CA MET D 654 -28.57 40.08 5.10
C MET D 654 -29.52 39.21 5.91
N SER D 655 -30.82 39.45 5.73
CA SER D 655 -31.86 38.59 6.29
C SER D 655 -32.64 37.84 5.22
N ALA D 656 -32.75 38.40 4.02
CA ALA D 656 -33.39 37.77 2.88
C ALA D 656 -33.03 38.54 1.62
N VAL D 657 -33.09 37.87 0.48
CA VAL D 657 -32.80 38.48 -0.80
C VAL D 657 -33.90 38.08 -1.77
N GLU D 658 -34.09 38.89 -2.81
CA GLU D 658 -34.99 38.50 -3.89
C GLU D 658 -34.55 39.19 -5.18
N ILE D 659 -34.77 38.52 -6.30
CA ILE D 659 -34.50 39.08 -7.61
C ILE D 659 -35.79 39.72 -8.11
N LEU D 660 -35.72 41.01 -8.44
CA LEU D 660 -36.89 41.74 -8.94
C LEU D 660 -37.01 41.63 -10.45
N ASP D 661 -35.92 41.83 -11.16
CA ASP D 661 -35.86 41.67 -12.60
C ASP D 661 -34.41 41.44 -13.00
N ASP D 662 -34.13 41.39 -14.30
CA ASP D 662 -32.80 41.05 -14.75
C ASP D 662 -31.75 42.04 -14.27
N ASP D 663 -32.15 43.24 -13.87
CA ASP D 663 -31.20 44.27 -13.46
C ASP D 663 -31.33 44.73 -12.02
N ASN D 664 -32.51 44.61 -11.40
CA ASN D 664 -32.70 45.06 -10.02
C ASN D 664 -32.79 43.87 -9.06
N PHE D 665 -32.03 43.95 -7.97
CA PHE D 665 -31.95 42.89 -6.98
C PHE D 665 -32.25 43.53 -5.63
N LEU D 666 -33.10 42.86 -4.84
CA LEU D 666 -33.63 43.39 -3.60
C LEU D 666 -33.01 42.68 -2.39
N GLY D 667 -32.89 43.41 -1.28
CA GLY D 667 -32.30 42.85 -0.08
C GLY D 667 -32.86 43.42 1.19
N ALA D 668 -32.79 42.63 2.27
CA ALA D 668 -33.26 43.03 3.59
C ALA D 668 -32.14 42.83 4.60
N GLU D 669 -31.98 43.80 5.48
CA GLU D 669 -30.89 43.85 6.44
C GLU D 669 -31.40 43.59 7.85
N ASN D 670 -30.46 43.21 8.73
CA ASN D 670 -30.82 43.04 10.14
C ASN D 670 -31.04 44.36 10.86
N ALA D 671 -30.89 45.48 10.16
CA ALA D 671 -31.16 46.79 10.70
C ALA D 671 -32.58 47.23 10.40
N PHE D 672 -33.41 46.33 9.90
CA PHE D 672 -34.77 46.64 9.51
C PHE D 672 -34.80 47.54 8.29
N ASN D 673 -33.84 47.38 7.39
CA ASN D 673 -33.77 48.21 6.21
C ASN D 673 -33.94 47.34 4.97
N LEU D 674 -34.46 47.94 3.90
CA LEU D 674 -34.55 47.31 2.60
C LEU D 674 -33.63 48.08 1.67
N PHE D 675 -32.98 47.40 0.72
CA PHE D 675 -32.21 48.13 -0.26
C PHE D 675 -32.29 47.40 -1.59
N VAL D 676 -32.07 48.15 -2.66
CA VAL D 676 -32.07 47.61 -4.01
C VAL D 676 -30.77 48.02 -4.68
N CYS D 677 -30.00 47.05 -5.14
CA CYS D 677 -28.75 47.30 -5.87
C CYS D 677 -28.93 46.79 -7.29
N GLN D 678 -28.53 47.60 -8.26
CA GLN D 678 -28.64 47.26 -9.67
C GLN D 678 -27.26 47.22 -10.30
N LYS D 679 -27.11 46.32 -11.28
CA LYS D 679 -25.90 46.34 -12.08
C LYS D 679 -25.78 47.73 -12.69
N ASP D 680 -24.59 48.31 -12.64
CA ASP D 680 -24.45 49.60 -13.30
C ASP D 680 -24.54 49.43 -14.81
N SER D 681 -23.91 48.39 -15.35
CA SER D 681 -23.91 48.14 -16.79
C SER D 681 -23.60 49.41 -17.55
N ALA D 682 -22.96 50.35 -16.85
CA ALA D 682 -22.56 51.66 -17.34
C ALA D 682 -21.09 51.91 -16.97
N ALA D 683 -20.55 53.00 -17.52
CA ALA D 683 -19.17 53.46 -17.37
C ALA D 683 -18.20 52.74 -18.30
N THR D 684 -18.67 51.83 -19.15
CA THR D 684 -17.86 51.16 -20.16
C THR D 684 -16.55 50.56 -19.63
N THR D 685 -16.50 50.18 -18.36
CA THR D 685 -15.36 49.47 -17.80
C THR D 685 -15.79 48.08 -17.33
N ASP D 686 -14.99 47.06 -17.64
CA ASP D 686 -15.31 45.73 -17.11
C ASP D 686 -15.19 45.73 -15.60
N GLU D 687 -14.17 46.42 -15.07
CA GLU D 687 -14.00 46.49 -13.62
C GLU D 687 -15.15 47.25 -12.97
N GLU D 688 -15.57 48.36 -13.56
CA GLU D 688 -16.64 49.14 -12.93
C GLU D 688 -17.99 48.43 -13.00
N ARG D 689 -18.27 47.71 -14.09
CA ARG D 689 -19.54 46.97 -14.15
C ARG D 689 -19.67 45.99 -12.99
N GLN D 690 -18.55 45.47 -12.48
CA GLN D 690 -18.66 44.47 -11.42
C GLN D 690 -19.09 45.08 -10.09
N HIS D 691 -19.24 46.40 -10.01
CA HIS D 691 -19.64 47.05 -8.78
C HIS D 691 -21.15 47.20 -8.86
N LEU D 692 -21.85 46.50 -7.97
CA LEU D 692 -23.28 46.71 -7.77
C LEU D 692 -23.51 47.97 -6.97
N GLN D 693 -24.41 48.81 -7.44
CA GLN D 693 -24.62 50.10 -6.81
C GLN D 693 -25.94 50.07 -6.07
N GLU D 694 -25.91 50.34 -4.76
CA GLU D 694 -27.13 50.51 -4.00
C GLU D 694 -27.85 51.76 -4.51
N VAL D 695 -29.00 51.56 -5.12
CA VAL D 695 -29.78 52.65 -5.70
C VAL D 695 -31.07 52.92 -4.97
N GLY D 696 -31.45 52.07 -4.02
CA GLY D 696 -32.64 52.24 -3.23
C GLY D 696 -32.35 51.90 -1.78
N LEU D 697 -32.78 52.76 -0.88
CA LEU D 697 -32.58 52.58 0.55
C LEU D 697 -33.87 52.97 1.24
N PHE D 698 -34.33 52.14 2.18
CA PHE D 698 -35.61 52.37 2.83
C PHE D 698 -35.62 51.68 4.18
N HIS D 699 -36.01 52.41 5.22
CA HIS D 699 -36.14 51.84 6.56
C HIS D 699 -37.54 51.24 6.69
N LEU D 700 -37.61 49.91 6.66
CA LEU D 700 -38.91 49.24 6.67
C LEU D 700 -39.53 49.27 8.06
N GLY D 701 -38.73 49.04 9.09
CA GLY D 701 -39.25 48.97 10.44
C GLY D 701 -39.60 47.56 10.86
N GLU D 702 -39.47 46.59 9.97
CA GLU D 702 -39.78 45.20 10.26
C GLU D 702 -38.59 44.37 9.83
N PHE D 703 -38.50 43.17 10.40
CA PHE D 703 -37.47 42.20 10.06
C PHE D 703 -38.02 41.22 9.05
N VAL D 704 -37.39 41.15 7.88
CA VAL D 704 -37.88 40.34 6.77
C VAL D 704 -37.18 39.00 6.77
N ASN D 705 -37.95 37.93 6.97
CA ASN D 705 -37.43 36.57 6.88
C ASN D 705 -37.54 35.98 5.48
N VAL D 706 -38.66 36.20 4.78
CA VAL D 706 -38.94 35.49 3.55
C VAL D 706 -39.49 36.45 2.50
N PHE D 707 -38.92 36.37 1.29
CA PHE D 707 -39.43 37.05 0.09
C PHE D 707 -39.99 36.03 -0.90
N CYS D 708 -41.17 36.33 -1.47
CA CYS D 708 -41.75 35.43 -2.47
C CYS D 708 -42.56 36.22 -3.49
N HIS D 709 -42.38 35.88 -4.76
CA HIS D 709 -43.15 36.46 -5.85
C HIS D 709 -44.58 35.92 -5.84
N GLY D 710 -45.53 36.83 -5.78
CA GLY D 710 -46.94 36.48 -5.80
C GLY D 710 -47.80 37.67 -5.44
N SER D 711 -49.11 37.49 -5.63
CA SER D 711 -50.09 38.50 -5.27
C SER D 711 -51.31 37.78 -4.76
N LEU D 712 -51.86 38.29 -3.64
CA LEU D 712 -53.05 37.68 -3.07
C LEU D 712 -54.32 38.18 -3.73
N VAL D 713 -54.25 39.28 -4.46
CA VAL D 713 -55.39 39.83 -5.18
C VAL D 713 -55.53 39.08 -6.50
N MET D 714 -56.76 38.92 -6.96
CA MET D 714 -57.03 38.16 -8.17
C MET D 714 -56.46 38.82 -9.41
N GLN D 715 -55.74 38.03 -10.19
CA GLN D 715 -55.15 38.47 -11.45
C GLN D 715 -56.06 37.96 -12.56
N ASN D 716 -56.58 38.86 -13.39
CA ASN D 716 -57.39 38.45 -14.52
C ASN D 716 -56.48 38.27 -15.73
N LEU D 717 -56.62 37.14 -16.42
CA LEU D 717 -55.80 36.90 -17.61
C LEU D 717 -55.93 38.06 -18.57
N GLY D 718 -57.05 38.77 -18.52
CA GLY D 718 -57.19 39.94 -19.36
C GLY D 718 -56.16 40.98 -18.98
N GLU D 719 -55.62 41.65 -19.99
CA GLU D 719 -54.53 42.58 -19.74
C GLU D 719 -55.09 43.88 -19.19
N THR D 720 -54.58 44.28 -18.03
CA THR D 720 -54.89 45.55 -17.40
C THR D 720 -53.60 46.35 -17.27
N SER D 721 -53.66 47.63 -17.64
CA SER D 721 -52.48 48.49 -17.51
C SER D 721 -52.40 49.03 -16.09
N THR D 722 -51.88 48.20 -15.19
CA THR D 722 -51.65 48.66 -13.84
C THR D 722 -50.43 49.57 -13.82
N PRO D 723 -50.40 50.59 -12.95
CA PRO D 723 -49.16 51.36 -12.81
C PRO D 723 -48.04 50.55 -12.19
N THR D 724 -48.36 49.77 -11.17
CA THR D 724 -47.41 48.89 -10.51
C THR D 724 -47.03 47.74 -11.43
N GLN D 725 -45.74 47.46 -11.50
CA GLN D 725 -45.19 46.35 -12.26
C GLN D 725 -44.50 45.40 -11.29
N GLY D 726 -44.94 44.14 -11.28
CA GLY D 726 -44.36 43.16 -10.39
C GLY D 726 -45.01 43.14 -9.01
N SER D 727 -44.82 42.02 -8.33
CA SER D 727 -45.39 41.84 -7.00
C SER D 727 -44.51 40.88 -6.21
N VAL D 728 -43.88 41.38 -5.15
CA VAL D 728 -43.09 40.59 -4.22
C VAL D 728 -43.69 40.76 -2.82
N LEU D 729 -44.06 39.65 -2.20
CA LEU D 729 -44.54 39.64 -0.82
C LEU D 729 -43.42 39.28 0.15
N PHE D 730 -43.47 39.87 1.34
CA PHE D 730 -42.50 39.54 2.38
C PHE D 730 -43.18 39.35 3.73
N GLY D 731 -42.68 38.35 4.45
CA GLY D 731 -43.17 38.00 5.79
C GLY D 731 -42.14 38.39 6.83
N THR D 732 -42.60 38.85 7.98
CA THR D 732 -41.72 39.42 9.00
C THR D 732 -41.90 38.75 10.35
N VAL D 733 -41.13 39.23 11.32
CA VAL D 733 -41.09 38.64 12.65
C VAL D 733 -42.28 39.04 13.49
N ASN D 734 -42.86 40.20 13.22
CA ASN D 734 -44.02 40.67 13.97
C ASN D 734 -45.34 40.25 13.34
N GLY D 735 -45.31 39.45 12.28
CA GLY D 735 -46.54 39.01 11.64
C GLY D 735 -46.96 39.89 10.50
N MET D 736 -46.33 41.05 10.34
CA MET D 736 -46.69 41.97 9.28
C MET D 736 -46.37 41.31 7.94
N ILE D 737 -47.29 41.47 6.97
CA ILE D 737 -47.06 41.04 5.60
C ILE D 737 -47.05 42.29 4.72
N GLY D 738 -46.12 42.32 3.76
CA GLY D 738 -45.95 43.50 2.93
C GLY D 738 -45.70 43.11 1.49
N LEU D 739 -45.76 44.13 0.63
CA LEU D 739 -45.63 43.97 -0.81
C LEU D 739 -44.69 45.00 -1.39
N VAL D 740 -43.78 44.54 -2.24
CA VAL D 740 -42.85 45.40 -2.98
C VAL D 740 -43.15 45.29 -4.47
N THR D 741 -43.27 46.43 -5.14
CA THR D 741 -43.52 46.51 -6.57
C THR D 741 -42.69 47.65 -7.16
N SER D 742 -42.24 47.47 -8.39
CA SER D 742 -41.43 48.47 -9.07
C SER D 742 -42.34 49.47 -9.80
N LEU D 743 -41.82 50.67 -10.03
CA LEU D 743 -42.58 51.74 -10.68
C LEU D 743 -41.81 52.33 -11.84
N SER D 744 -42.56 52.88 -12.80
CA SER D 744 -41.95 53.60 -13.90
C SER D 744 -41.45 54.96 -13.42
N GLU D 745 -40.44 55.49 -14.11
CA GLU D 745 -39.89 56.77 -13.70
C GLU D 745 -41.01 57.82 -13.61
N SER D 746 -41.95 57.80 -14.55
CA SER D 746 -43.05 58.75 -14.49
C SER D 746 -43.79 58.63 -13.16
N TRP D 747 -44.06 57.41 -12.72
CA TRP D 747 -44.87 57.21 -11.52
C TRP D 747 -44.10 57.54 -10.24
N TYR D 748 -42.83 57.17 -10.15
CA TYR D 748 -42.06 57.45 -8.94
C TYR D 748 -42.11 58.93 -8.60
N ASN D 749 -41.87 59.80 -9.58
CA ASN D 749 -41.83 61.24 -9.33
C ASN D 749 -43.17 61.78 -8.86
N LEU D 750 -44.29 61.37 -9.45
CA LEU D 750 -45.57 61.84 -8.95
C LEU D 750 -45.76 61.44 -7.48
N LEU D 751 -45.54 60.15 -7.17
CA LEU D 751 -45.80 59.67 -5.82
C LEU D 751 -44.82 60.27 -4.82
N LEU D 752 -43.57 60.48 -5.24
CA LEU D 752 -42.61 61.16 -4.38
C LEU D 752 -43.06 62.58 -4.09
N ASP D 753 -43.47 63.32 -5.14
CA ASP D 753 -43.97 64.67 -4.93
C ASP D 753 -45.15 64.70 -3.97
N MET D 754 -46.05 63.72 -4.07
CA MET D 754 -47.21 63.72 -3.19
C MET D 754 -46.82 63.48 -1.73
N GLN D 755 -45.83 62.64 -1.49
CA GLN D 755 -45.37 62.40 -0.13
C GLN D 755 -44.89 63.69 0.52
N ASN D 756 -44.01 64.41 -0.17
CA ASN D 756 -43.53 65.68 0.34
C ASN D 756 -44.68 66.64 0.59
N ARG D 757 -45.76 66.52 -0.18
CA ARG D 757 -46.98 67.31 0.05
C ARG D 757 -47.79 66.76 1.22
N LEU D 758 -47.98 65.45 1.25
CA LEU D 758 -48.76 64.85 2.32
C LEU D 758 -48.12 65.08 3.67
N ASN D 759 -46.79 65.10 3.71
CA ASN D 759 -46.07 65.26 4.97
C ASN D 759 -46.30 66.63 5.59
N LYS D 760 -46.52 67.66 4.76
CA LYS D 760 -46.84 68.98 5.30
C LYS D 760 -48.25 69.00 5.88
N VAL D 761 -49.14 68.14 5.39
CA VAL D 761 -50.56 68.19 5.72
C VAL D 761 -50.90 67.32 6.93
N ILE D 762 -50.30 66.14 7.01
CA ILE D 762 -50.70 65.14 8.00
C ILE D 762 -49.93 65.36 9.30
N LYS D 763 -50.66 65.41 10.41
CA LYS D 763 -50.06 65.56 11.73
C LYS D 763 -49.71 64.15 12.21
N SER D 764 -48.45 63.94 12.59
CA SER D 764 -48.04 62.61 13.04
C SER D 764 -48.10 62.53 14.56
N VAL D 765 -48.33 61.33 15.06
CA VAL D 765 -48.35 61.14 16.51
C VAL D 765 -46.94 61.35 17.05
N GLY D 766 -46.82 62.23 18.04
CA GLY D 766 -45.52 62.59 18.55
C GLY D 766 -44.77 63.58 17.69
N LYS D 767 -45.37 64.04 16.59
CA LYS D 767 -44.73 64.97 15.67
C LYS D 767 -43.35 64.45 15.24
N ILE D 768 -43.33 63.22 14.75
CA ILE D 768 -42.11 62.62 14.21
C ILE D 768 -42.05 62.86 12.71
N GLU D 769 -40.96 63.48 12.25
CA GLU D 769 -40.76 63.75 10.84
C GLU D 769 -40.73 62.45 10.05
N HIS D 770 -41.58 62.37 9.02
CA HIS D 770 -41.65 61.16 8.21
C HIS D 770 -40.34 60.85 7.52
N SER D 771 -39.69 61.88 6.96
CA SER D 771 -38.45 61.65 6.24
C SER D 771 -37.42 60.98 7.14
N PHE D 772 -37.38 61.39 8.41
CA PHE D 772 -36.48 60.79 9.39
C PHE D 772 -36.80 59.31 9.61
N TRP D 773 -38.08 59.01 9.83
CA TRP D 773 -38.50 57.64 10.13
C TRP D 773 -38.09 56.67 9.03
N ARG D 774 -38.39 57.00 7.78
CA ARG D 774 -38.07 56.10 6.69
C ARG D 774 -36.62 56.22 6.22
N SER D 775 -35.80 57.05 6.87
CA SER D 775 -34.39 57.14 6.51
C SER D 775 -33.64 55.86 6.88
N PHE D 776 -32.80 55.38 5.96
CA PHE D 776 -31.93 54.24 6.22
C PHE D 776 -31.14 54.42 7.50
N HIS D 777 -31.18 53.42 8.38
CA HIS D 777 -30.53 53.53 9.68
C HIS D 777 -29.91 52.21 10.11
N THR D 778 -28.58 52.22 10.21
CA THR D 778 -27.76 51.27 10.96
C THR D 778 -27.08 52.09 12.05
N GLU D 779 -26.58 51.42 13.10
CA GLU D 779 -25.92 52.17 14.16
C GLU D 779 -24.82 53.05 13.59
N ARG D 780 -24.07 52.54 12.60
CA ARG D 780 -22.96 53.28 12.04
C ARG D 780 -23.41 54.32 11.02
N LYS D 781 -24.39 54.03 10.16
CA LYS D 781 -24.80 54.98 9.13
C LYS D 781 -26.29 55.27 9.18
N THR D 782 -26.62 56.53 8.88
CA THR D 782 -28.00 56.97 8.66
C THR D 782 -28.02 57.79 7.37
N GLU D 783 -28.83 57.37 6.42
CA GLU D 783 -28.90 57.93 5.08
C GLU D 783 -30.35 58.24 4.74
N PRO D 784 -30.60 59.28 3.95
CA PRO D 784 -31.99 59.53 3.52
C PRO D 784 -32.46 58.44 2.57
N ALA D 785 -33.76 58.12 2.68
CA ALA D 785 -34.34 57.08 1.82
C ALA D 785 -34.32 57.54 0.37
N THR D 786 -34.13 56.59 -0.54
CA THR D 786 -34.07 56.90 -1.96
C THR D 786 -34.63 55.72 -2.73
N GLY D 787 -35.40 56.01 -3.78
CA GLY D 787 -35.89 54.98 -4.68
C GLY D 787 -37.08 54.19 -4.17
N PHE D 788 -37.71 54.59 -3.07
CA PHE D 788 -38.82 53.85 -2.48
C PHE D 788 -39.96 54.80 -2.16
N ILE D 789 -41.19 54.38 -2.51
CA ILE D 789 -42.39 55.14 -2.19
C ILE D 789 -43.09 54.48 -1.01
N ASP D 790 -43.26 55.23 0.08
CA ASP D 790 -43.98 54.70 1.24
C ASP D 790 -45.46 54.54 0.89
N GLY D 791 -45.83 53.35 0.43
CA GLY D 791 -47.19 53.12 -0.04
C GLY D 791 -48.24 53.40 1.02
N ASP D 792 -47.92 53.09 2.28
CA ASP D 792 -48.88 53.35 3.35
C ASP D 792 -49.15 54.85 3.50
N LEU D 793 -48.14 55.69 3.23
CA LEU D 793 -48.36 57.13 3.23
C LEU D 793 -49.22 57.57 2.06
N ILE D 794 -48.95 57.04 0.86
CA ILE D 794 -49.78 57.39 -0.28
C ILE D 794 -51.22 57.00 -0.04
N GLU D 795 -51.45 55.80 0.50
CA GLU D 795 -52.81 55.32 0.73
C GLU D 795 -53.54 56.08 1.82
N SER D 796 -52.87 56.98 2.54
CA SER D 796 -53.59 57.81 3.51
C SER D 796 -54.21 59.05 2.87
N PHE D 797 -53.97 59.30 1.58
CA PHE D 797 -54.65 60.41 0.90
C PHE D 797 -56.15 60.22 0.93
N LEU D 798 -56.61 58.97 0.80
CA LEU D 798 -58.03 58.67 0.79
C LEU D 798 -58.66 58.80 2.17
N ASP D 799 -57.87 59.06 3.21
CA ASP D 799 -58.42 59.20 4.55
C ASP D 799 -58.45 60.63 5.09
N ILE D 800 -57.78 61.58 4.44
CA ILE D 800 -57.78 62.97 4.92
C ILE D 800 -59.01 63.69 4.40
N SER D 801 -59.43 64.72 5.13
CA SER D 801 -60.67 65.43 4.81
C SER D 801 -60.53 66.14 3.47
N ARG D 802 -61.68 66.39 2.83
CA ARG D 802 -61.67 67.04 1.53
C ARG D 802 -60.88 68.33 1.54
N PRO D 803 -60.96 69.18 2.58
CA PRO D 803 -60.12 70.38 2.59
C PRO D 803 -58.64 70.08 2.46
N LYS D 804 -58.14 69.09 3.20
CA LYS D 804 -56.73 68.74 3.15
C LYS D 804 -56.34 68.13 1.82
N MET D 805 -57.26 67.37 1.21
CA MET D 805 -56.97 66.81 -0.11
C MET D 805 -56.69 67.91 -1.13
N GLN D 806 -57.47 68.98 -1.10
CA GLN D 806 -57.28 70.09 -2.03
C GLN D 806 -55.99 70.83 -1.74
N GLU D 807 -55.63 70.97 -0.47
CA GLU D 807 -54.34 71.58 -0.14
C GLU D 807 -53.19 70.78 -0.71
N VAL D 808 -53.33 69.46 -0.80
CA VAL D 808 -52.28 68.61 -1.32
C VAL D 808 -52.19 68.71 -2.84
N VAL D 809 -53.34 68.79 -3.53
CA VAL D 809 -53.33 68.79 -4.97
C VAL D 809 -53.09 70.18 -5.56
N ALA D 810 -53.03 71.21 -4.71
CA ALA D 810 -52.81 72.58 -5.18
C ALA D 810 -51.46 72.72 -5.87
N ASN D 811 -51.47 73.36 -7.03
CA ASN D 811 -50.25 73.63 -7.81
C ASN D 811 -49.53 72.35 -8.19
N LEU D 812 -50.29 71.31 -8.51
CA LEU D 812 -49.75 70.02 -8.92
C LEU D 812 -50.06 69.85 -10.40
N GLN D 813 -49.03 69.53 -11.19
CA GLN D 813 -49.18 69.42 -12.64
C GLN D 813 -49.29 67.93 -12.92
N TYR D 814 -50.48 67.40 -12.61
CA TYR D 814 -50.81 66.01 -12.86
C TYR D 814 -50.76 65.70 -14.35
N ASP D 815 -50.00 64.68 -14.70
CA ASP D 815 -49.87 64.26 -16.09
C ASP D 815 -51.08 63.37 -16.40
N ASP D 816 -51.95 63.84 -17.29
CA ASP D 816 -53.10 63.04 -17.68
C ASP D 816 -52.68 61.84 -18.52
N GLY D 817 -51.41 61.74 -18.86
CA GLY D 817 -50.92 60.65 -19.68
C GLY D 817 -51.49 60.68 -21.07
N SER D 818 -52.30 61.70 -21.36
CA SER D 818 -52.88 61.90 -22.67
C SER D 818 -52.10 62.96 -23.45
N GLY D 819 -50.79 62.97 -23.27
CA GLY D 819 -49.93 63.98 -23.83
C GLY D 819 -50.10 65.35 -23.21
N MET D 820 -50.92 65.48 -22.17
CA MET D 820 -51.27 66.76 -21.57
C MET D 820 -50.85 66.80 -20.11
N LYS D 821 -50.42 67.98 -19.67
CA LYS D 821 -50.10 68.26 -18.28
C LYS D 821 -51.16 69.22 -17.77
N ARG D 822 -51.88 68.82 -16.72
CA ARG D 822 -53.05 69.55 -16.23
C ARG D 822 -52.99 69.70 -14.72
N GLU D 823 -53.54 70.81 -14.19
CA GLU D 823 -53.60 70.95 -12.74
C GLU D 823 -54.44 69.81 -12.17
N ALA D 824 -54.05 69.30 -11.01
CA ALA D 824 -54.67 68.10 -10.47
C ALA D 824 -55.92 68.45 -9.66
N THR D 825 -56.97 67.65 -9.82
CA THR D 825 -58.16 67.70 -9.00
C THR D 825 -58.11 66.63 -7.93
N ALA D 826 -58.85 66.86 -6.84
CA ALA D 826 -58.87 65.87 -5.77
C ALA D 826 -59.36 64.51 -6.27
N ASP D 827 -60.36 64.51 -7.15
CA ASP D 827 -60.84 63.25 -7.71
C ASP D 827 -59.80 62.60 -8.63
N ASP D 828 -59.02 63.42 -9.35
CA ASP D 828 -57.99 62.85 -10.21
C ASP D 828 -56.96 62.07 -9.40
N LEU D 829 -56.51 62.64 -8.28
CA LEU D 829 -55.56 61.92 -7.42
C LEU D 829 -56.26 60.80 -6.66
N ILE D 830 -57.54 60.98 -6.29
CA ILE D 830 -58.27 59.88 -5.64
C ILE D 830 -58.31 58.66 -6.55
N LYS D 831 -58.45 58.87 -7.85
CA LYS D 831 -58.40 57.75 -8.78
C LYS D 831 -57.01 57.13 -8.80
N VAL D 832 -55.97 57.97 -8.75
CA VAL D 832 -54.61 57.46 -8.79
C VAL D 832 -54.34 56.58 -7.57
N VAL D 833 -54.70 57.06 -6.38
CA VAL D 833 -54.46 56.30 -5.16
C VAL D 833 -55.34 55.06 -5.14
N GLU D 834 -56.60 55.19 -5.55
CA GLU D 834 -57.51 54.06 -5.49
C GLU D 834 -57.00 52.90 -6.33
N GLU D 835 -56.34 53.20 -7.45
CA GLU D 835 -55.77 52.14 -8.26
C GLU D 835 -54.67 51.42 -7.50
N LEU D 836 -53.89 52.16 -6.70
CA LEU D 836 -52.81 51.54 -5.94
C LEU D 836 -53.33 50.69 -4.78
N THR D 837 -54.49 51.01 -4.23
CA THR D 837 -55.05 50.20 -3.15
C THR D 837 -55.49 48.80 -3.62
N ARG D 838 -55.46 48.55 -4.92
CA ARG D 838 -55.86 47.27 -5.51
C ARG D 838 -54.73 46.26 -5.58
N ILE D 839 -53.47 46.66 -5.44
CA ILE D 839 -52.39 45.70 -5.59
C ILE D 839 -52.40 44.66 -4.48
N HIS D 840 -52.79 45.07 -3.26
CA HIS D 840 -52.91 44.15 -2.13
C HIS D 840 -54.37 43.93 -1.75
N THR E 7 14.61 31.06 -7.75
CA THR E 7 14.64 31.16 -6.29
C THR E 7 13.44 31.97 -5.80
N GLU E 8 13.31 32.08 -4.48
CA GLU E 8 12.21 32.79 -3.85
C GLU E 8 12.22 34.29 -4.13
N SER E 9 13.34 34.83 -4.62
CA SER E 9 13.53 36.27 -4.73
C SER E 9 13.24 36.83 -6.12
N ASP E 10 13.10 35.98 -7.13
CA ASP E 10 13.01 36.43 -8.53
C ASP E 10 11.58 36.83 -8.87
N TRP E 11 11.19 37.99 -8.37
CA TRP E 11 9.82 38.48 -8.53
C TRP E 11 9.60 38.99 -9.95
N GLY E 12 8.33 38.99 -10.37
CA GLY E 12 7.93 39.52 -11.65
C GLY E 12 7.99 38.53 -12.79
N LYS E 13 8.51 37.32 -12.55
CA LYS E 13 8.71 36.34 -13.61
C LYS E 13 7.62 35.27 -13.64
N ARG E 14 7.25 34.74 -12.47
CA ARG E 14 6.24 33.70 -12.39
C ARG E 14 4.89 34.22 -12.89
N CYS E 15 4.14 33.34 -13.55
CA CYS E 15 2.88 33.71 -14.19
C CYS E 15 1.72 33.57 -13.23
N VAL E 16 0.71 34.42 -13.41
CA VAL E 16 -0.48 34.34 -12.56
C VAL E 16 -1.28 33.07 -12.83
N ASP E 17 -0.94 32.31 -13.88
CA ASP E 17 -1.55 31.00 -14.06
C ASP E 17 -1.36 30.11 -12.83
N LYS E 18 -0.31 30.34 -12.07
CA LYS E 18 -0.03 29.52 -10.90
C LYS E 18 -1.01 29.77 -9.77
N PHE E 19 -1.95 30.70 -9.95
CA PHE E 19 -3.00 30.95 -8.99
C PHE E 19 -4.36 30.67 -9.62
N ASP E 20 -5.19 29.96 -8.86
CA ASP E 20 -6.58 29.75 -9.20
C ASP E 20 -7.39 30.89 -8.58
N ILE E 21 -7.91 31.77 -9.41
CA ILE E 21 -8.69 32.90 -8.91
C ILE E 21 -10.00 32.39 -8.32
N ILE E 22 -10.33 32.87 -7.13
CA ILE E 22 -11.56 32.46 -6.45
C ILE E 22 -12.66 33.51 -6.60
N GLY E 23 -12.33 34.77 -6.44
CA GLY E 23 -13.32 35.83 -6.59
C GLY E 23 -12.63 37.17 -6.49
N ILE E 24 -13.43 38.22 -6.61
CA ILE E 24 -12.99 39.59 -6.44
C ILE E 24 -13.39 40.04 -5.04
N ILE E 25 -12.40 40.28 -4.17
CA ILE E 25 -12.71 40.73 -2.81
C ILE E 25 -13.03 42.21 -2.79
N GLY E 26 -12.25 43.02 -3.50
CA GLY E 26 -12.43 44.46 -3.46
C GLY E 26 -11.84 45.15 -4.68
N GLU E 27 -12.15 46.44 -4.79
CA GLU E 27 -11.69 47.29 -5.87
C GLU E 27 -10.66 48.28 -5.34
N GLY E 28 -9.42 48.17 -5.83
CA GLY E 28 -8.32 48.97 -5.34
C GLY E 28 -8.07 50.24 -6.16
N THR E 29 -7.07 50.99 -5.69
CA THR E 29 -6.76 52.28 -6.32
C THR E 29 -6.25 52.09 -7.74
N TYR E 30 -5.27 51.20 -7.91
CA TYR E 30 -4.58 50.98 -9.18
C TYR E 30 -5.02 49.71 -9.88
N GLY E 31 -5.79 48.86 -9.22
CA GLY E 31 -6.42 47.72 -9.87
C GLY E 31 -7.30 47.03 -8.86
N GLN E 32 -8.05 46.04 -9.34
CA GLN E 32 -8.99 45.35 -8.47
C GLN E 32 -8.28 44.25 -7.72
N VAL E 33 -8.69 44.04 -6.49
CA VAL E 33 -8.12 43.00 -5.65
C VAL E 33 -8.94 41.72 -5.80
N TYR E 34 -8.23 40.60 -5.97
CA TYR E 34 -8.84 39.28 -6.14
C TYR E 34 -8.31 38.33 -5.08
N LYS E 35 -9.15 37.36 -4.68
CA LYS E 35 -8.75 36.23 -3.85
C LYS E 35 -8.43 35.01 -4.71
N ALA E 36 -7.32 34.35 -4.40
CA ALA E 36 -6.88 33.22 -5.22
C ALA E 36 -6.18 32.16 -4.36
N LYS E 37 -6.06 30.96 -4.91
CA LYS E 37 -5.38 29.84 -4.27
C LYS E 37 -4.18 29.42 -5.11
N ASP E 38 -3.02 29.31 -4.47
CA ASP E 38 -1.83 28.82 -5.16
C ASP E 38 -2.02 27.36 -5.52
N LYS E 39 -1.80 27.03 -6.79
CA LYS E 39 -2.05 25.65 -7.20
C LYS E 39 -1.12 24.68 -6.51
N ASP E 40 0.10 25.13 -6.20
CA ASP E 40 1.12 24.24 -5.67
C ASP E 40 0.98 24.06 -4.16
N THR E 41 0.75 25.15 -3.44
CA THR E 41 0.78 25.12 -1.98
C THR E 41 -0.59 24.97 -1.36
N GLY E 42 -1.65 25.37 -2.05
CA GLY E 42 -2.96 25.42 -1.47
C GLY E 42 -3.22 26.67 -0.65
N GLU E 43 -2.24 27.56 -0.55
CA GLU E 43 -2.38 28.77 0.24
C GLU E 43 -3.43 29.68 -0.40
N LEU E 44 -4.19 30.37 0.46
CA LEU E 44 -5.08 31.41 0.00
C LEU E 44 -4.34 32.75 0.01
N VAL E 45 -4.41 33.44 -1.13
CA VAL E 45 -3.74 34.71 -1.32
C VAL E 45 -4.76 35.72 -1.83
N ALA E 46 -4.34 36.99 -1.87
CA ALA E 46 -5.12 38.06 -2.45
C ALA E 46 -4.24 38.74 -3.49
N LEU E 47 -4.68 38.73 -4.73
CA LEU E 47 -3.94 39.36 -5.80
C LEU E 47 -4.47 40.78 -5.98
N LYS E 48 -3.59 41.77 -5.83
CA LYS E 48 -3.90 43.17 -6.10
C LYS E 48 -3.39 43.43 -7.51
N LYS E 49 -4.30 43.61 -8.45
CA LYS E 49 -3.92 43.76 -9.84
C LYS E 49 -3.36 45.15 -10.09
N VAL E 50 -2.28 45.22 -10.83
CA VAL E 50 -1.66 46.48 -11.23
C VAL E 50 -1.78 46.60 -12.74
N ARG E 51 -2.49 47.63 -13.20
CA ARG E 51 -2.74 47.84 -14.62
C ARG E 51 -1.81 48.95 -15.10
N LEU E 52 -0.85 48.60 -15.96
CA LEU E 52 -0.06 49.58 -16.68
C LEU E 52 -0.49 49.73 -18.15
N ASP E 53 -1.69 49.26 -18.50
CA ASP E 53 -2.16 49.37 -19.87
C ASP E 53 -2.57 50.81 -20.22
N ASN E 54 -2.94 51.63 -19.23
CA ASN E 54 -3.16 53.04 -19.50
C ASN E 54 -1.89 53.69 -20.04
N GLU E 55 -0.75 53.37 -19.45
CA GLU E 55 0.56 53.77 -19.95
C GLU E 55 0.67 55.27 -20.18
N LYS E 56 -0.05 56.05 -19.37
CA LYS E 56 0.20 57.47 -19.36
C LYS E 56 1.61 57.75 -18.88
N GLU E 57 1.97 57.17 -17.74
CA GLU E 57 3.32 57.26 -17.22
C GLU E 57 3.77 55.91 -16.64
N GLY E 58 3.44 54.80 -17.31
CA GLY E 58 4.00 53.52 -16.89
C GLY E 58 3.41 52.99 -15.58
N PHE E 59 4.23 52.24 -14.85
CA PHE E 59 3.81 51.61 -13.61
C PHE E 59 3.28 52.67 -12.64
N PRO E 60 2.15 52.42 -11.96
CA PRO E 60 1.60 53.44 -11.05
C PRO E 60 2.52 53.66 -9.85
N ILE E 61 2.62 54.92 -9.42
CA ILE E 61 3.46 55.16 -8.26
C ILE E 61 2.83 54.57 -6.98
N THR E 62 1.49 54.52 -6.91
CA THR E 62 0.83 53.91 -5.75
C THR E 62 1.33 52.49 -5.54
N ALA E 63 1.46 51.74 -6.63
CA ALA E 63 1.98 50.39 -6.54
C ALA E 63 3.49 50.40 -6.30
N ILE E 64 4.20 51.39 -6.85
CA ILE E 64 5.63 51.47 -6.61
C ILE E 64 5.89 51.69 -5.13
N ARG E 65 5.11 52.56 -4.49
CA ARG E 65 5.33 52.81 -3.08
C ARG E 65 5.10 51.55 -2.27
N GLU E 66 3.99 50.86 -2.53
CA GLU E 66 3.67 49.69 -1.75
C GLU E 66 4.68 48.56 -2.01
N ILE E 67 5.23 48.47 -3.23
CA ILE E 67 6.23 47.44 -3.48
C ILE E 67 7.52 47.79 -2.76
N LYS E 68 7.93 49.06 -2.83
CA LYS E 68 9.14 49.52 -2.16
C LYS E 68 9.02 49.44 -0.65
N ILE E 69 7.87 49.85 -0.10
CA ILE E 69 7.77 49.95 1.35
C ILE E 69 7.48 48.59 1.97
N LEU E 70 6.52 47.86 1.40
CA LEU E 70 6.14 46.59 2.02
C LEU E 70 7.25 45.55 1.90
N ARG E 71 8.09 45.63 0.86
CA ARG E 71 9.27 44.75 0.84
C ARG E 71 10.30 45.17 1.87
N GLN E 72 10.20 46.41 2.38
CA GLN E 72 11.09 46.82 3.46
C GLN E 72 10.52 46.51 4.83
N LEU E 73 9.19 46.49 4.97
CA LEU E 73 8.56 46.35 6.28
C LEU E 73 8.20 44.89 6.51
N ILE E 74 8.70 44.34 7.61
CA ILE E 74 8.45 42.95 8.03
C ILE E 74 8.03 43.00 9.49
N HIS E 75 6.73 42.83 9.75
CA HIS E 75 6.18 42.81 11.09
C HIS E 75 4.93 41.95 11.09
N ARG E 76 4.63 41.35 12.25
CA ARG E 76 3.46 40.47 12.31
C ARG E 76 2.17 41.24 12.07
N SER E 77 2.18 42.55 12.29
CA SER E 77 1.00 43.41 12.21
C SER E 77 1.05 44.28 10.97
N VAL E 78 1.88 43.93 9.99
CA VAL E 78 1.97 44.65 8.72
C VAL E 78 1.77 43.64 7.60
N VAL E 79 0.81 43.95 6.72
CA VAL E 79 0.46 43.02 5.67
C VAL E 79 1.70 42.60 4.90
N ASN E 80 1.77 41.31 4.57
CA ASN E 80 2.96 40.72 3.98
C ASN E 80 2.75 40.60 2.48
N MET E 81 3.70 41.13 1.71
CA MET E 81 3.74 40.91 0.27
C MET E 81 4.61 39.70 -0.02
N LYS E 82 4.02 38.68 -0.62
CA LYS E 82 4.75 37.43 -0.83
C LYS E 82 5.52 37.45 -2.15
N GLU E 83 4.91 37.97 -3.21
CA GLU E 83 5.54 38.01 -4.53
C GLU E 83 4.71 38.87 -5.48
N ILE E 84 5.25 39.02 -6.70
CA ILE E 84 4.60 39.72 -7.80
C ILE E 84 4.63 38.81 -9.03
N VAL E 85 3.48 38.64 -9.68
CA VAL E 85 3.34 37.77 -10.83
C VAL E 85 2.70 38.55 -11.97
N THR E 86 2.76 37.97 -13.18
CA THR E 86 2.34 38.67 -14.39
C THR E 86 1.40 37.80 -15.23
N ASP E 87 0.63 38.47 -16.08
CA ASP E 87 -0.17 37.77 -17.08
C ASP E 87 0.76 37.04 -18.05
N LYS E 88 0.25 35.97 -18.66
CA LYS E 88 1.11 35.22 -19.58
C LYS E 88 1.57 36.15 -20.71
N GLN E 89 2.85 36.51 -20.70
CA GLN E 89 3.45 37.39 -21.71
C GLN E 89 3.83 36.55 -22.92
N ASP E 90 2.80 36.06 -23.62
CA ASP E 90 2.98 35.22 -24.80
C ASP E 90 3.55 35.95 -26.01
N ALA E 91 3.68 37.27 -25.97
CA ALA E 91 4.17 38.03 -27.10
C ALA E 91 5.69 37.91 -27.16
N LEU E 92 6.22 37.63 -28.36
CA LEU E 92 7.66 37.48 -28.49
C LEU E 92 8.42 38.77 -28.21
N ASP E 93 7.81 39.93 -28.42
CA ASP E 93 8.45 41.22 -28.22
C ASP E 93 7.92 41.86 -26.95
N PHE E 94 8.84 42.31 -26.08
CA PHE E 94 8.39 43.05 -24.90
C PHE E 94 7.61 44.31 -25.29
N LYS E 95 7.87 44.85 -26.49
CA LYS E 95 7.11 46.00 -26.95
C LYS E 95 5.64 45.64 -27.10
N LYS E 96 5.36 44.42 -27.59
CA LYS E 96 3.99 43.98 -27.78
C LYS E 96 3.24 43.80 -26.46
N ASP E 97 3.93 43.39 -25.39
CA ASP E 97 3.24 43.07 -24.15
C ASP E 97 2.42 44.24 -23.62
N LYS E 98 1.15 43.97 -23.31
CA LYS E 98 0.30 44.93 -22.61
C LYS E 98 -0.40 44.25 -21.44
N GLY E 99 0.22 43.22 -20.87
CA GLY E 99 -0.35 42.51 -19.75
C GLY E 99 -0.23 43.31 -18.47
N ALA E 100 -0.76 42.73 -17.39
CA ALA E 100 -0.81 43.39 -16.10
C ALA E 100 0.05 42.61 -15.12
N PHE E 101 0.30 43.23 -13.98
CA PHE E 101 1.01 42.62 -12.88
C PHE E 101 0.07 42.45 -11.68
N TYR E 102 0.38 41.47 -10.85
CA TYR E 102 -0.42 41.18 -9.68
C TYR E 102 0.49 41.16 -8.46
N LEU E 103 0.13 41.95 -7.45
CA LEU E 103 0.84 41.95 -6.18
C LEU E 103 0.21 40.88 -5.30
N VAL E 104 0.96 39.84 -5.01
CA VAL E 104 0.45 38.74 -4.21
C VAL E 104 0.59 39.11 -2.74
N PHE E 105 -0.50 38.98 -1.99
CA PHE E 105 -0.53 39.28 -0.58
C PHE E 105 -1.11 38.06 0.18
N GLU E 106 -0.80 37.98 1.47
CA GLU E 106 -1.49 37.04 2.35
C GLU E 106 -2.97 37.42 2.47
N TYR E 107 -3.84 36.42 2.49
CA TYR E 107 -5.27 36.67 2.55
C TYR E 107 -5.74 36.78 4.00
N MET E 108 -6.48 37.84 4.29
CA MET E 108 -7.09 38.04 5.60
C MET E 108 -8.59 37.77 5.49
N ASP E 109 -9.14 37.06 6.47
CA ASP E 109 -10.51 36.60 6.35
C ASP E 109 -11.49 37.77 6.30
N HIS E 110 -11.29 38.77 7.15
CA HIS E 110 -12.23 39.88 7.29
C HIS E 110 -11.46 41.20 7.33
N ASP E 111 -12.23 42.30 7.27
CA ASP E 111 -11.72 43.64 7.52
C ASP E 111 -12.58 44.28 8.61
N LEU E 112 -11.97 45.14 9.42
CA LEU E 112 -12.69 45.65 10.59
C LEU E 112 -14.00 46.33 10.20
N MET E 113 -13.99 47.08 9.10
CA MET E 113 -15.20 47.79 8.72
C MET E 113 -16.33 46.82 8.44
N GLY E 114 -16.04 45.76 7.68
CA GLY E 114 -17.07 44.79 7.36
C GLY E 114 -17.66 44.12 8.59
N LEU E 115 -16.80 43.84 9.58
CA LEU E 115 -17.29 43.22 10.81
C LEU E 115 -18.18 44.19 11.57
N LEU E 116 -17.84 45.47 11.58
CA LEU E 116 -18.61 46.43 12.34
C LEU E 116 -19.83 46.95 11.58
N GLU E 117 -19.69 47.22 10.27
CA GLU E 117 -20.83 47.74 9.50
C GLU E 117 -22.03 46.80 9.56
N SER E 118 -21.81 45.50 9.46
CA SER E 118 -22.90 44.55 9.65
C SER E 118 -23.46 44.58 11.07
N GLY E 119 -22.70 45.06 12.05
CA GLY E 119 -23.17 45.00 13.42
C GLY E 119 -22.98 43.64 14.05
N LEU E 120 -22.21 42.76 13.40
CA LEU E 120 -22.04 41.37 13.79
C LEU E 120 -21.09 41.19 14.98
N VAL E 121 -20.02 41.97 15.12
CA VAL E 121 -19.00 41.72 16.13
C VAL E 121 -19.27 42.48 17.42
N HIS E 122 -18.99 41.85 18.56
CA HIS E 122 -18.99 42.52 19.85
C HIS E 122 -17.61 42.38 20.49
N PHE E 123 -16.99 43.50 20.85
CA PHE E 123 -15.63 43.53 21.38
C PHE E 123 -15.66 43.76 22.90
N SER E 124 -15.05 42.85 23.65
CA SER E 124 -14.85 42.99 25.08
C SER E 124 -13.57 43.78 25.34
N GLU E 125 -13.42 44.28 26.57
CA GLU E 125 -12.24 45.05 26.88
C GLU E 125 -10.97 44.31 26.46
N ASP E 126 -10.93 42.98 26.70
CA ASP E 126 -9.71 42.25 26.37
C ASP E 126 -9.50 42.05 24.88
N HIS E 127 -10.55 42.12 24.05
CA HIS E 127 -10.34 42.06 22.61
C HIS E 127 -9.75 43.36 22.11
N ILE E 128 -10.25 44.48 22.64
CA ILE E 128 -9.72 45.78 22.27
C ILE E 128 -8.27 45.91 22.69
N LYS E 129 -7.89 45.31 23.83
CA LYS E 129 -6.50 45.34 24.23
C LYS E 129 -5.61 44.60 23.23
N SER E 130 -6.02 43.40 22.84
CA SER E 130 -5.21 42.66 21.88
C SER E 130 -5.24 43.31 20.51
N PHE E 131 -6.38 43.89 20.12
CA PHE E 131 -6.48 44.56 18.83
C PHE E 131 -5.55 45.77 18.78
N MET E 132 -5.65 46.66 19.76
CA MET E 132 -4.88 47.89 19.71
C MET E 132 -3.41 47.64 19.99
N LYS E 133 -3.10 46.68 20.86
CA LYS E 133 -1.70 46.36 21.13
C LYS E 133 -0.99 46.00 19.83
N GLN E 134 -1.64 45.20 18.99
CA GLN E 134 -1.03 44.81 17.72
C GLN E 134 -0.99 45.99 16.75
N LEU E 135 -2.10 46.71 16.61
CA LEU E 135 -2.13 47.83 15.68
C LEU E 135 -1.06 48.85 16.03
N MET E 136 -0.99 49.26 17.29
CA MET E 136 -0.01 50.27 17.66
C MET E 136 1.41 49.72 17.61
N GLU E 137 1.56 48.41 17.84
CA GLU E 137 2.88 47.79 17.67
C GLU E 137 3.34 47.85 16.21
N GLY E 138 2.42 47.61 15.28
CA GLY E 138 2.77 47.77 13.89
C GLY E 138 3.10 49.21 13.55
N LEU E 139 2.29 50.15 14.04
CA LEU E 139 2.57 51.56 13.80
C LEU E 139 3.92 51.97 14.35
N GLU E 140 4.31 51.45 15.51
CA GLU E 140 5.63 51.77 16.03
C GLU E 140 6.70 51.24 15.08
N TYR E 141 6.54 50.01 14.57
CA TYR E 141 7.51 49.47 13.62
C TYR E 141 7.67 50.42 12.44
N CYS E 142 6.54 50.83 11.85
CA CYS E 142 6.58 51.72 10.71
C CYS E 142 7.18 53.07 11.07
N HIS E 143 6.80 53.60 12.24
CA HIS E 143 7.32 54.90 12.63
C HIS E 143 8.82 54.85 12.96
N LYS E 144 9.27 53.80 13.66
CA LYS E 144 10.71 53.70 13.92
C LYS E 144 11.49 53.54 12.61
N LYS E 145 10.85 53.00 11.57
CA LYS E 145 11.45 52.94 10.24
C LYS E 145 11.18 54.23 9.44
N ASN E 146 10.64 55.25 10.11
CA ASN E 146 10.42 56.56 9.49
C ASN E 146 9.48 56.49 8.29
N PHE E 147 8.42 55.70 8.42
CA PHE E 147 7.38 55.58 7.42
C PHE E 147 6.02 55.97 7.98
N LEU E 148 5.27 56.75 7.22
CA LEU E 148 3.92 57.17 7.59
C LEU E 148 2.88 56.50 6.72
N HIS E 149 1.86 55.91 7.35
CA HIS E 149 0.82 55.23 6.60
C HIS E 149 -0.07 56.22 5.85
N ARG E 150 -0.61 57.19 6.57
CA ARG E 150 -1.29 58.35 6.04
C ARG E 150 -2.69 58.00 5.53
N ASP E 151 -3.16 56.79 5.69
CA ASP E 151 -4.54 56.46 5.32
C ASP E 151 -5.10 55.39 6.25
N ILE E 152 -5.06 55.64 7.55
CA ILE E 152 -5.47 54.63 8.52
C ILE E 152 -6.98 54.74 8.69
N LYS E 153 -7.70 53.73 8.18
CA LYS E 153 -9.14 53.67 8.31
C LYS E 153 -9.56 52.24 8.65
N CYS E 154 -10.83 52.09 8.99
CA CYS E 154 -11.34 50.76 9.35
C CYS E 154 -11.16 49.78 8.20
N SER E 155 -11.36 50.25 6.98
CA SER E 155 -11.24 49.39 5.82
C SER E 155 -9.83 48.85 5.64
N ASN E 156 -8.83 49.59 6.10
CA ASN E 156 -7.44 49.20 5.90
C ASN E 156 -6.87 48.37 7.04
N ILE E 157 -7.60 48.18 8.13
CA ILE E 157 -7.22 47.25 9.20
C ILE E 157 -7.89 45.92 8.92
N LEU E 158 -7.11 44.86 8.75
CA LEU E 158 -7.61 43.54 8.43
C LEU E 158 -7.52 42.65 9.66
N LEU E 159 -8.56 41.84 9.88
CA LEU E 159 -8.66 40.95 11.02
C LEU E 159 -8.95 39.56 10.44
N ASN E 160 -8.16 38.57 10.83
CA ASN E 160 -8.39 37.17 10.48
C ASN E 160 -8.92 36.43 11.71
N ASN E 161 -9.48 35.25 11.48
CA ASN E 161 -10.25 34.61 12.55
C ASN E 161 -9.41 34.32 13.80
N SER E 162 -8.09 34.17 13.65
CA SER E 162 -7.27 33.86 14.82
C SER E 162 -7.15 35.04 15.77
N GLY E 163 -7.49 36.24 15.33
CA GLY E 163 -7.33 37.42 16.14
C GLY E 163 -6.12 38.26 15.81
N GLN E 164 -5.35 37.86 14.80
CA GLN E 164 -4.24 38.65 14.33
C GLN E 164 -4.76 39.84 13.55
N ILE E 165 -4.11 40.99 13.72
CA ILE E 165 -4.45 42.23 13.03
C ILE E 165 -3.27 42.56 12.12
N LYS E 166 -3.60 42.98 10.90
CA LYS E 166 -2.58 43.46 9.97
C LYS E 166 -3.05 44.79 9.37
N LEU E 167 -2.11 45.71 9.22
CA LEU E 167 -2.35 46.99 8.56
C LEU E 167 -2.12 46.85 7.06
N ALA E 168 -2.92 47.57 6.28
CA ALA E 168 -2.90 47.40 4.83
C ALA E 168 -3.06 48.73 4.10
N ASP E 169 -2.90 48.65 2.77
CA ASP E 169 -2.90 49.80 1.87
C ASP E 169 -1.92 50.88 2.34
N PHE E 170 -0.65 50.57 2.12
CA PHE E 170 0.45 51.50 2.34
C PHE E 170 0.72 52.29 1.07
N GLY E 171 -0.21 52.23 0.12
CA GLY E 171 -0.01 52.87 -1.16
C GLY E 171 0.25 54.36 -1.06
N LEU E 172 -0.27 55.00 -0.02
CA LEU E 172 -0.08 56.42 0.16
C LEU E 172 0.99 56.72 1.20
N ALA E 173 1.81 55.72 1.55
CA ALA E 173 2.81 55.85 2.61
C ALA E 173 4.11 56.45 2.07
N ARG E 174 4.76 57.28 2.90
CA ARG E 174 5.96 57.99 2.52
C ARG E 174 6.95 58.03 3.69
N LEU E 175 8.22 58.26 3.35
CA LEU E 175 9.28 58.41 4.35
C LEU E 175 9.21 59.79 4.98
N TYR E 176 9.51 59.85 6.29
CA TYR E 176 9.43 61.09 7.07
C TYR E 176 10.81 61.46 7.59
N ASN E 177 11.25 62.67 7.26
CA ASN E 177 12.47 63.25 7.80
C ASN E 177 12.12 64.50 8.58
N SER E 178 12.48 64.54 9.87
CA SER E 178 12.20 65.71 10.68
C SER E 178 13.04 66.91 10.20
N GLU E 179 14.33 66.68 9.97
CA GLU E 179 15.20 67.68 9.37
C GLU E 179 14.82 67.87 7.90
N GLU E 180 15.20 69.03 7.34
CA GLU E 180 14.90 69.38 5.95
C GLU E 180 13.46 69.00 5.62
N SER E 181 12.54 69.58 6.39
CA SER E 181 11.11 69.34 6.19
C SER E 181 10.65 70.08 4.93
N ARG E 182 10.10 69.31 4.00
CA ARG E 182 9.62 69.73 2.70
C ARG E 182 8.14 69.42 2.51
N PRO E 183 7.49 70.09 1.56
CA PRO E 183 6.04 69.90 1.39
C PRO E 183 5.66 68.45 1.09
N TYR E 184 4.58 68.01 1.73
CA TYR E 184 4.02 66.67 1.65
C TYR E 184 2.60 66.78 1.05
N ASN E 186 -1.10 66.93 1.11
CA ASN E 186 -1.90 67.28 2.28
C ASN E 186 -3.36 66.81 2.14
N LYS E 187 -4.00 66.60 3.29
CA LYS E 187 -5.31 65.98 3.38
C LYS E 187 -5.33 64.62 2.68
N VAL E 188 -4.51 63.72 3.21
CA VAL E 188 -4.30 62.40 2.63
C VAL E 188 -5.08 61.32 3.35
N ILE E 189 -5.53 61.58 4.59
CA ILE E 189 -6.23 60.55 5.36
C ILE E 189 -7.74 60.74 5.16
N THR E 190 -8.49 59.64 5.23
CA THR E 190 -9.94 59.70 5.02
C THR E 190 -10.60 60.62 6.05
N LEU E 191 -11.62 61.34 5.61
CA LEU E 191 -12.13 62.45 6.41
C LEU E 191 -12.48 62.02 7.83
N TRP E 192 -13.14 60.88 8.00
CA TRP E 192 -13.57 60.50 9.34
C TRP E 192 -12.40 60.32 10.28
N TYR E 193 -11.28 59.79 9.79
CA TYR E 193 -10.11 59.54 10.62
C TYR E 193 -9.00 60.57 10.41
N ARG E 194 -9.33 61.72 9.80
CA ARG E 194 -8.29 62.72 9.54
C ARG E 194 -8.00 63.55 10.78
N PRO E 195 -6.72 63.83 11.05
CA PRO E 195 -6.37 64.65 12.23
C PRO E 195 -6.70 66.12 11.99
N PRO E 196 -6.85 66.91 13.07
CA PRO E 196 -7.21 68.33 12.88
C PRO E 196 -6.15 69.13 12.12
N GLU E 197 -4.86 68.87 12.32
CA GLU E 197 -3.84 69.66 11.65
C GLU E 197 -4.00 69.58 10.13
N LEU E 198 -4.34 68.39 9.60
CA LEU E 198 -4.51 68.28 8.15
C LEU E 198 -5.75 69.02 7.68
N LEU E 199 -6.78 69.12 8.53
CA LEU E 199 -7.96 69.90 8.15
C LEU E 199 -7.64 71.39 8.09
N LEU E 200 -6.76 71.85 8.98
CA LEU E 200 -6.38 73.25 9.03
C LEU E 200 -5.20 73.58 8.13
N GLY E 201 -4.80 72.66 7.27
CA GLY E 201 -3.88 72.97 6.20
C GLY E 201 -2.40 72.69 6.43
N GLU E 202 -2.05 71.87 7.40
CA GLU E 202 -0.64 71.62 7.66
C GLU E 202 -0.07 70.82 6.48
N GLU E 203 0.92 71.40 5.79
CA GLU E 203 1.50 70.71 4.64
C GLU E 203 2.62 69.78 5.06
N ARG E 204 3.43 70.15 6.04
CA ARG E 204 4.54 69.33 6.53
C ARG E 204 4.13 68.77 7.88
N TYR E 205 3.57 67.56 7.90
CA TYR E 205 2.97 66.98 9.10
C TYR E 205 3.83 65.89 9.74
N THR E 206 3.55 65.66 11.02
CA THR E 206 4.25 64.66 11.82
C THR E 206 3.66 63.26 11.64
N PRO E 207 4.32 62.24 12.18
CA PRO E 207 3.69 60.91 12.25
C PRO E 207 2.48 60.86 13.15
N ALA E 208 2.18 61.94 13.87
CA ALA E 208 1.03 61.96 14.75
C ALA E 208 -0.28 61.89 14.00
N ILE E 209 -0.26 62.02 12.68
CA ILE E 209 -1.49 61.84 11.91
C ILE E 209 -2.01 60.41 12.05
N ASP E 210 -1.11 59.43 12.00
CA ASP E 210 -1.53 58.05 12.11
C ASP E 210 -2.03 57.75 13.53
N VAL E 211 -1.41 58.35 14.54
CA VAL E 211 -1.86 58.13 15.91
C VAL E 211 -3.28 58.65 16.10
N TRP E 212 -3.58 59.83 15.55
CA TRP E 212 -4.94 60.34 15.64
C TRP E 212 -5.92 59.36 15.01
N SER E 213 -5.59 58.85 13.83
CA SER E 213 -6.44 57.87 13.15
C SER E 213 -6.66 56.66 14.05
N CYS E 214 -5.58 56.14 14.64
CA CYS E 214 -5.71 54.98 15.52
C CYS E 214 -6.53 55.31 16.75
N GLY E 215 -6.45 56.55 17.24
CA GLY E 215 -7.28 56.93 18.37
C GLY E 215 -8.75 56.93 18.03
N CYS E 216 -9.11 57.46 16.86
CA CYS E 216 -10.49 57.38 16.39
C CYS E 216 -10.98 55.94 16.36
N ILE E 217 -10.14 55.01 15.91
CA ILE E 217 -10.54 53.61 15.88
C ILE E 217 -10.76 53.10 17.29
N LEU E 218 -9.89 53.49 18.22
CA LEU E 218 -10.05 53.04 19.61
C LEU E 218 -11.43 53.39 20.14
N GLY E 219 -11.87 54.63 19.95
CA GLY E 219 -13.18 55.01 20.41
C GLY E 219 -14.27 54.28 19.66
N GLU E 220 -14.06 54.02 18.36
CA GLU E 220 -15.06 53.34 17.57
C GLU E 220 -15.27 51.92 18.07
N LEU E 221 -14.26 51.31 18.69
CA LEU E 221 -14.41 49.96 19.21
C LEU E 221 -15.25 49.89 20.48
N PHE E 222 -15.18 50.92 21.33
CA PHE E 222 -16.03 50.96 22.51
C PHE E 222 -17.47 51.36 22.18
N THR E 223 -17.65 52.36 21.32
CA THR E 223 -19.00 52.79 20.98
C THR E 223 -19.67 51.87 19.95
N LYS E 224 -18.88 51.25 19.05
CA LYS E 224 -19.35 50.44 17.92
C LYS E 224 -19.81 51.34 16.78
N LYS E 225 -19.62 52.65 16.90
CA LYS E 225 -19.99 53.66 15.92
C LYS E 225 -18.85 54.66 15.79
N PRO E 226 -18.55 55.11 14.56
CA PRO E 226 -17.47 56.10 14.40
C PRO E 226 -17.68 57.35 15.23
N ILE E 227 -16.58 58.02 15.56
CA ILE E 227 -16.65 59.17 16.44
C ILE E 227 -16.99 60.44 15.67
N PHE E 228 -16.27 60.70 14.57
CA PHE E 228 -16.45 61.92 13.79
C PHE E 228 -16.96 61.55 12.40
N GLN E 229 -18.26 61.73 12.18
CA GLN E 229 -18.91 61.41 10.91
C GLN E 229 -19.33 62.74 10.28
N ALA E 230 -18.67 63.11 9.18
CA ALA E 230 -18.95 64.37 8.52
C ALA E 230 -18.77 64.24 7.02
N ASN E 231 -19.18 65.28 6.30
CA ASN E 231 -19.09 65.30 4.84
C ASN E 231 -18.11 66.32 4.28
N LEU E 232 -17.87 67.42 4.98
CA LEU E 232 -16.96 68.47 4.52
C LEU E 232 -15.99 68.81 5.65
N GLU E 233 -14.83 69.33 5.26
CA GLU E 233 -13.78 69.56 6.24
C GLU E 233 -14.25 70.45 7.38
N LEU E 234 -15.10 71.43 7.08
CA LEU E 234 -15.57 72.32 8.15
C LEU E 234 -16.47 71.56 9.13
N ALA E 235 -17.41 70.78 8.61
CA ALA E 235 -18.27 70.01 9.50
C ALA E 235 -17.46 69.05 10.36
N GLN E 236 -16.37 68.50 9.81
CA GLN E 236 -15.52 67.58 10.56
C GLN E 236 -14.78 68.31 11.68
N LEU E 237 -14.17 69.46 11.36
CA LEU E 237 -13.49 70.24 12.40
C LEU E 237 -14.43 70.64 13.53
N GLU E 238 -15.71 70.89 13.21
CA GLU E 238 -16.69 71.24 14.24
C GLU E 238 -16.95 70.08 15.18
N LEU E 239 -17.10 68.86 14.65
CA LEU E 239 -17.33 67.70 15.52
C LEU E 239 -16.15 67.47 16.44
N ILE E 240 -14.94 67.51 15.89
CA ILE E 240 -13.74 67.39 16.71
C ILE E 240 -13.75 68.42 17.83
N SER E 241 -14.15 69.67 17.52
CA SER E 241 -14.11 70.73 18.50
C SER E 241 -15.09 70.51 19.64
N ARG E 242 -16.28 69.97 19.34
CA ARG E 242 -17.27 69.77 20.39
C ARG E 242 -16.75 68.82 21.46
N LEU E 243 -15.94 67.85 21.05
CA LEU E 243 -15.43 66.80 21.92
C LEU E 243 -14.06 67.14 22.50
N CYS E 244 -13.13 67.55 21.65
CA CYS E 244 -11.75 67.73 22.06
C CYS E 244 -11.45 69.17 22.48
N GLY E 245 -12.33 70.10 22.19
CA GLY E 245 -12.06 71.50 22.39
C GLY E 245 -11.64 72.18 21.11
N SER E 246 -12.01 73.45 20.97
CA SER E 246 -11.69 74.14 19.74
C SER E 246 -10.19 74.38 19.64
N PRO E 247 -9.60 74.17 18.46
CA PRO E 247 -8.18 74.54 18.27
C PRO E 247 -7.98 76.02 18.58
N CYS E 248 -7.11 76.27 19.54
CA CYS E 248 -6.76 77.63 19.95
C CYS E 248 -5.34 77.61 20.48
N PRO E 249 -4.64 78.76 20.41
CA PRO E 249 -3.27 78.79 20.94
C PRO E 249 -3.18 78.34 22.38
N ALA E 250 -4.28 78.42 23.15
CA ALA E 250 -4.23 78.07 24.56
C ALA E 250 -3.73 76.65 24.76
N VAL E 251 -4.23 75.71 23.96
CA VAL E 251 -3.81 74.33 24.02
C VAL E 251 -2.87 73.93 22.89
N TRP E 252 -2.76 74.73 21.83
CA TRP E 252 -2.01 74.39 20.62
C TRP E 252 -1.26 75.63 20.19
N PRO E 253 -0.06 75.87 20.74
CA PRO E 253 0.59 77.17 20.50
C PRO E 253 0.82 77.50 19.03
N ASP E 254 1.16 76.51 18.20
CA ASP E 254 1.48 76.76 16.81
C ASP E 254 0.27 76.66 15.87
N VAL E 255 -0.95 76.60 16.41
CA VAL E 255 -2.11 76.51 15.53
C VAL E 255 -2.24 77.76 14.67
N ILE E 256 -1.76 78.91 15.18
CA ILE E 256 -1.82 80.16 14.46
C ILE E 256 -0.95 80.19 13.22
N ARG E 257 -0.09 79.19 13.03
CA ARG E 257 0.73 79.14 11.82
C ARG E 257 0.05 78.40 10.68
N LEU E 258 -1.06 77.76 10.93
CA LEU E 258 -1.72 76.92 9.94
C LEU E 258 -2.54 77.78 8.97
N PRO E 259 -2.56 77.42 7.69
CA PRO E 259 -3.24 78.27 6.70
C PRO E 259 -4.72 78.51 6.98
N TYR E 260 -5.45 77.50 7.47
CA TYR E 260 -6.89 77.63 7.61
C TYR E 260 -7.33 77.87 9.05
N PHE E 261 -6.42 78.26 9.93
CA PHE E 261 -6.81 78.45 11.32
C PHE E 261 -7.90 79.50 11.43
N ASN E 262 -7.70 80.67 10.79
CA ASN E 262 -8.72 81.71 10.78
C ASN E 262 -9.87 81.34 9.85
N THR E 263 -9.57 80.68 8.73
CA THR E 263 -10.61 80.38 7.76
C THR E 263 -11.64 79.43 8.36
N MET E 264 -11.17 78.31 8.89
CA MET E 264 -12.06 77.27 9.41
C MET E 264 -12.24 77.45 10.92
N LYS E 265 -12.84 78.58 11.29
CA LYS E 265 -13.10 78.72 12.71
C LYS E 265 -14.30 77.86 13.08
N PRO E 266 -14.27 77.16 14.22
CA PRO E 266 -15.47 76.45 14.66
C PRO E 266 -16.53 77.42 15.15
N LYS E 267 -17.76 76.90 15.22
CA LYS E 267 -18.90 77.72 15.61
C LYS E 267 -18.65 78.42 16.94
N LYS E 268 -18.09 77.70 17.92
CA LYS E 268 -17.80 78.24 19.23
C LYS E 268 -16.35 77.93 19.57
N GLN E 269 -15.89 78.49 20.69
CA GLN E 269 -14.64 78.06 21.31
C GLN E 269 -15.06 77.06 22.38
N TYR E 270 -15.19 75.80 21.99
CA TYR E 270 -15.67 74.76 22.88
C TYR E 270 -14.58 74.36 23.88
N ARG E 271 -15.01 73.80 25.00
CA ARG E 271 -14.10 73.21 25.96
C ARG E 271 -14.05 71.72 25.70
N ARG E 272 -12.95 71.09 26.08
CA ARG E 272 -12.80 69.66 25.89
C ARG E 272 -13.82 68.95 26.78
N ARG E 273 -14.55 68.00 26.19
CA ARG E 273 -15.54 67.24 26.94
C ARG E 273 -15.28 65.74 26.82
N LEU E 274 -14.13 65.35 26.27
CA LEU E 274 -13.89 63.95 25.91
C LEU E 274 -14.13 63.00 27.08
N ARG E 275 -13.60 63.31 28.25
CA ARG E 275 -13.74 62.39 29.37
C ARG E 275 -15.19 62.26 29.82
N GLU E 276 -15.98 63.31 29.64
CA GLU E 276 -17.37 63.27 30.04
C GLU E 276 -18.16 62.43 29.05
N GLU E 277 -17.97 62.70 27.75
CA GLU E 277 -18.74 62.02 26.72
C GLU E 277 -18.39 60.54 26.65
N PHE E 278 -17.16 60.16 27.03
CA PHE E 278 -16.70 58.77 27.05
C PHE E 278 -16.55 58.20 28.47
N SER E 279 -17.47 58.55 29.37
CA SER E 279 -17.33 58.13 30.76
C SER E 279 -17.36 56.61 30.91
N PHE E 280 -18.14 55.91 30.07
CA PHE E 280 -18.30 54.47 30.21
C PHE E 280 -17.02 53.70 29.89
N ILE E 281 -16.05 54.32 29.24
CA ILE E 281 -14.83 53.59 28.87
C ILE E 281 -14.04 53.31 30.14
N PRO E 282 -13.39 52.14 30.25
CA PRO E 282 -12.50 51.92 31.40
C PRO E 282 -11.41 52.98 31.46
N SER E 283 -11.02 53.33 32.68
CA SER E 283 -10.13 54.48 32.85
C SER E 283 -8.78 54.24 32.18
N ALA E 284 -8.25 53.02 32.26
CA ALA E 284 -6.98 52.73 31.61
C ALA E 284 -7.06 53.04 30.13
N ALA E 285 -8.19 52.67 29.50
CA ALA E 285 -8.39 52.96 28.09
C ALA E 285 -8.72 54.43 27.88
N LEU E 286 -9.59 55.01 28.71
CA LEU E 286 -9.97 56.41 28.54
C LEU E 286 -8.75 57.32 28.55
N ASP E 287 -7.79 57.04 29.42
CA ASP E 287 -6.54 57.79 29.45
C ASP E 287 -5.84 57.71 28.09
N LEU E 288 -5.76 56.49 27.53
CA LEU E 288 -5.17 56.31 26.22
C LEU E 288 -5.90 57.13 25.16
N LEU E 289 -7.23 57.07 25.16
CA LEU E 289 -8.00 57.83 24.19
C LEU E 289 -7.73 59.32 24.32
N ASP E 290 -7.68 59.82 25.56
CA ASP E 290 -7.47 61.25 25.76
C ASP E 290 -6.16 61.70 25.12
N HIS E 291 -5.10 60.89 25.23
CA HIS E 291 -3.80 61.30 24.71
C HIS E 291 -3.67 61.09 23.21
N MET E 292 -4.32 60.06 22.67
CA MET E 292 -4.28 59.84 21.23
C MET E 292 -5.07 60.89 20.49
N LEU E 293 -6.14 61.39 21.12
CA LEU E 293 -6.96 62.46 20.56
C LEU E 293 -6.65 63.81 21.20
N THR E 294 -5.36 64.10 21.36
CA THR E 294 -4.89 65.41 21.78
C THR E 294 -4.75 66.28 20.54
N LEU E 295 -5.25 67.52 20.61
CA LEU E 295 -5.33 68.31 19.40
C LEU E 295 -3.94 68.62 18.82
N ASP E 296 -3.05 69.15 19.64
CA ASP E 296 -1.74 69.59 19.15
C ASP E 296 -0.88 68.39 18.82
N PRO E 297 -0.44 68.21 17.57
CA PRO E 297 0.39 67.03 17.24
C PRO E 297 1.68 66.93 18.05
N SER E 298 2.21 68.05 18.53
CA SER E 298 3.42 68.01 19.35
C SER E 298 3.14 67.60 20.78
N LYS E 299 1.88 67.62 21.21
CA LYS E 299 1.47 67.13 22.51
C LYS E 299 0.79 65.76 22.47
N ARG E 300 0.43 65.27 21.29
CA ARG E 300 -0.20 63.96 21.15
C ARG E 300 0.81 62.84 21.31
N CYS E 301 0.47 61.83 22.09
CA CYS E 301 1.36 60.71 22.33
C CYS E 301 1.70 60.00 21.03
N THR E 302 2.84 59.30 21.05
CA THR E 302 3.29 58.51 19.91
C THR E 302 2.90 57.04 20.07
N ALA E 303 3.24 56.26 19.03
CA ALA E 303 2.98 54.83 19.08
C ALA E 303 3.70 54.18 20.26
N GLU E 304 4.99 54.50 20.46
CA GLU E 304 5.70 53.92 21.59
C GLU E 304 5.03 54.28 22.92
N GLN E 305 4.60 55.54 23.06
CA GLN E 305 4.00 55.94 24.33
C GLN E 305 2.72 55.17 24.62
N THR E 306 1.94 54.84 23.59
CA THR E 306 0.71 54.08 23.81
C THR E 306 0.99 52.68 24.32
N LEU E 307 2.09 52.07 23.90
CA LEU E 307 2.44 50.73 24.37
C LEU E 307 2.95 50.76 25.80
N GLN E 308 3.34 51.94 26.29
CA GLN E 308 3.73 52.12 27.69
C GLN E 308 2.61 52.77 28.47
N SER E 309 1.38 52.35 28.21
CA SER E 309 0.21 52.85 28.88
C SER E 309 -0.34 51.77 29.80
N ASP E 310 -1.05 52.19 30.85
CA ASP E 310 -1.67 51.20 31.73
C ASP E 310 -2.59 50.25 30.98
N PHE E 311 -3.08 50.65 29.80
CA PHE E 311 -4.01 49.81 29.04
C PHE E 311 -3.27 48.69 28.33
N LEU E 312 -2.27 49.03 27.52
CA LEU E 312 -1.64 48.06 26.63
C LEU E 312 -0.30 47.56 27.14
N LYS E 313 0.20 48.11 28.26
CA LYS E 313 1.57 47.83 28.68
C LYS E 313 1.74 46.36 29.04
N ASP E 314 0.85 45.81 29.87
CA ASP E 314 0.94 44.45 30.34
C ASP E 314 0.11 43.49 29.50
N VAL E 315 -0.42 43.93 28.37
CA VAL E 315 -1.22 43.06 27.51
C VAL E 315 -0.29 42.15 26.73
N GLU E 316 -0.42 40.86 26.96
CA GLU E 316 0.37 39.82 26.31
C GLU E 316 -0.37 39.25 25.11
N LEU E 317 0.23 39.36 23.93
CA LEU E 317 -0.41 38.83 22.73
C LEU E 317 -0.23 37.31 22.59
N SER E 318 0.61 36.69 23.42
CA SER E 318 0.62 35.23 23.44
C SER E 318 -0.78 34.71 23.72
N LYS E 319 -1.50 35.41 24.60
CA LYS E 319 -2.91 35.16 24.93
C LYS E 319 -3.82 36.00 24.03
N MET E 320 -3.80 35.68 22.73
CA MET E 320 -4.67 36.36 21.78
C MET E 320 -6.15 36.14 22.11
N ALA E 321 -6.95 37.20 22.09
CA ALA E 321 -8.38 37.07 22.33
C ALA E 321 -9.16 37.28 21.04
N PRO E 322 -9.83 36.25 20.49
CA PRO E 322 -10.60 36.43 19.22
C PRO E 322 -11.95 37.09 19.45
N PRO E 323 -12.37 38.01 18.57
CA PRO E 323 -13.68 38.66 18.77
C PRO E 323 -14.88 37.72 18.56
N ASP E 324 -15.95 38.04 19.29
CA ASP E 324 -17.18 37.25 19.35
C ASP E 324 -18.18 37.66 18.27
N LEU E 325 -18.45 36.77 17.31
CA LEU E 325 -19.45 37.04 16.29
C LEU E 325 -20.54 35.97 16.24
N PRO E 326 -21.85 36.34 16.17
CA PRO E 326 -22.87 35.29 15.99
C PRO E 326 -22.95 34.80 14.55
N HIS E 327 -21.80 34.38 14.03
CA HIS E 327 -21.66 34.12 12.61
C HIS E 327 -22.61 33.02 12.13
N TRP E 328 -22.78 31.97 12.92
CA TRP E 328 -23.49 30.79 12.42
C TRP E 328 -24.99 30.83 12.71
N GLN E 329 -25.40 31.30 13.88
CA GLN E 329 -26.81 31.18 14.27
C GLN E 329 -27.71 32.24 13.63
N ASP E 330 -27.20 33.08 12.75
CA ASP E 330 -28.05 34.05 12.07
C ASP E 330 -29.08 33.31 11.23
N THR F 24 15.17 35.38 0.90
CA THR F 24 14.27 36.52 1.01
C THR F 24 14.54 37.54 -0.10
N LYS F 25 15.62 38.33 0.04
CA LYS F 25 15.98 39.39 -0.90
C LYS F 25 17.10 38.91 -1.81
N PRO F 26 17.11 39.27 -3.09
CA PRO F 26 18.11 38.70 -4.00
C PRO F 26 19.50 39.30 -3.76
N CYS F 27 20.50 38.55 -4.20
CA CYS F 27 21.90 38.95 -4.09
C CYS F 27 22.30 39.72 -5.35
N TRP F 28 22.74 40.96 -5.17
CA TRP F 28 23.04 41.87 -6.28
C TRP F 28 24.54 42.12 -6.42
N TYR F 29 25.37 41.17 -6.01
CA TYR F 29 26.82 41.32 -6.06
C TYR F 29 27.49 40.13 -6.71
N TRP F 30 28.44 40.42 -7.59
CA TRP F 30 29.21 39.45 -8.35
C TRP F 30 30.69 39.64 -8.06
N ASP F 31 31.51 38.65 -8.40
CA ASP F 31 32.95 38.77 -8.31
C ASP F 31 33.48 39.37 -9.61
N LYS F 32 34.57 40.15 -9.51
CA LYS F 32 35.09 40.74 -10.75
C LYS F 32 35.31 39.70 -11.83
N LYS F 33 35.86 38.53 -11.47
CA LYS F 33 36.12 37.49 -12.45
C LYS F 33 34.85 37.10 -13.20
N ASP F 34 33.68 37.29 -12.58
CA ASP F 34 32.44 36.95 -13.26
C ASP F 34 32.11 37.91 -14.39
N LEU F 35 32.60 39.16 -14.33
CA LEU F 35 32.25 40.10 -15.37
C LEU F 35 32.80 39.72 -16.74
N ALA F 36 33.74 38.77 -16.80
CA ALA F 36 34.19 38.27 -18.08
C ALA F 36 33.12 37.44 -18.77
N HIS F 37 32.02 37.16 -18.08
CA HIS F 37 30.95 36.29 -18.56
C HIS F 37 29.58 36.95 -18.57
N THR F 38 29.52 38.27 -18.76
CA THR F 38 28.25 38.92 -18.92
C THR F 38 27.65 38.56 -20.27
N PRO F 39 26.32 38.67 -20.43
CA PRO F 39 25.74 38.48 -21.77
C PRO F 39 26.47 39.28 -22.83
N SER F 40 26.87 40.52 -22.51
CA SER F 40 27.56 41.35 -23.47
C SER F 40 28.89 40.72 -23.90
N GLN F 41 29.69 40.25 -22.93
CA GLN F 41 30.95 39.59 -23.28
C GLN F 41 30.71 38.38 -24.16
N LEU F 42 29.73 37.56 -23.82
CA LEU F 42 29.51 36.31 -24.52
C LEU F 42 28.91 36.49 -25.90
N GLU F 43 28.39 37.67 -26.22
CA GLU F 43 27.98 37.98 -27.58
C GLU F 43 29.11 38.55 -28.42
N GLY F 44 30.31 38.68 -27.85
CA GLY F 44 31.47 39.10 -28.60
C GLY F 44 32.00 40.47 -28.25
N LEU F 45 31.33 41.20 -27.36
CA LEU F 45 31.84 42.49 -26.92
C LEU F 45 33.08 42.28 -26.06
N ASP F 46 34.13 43.06 -26.31
CA ASP F 46 35.36 42.89 -25.57
C ASP F 46 35.32 43.65 -24.24
N PRO F 47 36.20 43.31 -23.30
CA PRO F 47 36.10 43.93 -21.97
C PRO F 47 36.17 45.45 -22.01
N ALA F 48 37.06 46.03 -22.82
CA ALA F 48 37.16 47.48 -22.85
C ALA F 48 35.85 48.12 -23.30
N THR F 49 35.23 47.56 -24.35
CA THR F 49 34.02 48.16 -24.89
C THR F 49 32.89 48.13 -23.88
N GLU F 50 32.68 47.01 -23.19
CA GLU F 50 31.62 47.00 -22.19
C GLU F 50 31.90 48.02 -21.10
N ALA F 51 33.16 48.13 -20.65
CA ALA F 51 33.48 49.15 -19.65
C ALA F 51 33.15 50.53 -20.17
N ARG F 52 33.42 50.78 -21.46
CA ARG F 52 33.07 52.07 -22.07
C ARG F 52 31.57 52.27 -22.12
N TYR F 53 30.82 51.24 -22.53
CA TYR F 53 29.37 51.35 -22.59
C TYR F 53 28.78 51.65 -21.21
N ARG F 54 29.33 51.05 -20.17
CA ARG F 54 28.83 51.34 -18.83
C ARG F 54 29.11 52.77 -18.43
N ARG F 55 30.33 53.27 -18.70
CA ARG F 55 30.63 54.65 -18.36
C ARG F 55 29.73 55.60 -19.13
N GLU F 56 29.63 55.40 -20.44
CA GLU F 56 28.83 56.32 -21.25
C GLU F 56 27.38 56.35 -20.79
N GLY F 57 26.80 55.17 -20.53
CA GLY F 57 25.43 55.12 -20.06
C GLY F 57 25.27 55.74 -18.69
N ALA F 58 26.19 55.41 -17.77
CA ALA F 58 26.12 55.97 -16.43
C ALA F 58 26.23 57.50 -16.48
N ARG F 59 27.18 58.02 -17.25
CA ARG F 59 27.35 59.46 -17.34
C ARG F 59 26.11 60.11 -17.95
N PHE F 60 25.52 59.46 -18.96
CA PHE F 60 24.25 59.90 -19.56
C PHE F 60 23.17 60.06 -18.50
N ILE F 61 22.97 59.04 -17.67
CA ILE F 61 21.98 59.15 -16.60
C ILE F 61 22.33 60.31 -15.68
N PHE F 62 23.61 60.44 -15.35
CA PHE F 62 24.07 61.52 -14.48
C PHE F 62 23.82 62.88 -15.11
N ASP F 63 24.23 63.04 -16.37
CA ASP F 63 24.07 64.34 -17.02
C ASP F 63 22.59 64.65 -17.26
N VAL F 64 21.83 63.67 -17.76
CA VAL F 64 20.42 63.94 -18.04
C VAL F 64 19.69 64.33 -16.75
N GLY F 65 19.90 63.55 -15.69
CA GLY F 65 19.24 63.85 -14.44
C GLY F 65 19.72 65.14 -13.83
N THR F 66 21.01 65.44 -13.97
CA THR F 66 21.53 66.71 -13.46
C THR F 66 20.88 67.88 -14.17
N ARG F 67 20.72 67.78 -15.49
CA ARG F 67 20.02 68.81 -16.24
C ARG F 67 18.56 68.93 -15.80
N LEU F 68 17.93 67.83 -15.42
CA LEU F 68 16.55 67.86 -14.94
C LEU F 68 16.42 68.28 -13.49
N GLY F 69 17.53 68.55 -12.80
CA GLY F 69 17.47 69.00 -11.43
C GLY F 69 17.28 67.93 -10.38
N LEU F 70 17.69 66.70 -10.67
CA LEU F 70 17.38 65.58 -9.81
C LEU F 70 18.36 65.43 -8.64
N HIS F 71 17.82 64.90 -7.54
CA HIS F 71 18.60 64.58 -6.34
C HIS F 71 19.70 63.57 -6.64
N TYR F 72 20.78 63.63 -5.85
CA TYR F 72 21.90 62.74 -6.12
C TYR F 72 21.49 61.29 -5.91
N ASP F 73 20.64 61.00 -4.93
CA ASP F 73 20.17 59.63 -4.75
C ASP F 73 19.41 59.13 -5.97
N THR F 74 18.61 60.01 -6.59
CA THR F 74 17.85 59.59 -7.76
C THR F 74 18.77 59.21 -8.92
N LEU F 75 19.83 60.00 -9.14
CA LEU F 75 20.74 59.68 -10.24
C LEU F 75 21.38 58.31 -10.03
N ALA F 76 21.82 58.04 -8.80
CA ALA F 76 22.49 56.77 -8.54
C ALA F 76 21.55 55.60 -8.67
N THR F 77 20.33 55.71 -8.14
CA THR F 77 19.41 54.58 -8.22
C THR F 77 19.25 54.14 -9.68
N GLY F 78 19.05 55.11 -10.58
CA GLY F 78 19.04 54.80 -12.00
C GLY F 78 20.33 54.16 -12.46
N ILE F 79 21.46 54.69 -12.02
CA ILE F 79 22.73 54.14 -12.48
C ILE F 79 22.89 52.70 -12.00
N ILE F 80 22.42 52.39 -10.80
CA ILE F 80 22.53 51.02 -10.32
C ILE F 80 21.54 50.11 -11.06
N TYR F 81 20.30 50.56 -11.23
CA TYR F 81 19.39 49.82 -12.10
C TYR F 81 20.06 49.52 -13.44
N PHE F 82 20.67 50.55 -14.03
CA PHE F 82 21.33 50.42 -15.33
C PHE F 82 22.39 49.34 -15.28
N HIS F 83 23.30 49.43 -14.31
CA HIS F 83 24.38 48.45 -14.21
C HIS F 83 23.85 47.04 -14.03
N ARG F 84 22.85 46.89 -13.16
CA ARG F 84 22.29 45.55 -12.94
C ARG F 84 21.66 45.00 -14.22
N PHE F 85 20.91 45.83 -14.93
CA PHE F 85 20.26 45.40 -16.15
C PHE F 85 21.21 44.65 -17.06
N TYR F 86 22.39 45.20 -17.30
CA TYR F 86 23.34 44.60 -18.24
C TYR F 86 24.16 43.48 -17.64
N MET F 87 23.76 43.00 -16.46
CA MET F 87 24.17 41.68 -16.00
C MET F 87 23.23 40.59 -16.52
N PHE F 88 22.06 40.98 -17.03
CA PHE F 88 21.11 40.02 -17.53
C PHE F 88 20.86 40.16 -19.01
N HIS F 89 21.38 41.20 -19.65
CA HIS F 89 21.11 41.45 -21.05
C HIS F 89 22.38 41.93 -21.71
N SER F 90 22.36 41.96 -23.04
CA SER F 90 23.51 42.33 -23.82
C SER F 90 23.37 43.77 -24.28
N PHE F 91 24.49 44.50 -24.29
CA PHE F 91 24.45 45.84 -24.82
C PHE F 91 24.02 45.83 -26.29
N LYS F 92 24.28 44.73 -26.99
CA LYS F 92 23.91 44.64 -28.40
C LYS F 92 22.41 44.53 -28.61
N GLN F 93 21.67 44.03 -27.62
CA GLN F 93 20.24 43.85 -27.76
C GLN F 93 19.42 45.00 -27.18
N PHE F 94 19.98 45.71 -26.21
CA PHE F 94 19.29 46.84 -25.60
C PHE F 94 20.19 48.04 -25.73
N PRO F 95 19.93 48.96 -26.66
CA PRO F 95 20.79 50.13 -26.82
C PRO F 95 20.84 50.92 -25.53
N ARG F 96 22.05 51.31 -25.13
CA ARG F 96 22.27 51.69 -23.74
C ARG F 96 21.55 52.96 -23.35
N TYR F 97 21.53 53.97 -24.21
CA TYR F 97 20.95 55.24 -23.80
C TYR F 97 19.44 55.13 -23.60
N VAL F 98 18.78 54.25 -24.36
CA VAL F 98 17.36 53.99 -24.11
C VAL F 98 17.17 53.36 -22.74
N THR F 99 17.95 52.31 -22.45
CA THR F 99 17.93 51.72 -21.13
C THR F 99 18.17 52.78 -20.05
N GLY F 100 19.16 53.64 -20.28
CA GLY F 100 19.46 54.68 -19.30
C GLY F 100 18.26 55.55 -18.97
N ALA F 101 17.61 56.09 -20.00
CA ALA F 101 16.42 56.91 -19.77
C ALA F 101 15.38 56.18 -18.94
N CYS F 102 15.17 54.90 -19.24
CA CYS F 102 14.18 54.11 -18.51
C CYS F 102 14.55 54.01 -17.04
N CYS F 103 15.82 53.71 -16.74
CA CYS F 103 16.26 53.63 -15.36
C CYS F 103 15.98 54.93 -14.62
N LEU F 104 16.32 56.07 -15.24
CA LEU F 104 16.06 57.34 -14.59
C LEU F 104 14.57 57.57 -14.43
N PHE F 105 13.77 57.22 -15.45
CA PHE F 105 12.32 57.40 -15.37
C PHE F 105 11.76 56.64 -14.18
N LEU F 106 12.15 55.37 -14.03
CA LEU F 106 11.68 54.61 -12.88
C LEU F 106 12.29 55.11 -11.58
N ALA F 107 13.58 55.45 -11.62
CA ALA F 107 14.25 55.96 -10.43
C ALA F 107 13.49 57.15 -9.85
N GLY F 108 13.01 58.04 -10.72
CA GLY F 108 12.22 59.17 -10.25
C GLY F 108 10.99 58.72 -9.48
N LYS F 109 10.28 57.70 -9.99
CA LYS F 109 9.11 57.22 -9.28
C LYS F 109 9.51 56.51 -7.98
N VAL F 110 10.61 55.77 -7.98
CA VAL F 110 11.01 55.08 -6.76
C VAL F 110 11.39 56.08 -5.68
N GLU F 111 12.27 57.03 -6.02
CA GLU F 111 12.84 57.94 -5.05
C GLU F 111 11.96 59.17 -4.80
N GLU F 112 10.75 59.18 -5.36
CA GLU F 112 9.81 60.29 -5.15
C GLU F 112 10.37 61.61 -5.65
N THR F 113 11.08 61.55 -6.78
CA THR F 113 11.49 62.75 -7.52
C THR F 113 11.06 62.58 -8.96
N PRO F 114 9.77 62.40 -9.22
CA PRO F 114 9.33 61.98 -10.55
C PRO F 114 9.44 63.09 -11.58
N LYS F 115 9.73 62.67 -12.82
CA LYS F 115 9.73 63.51 -14.02
C LYS F 115 9.03 62.72 -15.12
N LYS F 116 8.50 63.45 -16.09
CA LYS F 116 7.74 62.85 -17.17
C LYS F 116 8.65 62.28 -18.23
N CYS F 117 8.23 61.18 -18.84
CA CYS F 117 9.07 60.60 -19.88
C CYS F 117 9.36 61.62 -20.99
N LYS F 118 8.40 62.49 -21.30
CA LYS F 118 8.61 63.46 -22.37
C LYS F 118 9.74 64.44 -22.03
N ASP F 119 9.93 64.76 -20.75
CA ASP F 119 11.01 65.67 -20.37
C ASP F 119 12.36 64.97 -20.43
N ILE F 120 12.40 63.68 -20.05
CA ILE F 120 13.65 62.92 -20.11
C ILE F 120 14.10 62.80 -21.56
N ILE F 121 13.16 62.53 -22.47
CA ILE F 121 13.49 62.45 -23.88
C ILE F 121 14.04 63.77 -24.38
N LYS F 122 13.35 64.88 -24.07
CA LYS F 122 13.80 66.19 -24.52
C LYS F 122 15.24 66.43 -24.09
N THR F 123 15.54 66.15 -22.82
CA THR F 123 16.90 66.35 -22.31
C THR F 123 17.88 65.42 -23.00
N ALA F 124 17.49 64.16 -23.24
CA ALA F 124 18.38 63.24 -23.93
C ALA F 124 18.72 63.74 -25.32
N ARG F 125 17.73 64.30 -26.03
CA ARG F 125 18.01 64.83 -27.35
C ARG F 125 19.05 65.93 -27.26
N SER F 126 18.95 66.76 -26.21
CA SER F 126 19.91 67.83 -26.02
C SER F 126 21.33 67.27 -25.89
N LEU F 127 21.49 66.15 -25.18
CA LEU F 127 22.81 65.66 -24.85
C LEU F 127 23.37 64.64 -25.85
N LEU F 128 22.53 64.04 -26.68
CA LEU F 128 22.99 63.03 -27.61
C LEU F 128 23.11 63.60 -29.01
N ASN F 129 24.10 63.13 -29.76
CA ASN F 129 24.21 63.50 -31.17
C ASN F 129 23.18 62.72 -31.97
N ASP F 130 23.11 62.97 -33.29
CA ASP F 130 22.10 62.30 -34.09
C ASP F 130 22.32 60.80 -34.17
N VAL F 131 23.59 60.36 -34.26
CA VAL F 131 23.84 58.92 -34.27
C VAL F 131 23.32 58.29 -32.99
N GLN F 132 23.66 58.90 -31.85
CA GLN F 132 23.29 58.33 -30.56
C GLN F 132 21.79 58.31 -30.38
N PHE F 133 21.12 59.42 -30.69
CA PHE F 133 19.67 59.45 -30.51
C PHE F 133 18.94 58.52 -31.47
N GLY F 134 19.61 57.99 -32.48
CA GLY F 134 18.97 57.00 -33.34
C GLY F 134 18.49 55.79 -32.58
N GLN F 135 19.16 55.48 -31.45
CA GLN F 135 18.75 54.32 -30.67
C GLN F 135 17.29 54.40 -30.26
N PHE F 136 16.77 55.61 -30.07
CA PHE F 136 15.39 55.76 -29.61
C PHE F 136 14.37 55.55 -30.70
N GLY F 137 14.78 55.56 -31.97
CA GLY F 137 13.87 55.20 -33.03
C GLY F 137 12.82 56.28 -33.30
N ASP F 138 11.77 55.87 -34.00
CA ASP F 138 10.74 56.81 -34.46
C ASP F 138 9.89 57.36 -33.33
N ASP F 139 9.68 56.58 -32.26
CA ASP F 139 8.87 57.02 -31.12
C ASP F 139 9.70 56.82 -29.86
N PRO F 140 10.53 57.80 -29.49
CA PRO F 140 11.38 57.62 -28.29
C PRO F 140 10.59 57.34 -27.03
N LYS F 141 9.57 58.13 -26.71
CA LYS F 141 8.84 57.88 -25.47
C LYS F 141 8.37 56.43 -25.41
N GLU F 142 7.86 55.93 -26.54
CA GLU F 142 7.36 54.56 -26.55
C GLU F 142 8.46 53.57 -26.20
N GLU F 143 9.62 53.68 -26.83
CA GLU F 143 10.69 52.72 -26.56
C GLU F 143 11.05 52.69 -25.08
N VAL F 144 11.12 53.86 -24.45
CA VAL F 144 11.54 53.89 -23.05
C VAL F 144 10.47 53.28 -22.15
N MET F 145 9.21 53.67 -22.37
CA MET F 145 8.09 53.18 -21.57
C MET F 145 7.82 51.70 -21.79
N VAL F 146 8.21 51.18 -22.96
CA VAL F 146 8.04 49.78 -23.26
C VAL F 146 9.05 48.94 -22.46
N LEU F 147 10.24 49.47 -22.23
CA LEU F 147 11.28 48.74 -21.53
C LEU F 147 11.03 48.65 -20.03
N GLU F 148 10.15 49.48 -19.47
CA GLU F 148 9.95 49.46 -18.03
C GLU F 148 9.52 48.08 -17.53
N ARG F 149 8.67 47.39 -18.30
CA ARG F 149 8.26 46.05 -17.91
C ARG F 149 9.49 45.13 -17.77
N ILE F 150 10.42 45.20 -18.72
CA ILE F 150 11.63 44.39 -18.62
C ILE F 150 12.48 44.86 -17.46
N LEU F 151 12.68 46.17 -17.32
CA LEU F 151 13.49 46.68 -16.22
C LEU F 151 12.95 46.18 -14.88
N LEU F 152 11.66 46.40 -14.63
CA LEU F 152 11.08 45.97 -13.36
C LEU F 152 11.25 44.47 -13.15
N GLN F 153 11.09 43.68 -14.20
CA GLN F 153 11.31 42.25 -14.02
C GLN F 153 12.78 41.92 -13.85
N THR F 154 13.66 42.61 -14.57
CA THR F 154 15.08 42.29 -14.46
C THR F 154 15.60 42.62 -13.07
N ILE F 155 15.20 43.76 -12.50
CA ILE F 155 15.68 44.11 -11.17
C ILE F 155 14.84 43.41 -10.10
N LYS F 156 14.01 42.46 -10.53
CA LYS F 156 13.29 41.58 -9.60
C LYS F 156 12.43 42.37 -8.63
N PHE F 157 11.95 43.53 -9.07
CA PHE F 157 11.08 44.40 -8.28
C PHE F 157 11.71 44.75 -6.94
N ASP F 158 13.02 44.57 -6.81
CA ASP F 158 13.78 45.03 -5.65
C ASP F 158 14.14 46.48 -5.92
N LEU F 159 13.21 47.37 -5.57
CA LEU F 159 13.31 48.78 -5.93
C LEU F 159 14.14 49.58 -4.93
N GLN F 160 14.18 49.13 -3.67
CA GLN F 160 14.92 49.86 -2.67
C GLN F 160 16.41 49.69 -2.93
N VAL F 161 17.14 50.80 -2.99
CA VAL F 161 18.58 50.78 -3.19
C VAL F 161 19.19 51.82 -2.26
N GLU F 162 20.28 51.46 -1.61
CA GLU F 162 21.06 52.41 -0.81
C GLU F 162 22.40 52.70 -1.46
N HIS F 163 22.93 53.88 -1.18
CA HIS F 163 24.11 54.39 -1.86
C HIS F 163 25.17 54.83 -0.87
N PRO F 164 26.44 54.82 -1.29
CA PRO F 164 27.52 55.15 -0.36
C PRO F 164 27.35 56.52 0.31
N TYR F 165 26.56 57.42 -0.29
CA TYR F 165 26.51 58.78 0.24
C TYR F 165 26.03 58.78 1.68
N GLN F 166 24.97 58.01 1.99
CA GLN F 166 24.41 58.08 3.33
C GLN F 166 25.43 57.62 4.36
N PHE F 167 26.24 56.65 4.01
CA PHE F 167 27.22 56.10 4.93
C PHE F 167 28.45 56.97 5.03
N LEU F 168 28.88 57.58 3.92
CA LEU F 168 29.92 58.58 4.02
C LEU F 168 29.57 59.67 5.03
N LEU F 169 28.33 60.15 4.97
CA LEU F 169 27.90 61.22 5.88
C LEU F 169 27.72 60.70 7.29
N LYS F 170 27.04 59.55 7.42
CA LYS F 170 26.81 58.98 8.74
C LYS F 170 28.12 58.72 9.47
N TYR F 171 29.10 58.15 8.75
CA TYR F 171 30.38 57.83 9.36
C TYR F 171 31.16 59.09 9.68
N ALA F 172 31.14 60.06 8.77
CA ALA F 172 31.86 61.30 9.01
C ALA F 172 31.31 62.05 10.22
N LYS F 173 30.02 61.92 10.50
CA LYS F 173 29.43 62.64 11.62
C LYS F 173 29.99 62.20 12.95
N GLN F 174 30.53 60.99 13.03
CA GLN F 174 31.14 60.45 14.22
C GLN F 174 32.60 60.81 14.38
N LEU F 175 33.18 61.51 13.41
CA LEU F 175 34.52 62.01 13.51
C LEU F 175 34.56 63.34 14.25
N LYS F 176 35.59 63.52 15.05
CA LYS F 176 35.81 64.75 15.78
C LYS F 176 37.21 65.27 15.52
N GLY F 177 37.29 66.55 15.17
CA GLY F 177 38.58 67.14 14.92
C GLY F 177 38.43 68.39 14.07
N ASP F 178 39.54 68.74 13.41
CA ASP F 178 39.58 69.92 12.56
C ASP F 178 38.43 69.91 11.57
N LYS F 179 37.47 70.82 11.76
CA LYS F 179 36.29 70.84 10.91
C LYS F 179 36.67 70.98 9.44
N ASN F 180 37.71 71.77 9.14
CA ASN F 180 38.05 71.99 7.74
C ASN F 180 38.77 70.80 7.12
N LYS F 181 39.62 70.10 7.89
CA LYS F 181 40.24 68.90 7.33
C LYS F 181 39.21 67.81 7.12
N ILE F 182 38.27 67.65 8.05
CA ILE F 182 37.22 66.65 7.89
C ILE F 182 36.33 67.02 6.71
N GLN F 183 36.02 68.31 6.54
CA GLN F 183 35.23 68.70 5.40
C GLN F 183 35.96 68.38 4.09
N LYS F 184 37.27 68.63 4.04
CA LYS F 184 38.03 68.31 2.84
C LYS F 184 37.97 66.81 2.55
N LEU F 185 38.01 65.99 3.60
CA LEU F 185 37.89 64.55 3.42
C LEU F 185 36.56 64.18 2.78
N VAL F 186 35.47 64.69 3.34
CA VAL F 186 34.15 64.31 2.84
C VAL F 186 34.00 64.71 1.37
N GLN F 187 34.38 65.96 1.05
CA GLN F 187 34.16 66.44 -0.30
C GLN F 187 34.90 65.58 -1.31
N MET F 188 36.16 65.25 -1.03
CA MET F 188 36.91 64.37 -1.91
C MET F 188 36.25 63.00 -1.98
N ALA F 189 35.80 62.48 -0.85
CA ALA F 189 35.15 61.18 -0.84
C ALA F 189 33.88 61.21 -1.69
N TRP F 190 33.10 62.29 -1.58
CA TRP F 190 31.90 62.42 -2.39
C TRP F 190 32.26 62.39 -3.88
N THR F 191 33.30 63.13 -4.27
CA THR F 191 33.73 63.10 -5.65
C THR F 191 34.07 61.67 -6.07
N PHE F 192 34.74 60.92 -5.19
CA PHE F 192 35.08 59.55 -5.52
C PHE F 192 33.83 58.68 -5.68
N VAL F 193 32.81 58.91 -4.87
CA VAL F 193 31.58 58.12 -5.02
C VAL F 193 30.98 58.38 -6.40
N ASN F 194 30.87 59.65 -6.79
CA ASN F 194 30.31 59.98 -8.09
C ASN F 194 31.08 59.29 -9.21
N ASP F 195 32.41 59.26 -9.11
CA ASP F 195 33.19 58.57 -10.13
C ASP F 195 32.99 57.06 -10.04
N SER F 196 32.70 56.56 -8.84
CA SER F 196 32.46 55.13 -8.69
C SER F 196 31.20 54.67 -9.41
N LEU F 197 30.29 55.58 -9.72
CA LEU F 197 29.08 55.17 -10.43
C LEU F 197 29.41 54.67 -11.82
N CYS F 198 30.49 55.20 -12.42
CA CYS F 198 30.90 54.72 -13.73
C CYS F 198 31.54 53.34 -13.67
N THR F 199 31.93 52.88 -12.48
CA THR F 199 32.59 51.59 -12.38
C THR F 199 31.56 50.56 -11.97
N THR F 200 31.97 49.30 -12.06
CA THR F 200 31.15 48.19 -11.64
C THR F 200 31.29 47.92 -10.15
N LEU F 201 31.96 48.82 -9.42
CA LEU F 201 32.08 48.67 -7.98
C LEU F 201 30.72 48.60 -7.30
N SER F 202 29.71 49.27 -7.84
CA SER F 202 28.36 49.14 -7.33
C SER F 202 27.85 47.71 -7.35
N LEU F 203 28.40 46.86 -8.21
CA LEU F 203 27.97 45.48 -8.30
C LEU F 203 28.93 44.52 -7.61
N GLN F 204 30.01 45.03 -7.01
CA GLN F 204 30.98 44.17 -6.34
C GLN F 204 30.95 44.30 -4.83
N TRP F 205 30.61 45.48 -4.32
CA TRP F 205 30.71 45.76 -2.90
C TRP F 205 29.50 46.52 -2.41
N GLU F 206 29.07 46.17 -1.21
CA GLU F 206 27.99 46.84 -0.51
C GLU F 206 28.31 48.32 -0.45
N PRO F 207 27.29 49.17 -0.35
CA PRO F 207 27.57 50.61 -0.30
C PRO F 207 28.41 51.03 0.88
N GLU F 208 28.19 50.41 2.04
CA GLU F 208 28.96 50.73 3.22
C GLU F 208 30.45 50.57 2.97
N ILE F 209 30.84 49.50 2.27
CA ILE F 209 32.26 49.26 2.02
C ILE F 209 32.83 50.34 1.11
N ILE F 210 32.11 50.68 0.05
CA ILE F 210 32.57 51.74 -0.84
C ILE F 210 32.74 53.05 -0.07
N ALA F 211 31.77 53.36 0.80
CA ALA F 211 31.85 54.59 1.58
C ALA F 211 33.13 54.62 2.40
N VAL F 212 33.49 53.50 3.03
CA VAL F 212 34.75 53.43 3.75
C VAL F 212 35.91 53.61 2.77
N ALA F 213 35.86 52.89 1.64
CA ALA F 213 36.97 52.94 0.70
C ALA F 213 37.25 54.36 0.23
N VAL F 214 36.21 55.14 -0.05
CA VAL F 214 36.45 56.49 -0.54
C VAL F 214 36.98 57.38 0.57
N MET F 215 36.55 57.18 1.82
CA MET F 215 37.18 57.86 2.94
C MET F 215 38.64 57.45 3.04
N TYR F 216 38.89 56.14 2.95
CA TYR F 216 40.24 55.59 3.00
C TYR F 216 41.11 56.22 1.93
N LEU F 217 40.60 56.31 0.71
CA LEU F 217 41.36 56.94 -0.36
C LEU F 217 41.58 58.42 -0.05
N ALA F 218 40.51 59.14 0.25
CA ALA F 218 40.63 60.56 0.53
C ALA F 218 41.62 60.80 1.67
N GLY F 219 41.60 59.94 2.68
CA GLY F 219 42.58 60.07 3.75
C GLY F 219 44.00 59.97 3.24
N ARG F 220 44.28 58.93 2.46
CA ARG F 220 45.62 58.76 1.93
C ARG F 220 46.08 59.97 1.13
N LEU F 221 45.21 60.46 0.24
CA LEU F 221 45.65 61.55 -0.63
C LEU F 221 45.88 62.83 0.16
N CYS F 222 45.04 63.09 1.16
CA CYS F 222 45.17 64.28 1.97
C CYS F 222 46.18 64.14 3.10
N LYS F 223 46.86 62.99 3.21
CA LYS F 223 47.82 62.74 4.28
C LYS F 223 47.16 62.88 5.65
N PHE F 224 45.90 62.46 5.74
CA PHE F 224 45.14 62.51 6.99
C PHE F 224 45.12 61.15 7.69
N GLU F 225 45.07 61.20 9.02
CA GLU F 225 44.97 60.00 9.84
C GLU F 225 43.54 59.91 10.37
N ILE F 226 42.66 59.25 9.61
CA ILE F 226 41.26 59.27 10.02
C ILE F 226 41.14 58.68 11.41
N GLN F 227 42.10 57.84 11.79
CA GLN F 227 42.05 57.15 13.08
C GLN F 227 42.00 58.12 14.25
N GLU F 228 42.71 59.24 14.16
CA GLU F 228 42.80 60.15 15.29
C GLU F 228 41.45 60.82 15.59
N TRP F 229 40.55 60.85 14.62
CA TRP F 229 39.24 61.48 14.81
C TRP F 229 38.18 60.53 15.35
N THR F 230 38.51 59.27 15.51
CA THR F 230 37.58 58.25 15.95
C THR F 230 37.53 58.18 17.48
N SER F 231 36.56 57.42 17.98
CA SER F 231 36.47 57.23 19.42
C SER F 231 37.66 56.44 19.97
N LYS F 232 38.38 55.74 19.09
CA LYS F 232 39.51 54.89 19.46
C LYS F 232 40.73 55.43 18.71
N PRO F 233 41.38 56.48 19.22
CA PRO F 233 42.41 57.15 18.42
C PRO F 233 43.62 56.30 18.11
N MET F 234 43.85 55.21 18.83
CA MET F 234 44.99 54.34 18.57
C MET F 234 44.60 53.05 17.88
N TYR F 235 43.40 52.99 17.30
CA TYR F 235 42.92 51.84 16.56
C TYR F 235 43.18 52.08 15.08
N ARG F 236 44.23 51.48 14.54
CA ARG F 236 44.58 51.79 13.17
C ARG F 236 43.50 51.35 12.19
N ARG F 237 42.74 50.33 12.57
CA ARG F 237 41.65 49.83 11.74
C ARG F 237 40.39 50.62 12.02
N TRP F 238 40.40 51.90 11.64
CA TRP F 238 39.25 52.74 11.94
C TRP F 238 38.00 52.25 11.21
N TRP F 239 38.17 51.63 10.04
CA TRP F 239 36.99 51.18 9.32
C TRP F 239 36.23 50.14 10.12
N GLU F 240 36.93 49.35 10.93
CA GLU F 240 36.26 48.28 11.63
C GLU F 240 35.17 48.80 12.56
N GLN F 241 35.26 50.06 13.00
CA GLN F 241 34.20 50.62 13.83
C GLN F 241 32.99 51.04 13.01
N PHE F 242 33.17 51.30 11.72
CA PHE F 242 32.05 51.64 10.86
C PHE F 242 31.52 50.40 10.16
N VAL F 243 32.42 49.58 9.63
CA VAL F 243 32.02 48.40 8.86
C VAL F 243 32.93 47.25 9.27
N GLN F 244 32.37 46.28 9.99
CA GLN F 244 33.15 45.15 10.48
C GLN F 244 33.46 44.20 9.34
N ASP F 245 34.61 43.54 9.47
CA ASP F 245 35.01 42.44 8.59
C ASP F 245 35.37 42.94 7.18
N VAL F 246 36.17 44.00 7.13
CA VAL F 246 36.68 44.44 5.83
C VAL F 246 38.21 44.46 5.87
N PRO F 247 38.88 43.58 5.14
CA PRO F 247 40.34 43.61 5.10
C PRO F 247 40.83 44.76 4.24
N VAL F 248 42.08 45.15 4.49
CA VAL F 248 42.69 46.20 3.69
C VAL F 248 42.67 45.81 2.22
N ASP F 249 42.80 44.51 1.94
CA ASP F 249 42.82 44.05 0.56
C ASP F 249 41.68 44.67 -0.24
N VAL F 250 40.47 44.61 0.32
CA VAL F 250 39.29 45.12 -0.39
C VAL F 250 39.41 46.64 -0.59
N LEU F 251 39.79 47.36 0.47
CA LEU F 251 39.88 48.81 0.33
C LEU F 251 40.90 49.19 -0.73
N GLU F 252 41.98 48.43 -0.86
CA GLU F 252 42.97 48.74 -1.88
C GLU F 252 42.45 48.43 -3.27
N ASP F 253 41.76 47.29 -3.42
CA ASP F 253 41.16 46.96 -4.70
C ASP F 253 40.20 48.05 -5.15
N ILE F 254 39.32 48.50 -4.25
CA ILE F 254 38.38 49.56 -4.57
C ILE F 254 39.13 50.85 -4.89
N CYS F 255 40.09 51.22 -4.05
CA CYS F 255 40.87 52.41 -4.34
C CYS F 255 41.51 52.31 -5.71
N HIS F 256 42.11 51.15 -6.00
CA HIS F 256 42.80 50.99 -7.27
C HIS F 256 41.84 51.23 -8.44
N GLN F 257 40.64 50.65 -8.37
CA GLN F 257 39.68 50.80 -9.46
C GLN F 257 39.25 52.25 -9.60
N ILE F 258 39.12 52.98 -8.49
CA ILE F 258 38.72 54.38 -8.59
C ILE F 258 39.82 55.22 -9.25
N LEU F 259 41.06 55.05 -8.79
CA LEU F 259 42.15 55.84 -9.35
C LEU F 259 42.40 55.55 -10.81
N ASP F 260 42.00 54.38 -11.30
CA ASP F 260 42.20 54.04 -12.71
C ASP F 260 41.44 54.99 -13.64
N LEU F 261 40.23 55.38 -13.25
CA LEU F 261 39.47 56.33 -14.07
C LEU F 261 40.23 57.63 -14.26
N TYR F 262 40.89 58.09 -13.22
CA TYR F 262 41.65 59.34 -13.28
C TYR F 262 42.85 59.23 -14.21
N SER F 263 43.57 58.10 -14.15
CA SER F 263 44.74 57.94 -15.01
C SER F 263 44.33 57.76 -16.47
N GLN F 264 43.29 56.98 -16.74
CA GLN F 264 42.84 56.78 -18.11
C GLN F 264 42.26 58.06 -18.69
N GLY F 265 41.42 58.77 -17.93
CA GLY F 265 40.76 59.94 -18.47
C GLY F 265 41.69 61.14 -18.52
N LYS F 266 41.06 62.31 -18.70
CA LYS F 266 41.83 63.54 -18.70
C LYS F 266 41.87 64.16 -17.33
N GLN F 267 40.85 63.91 -16.52
CA GLN F 267 40.79 64.40 -15.16
C GLN F 267 41.87 63.74 -14.32
N GLN F 268 42.35 64.47 -13.31
CA GLN F 268 43.39 64.03 -12.39
C GLN F 268 42.79 64.06 -10.98
N MET F 269 43.51 63.48 -10.02
CA MET F 269 42.96 63.32 -8.68
C MET F 269 42.43 64.65 -8.16
N PRO F 270 41.29 64.66 -7.46
CA PRO F 270 40.68 65.96 -7.12
C PRO F 270 41.57 66.87 -6.27
N HIS F 271 42.23 66.35 -5.24
CA HIS F 271 43.04 67.16 -4.34
C HIS F 271 42.53 68.59 -4.17
N MET G 5 36.02 -15.03 -50.20
CA MET G 5 34.65 -15.58 -50.42
C MET G 5 33.63 -14.47 -50.72
N SER G 6 33.98 -13.23 -50.46
CA SER G 6 33.19 -12.06 -50.84
C SER G 6 34.13 -11.12 -51.58
N TYR G 7 33.60 -10.44 -52.60
CA TYR G 7 34.40 -9.61 -53.50
C TYR G 7 33.75 -8.23 -53.61
N ASN G 8 34.54 -7.18 -53.36
CA ASN G 8 34.01 -5.82 -53.34
C ASN G 8 34.99 -4.83 -53.93
N TYR G 9 34.46 -3.65 -54.29
CA TYR G 9 35.17 -2.61 -55.02
C TYR G 9 35.03 -1.29 -54.26
N VAL G 10 36.14 -0.61 -54.05
CA VAL G 10 36.17 0.68 -53.34
C VAL G 10 36.85 1.69 -54.25
N VAL G 11 36.11 2.73 -54.60
CA VAL G 11 36.60 3.80 -55.45
C VAL G 11 36.27 5.12 -54.77
N THR G 12 37.06 6.14 -55.07
CA THR G 12 36.91 7.46 -54.49
C THR G 12 36.14 8.34 -55.48
N ALA G 13 34.94 8.77 -55.06
CA ALA G 13 34.15 9.68 -55.89
C ALA G 13 34.58 11.13 -55.70
N GLN G 14 34.86 11.53 -54.45
CA GLN G 14 35.37 12.84 -54.12
C GLN G 14 36.59 12.67 -53.22
N LYS G 15 37.67 13.36 -53.56
CA LYS G 15 38.91 13.24 -52.81
C LYS G 15 38.77 13.98 -51.48
N PRO G 16 39.66 13.70 -50.52
CA PRO G 16 39.61 14.43 -49.25
C PRO G 16 39.67 15.94 -49.45
N THR G 17 38.85 16.66 -48.67
CA THR G 17 38.81 18.11 -48.76
C THR G 17 39.38 18.84 -47.54
N ALA G 18 39.54 18.16 -46.42
CA ALA G 18 40.00 18.82 -45.21
C ALA G 18 41.51 18.98 -45.23
N VAL G 19 41.97 20.17 -44.86
CA VAL G 19 43.39 20.45 -44.83
C VAL G 19 43.97 19.95 -43.50
N ASN G 20 44.99 19.10 -43.59
CA ASN G 20 45.63 18.54 -42.40
C ASN G 20 46.96 19.20 -42.07
N GLY G 21 47.56 19.96 -42.99
CA GLY G 21 48.81 20.65 -42.74
C GLY G 21 49.31 21.36 -43.97
N CYS G 22 49.98 22.50 -43.81
CA CYS G 22 50.49 23.24 -44.96
C CYS G 22 51.81 23.92 -44.63
N VAL G 23 52.72 23.94 -45.61
CA VAL G 23 54.02 24.60 -45.48
C VAL G 23 54.29 25.48 -46.69
N THR G 24 55.18 26.44 -46.49
CA THR G 24 55.62 27.37 -47.51
C THR G 24 57.11 27.17 -47.73
N GLY G 25 57.56 27.21 -48.98
CA GLY G 25 58.98 27.04 -49.22
C GLY G 25 59.33 27.25 -50.68
N HIS G 26 60.55 26.83 -51.01
CA HIS G 26 61.10 26.94 -52.36
C HIS G 26 61.41 25.53 -52.85
N PHE G 27 60.34 24.78 -53.19
CA PHE G 27 60.40 23.36 -53.49
C PHE G 27 60.52 23.10 -54.99
N THR G 28 59.75 23.80 -55.81
CA THR G 28 59.79 23.56 -57.25
C THR G 28 60.98 24.26 -57.93
N SER G 29 61.37 25.45 -57.43
CA SER G 29 62.54 26.15 -57.94
C SER G 29 63.06 27.05 -56.81
N ALA G 30 64.35 27.34 -56.84
CA ALA G 30 64.92 28.18 -55.78
C ALA G 30 64.33 29.59 -55.79
N GLU G 31 63.68 30.00 -56.87
CA GLU G 31 63.15 31.35 -56.99
C GLU G 31 61.68 31.48 -56.62
N ASP G 32 60.88 30.45 -56.89
CA ASP G 32 59.44 30.50 -56.68
C ASP G 32 59.12 30.12 -55.24
N LEU G 33 58.24 30.90 -54.63
CA LEU G 33 57.65 30.56 -53.34
C LEU G 33 56.43 29.67 -53.55
N ASN G 34 56.39 28.53 -52.87
CA ASN G 34 55.35 27.54 -53.09
C ASN G 34 54.51 27.34 -51.84
N LEU G 35 53.28 26.89 -52.03
CA LEU G 35 52.39 26.47 -50.94
C LEU G 35 52.08 24.98 -51.16
N LEU G 36 52.59 24.13 -50.27
CA LEU G 36 52.29 22.71 -50.31
C LEU G 36 51.19 22.43 -49.29
N ILE G 37 50.00 22.09 -49.79
CA ILE G 37 48.87 21.73 -48.96
C ILE G 37 48.75 20.21 -48.98
N ALA G 38 48.53 19.62 -47.80
CA ALA G 38 48.42 18.18 -47.67
C ALA G 38 47.05 17.86 -47.07
N LYS G 39 46.28 17.07 -47.81
CA LYS G 39 45.07 16.41 -47.31
C LYS G 39 45.39 14.93 -47.17
N ASN G 40 44.57 14.21 -46.41
CA ASN G 40 44.94 12.83 -46.13
C ASN G 40 45.25 12.10 -47.44
N THR G 41 46.50 11.69 -47.64
CA THR G 41 47.00 10.92 -48.79
C THR G 41 47.15 11.77 -50.04
N ARG G 42 46.95 13.09 -49.96
CA ARG G 42 47.06 13.97 -51.11
C ARG G 42 48.05 15.10 -50.82
N LEU G 43 49.03 15.26 -51.70
CA LEU G 43 49.96 16.38 -51.65
C LEU G 43 49.60 17.30 -52.80
N GLU G 44 49.34 18.56 -52.50
CA GLU G 44 48.98 19.54 -53.52
C GLU G 44 50.05 20.61 -53.51
N ILE G 45 50.67 20.84 -54.67
CA ILE G 45 51.73 21.82 -54.80
C ILE G 45 51.16 22.99 -55.59
N TYR G 46 51.28 24.19 -55.02
CA TYR G 46 50.86 25.41 -55.66
C TYR G 46 52.10 26.32 -55.71
N VAL G 47 52.13 27.23 -56.66
CA VAL G 47 53.15 28.26 -56.72
C VAL G 47 52.45 29.58 -56.41
N VAL G 48 52.98 30.31 -55.45
CA VAL G 48 52.29 31.49 -54.97
C VAL G 48 52.46 32.59 -56.02
N THR G 49 51.38 32.90 -56.72
CA THR G 49 51.41 34.07 -57.58
C THR G 49 51.11 35.29 -56.70
N ALA G 50 51.26 36.48 -57.27
CA ALA G 50 50.88 37.66 -56.50
C ALA G 50 49.39 37.69 -56.24
N GLU G 51 48.59 37.27 -57.22
CA GLU G 51 47.14 37.20 -57.08
C GLU G 51 46.68 35.74 -56.97
N GLY G 52 46.58 35.27 -55.74
CA GLY G 52 46.18 33.90 -55.50
C GLY G 52 47.28 32.87 -55.69
N LEU G 53 46.82 31.64 -55.97
CA LEU G 53 47.67 30.47 -56.10
C LEU G 53 47.64 29.91 -57.53
N ARG G 54 48.79 29.42 -57.98
CA ARG G 54 48.87 28.75 -59.27
C ARG G 54 49.04 27.25 -59.05
N PRO G 55 48.05 26.44 -59.44
CA PRO G 55 48.20 24.98 -59.27
C PRO G 55 49.29 24.45 -60.18
N VAL G 56 50.10 23.52 -59.66
CA VAL G 56 51.24 22.97 -60.36
C VAL G 56 51.11 21.48 -60.62
N LYS G 57 50.84 20.69 -59.57
CA LYS G 57 50.81 19.25 -59.66
C LYS G 57 50.08 18.77 -58.42
N GLU G 58 49.34 17.68 -58.56
CA GLU G 58 48.75 17.01 -57.42
C GLU G 58 49.29 15.58 -57.44
N VAL G 59 49.82 15.15 -56.31
CA VAL G 59 50.43 13.84 -56.18
C VAL G 59 49.67 13.11 -55.09
N GLY G 60 49.50 11.81 -55.28
CA GLY G 60 48.94 10.94 -54.26
C GLY G 60 50.03 10.09 -53.65
N MET G 61 49.92 9.89 -52.34
CA MET G 61 50.83 9.04 -51.59
C MET G 61 50.03 7.91 -50.97
N TYR G 62 50.68 6.76 -50.83
CA TYR G 62 50.04 5.59 -50.23
C TYR G 62 50.19 5.56 -48.70
N GLY G 63 49.67 6.59 -48.05
CA GLY G 63 49.76 6.69 -46.61
C GLY G 63 49.07 7.97 -46.17
N LYS G 64 48.66 7.96 -44.91
CA LYS G 64 48.06 9.17 -44.35
C LYS G 64 49.22 10.10 -44.01
N ILE G 65 49.23 11.29 -44.62
CA ILE G 65 50.37 12.19 -44.43
C ILE G 65 50.31 12.75 -43.01
N ALA G 66 51.34 12.45 -42.22
CA ALA G 66 51.41 12.90 -40.83
C ALA G 66 52.43 14.01 -40.59
N VAL G 67 53.63 13.89 -41.15
CA VAL G 67 54.65 14.92 -41.07
C VAL G 67 54.89 15.40 -42.49
N MET G 68 54.89 16.72 -42.68
CA MET G 68 55.23 17.32 -43.96
C MET G 68 56.10 18.52 -43.62
N GLU G 69 57.34 18.51 -44.10
CA GLU G 69 58.29 19.56 -43.76
C GLU G 69 59.24 19.78 -44.92
N LEU G 70 59.61 21.04 -45.13
CA LEU G 70 60.54 21.44 -46.16
C LEU G 70 61.88 21.83 -45.54
N PHE G 71 62.97 21.39 -46.17
CA PHE G 71 64.32 21.67 -45.69
C PHE G 71 65.26 21.77 -46.89
N ARG G 72 66.38 22.46 -46.67
CA ARG G 72 67.40 22.67 -47.70
C ARG G 72 68.80 22.38 -47.19
N PRO G 73 69.31 21.16 -47.42
CA PRO G 73 70.66 20.84 -46.94
C PRO G 73 71.74 21.54 -47.78
N LYS G 74 72.86 21.84 -47.13
CA LYS G 74 73.96 22.53 -47.80
C LYS G 74 74.32 21.82 -49.10
N GLY G 75 74.38 22.59 -50.18
CA GLY G 75 74.71 22.07 -51.48
C GLY G 75 73.53 21.89 -52.41
N GLU G 76 72.31 21.92 -51.89
CA GLU G 76 71.14 21.78 -52.75
C GLU G 76 70.76 23.14 -53.31
N SER G 77 70.30 23.14 -54.57
CA SER G 77 69.87 24.38 -55.20
C SER G 77 68.54 24.84 -54.67
N LYS G 78 67.70 23.91 -54.22
CA LYS G 78 66.34 24.24 -53.81
C LYS G 78 65.90 23.28 -52.70
N ASP G 79 64.74 23.57 -52.13
CA ASP G 79 64.25 22.81 -50.99
C ASP G 79 63.86 21.39 -51.36
N LEU G 80 64.07 20.48 -50.41
CA LEU G 80 63.58 19.11 -50.47
C LEU G 80 62.41 18.95 -49.52
N LEU G 81 61.63 17.90 -49.73
CA LEU G 81 60.42 17.65 -48.97
C LEU G 81 60.59 16.37 -48.15
N PHE G 82 60.31 16.47 -46.85
CA PHE G 82 60.26 15.30 -45.98
C PHE G 82 58.81 14.96 -45.64
N ILE G 83 58.45 13.69 -45.78
CA ILE G 83 57.12 13.21 -45.42
C ILE G 83 57.23 11.91 -44.66
N LEU G 84 56.44 11.79 -43.59
CA LEU G 84 56.31 10.56 -42.82
C LEU G 84 54.83 10.21 -42.76
N THR G 85 54.49 8.98 -43.10
CA THR G 85 53.09 8.58 -43.11
C THR G 85 52.68 8.06 -41.74
N ALA G 86 51.36 7.90 -41.56
CA ALA G 86 50.83 7.42 -40.28
C ALA G 86 51.23 5.99 -39.99
N LYS G 87 51.60 5.22 -41.01
CA LYS G 87 52.16 3.89 -40.85
C LYS G 87 53.69 3.92 -40.74
N TYR G 88 54.28 5.10 -40.52
CA TYR G 88 55.71 5.27 -40.31
C TYR G 88 56.53 5.02 -41.58
N ASN G 89 55.99 5.41 -42.74
CA ASN G 89 56.74 5.42 -43.99
C ASN G 89 57.40 6.78 -44.14
N ALA G 90 58.72 6.80 -44.23
CA ALA G 90 59.47 8.04 -44.35
C ALA G 90 60.05 8.15 -45.76
N CYS G 91 60.16 9.38 -46.24
CA CYS G 91 60.79 9.60 -47.54
C CYS G 91 61.21 11.05 -47.64
N ILE G 92 62.23 11.29 -48.47
CA ILE G 92 62.65 12.63 -48.86
C ILE G 92 62.42 12.76 -50.35
N LEU G 93 61.71 13.80 -50.73
CA LEU G 93 61.23 13.97 -52.09
C LEU G 93 61.88 15.19 -52.71
N GLU G 94 62.09 15.12 -54.01
CA GLU G 94 62.62 16.22 -54.79
C GLU G 94 61.64 16.46 -55.93
N TYR G 95 61.34 17.73 -56.19
CA TYR G 95 60.56 18.10 -57.35
C TYR G 95 61.52 18.19 -58.54
N LYS G 96 61.19 17.53 -59.64
CA LYS G 96 62.00 17.57 -60.83
C LYS G 96 61.11 17.66 -62.05
N GLN G 97 61.35 18.68 -62.89
CA GLN G 97 60.55 18.94 -64.08
C GLN G 97 61.46 19.24 -65.26
N SER G 98 61.22 18.55 -66.37
CA SER G 98 61.94 18.74 -67.63
C SER G 98 60.91 18.95 -68.74
N GLY G 99 60.70 20.21 -69.12
CA GLY G 99 59.65 20.55 -70.08
C GLY G 99 58.27 20.40 -69.47
N GLU G 100 57.39 19.63 -70.09
CA GLU G 100 56.03 19.45 -69.59
C GLU G 100 55.92 18.31 -68.58
N SER G 101 56.96 17.49 -68.44
CA SER G 101 56.93 16.32 -67.58
C SER G 101 57.27 16.70 -66.14
N ILE G 102 56.35 16.45 -65.22
CA ILE G 102 56.54 16.74 -63.80
C ILE G 102 56.66 15.42 -63.04
N ASP G 103 57.75 15.28 -62.29
CA ASP G 103 58.01 14.09 -61.51
C ASP G 103 58.46 14.49 -60.13
N ILE G 104 58.16 13.65 -59.14
CA ILE G 104 58.63 13.84 -57.78
C ILE G 104 59.55 12.66 -57.50
N ILE G 105 60.83 12.94 -57.34
CA ILE G 105 61.84 11.91 -57.22
C ILE G 105 61.97 11.57 -55.75
N THR G 106 61.99 10.28 -55.43
CA THR G 106 62.19 9.81 -54.06
C THR G 106 63.70 9.62 -53.88
N ARG G 107 64.34 10.55 -53.19
CA ARG G 107 65.79 10.47 -53.01
C ARG G 107 66.18 9.53 -51.87
N ALA G 108 65.32 9.40 -50.85
CA ALA G 108 65.57 8.50 -49.74
C ALA G 108 64.21 7.99 -49.26
N HIS G 109 64.19 6.76 -48.76
CA HIS G 109 62.92 6.22 -48.26
C HIS G 109 63.23 5.11 -47.27
N GLY G 110 62.27 4.88 -46.39
CA GLY G 110 62.39 3.83 -45.40
C GLY G 110 61.25 3.90 -44.41
N ASN G 111 61.16 2.86 -43.59
CA ASN G 111 60.14 2.75 -42.56
C ASN G 111 60.81 2.85 -41.19
N VAL G 112 60.33 3.77 -40.35
CA VAL G 112 61.02 4.07 -39.10
C VAL G 112 60.32 3.45 -37.88
N GLN G 113 59.42 2.50 -38.11
CA GLN G 113 58.69 1.91 -37.00
C GLN G 113 59.63 1.10 -36.11
N ASP G 114 59.45 1.22 -34.80
CA ASP G 114 60.21 0.46 -33.82
C ASP G 114 59.40 -0.75 -33.38
N ARG G 115 60.07 -1.89 -33.20
CA ARG G 115 59.37 -3.10 -32.81
C ARG G 115 58.66 -2.93 -31.48
N ILE G 116 59.26 -2.18 -30.55
CA ILE G 116 58.70 -1.95 -29.23
C ILE G 116 58.69 -0.47 -28.97
N GLY G 117 57.52 0.06 -28.66
CA GLY G 117 57.35 1.44 -28.32
C GLY G 117 55.90 1.76 -27.97
N ARG G 118 55.64 2.77 -27.15
CA ARG G 118 54.29 3.17 -26.84
C ARG G 118 53.94 4.38 -27.70
N PRO G 119 52.91 4.30 -28.53
CA PRO G 119 52.53 5.49 -29.32
C PRO G 119 52.22 6.65 -28.37
N SER G 120 52.77 7.82 -28.68
CA SER G 120 52.64 8.96 -27.79
C SER G 120 51.24 9.57 -27.87
N GLU G 121 50.83 10.19 -26.76
CA GLU G 121 49.49 10.76 -26.66
C GLU G 121 49.29 11.92 -27.63
N THR G 122 50.25 12.84 -27.69
CA THR G 122 50.08 14.01 -28.55
C THR G 122 50.40 13.73 -30.03
N GLY G 123 50.86 12.54 -30.38
CA GLY G 123 50.96 12.12 -31.77
C GLY G 123 52.35 12.29 -32.37
N ILE G 124 52.45 11.87 -33.64
CA ILE G 124 53.72 11.94 -34.34
C ILE G 124 54.14 13.40 -34.45
N ILE G 125 55.37 13.70 -34.05
CA ILE G 125 55.96 15.02 -34.22
C ILE G 125 57.22 14.89 -35.06
N GLY G 126 57.31 15.71 -36.10
CA GLY G 126 58.49 15.75 -36.93
C GLY G 126 59.07 17.16 -36.98
N ILE G 127 60.38 17.28 -36.70
CA ILE G 127 61.09 18.55 -36.71
C ILE G 127 62.44 18.32 -37.38
N ILE G 128 63.00 19.38 -37.95
CA ILE G 128 64.29 19.30 -38.62
C ILE G 128 65.24 20.35 -38.05
N ASP G 129 66.53 20.03 -38.07
CA ASP G 129 67.55 20.94 -37.58
C ASP G 129 67.55 22.20 -38.45
N PRO G 130 67.93 23.34 -37.88
CA PRO G 130 68.10 24.54 -38.73
C PRO G 130 69.26 24.39 -39.70
N GLU G 131 70.29 23.65 -39.29
CA GLU G 131 71.42 23.35 -40.15
C GLU G 131 71.15 22.16 -41.04
N CYS G 132 69.95 21.55 -40.96
CA CYS G 132 69.61 20.38 -41.76
C CYS G 132 70.61 19.26 -41.49
N ARG G 133 71.11 19.21 -40.26
CA ARG G 133 72.00 18.13 -39.85
C ARG G 133 71.25 16.85 -39.52
N MET G 134 70.01 16.96 -39.08
CA MET G 134 69.26 15.78 -38.63
C MET G 134 67.77 16.04 -38.73
N ILE G 135 67.01 14.95 -38.74
CA ILE G 135 65.55 14.97 -38.67
C ILE G 135 65.16 14.30 -37.35
N GLY G 136 64.37 15.01 -36.54
CA GLY G 136 63.93 14.49 -35.26
C GLY G 136 62.48 14.04 -35.29
N LEU G 137 62.24 12.84 -34.79
CA LEU G 137 60.90 12.27 -34.74
C LEU G 137 60.54 11.89 -33.31
N ARG G 138 59.40 12.39 -32.83
CA ARG G 138 58.84 11.94 -31.55
C ARG G 138 57.72 10.97 -31.89
N LEU G 139 58.06 9.68 -31.97
CA LEU G 139 57.08 8.65 -32.30
C LEU G 139 56.52 7.94 -31.07
N TYR G 140 57.37 7.56 -30.14
CA TYR G 140 57.00 6.77 -28.98
C TYR G 140 57.36 7.53 -27.73
N ASP G 141 56.63 7.24 -26.65
CA ASP G 141 56.93 7.81 -25.35
C ASP G 141 58.27 7.29 -24.85
N GLY G 142 59.09 8.19 -24.32
CA GLY G 142 60.36 7.82 -23.76
C GLY G 142 61.49 7.65 -24.75
N LEU G 143 61.26 7.92 -26.03
CA LEU G 143 62.24 7.71 -27.08
C LEU G 143 62.16 8.85 -28.07
N PHE G 144 63.33 9.32 -28.47
CA PHE G 144 63.53 10.34 -29.48
C PHE G 144 64.33 9.72 -30.61
N LYS G 145 63.77 9.68 -31.82
CA LYS G 145 64.44 9.08 -32.96
C LYS G 145 65.17 10.16 -33.76
N VAL G 146 66.40 9.86 -34.18
CA VAL G 146 67.19 10.77 -35.00
C VAL G 146 67.53 10.07 -36.31
N ILE G 147 67.15 10.69 -37.42
CA ILE G 147 67.63 10.31 -38.76
C ILE G 147 68.71 11.31 -39.13
N PRO G 148 70.00 10.95 -39.17
CA PRO G 148 71.02 11.90 -39.59
C PRO G 148 70.93 12.18 -41.09
N LEU G 149 71.08 13.46 -41.45
CA LEU G 149 70.95 13.88 -42.85
C LEU G 149 72.31 13.82 -43.54
N ASP G 150 72.79 12.58 -43.71
CA ASP G 150 73.96 12.32 -44.54
C ASP G 150 73.50 12.15 -45.98
N ARG G 151 74.36 12.54 -46.92
CA ARG G 151 74.01 12.41 -48.33
C ARG G 151 73.80 10.95 -48.72
N ASP G 152 74.50 10.03 -48.06
CA ASP G 152 74.43 8.61 -48.39
C ASP G 152 73.30 7.88 -47.67
N ASN G 153 72.61 8.53 -46.73
CA ASN G 153 71.59 7.86 -45.93
C ASN G 153 70.28 7.75 -46.72
N LYS G 154 70.37 7.03 -47.85
CA LYS G 154 69.22 6.87 -48.74
C LYS G 154 68.19 5.88 -48.20
N GLU G 155 68.56 5.06 -47.20
CA GLU G 155 67.59 4.19 -46.54
C GLU G 155 66.99 4.82 -45.28
N LEU G 156 67.39 6.04 -44.94
CA LEU G 156 66.88 6.74 -43.75
C LEU G 156 67.06 5.89 -42.48
N LYS G 157 68.24 5.31 -42.32
CA LYS G 157 68.56 4.58 -41.11
C LYS G 157 68.61 5.56 -39.93
N ALA G 158 68.18 5.08 -38.77
CA ALA G 158 68.05 5.98 -37.63
C ALA G 158 68.31 5.24 -36.33
N PHE G 159 68.58 6.03 -35.29
CA PHE G 159 68.89 5.52 -33.96
C PHE G 159 68.04 6.29 -32.96
N ASN G 160 67.52 5.59 -31.95
CA ASN G 160 66.69 6.24 -30.95
C ASN G 160 67.53 6.63 -29.74
N ILE G 161 67.31 7.84 -29.27
CA ILE G 161 67.92 8.36 -28.05
C ILE G 161 66.86 8.35 -26.97
N ARG G 162 67.24 7.97 -25.75
CA ARG G 162 66.29 7.88 -24.67
C ARG G 162 65.88 9.22 -24.08
N LEU G 163 64.58 9.37 -23.85
CA LEU G 163 64.01 10.58 -23.30
C LEU G 163 63.46 10.21 -21.92
N GLU G 164 64.03 10.79 -20.88
CA GLU G 164 63.56 10.50 -19.54
C GLU G 164 62.13 10.99 -19.33
N GLU G 165 61.80 12.14 -19.92
CA GLU G 165 60.50 12.76 -19.80
C GLU G 165 59.54 12.01 -20.71
N LEU G 166 58.74 11.12 -20.11
CA LEU G 166 57.95 10.20 -20.91
C LEU G 166 56.82 10.92 -21.64
N HIS G 167 56.23 11.94 -21.03
CA HIS G 167 55.07 12.60 -21.58
C HIS G 167 55.53 13.95 -22.15
N VAL G 168 55.72 13.98 -23.46
CA VAL G 168 56.18 15.18 -24.15
C VAL G 168 55.00 15.75 -24.91
N ILE G 169 54.78 17.06 -24.76
CA ILE G 169 53.65 17.71 -25.41
C ILE G 169 54.01 18.27 -26.78
N ASP G 170 55.11 19.01 -26.90
CA ASP G 170 55.56 19.48 -28.19
C ASP G 170 57.07 19.73 -28.11
N VAL G 171 57.78 19.44 -29.19
CA VAL G 171 59.22 19.64 -29.30
C VAL G 171 59.53 20.34 -30.61
N LYS G 172 60.51 21.23 -30.58
CA LYS G 172 61.00 21.98 -31.73
C LYS G 172 62.51 22.11 -31.59
N PHE G 173 63.23 22.02 -32.72
CA PHE G 173 64.65 22.32 -32.70
C PHE G 173 64.80 23.83 -32.52
N LEU G 174 65.75 24.23 -31.69
CA LEU G 174 65.92 25.65 -31.37
C LEU G 174 66.91 26.28 -32.33
N TYR G 175 66.76 27.59 -32.53
CA TYR G 175 67.62 28.35 -33.42
C TYR G 175 68.80 28.99 -32.68
N GLY G 176 69.89 29.17 -33.43
CA GLY G 176 71.04 29.88 -32.93
C GLY G 176 71.96 29.08 -32.03
N CYS G 177 71.45 28.04 -31.38
CA CYS G 177 72.24 27.24 -30.46
C CYS G 177 73.42 26.59 -31.17
N GLN G 178 74.53 26.50 -30.44
CA GLN G 178 75.78 26.08 -31.07
C GLN G 178 75.69 24.68 -31.64
N ALA G 179 74.98 23.79 -30.97
CA ALA G 179 74.77 22.41 -31.34
C ALA G 179 73.28 22.17 -31.46
N PRO G 180 72.85 21.21 -32.28
CA PRO G 180 71.41 20.93 -32.38
C PRO G 180 70.82 20.77 -30.98
N THR G 181 69.78 21.57 -30.70
CA THR G 181 69.13 21.68 -29.40
C THR G 181 67.63 21.54 -29.55
N ILE G 182 67.02 20.69 -28.72
CA ILE G 182 65.57 20.52 -28.72
C ILE G 182 64.97 21.23 -27.51
N CYS G 183 63.85 21.92 -27.74
CA CYS G 183 63.06 22.52 -26.67
C CYS G 183 61.71 21.80 -26.61
N PHE G 184 61.37 21.22 -25.46
CA PHE G 184 60.11 20.50 -25.38
C PHE G 184 59.36 20.87 -24.10
N VAL G 185 58.03 20.92 -24.20
CA VAL G 185 57.16 20.99 -23.04
C VAL G 185 56.76 19.56 -22.68
N TYR G 186 56.97 19.18 -21.43
CA TYR G 186 56.66 17.83 -21.00
C TYR G 186 55.81 17.91 -19.75
N GLN G 187 55.12 16.81 -19.46
CA GLN G 187 54.24 16.76 -18.31
C GLN G 187 54.57 15.57 -17.43
N ASP G 188 54.77 15.84 -16.15
CA ASP G 188 54.97 14.83 -15.13
C ASP G 188 54.03 15.19 -13.98
N PRO G 189 54.04 14.46 -12.87
CA PRO G 189 53.08 14.74 -11.79
C PRO G 189 53.23 16.13 -11.17
N GLN G 190 54.36 16.79 -11.32
CA GLN G 190 54.63 18.06 -10.68
C GLN G 190 54.14 19.27 -11.48
N GLY G 191 53.42 19.03 -12.58
CA GLY G 191 52.98 20.09 -13.47
C GLY G 191 53.59 19.92 -14.85
N ARG G 192 53.60 21.00 -15.63
CA ARG G 192 54.28 21.00 -16.91
C ARG G 192 55.55 21.82 -16.80
N HIS G 193 56.52 21.47 -17.63
CA HIS G 193 57.82 22.09 -17.59
C HIS G 193 58.33 22.20 -19.02
N VAL G 194 59.20 23.17 -19.22
CA VAL G 194 59.96 23.32 -20.44
C VAL G 194 61.41 23.00 -20.09
N LYS G 195 62.03 22.12 -20.87
CA LYS G 195 63.40 21.65 -20.67
C LYS G 195 64.07 21.67 -22.03
N THR G 196 65.40 21.67 -22.02
CA THR G 196 66.13 21.64 -23.28
C THR G 196 67.30 20.66 -23.16
N TYR G 197 67.55 19.95 -24.26
CA TYR G 197 68.66 19.02 -24.41
C TYR G 197 69.41 19.36 -25.70
N GLU G 198 70.63 18.82 -25.82
CA GLU G 198 71.42 18.93 -27.04
C GLU G 198 71.59 17.53 -27.63
N VAL G 199 71.69 17.44 -28.95
CA VAL G 199 71.71 16.16 -29.65
C VAL G 199 73.11 15.93 -30.23
N SER G 200 73.77 14.85 -29.79
CA SER G 200 75.11 14.52 -30.25
C SER G 200 75.01 13.31 -31.18
N LEU G 201 75.12 13.58 -32.48
CA LEU G 201 75.16 12.52 -33.49
C LEU G 201 76.39 11.64 -33.33
N ARG G 202 77.48 12.24 -32.86
CA ARG G 202 78.74 11.54 -32.67
C ARG G 202 78.63 10.48 -31.59
N GLU G 203 78.09 10.86 -30.44
CA GLU G 203 77.96 9.94 -29.31
C GLU G 203 76.64 9.19 -29.33
N LYS G 204 75.69 9.56 -30.20
CA LYS G 204 74.40 8.87 -30.26
C LYS G 204 73.70 8.94 -28.90
N GLU G 205 73.72 10.14 -28.29
CA GLU G 205 73.15 10.33 -26.97
C GLU G 205 72.75 11.79 -26.80
N PHE G 206 72.03 12.08 -25.72
CA PHE G 206 71.66 13.44 -25.35
C PHE G 206 72.72 14.02 -24.41
N ASN G 207 72.97 15.33 -24.53
CA ASN G 207 73.83 16.05 -23.60
C ASN G 207 73.01 17.17 -22.95
N LYS G 208 73.52 17.71 -21.84
CA LYS G 208 72.73 18.70 -21.10
C LYS G 208 72.44 19.90 -21.99
N GLY G 209 71.28 20.50 -21.77
CA GLY G 209 70.76 21.55 -22.62
C GLY G 209 71.33 22.93 -22.34
N PRO G 210 71.15 23.84 -23.30
CA PRO G 210 71.70 25.19 -23.11
C PRO G 210 71.16 25.91 -21.88
N TRP G 211 69.85 25.90 -21.67
CA TRP G 211 69.28 26.68 -20.57
C TRP G 211 68.41 25.85 -19.64
N LYS G 212 68.22 26.41 -18.46
CA LYS G 212 67.56 25.74 -17.35
C LYS G 212 66.11 25.43 -17.71
N GLN G 213 65.56 24.44 -17.00
CA GLN G 213 64.14 24.15 -17.06
C GLN G 213 63.36 25.19 -16.28
N GLU G 214 62.16 25.48 -16.77
CA GLU G 214 61.22 26.37 -16.08
C GLU G 214 59.84 25.72 -16.04
N ASN G 215 59.14 25.97 -14.93
CA ASN G 215 57.76 25.55 -14.80
C ASN G 215 56.86 26.40 -15.69
N VAL G 216 55.95 25.74 -16.41
CA VAL G 216 55.12 26.42 -17.39
C VAL G 216 53.65 26.25 -17.00
N GLU G 217 52.78 26.93 -17.75
CA GLU G 217 51.35 26.82 -17.54
C GLU G 217 50.92 25.36 -17.58
N ALA G 218 49.91 25.02 -16.78
CA ALA G 218 49.47 23.64 -16.69
C ALA G 218 48.99 23.10 -18.03
N GLU G 219 48.58 23.98 -18.95
CA GLU G 219 48.10 23.58 -20.26
C GLU G 219 48.96 24.12 -21.40
N ALA G 220 50.27 24.24 -21.18
CA ALA G 220 51.16 24.61 -22.28
C ALA G 220 50.97 23.64 -23.44
N SER G 221 50.75 24.20 -24.65
CA SER G 221 50.32 23.37 -25.77
C SER G 221 51.27 23.31 -26.96
N MET G 222 52.02 24.36 -27.25
CA MET G 222 52.83 24.44 -28.45
C MET G 222 54.14 25.15 -28.20
N VAL G 223 55.16 24.73 -28.93
CA VAL G 223 56.48 25.33 -28.87
C VAL G 223 56.73 26.02 -30.21
N ILE G 224 56.93 27.33 -30.17
CA ILE G 224 57.35 28.10 -31.33
C ILE G 224 58.83 28.41 -31.12
N ALA G 225 59.66 28.14 -32.12
CA ALA G 225 61.08 28.44 -32.06
C ALA G 225 61.35 29.78 -32.74
N VAL G 226 61.82 30.76 -31.97
CA VAL G 226 61.99 32.12 -32.46
C VAL G 226 63.29 32.13 -33.27
N PRO G 227 63.34 32.80 -34.45
CA PRO G 227 64.54 32.73 -35.30
C PRO G 227 65.76 33.44 -34.71
N GLU G 228 66.89 33.37 -35.43
CA GLU G 228 68.18 33.73 -34.85
C GLU G 228 68.27 35.16 -34.32
N PRO G 229 67.65 36.19 -34.93
CA PRO G 229 67.76 37.53 -34.32
C PRO G 229 67.33 37.55 -32.86
N PHE G 230 66.23 36.88 -32.53
CA PHE G 230 65.75 36.77 -31.15
C PHE G 230 66.30 35.56 -30.42
N GLY G 231 66.14 34.38 -31.00
CA GLY G 231 66.53 33.14 -30.40
C GLY G 231 65.55 32.66 -29.35
N GLY G 232 65.67 31.39 -28.99
CA GLY G 232 64.82 30.86 -27.96
C GLY G 232 63.48 30.42 -28.53
N ALA G 233 62.50 30.28 -27.63
CA ALA G 233 61.19 29.77 -28.01
C ALA G 233 60.08 30.45 -27.21
N ILE G 234 58.87 30.35 -27.76
CA ILE G 234 57.65 30.85 -27.16
C ILE G 234 56.74 29.66 -26.89
N ILE G 235 56.10 29.62 -25.73
CA ILE G 235 55.20 28.54 -25.38
C ILE G 235 53.81 29.12 -25.24
N ILE G 236 52.88 28.59 -26.02
CA ILE G 236 51.51 29.08 -26.07
C ILE G 236 50.64 28.13 -25.26
N GLY G 237 49.93 28.67 -24.27
CA GLY G 237 49.03 27.92 -23.44
C GLY G 237 47.59 28.38 -23.59
N GLN G 238 46.79 28.10 -22.57
CA GLN G 238 45.41 28.57 -22.56
C GLN G 238 45.32 30.00 -22.06
N GLU G 239 45.98 30.31 -20.94
CA GLU G 239 45.88 31.63 -20.35
C GLU G 239 47.07 32.54 -20.64
N SER G 240 48.25 31.99 -20.87
CA SER G 240 49.44 32.82 -20.93
C SER G 240 50.34 32.43 -22.09
N ILE G 241 51.13 33.39 -22.55
CA ILE G 241 52.17 33.18 -23.57
C ILE G 241 53.51 33.54 -22.95
N THR G 242 54.48 32.64 -23.06
CA THR G 242 55.77 32.77 -22.40
C THR G 242 56.89 32.55 -23.41
N TYR G 243 57.95 33.36 -23.25
CA TYR G 243 59.17 33.27 -24.05
C TYR G 243 60.31 32.93 -23.11
N HIS G 244 61.07 31.90 -23.45
CA HIS G 244 62.21 31.47 -22.65
C HIS G 244 63.44 31.41 -23.55
N ASN G 245 64.49 32.17 -23.18
CA ASN G 245 65.80 31.99 -23.76
C ASN G 245 66.86 32.31 -22.72
N GLY G 246 67.87 31.45 -22.60
CA GLY G 246 68.88 31.62 -21.58
C GLY G 246 68.21 31.75 -20.23
N ASP G 247 68.58 32.77 -19.47
CA ASP G 247 67.91 33.14 -18.22
C ASP G 247 66.70 34.04 -18.44
N LYS G 248 66.54 34.62 -19.63
CA LYS G 248 65.42 35.51 -19.91
C LYS G 248 64.12 34.73 -19.95
N TYR G 249 63.09 35.28 -19.29
CA TYR G 249 61.75 34.69 -19.19
C TYR G 249 60.72 35.80 -19.29
N LEU G 250 59.76 35.61 -20.20
CA LEU G 250 58.66 36.54 -20.37
C LEU G 250 57.32 35.85 -20.22
N ALA G 251 56.33 36.61 -19.74
CA ALA G 251 54.98 36.05 -19.58
C ALA G 251 53.97 37.17 -19.75
N ILE G 252 53.22 37.14 -20.85
CA ILE G 252 52.06 38.00 -21.07
C ILE G 252 50.84 37.10 -21.01
N ALA G 253 49.82 37.51 -20.27
CA ALA G 253 48.62 36.71 -20.05
C ALA G 253 47.39 37.57 -20.32
N PRO G 254 47.14 37.92 -21.58
CA PRO G 254 45.99 38.77 -21.91
C PRO G 254 44.69 38.03 -21.68
N PRO G 255 43.64 38.70 -21.19
CA PRO G 255 42.39 37.97 -20.87
C PRO G 255 41.65 37.47 -22.10
N ILE G 256 42.04 37.93 -23.28
CA ILE G 256 41.27 37.63 -24.49
C ILE G 256 41.57 36.23 -24.99
N ILE G 257 42.80 35.77 -24.86
CA ILE G 257 43.12 34.44 -25.37
C ILE G 257 42.51 33.36 -24.48
N LYS G 258 42.17 33.68 -23.23
CA LYS G 258 41.56 32.70 -22.33
C LYS G 258 40.18 32.27 -22.83
N GLN G 259 39.53 33.07 -23.67
CA GLN G 259 38.17 32.78 -24.11
C GLN G 259 38.12 31.52 -24.98
N SER G 260 39.11 31.33 -25.85
CA SER G 260 39.15 30.17 -26.74
C SER G 260 40.59 29.68 -26.92
N THR G 261 40.73 28.37 -26.91
CA THR G 261 42.01 27.70 -27.04
C THR G 261 42.74 28.08 -28.33
N ILE G 262 44.02 28.42 -28.23
CA ILE G 262 44.80 28.66 -29.43
C ILE G 262 45.28 27.31 -29.96
N VAL G 263 45.09 27.10 -31.26
CA VAL G 263 45.33 25.77 -31.84
C VAL G 263 46.43 25.76 -32.89
N CYS G 264 46.81 26.90 -33.48
CA CYS G 264 47.81 26.90 -34.54
C CYS G 264 48.62 28.20 -34.50
N HIS G 265 49.80 28.13 -35.13
CA HIS G 265 50.71 29.26 -35.18
C HIS G 265 51.52 29.24 -36.48
N ASN G 266 51.87 30.45 -36.95
CA ASN G 266 52.74 30.63 -38.10
C ASN G 266 53.51 31.94 -37.93
N ARG G 267 54.70 31.99 -38.54
CA ARG G 267 55.59 33.14 -38.44
C ARG G 267 55.39 34.04 -39.65
N VAL G 268 54.99 35.29 -39.42
CA VAL G 268 54.89 36.22 -40.54
C VAL G 268 56.27 36.74 -40.93
N ASP G 269 57.04 37.23 -39.96
CA ASP G 269 58.33 37.83 -40.24
C ASP G 269 59.46 36.84 -40.01
N PRO G 270 60.32 36.56 -41.00
CA PRO G 270 61.53 35.79 -40.70
C PRO G 270 62.36 36.39 -39.58
N ASN G 271 62.25 37.72 -39.36
CA ASN G 271 63.01 38.32 -38.27
C ASN G 271 62.59 37.75 -36.92
N GLY G 272 61.42 37.14 -36.86
CA GLY G 272 60.84 36.70 -35.63
C GLY G 272 60.01 37.78 -34.98
N SER G 273 59.83 38.90 -35.66
CA SER G 273 59.14 40.04 -35.07
C SER G 273 57.65 39.77 -34.90
N ARG G 274 57.03 39.07 -35.86
CA ARG G 274 55.59 38.89 -35.87
C ARG G 274 55.19 37.44 -36.14
N TYR G 275 54.20 36.98 -35.37
CA TYR G 275 53.63 35.64 -35.49
C TYR G 275 52.10 35.73 -35.57
N LEU G 276 51.50 34.78 -36.28
CA LEU G 276 50.05 34.67 -36.41
C LEU G 276 49.53 33.54 -35.53
N LEU G 277 48.45 33.79 -34.80
CA LEU G 277 47.82 32.79 -33.93
C LEU G 277 46.35 32.58 -34.28
N GLY G 278 45.88 31.36 -34.08
CA GLY G 278 44.48 31.02 -34.33
C GLY G 278 43.90 30.16 -33.23
N ASP G 279 42.58 30.32 -33.02
CA ASP G 279 41.87 29.63 -31.95
C ASP G 279 40.60 28.95 -32.47
N MET G 280 39.89 28.28 -31.56
CA MET G 280 38.80 27.39 -31.94
C MET G 280 37.47 28.08 -32.22
N GLU G 281 37.28 29.33 -31.79
CA GLU G 281 36.12 30.09 -32.25
C GLU G 281 36.42 30.86 -33.54
N GLY G 282 37.54 30.56 -34.18
CA GLY G 282 37.86 31.13 -35.48
C GLY G 282 38.60 32.45 -35.45
N ARG G 283 39.01 32.93 -34.29
CA ARG G 283 39.66 34.22 -34.18
C ARG G 283 41.12 34.14 -34.59
N LEU G 284 41.61 35.19 -35.23
CA LEU G 284 43.00 35.29 -35.68
C LEU G 284 43.71 36.43 -34.97
N PHE G 285 44.83 36.11 -34.32
CA PHE G 285 45.61 37.07 -33.58
C PHE G 285 46.97 37.28 -34.23
N MET G 286 47.63 38.37 -33.83
CA MET G 286 49.00 38.69 -34.22
C MET G 286 49.81 38.76 -32.93
N LEU G 287 50.78 37.87 -32.79
CA LEU G 287 51.74 37.92 -31.70
C LEU G 287 52.94 38.73 -32.17
N LEU G 288 53.29 39.80 -31.45
CA LEU G 288 54.38 40.66 -31.85
C LEU G 288 55.48 40.62 -30.80
N LEU G 289 56.71 40.40 -31.27
CA LEU G 289 57.89 40.38 -30.42
C LEU G 289 58.53 41.76 -30.50
N GLU G 290 58.58 42.46 -29.38
CA GLU G 290 59.09 43.84 -29.41
C GLU G 290 60.60 43.86 -29.31
N LYS G 291 61.23 44.25 -30.42
CA LYS G 291 62.67 44.37 -30.50
C LYS G 291 63.15 45.59 -29.70
N GLU G 292 64.34 45.47 -29.13
CA GLU G 292 65.02 46.54 -28.42
C GLU G 292 66.51 46.41 -28.69
N GLU G 293 67.18 47.53 -28.97
CA GLU G 293 68.60 47.46 -29.30
C GLU G 293 69.45 48.07 -28.17
N GLN G 294 70.34 47.24 -27.61
CA GLN G 294 71.32 47.57 -26.59
C GLN G 294 72.68 47.09 -27.16
N MET G 295 73.76 47.75 -26.82
CA MET G 295 75.13 47.42 -27.25
C MET G 295 75.13 47.28 -28.78
N ASP G 296 76.11 46.58 -29.30
CA ASP G 296 76.28 46.36 -30.74
C ASP G 296 75.42 45.23 -31.32
N GLY G 297 74.28 45.54 -31.90
CA GLY G 297 73.60 44.48 -32.63
C GLY G 297 72.90 43.44 -31.80
N THR G 298 72.80 43.63 -30.49
CA THR G 298 72.21 42.62 -29.61
C THR G 298 70.75 42.98 -29.35
N VAL G 299 69.90 41.96 -29.34
CA VAL G 299 68.46 42.11 -29.20
C VAL G 299 68.01 41.64 -27.82
N THR G 300 67.25 42.49 -27.14
CA THR G 300 66.58 42.16 -25.90
C THR G 300 65.11 42.10 -26.23
N LEU G 301 64.39 41.12 -25.69
CA LEU G 301 62.96 41.04 -25.93
C LEU G 301 62.31 42.00 -24.92
N LYS G 302 61.83 43.13 -25.42
CA LYS G 302 61.21 44.13 -24.55
C LYS G 302 59.89 43.62 -24.01
N ASP G 303 59.03 43.18 -24.92
CA ASP G 303 57.72 42.68 -24.51
C ASP G 303 57.16 41.83 -25.64
N LEU G 304 56.08 41.13 -25.33
CA LEU G 304 55.28 40.35 -26.26
C LEU G 304 53.88 40.92 -26.25
N ARG G 305 53.28 41.11 -27.43
CA ARG G 305 51.96 41.72 -27.53
C ARG G 305 51.06 40.83 -28.37
N VAL G 306 49.79 40.81 -28.02
CA VAL G 306 48.78 40.04 -28.74
C VAL G 306 47.68 40.98 -29.20
N GLU G 307 47.34 40.92 -30.49
CA GLU G 307 46.34 41.80 -31.09
C GLU G 307 45.38 40.98 -31.94
N LEU G 308 44.09 41.18 -31.72
CA LEU G 308 43.06 40.48 -32.49
C LEU G 308 42.92 41.13 -33.86
N LEU G 309 43.01 40.32 -34.91
CA LEU G 309 42.85 40.83 -36.26
C LEU G 309 41.41 40.69 -36.76
N GLY G 310 40.78 39.54 -36.51
CA GLY G 310 39.41 39.27 -36.97
C GLY G 310 39.11 37.78 -36.83
N GLU G 311 38.30 37.31 -37.78
CA GLU G 311 37.85 35.92 -37.80
C GLU G 311 38.18 35.25 -39.13
N THR G 312 38.59 33.98 -39.07
CA THR G 312 38.74 33.13 -40.24
C THR G 312 37.88 31.88 -40.04
N SER G 313 37.92 30.95 -40.99
CA SER G 313 37.36 29.65 -40.72
C SER G 313 38.19 29.01 -39.60
N ILE G 314 37.56 28.15 -38.81
CA ILE G 314 38.30 27.48 -37.73
C ILE G 314 39.53 26.84 -38.38
N ALA G 315 40.71 27.26 -37.99
CA ALA G 315 41.92 26.95 -38.75
C ALA G 315 42.67 25.79 -38.09
N GLU G 316 43.02 24.79 -38.89
CA GLU G 316 43.92 23.74 -38.39
C GLU G 316 45.37 24.23 -38.45
N CYS G 317 45.77 24.80 -39.58
CA CYS G 317 47.09 25.37 -39.82
C CYS G 317 46.93 26.72 -40.51
N LEU G 318 47.80 27.65 -40.12
CA LEU G 318 47.88 28.96 -40.73
C LEU G 318 49.25 29.05 -41.40
N THR G 319 49.29 29.53 -42.63
CA THR G 319 50.57 29.83 -43.26
C THR G 319 50.43 31.15 -44.01
N TYR G 320 51.35 32.06 -43.73
CA TYR G 320 51.42 33.36 -44.38
C TYR G 320 52.14 33.20 -45.70
N LEU G 321 51.53 33.67 -46.78
CA LEU G 321 52.14 33.63 -48.09
C LEU G 321 52.98 34.87 -48.36
N ASP G 322 52.37 35.91 -48.93
CA ASP G 322 53.09 37.11 -49.34
C ASP G 322 52.05 38.21 -49.52
N ASN G 323 52.49 39.45 -49.43
CA ASN G 323 51.57 40.59 -49.49
C ASN G 323 50.38 40.45 -48.55
N GLY G 324 50.65 40.13 -47.30
CA GLY G 324 49.54 40.06 -46.36
C GLY G 324 48.49 39.01 -46.67
N VAL G 325 48.81 38.01 -47.49
CA VAL G 325 47.89 36.94 -47.85
C VAL G 325 48.23 35.74 -46.97
N VAL G 326 47.19 35.18 -46.35
CA VAL G 326 47.33 34.04 -45.45
C VAL G 326 46.41 32.94 -45.93
N PHE G 327 46.89 31.71 -45.86
CA PHE G 327 46.09 30.55 -46.21
C PHE G 327 45.57 29.93 -44.92
N VAL G 328 44.27 29.89 -44.77
CA VAL G 328 43.62 29.32 -43.60
C VAL G 328 43.27 27.88 -43.96
N GLY G 329 44.12 26.94 -43.55
CA GLY G 329 43.85 25.54 -43.76
C GLY G 329 42.90 25.04 -42.69
N SER G 330 41.69 24.66 -43.09
CA SER G 330 40.65 24.26 -42.15
C SER G 330 40.30 22.80 -42.36
N ARG G 331 40.07 22.10 -41.25
CA ARG G 331 39.63 20.71 -41.24
C ARG G 331 38.19 20.58 -40.79
N LEU G 332 37.63 21.62 -40.17
CA LEU G 332 36.24 21.65 -39.73
C LEU G 332 35.34 22.48 -40.62
N GLY G 333 35.89 23.37 -41.45
CA GLY G 333 35.11 24.21 -42.33
C GLY G 333 35.83 24.52 -43.62
N ASP G 334 35.31 25.45 -44.41
CA ASP G 334 35.96 25.79 -45.67
C ASP G 334 37.34 26.41 -45.42
N SER G 335 38.32 25.99 -46.22
CA SER G 335 39.63 26.63 -46.25
C SER G 335 39.57 27.90 -47.10
N GLN G 336 40.50 28.81 -46.86
CA GLN G 336 40.39 30.12 -47.51
C GLN G 336 41.76 30.78 -47.62
N LEU G 337 41.76 31.85 -48.42
CA LEU G 337 42.85 32.81 -48.54
C LEU G 337 42.34 34.16 -48.06
N VAL G 338 43.03 34.74 -47.09
CA VAL G 338 42.54 35.97 -46.48
C VAL G 338 43.53 37.10 -46.70
N LYS G 339 43.00 38.32 -46.76
CA LYS G 339 43.82 39.52 -46.90
C LYS G 339 43.93 40.14 -45.52
N LEU G 340 45.16 40.32 -45.06
CA LEU G 340 45.42 41.01 -43.81
C LEU G 340 45.70 42.46 -44.16
N ASN G 341 44.83 43.35 -43.70
CA ASN G 341 44.95 44.76 -44.00
C ASN G 341 45.52 45.54 -42.83
N VAL G 342 46.20 46.64 -43.16
CA VAL G 342 46.63 47.60 -42.16
C VAL G 342 45.41 48.34 -41.66
N ASP G 343 44.43 48.53 -42.53
CA ASP G 343 43.21 49.24 -42.22
C ASP G 343 42.12 48.30 -41.73
N SER G 344 41.44 48.72 -40.67
CA SER G 344 40.27 48.01 -40.17
C SER G 344 39.07 48.32 -41.06
N ASN G 345 38.13 47.38 -41.13
CA ASN G 345 36.91 47.58 -41.90
C ASN G 345 35.82 48.20 -41.01
N GLU G 346 34.60 48.24 -41.56
CA GLU G 346 33.49 48.91 -40.89
C GLU G 346 33.07 48.22 -39.61
N GLN G 347 33.47 46.97 -39.42
CA GLN G 347 33.18 46.21 -38.21
C GLN G 347 34.35 46.17 -37.24
N GLY G 348 35.50 46.72 -37.60
CA GLY G 348 36.69 46.66 -36.76
C GLY G 348 37.66 45.55 -37.08
N SER G 349 37.45 44.82 -38.16
CA SER G 349 38.28 43.68 -38.52
C SER G 349 39.35 44.07 -39.53
N TYR G 350 40.52 43.44 -39.41
CA TYR G 350 41.61 43.62 -40.35
C TYR G 350 41.69 42.49 -41.37
N VAL G 351 40.73 41.57 -41.36
CA VAL G 351 40.77 40.34 -42.15
C VAL G 351 39.65 40.39 -43.18
N VAL G 352 40.01 40.13 -44.44
CA VAL G 352 39.05 40.15 -45.55
C VAL G 352 39.26 38.91 -46.42
N ALA G 353 38.20 38.14 -46.62
CA ALA G 353 38.30 36.94 -47.42
C ALA G 353 38.57 37.28 -48.88
N MET G 354 39.51 36.54 -49.49
CA MET G 354 39.74 36.63 -50.94
C MET G 354 39.07 35.46 -51.65
N GLU G 355 39.42 34.24 -51.26
CA GLU G 355 38.93 33.03 -51.89
C GLU G 355 38.46 32.04 -50.83
N THR G 356 37.49 31.22 -51.23
CA THR G 356 36.93 30.18 -50.38
C THR G 356 37.06 28.85 -51.11
N PHE G 357 37.68 27.88 -50.45
CA PHE G 357 37.90 26.55 -51.00
C PHE G 357 36.94 25.61 -50.32
N THR G 358 36.10 24.94 -51.12
CA THR G 358 35.10 24.07 -50.56
C THR G 358 35.81 22.99 -49.73
N ASN G 359 35.39 22.83 -48.49
CA ASN G 359 35.82 21.75 -47.63
C ASN G 359 34.53 21.06 -47.20
N LEU G 360 34.28 19.86 -47.71
CA LEU G 360 33.11 19.12 -47.26
C LEU G 360 33.18 18.79 -45.77
N GLY G 361 34.31 19.09 -45.14
CA GLY G 361 34.45 19.07 -43.70
C GLY G 361 34.06 17.73 -43.12
N PRO G 362 33.94 17.70 -41.79
CA PRO G 362 33.40 16.48 -41.15
C PRO G 362 32.00 16.19 -41.68
N ILE G 363 31.83 14.99 -42.21
CA ILE G 363 30.53 14.53 -42.70
C ILE G 363 29.96 13.67 -41.59
N VAL G 364 29.12 14.28 -40.75
CA VAL G 364 28.54 13.54 -39.63
C VAL G 364 27.47 12.57 -40.13
N ASP G 365 26.71 12.98 -41.15
CA ASP G 365 25.66 12.15 -41.72
C ASP G 365 25.37 12.65 -43.14
N MET G 366 24.65 11.82 -43.89
CA MET G 366 24.20 12.21 -45.22
C MET G 366 23.03 11.34 -45.66
N CYS G 367 22.24 11.88 -46.59
CA CYS G 367 21.12 11.15 -47.17
C CYS G 367 21.07 11.45 -48.66
N VAL G 368 20.60 10.47 -49.43
CA VAL G 368 20.43 10.59 -50.87
C VAL G 368 18.97 10.81 -51.18
N VAL G 369 18.69 11.84 -51.97
CA VAL G 369 17.34 12.20 -52.39
C VAL G 369 17.44 12.67 -53.83
N ASP G 370 16.54 12.16 -54.68
CA ASP G 370 16.44 12.59 -56.07
C ASP G 370 15.29 13.61 -56.13
N LEU G 371 15.63 14.89 -55.95
CA LEU G 371 14.61 15.93 -55.87
C LEU G 371 14.00 16.26 -57.23
N GLU G 372 14.75 16.04 -58.30
CA GLU G 372 14.29 16.35 -59.64
C GLU G 372 13.49 15.21 -60.23
N ARG G 373 13.34 14.10 -59.49
CA ARG G 373 12.65 12.92 -59.99
C ARG G 373 13.30 12.46 -61.29
N GLN G 374 14.56 12.88 -61.48
CA GLN G 374 15.32 12.60 -62.68
C GLN G 374 16.09 11.30 -62.56
N GLY G 375 15.81 10.49 -61.54
CA GLY G 375 16.52 9.25 -61.38
C GLY G 375 18.01 9.39 -61.21
N GLN G 376 18.52 10.61 -61.03
CA GLN G 376 19.95 10.79 -60.84
C GLN G 376 20.36 10.68 -59.37
N GLY G 377 19.65 11.37 -58.50
CA GLY G 377 19.93 11.41 -57.08
C GLY G 377 20.98 12.45 -56.68
N GLN G 378 20.68 13.22 -55.64
CA GLN G 378 21.59 14.20 -55.08
C GLN G 378 21.96 13.74 -53.67
N LEU G 379 23.10 14.22 -53.17
CA LEU G 379 23.61 13.79 -51.87
C LEU G 379 23.62 15.00 -50.94
N VAL G 380 22.82 14.93 -49.89
CA VAL G 380 22.70 16.00 -48.92
C VAL G 380 23.42 15.57 -47.64
N THR G 381 24.49 16.29 -47.31
CA THR G 381 25.35 15.97 -46.19
C THR G 381 25.19 16.97 -45.05
N CYS G 382 25.21 16.45 -43.82
CA CYS G 382 25.44 17.28 -42.63
C CYS G 382 26.93 17.47 -42.47
N SER G 383 27.44 18.67 -42.77
CA SER G 383 28.87 18.85 -42.88
C SER G 383 29.36 20.03 -42.05
N GLY G 384 30.60 19.92 -41.58
CA GLY G 384 31.23 20.93 -40.78
C GLY G 384 30.95 20.74 -39.29
N ALA G 385 31.54 21.62 -38.50
CA ALA G 385 31.32 21.64 -37.06
C ALA G 385 31.34 23.07 -36.54
N PHE G 386 30.63 23.29 -35.44
CA PHE G 386 30.58 24.57 -34.73
C PHE G 386 30.14 25.68 -35.71
N LYS G 387 30.82 26.82 -35.75
CA LYS G 387 30.37 27.94 -36.57
C LYS G 387 30.44 27.62 -38.05
N GLU G 388 31.24 26.63 -38.43
CA GLU G 388 31.43 26.20 -39.81
C GLU G 388 30.42 25.14 -40.24
N GLY G 389 29.43 24.85 -39.40
CA GLY G 389 28.44 23.84 -39.77
C GLY G 389 27.63 24.26 -40.99
N SER G 390 27.32 23.28 -41.82
CA SER G 390 26.65 23.53 -43.09
C SER G 390 25.95 22.25 -43.53
N LEU G 391 24.92 22.42 -44.38
CA LEU G 391 24.47 21.35 -45.26
C LEU G 391 25.14 21.54 -46.61
N ARG G 392 25.40 20.44 -47.31
CA ARG G 392 26.01 20.49 -48.64
C ARG G 392 25.19 19.62 -49.60
N ILE G 393 24.80 20.19 -50.74
CA ILE G 393 24.05 19.48 -51.77
C ILE G 393 25.01 19.12 -52.91
N ILE G 394 25.16 17.82 -53.19
CA ILE G 394 26.15 17.33 -54.15
C ILE G 394 25.47 16.52 -55.24
N ARG G 395 25.70 16.89 -56.50
CA ARG G 395 25.14 16.23 -57.67
C ARG G 395 26.16 16.24 -58.81
N ASN G 396 26.10 15.21 -59.66
CA ASN G 396 27.05 15.09 -60.76
C ASN G 396 26.74 16.07 -61.89
N GLY G 397 27.79 16.53 -62.55
CA GLY G 397 27.69 17.42 -63.69
C GLY G 397 27.50 16.65 -64.98
N ILE G 398 26.37 16.87 -65.66
CA ILE G 398 26.01 16.10 -66.84
C ILE G 398 25.79 17.03 -68.03
N LYS G 409 33.19 16.65 -62.96
CA LYS G 409 33.25 17.22 -61.63
C LYS G 409 31.88 17.28 -60.96
N LEU G 410 31.89 17.58 -59.67
CA LEU G 410 30.68 17.65 -58.85
C LEU G 410 30.23 19.09 -58.59
N HIS G 411 28.93 19.33 -58.76
CA HIS G 411 28.34 20.60 -58.39
C HIS G 411 27.94 20.54 -56.92
N ILE G 412 28.41 21.51 -56.13
CA ILE G 412 28.22 21.50 -54.69
C ILE G 412 27.60 22.83 -54.26
N ARG G 413 26.39 22.77 -53.71
CA ARG G 413 25.73 23.92 -53.12
C ARG G 413 25.92 23.88 -51.61
N THR G 414 26.17 25.05 -51.01
CA THR G 414 26.47 25.17 -49.59
C THR G 414 25.35 25.92 -48.88
N VAL G 415 24.89 25.37 -47.76
CA VAL G 415 23.81 25.97 -46.96
C VAL G 415 24.33 26.19 -45.55
N PRO G 416 24.89 27.37 -45.22
CA PRO G 416 25.49 27.55 -43.90
C PRO G 416 24.47 27.47 -42.76
N LEU G 417 24.89 26.85 -41.66
CA LEU G 417 24.07 26.78 -40.47
C LEU G 417 24.67 27.52 -39.28
N TYR G 418 25.99 27.79 -39.28
CA TYR G 418 26.62 28.51 -38.17
C TYR G 418 26.42 27.79 -36.84
N GLU G 419 26.09 26.50 -36.94
CA GLU G 419 25.75 25.60 -35.85
C GLU G 419 26.22 24.22 -36.29
N SER G 420 26.34 23.31 -35.34
CA SER G 420 26.88 22.00 -35.66
C SER G 420 25.72 21.12 -36.15
N PRO G 421 25.75 20.61 -37.39
CA PRO G 421 24.74 19.63 -37.83
C PRO G 421 25.15 18.23 -37.41
N ARG G 422 24.17 17.41 -37.04
CA ARG G 422 24.44 16.08 -36.50
C ARG G 422 23.75 14.95 -37.26
N LYS G 423 22.46 15.05 -37.56
CA LYS G 423 21.76 14.03 -38.33
C LYS G 423 20.80 14.67 -39.31
N ILE G 424 20.64 14.05 -40.48
CA ILE G 424 19.71 14.55 -41.50
C ILE G 424 18.77 13.43 -41.96
N CYS G 425 17.53 13.81 -42.30
CA CYS G 425 16.53 12.87 -42.76
C CYS G 425 15.57 13.63 -43.66
N TYR G 426 15.22 13.03 -44.80
CA TYR G 426 14.35 13.66 -45.79
C TYR G 426 12.93 13.12 -45.66
N GLN G 427 11.95 14.03 -45.73
CA GLN G 427 10.53 13.70 -45.63
C GLN G 427 9.82 14.26 -46.86
N GLU G 428 9.57 13.39 -47.85
CA GLU G 428 8.97 13.86 -49.10
C GLU G 428 7.59 14.45 -48.85
N VAL G 429 6.80 13.84 -47.95
CA VAL G 429 5.44 14.30 -47.69
C VAL G 429 5.42 15.79 -47.39
N SER G 430 6.44 16.29 -46.69
CA SER G 430 6.51 17.69 -46.29
C SER G 430 7.47 18.49 -47.15
N GLN G 431 8.01 17.88 -48.20
CA GLN G 431 8.97 18.54 -49.09
C GLN G 431 10.04 19.28 -48.29
N CYS G 432 10.56 18.61 -47.25
CA CYS G 432 11.53 19.25 -46.37
C CYS G 432 12.50 18.22 -45.85
N PHE G 433 13.66 18.71 -45.40
CA PHE G 433 14.65 17.90 -44.72
C PHE G 433 14.56 18.20 -43.22
N GLY G 434 14.69 17.17 -42.40
CA GLY G 434 14.89 17.34 -40.97
C GLY G 434 16.36 17.17 -40.63
N VAL G 435 16.87 18.07 -39.79
CA VAL G 435 18.28 18.05 -39.43
C VAL G 435 18.41 18.29 -37.92
N LEU G 436 19.03 17.34 -37.23
CA LEU G 436 19.39 17.51 -35.83
C LEU G 436 20.67 18.32 -35.73
N SER G 437 20.69 19.29 -34.81
CA SER G 437 21.83 20.19 -34.69
C SER G 437 22.04 20.61 -33.24
N SER G 438 23.26 21.08 -32.94
CA SER G 438 23.56 21.61 -31.62
C SER G 438 24.40 22.87 -31.73
N ARG G 439 24.12 23.83 -30.85
CA ARG G 439 24.87 25.07 -30.77
C ARG G 439 25.45 25.19 -29.37
N ILE G 440 26.60 25.85 -29.26
CA ILE G 440 27.31 25.99 -27.99
C ILE G 440 26.98 27.36 -27.41
N GLU G 441 26.42 27.34 -26.20
CA GLU G 441 26.19 28.52 -25.39
C GLU G 441 27.07 28.47 -24.14
N VAL G 442 27.17 29.60 -23.46
CA VAL G 442 28.05 29.73 -22.29
C VAL G 442 27.25 30.23 -21.10
N GLN G 443 27.54 29.65 -19.93
CA GLN G 443 26.89 30.05 -18.69
C GLN G 443 27.25 31.50 -18.39
N ASP G 444 26.23 32.33 -18.20
CA ASP G 444 26.49 33.76 -18.05
C ASP G 444 26.06 34.22 -16.66
N THR G 445 26.22 35.53 -16.44
CA THR G 445 26.01 36.12 -15.12
C THR G 445 24.56 36.16 -14.72
N SER G 446 23.62 36.03 -15.66
CA SER G 446 22.21 36.01 -15.29
C SER G 446 21.79 34.71 -14.61
N GLY G 447 22.62 33.67 -14.67
CA GLY G 447 22.21 32.34 -14.27
C GLY G 447 21.76 31.48 -15.42
N GLY G 448 21.49 32.09 -16.57
CA GLY G 448 21.15 31.38 -17.77
C GLY G 448 22.35 31.24 -18.67
N THR G 449 22.11 31.13 -19.97
CA THR G 449 23.20 30.94 -20.91
C THR G 449 23.03 31.89 -22.08
N THR G 450 24.16 32.18 -22.72
CA THR G 450 24.18 33.12 -23.83
C THR G 450 24.90 32.50 -25.02
N ALA G 451 24.25 32.59 -26.18
CA ALA G 451 24.82 32.07 -27.42
C ALA G 451 25.87 33.05 -27.93
N LEU G 452 26.95 32.49 -28.48
CA LEU G 452 28.08 33.31 -28.89
C LEU G 452 27.80 34.05 -30.20
N ARG G 453 26.91 33.51 -31.03
CA ARG G 453 26.54 34.09 -32.32
C ARG G 453 25.16 33.53 -32.67
N PRO G 454 24.37 34.24 -33.48
CA PRO G 454 23.09 33.65 -33.93
C PRO G 454 23.35 32.49 -34.89
N SER G 455 22.40 31.55 -34.93
CA SER G 455 22.55 30.39 -35.80
C SER G 455 21.17 29.82 -36.15
N ALA G 456 21.20 28.74 -36.93
CA ALA G 456 20.00 28.21 -37.57
C ALA G 456 18.87 28.00 -36.56
N SER G 457 19.19 27.46 -35.38
CA SER G 457 18.15 27.12 -34.43
C SER G 457 17.53 28.34 -33.77
N THR G 458 18.12 29.52 -33.93
CA THR G 458 17.58 30.77 -33.40
C THR G 458 17.03 31.69 -34.47
N GLN G 459 17.33 31.43 -35.75
CA GLN G 459 16.87 32.24 -36.87
C GLN G 459 15.81 31.54 -37.70
N ALA G 460 15.14 30.54 -37.13
CA ALA G 460 14.04 29.87 -37.83
C ALA G 460 12.87 30.82 -37.99
N LEU G 461 12.06 30.59 -39.02
CA LEU G 461 10.87 31.41 -39.22
C LEU G 461 9.95 31.32 -37.99
N SER G 462 9.58 30.10 -37.61
CA SER G 462 8.86 29.82 -36.37
C SER G 462 9.72 28.87 -35.52
N SER G 463 9.52 28.90 -34.21
CA SER G 463 10.33 28.07 -33.33
C SER G 463 9.53 27.62 -32.13
N SER G 464 10.00 26.55 -31.48
CA SER G 464 9.34 25.99 -30.31
C SER G 464 10.37 25.38 -29.37
N VAL G 465 9.95 25.14 -28.13
CA VAL G 465 10.79 24.56 -27.08
C VAL G 465 10.02 23.46 -26.39
N SER G 466 10.64 22.30 -26.20
CA SER G 466 9.97 21.20 -25.54
C SER G 466 9.52 21.64 -24.15
N SER G 467 8.28 21.27 -23.80
CA SER G 467 7.74 21.52 -22.47
C SER G 467 7.62 20.24 -21.68
N SER G 468 8.37 19.21 -22.07
CA SER G 468 8.22 17.91 -21.46
C SER G 468 8.56 17.97 -19.98
N LYS G 469 7.70 17.35 -19.17
CA LYS G 469 7.91 17.17 -17.75
C LYS G 469 8.32 15.74 -17.43
N LEU G 470 8.65 14.94 -18.46
CA LEU G 470 8.89 13.51 -18.27
C LEU G 470 9.94 13.27 -17.19
N PHE G 471 11.07 13.98 -17.25
CA PHE G 471 12.08 13.87 -16.21
C PHE G 471 11.76 14.74 -15.01
N SER G 472 10.73 15.58 -15.14
CA SER G 472 10.14 16.34 -14.05
C SER G 472 11.09 16.86 -13.00
N SER G 473 10.91 16.44 -11.75
CA SER G 473 11.79 16.99 -10.73
C SER G 473 13.19 16.39 -10.82
N SER G 474 13.27 15.11 -11.17
CA SER G 474 14.55 14.40 -11.31
C SER G 474 15.23 14.32 -9.95
N THR G 475 15.12 15.38 -9.15
CA THR G 475 15.80 15.50 -7.85
C THR G 475 17.29 15.19 -7.97
N ALA G 476 17.91 15.79 -8.98
CA ALA G 476 19.35 15.67 -9.22
C ALA G 476 19.84 17.05 -9.60
N PRO G 477 20.08 17.91 -8.61
CA PRO G 477 20.50 19.28 -8.93
C PRO G 477 21.96 19.29 -9.38
N HIS G 478 22.22 19.98 -10.49
CA HIS G 478 23.57 20.08 -11.04
C HIS G 478 24.07 21.52 -11.00
N GLU G 479 25.29 21.68 -10.46
CA GLU G 479 25.88 22.98 -10.29
C GLU G 479 26.30 23.55 -11.64
N THR G 480 26.05 24.84 -11.83
CA THR G 480 26.41 25.54 -13.05
C THR G 480 27.38 26.66 -12.69
N SER G 481 28.53 26.69 -13.34
CA SER G 481 29.57 27.68 -13.08
C SER G 481 29.74 28.62 -14.27
N PHE G 482 29.95 29.90 -13.97
CA PHE G 482 30.10 30.90 -15.02
C PHE G 482 31.28 30.57 -15.93
N GLY G 483 31.06 30.68 -17.25
CA GLY G 483 32.09 30.43 -18.23
C GLY G 483 32.05 29.04 -18.82
N GLU G 484 31.32 28.12 -18.21
CA GLU G 484 31.23 26.77 -18.73
C GLU G 484 30.42 26.75 -20.02
N GLU G 485 30.78 25.84 -20.92
CA GLU G 485 30.01 25.65 -22.15
C GLU G 485 28.90 24.64 -21.90
N VAL G 486 27.81 24.78 -22.66
CA VAL G 486 26.75 23.80 -22.72
C VAL G 486 26.32 23.67 -24.18
N GLU G 487 25.80 22.50 -24.55
CA GLU G 487 25.21 22.31 -25.86
C GLU G 487 23.70 22.42 -25.78
N VAL G 488 23.09 23.04 -26.80
CA VAL G 488 21.64 23.12 -26.93
C VAL G 488 21.27 22.45 -28.24
N HIS G 489 20.41 21.43 -28.15
CA HIS G 489 20.08 20.60 -29.29
C HIS G 489 18.71 20.92 -29.85
N ASN G 490 18.59 20.84 -31.17
CA ASN G 490 17.38 21.27 -31.87
C ASN G 490 17.13 20.34 -33.05
N LEU G 491 15.86 20.19 -33.41
CA LEU G 491 15.48 19.63 -34.69
C LEU G 491 15.13 20.81 -35.60
N LEU G 492 15.77 20.87 -36.75
CA LEU G 492 15.54 21.92 -37.72
C LEU G 492 14.72 21.33 -38.85
N ILE G 493 13.68 22.04 -39.27
CA ILE G 493 12.92 21.69 -40.46
C ILE G 493 13.32 22.65 -41.58
N ILE G 494 13.86 22.10 -42.67
CA ILE G 494 14.55 22.87 -43.71
C ILE G 494 13.92 22.56 -45.06
N ASP G 495 13.61 23.62 -45.81
CA ASP G 495 12.93 23.49 -47.10
C ASP G 495 13.82 22.83 -48.16
N GLN G 496 13.21 22.00 -49.00
CA GLN G 496 13.98 21.24 -49.98
C GLN G 496 14.40 22.07 -51.19
N HIS G 497 13.84 23.26 -51.40
CA HIS G 497 14.20 24.10 -52.54
C HIS G 497 15.03 25.32 -52.15
N THR G 498 14.60 26.03 -51.11
CA THR G 498 15.32 27.21 -50.63
C THR G 498 16.23 26.90 -49.46
N PHE G 499 15.99 25.80 -48.76
CA PHE G 499 16.76 25.43 -47.58
C PHE G 499 16.65 26.51 -46.50
N GLU G 500 15.51 27.18 -46.48
CA GLU G 500 15.16 28.06 -45.37
C GLU G 500 14.83 27.22 -44.14
N VAL G 501 15.24 27.72 -42.98
CA VAL G 501 14.93 27.04 -41.73
C VAL G 501 13.48 27.41 -41.39
N LEU G 502 12.54 26.51 -41.67
CA LEU G 502 11.14 26.85 -41.47
C LEU G 502 10.74 26.78 -40.01
N HIS G 503 11.27 25.80 -39.29
CA HIS G 503 10.95 25.62 -37.88
C HIS G 503 12.21 25.11 -37.19
N ALA G 504 12.34 25.48 -35.93
CA ALA G 504 13.41 24.96 -35.08
C ALA G 504 12.78 24.58 -33.74
N HIS G 505 12.94 23.32 -33.34
CA HIS G 505 12.44 22.83 -32.06
C HIS G 505 13.62 22.58 -31.13
N GLN G 506 13.58 23.20 -29.96
CA GLN G 506 14.66 23.09 -28.99
C GLN G 506 14.33 22.02 -27.97
N PHE G 507 15.28 21.12 -27.73
CA PHE G 507 15.08 20.03 -26.79
C PHE G 507 15.35 20.49 -25.37
N LEU G 508 15.15 19.58 -24.42
CA LEU G 508 15.23 19.91 -23.01
C LEU G 508 16.63 20.35 -22.61
N GLN G 509 16.69 21.11 -21.52
CA GLN G 509 17.97 21.50 -20.93
C GLN G 509 18.79 20.26 -20.60
N ASN G 510 20.00 20.21 -21.14
CA ASN G 510 20.92 19.08 -21.00
C ASN G 510 20.50 17.85 -21.77
N GLU G 511 19.59 17.98 -22.74
CA GLU G 511 19.19 16.86 -23.59
C GLU G 511 19.93 16.89 -24.92
N TYR G 512 20.45 15.74 -25.32
CA TYR G 512 21.15 15.56 -26.59
C TYR G 512 20.29 14.75 -27.57
N ALA G 513 20.12 15.28 -28.78
CA ALA G 513 19.48 14.54 -29.87
C ALA G 513 20.53 13.67 -30.56
N LEU G 514 20.26 12.37 -30.66
CA LEU G 514 21.22 11.43 -31.22
C LEU G 514 20.77 10.73 -32.48
N SER G 515 19.47 10.57 -32.70
CA SER G 515 18.97 9.76 -33.79
C SER G 515 17.72 10.38 -34.37
N LEU G 516 17.55 10.20 -35.68
CA LEU G 516 16.47 10.83 -36.41
C LEU G 516 15.99 9.94 -37.55
N VAL G 517 14.68 9.77 -37.65
CA VAL G 517 14.04 9.06 -38.75
C VAL G 517 12.80 9.82 -39.20
N SER G 518 12.41 9.56 -40.45
CA SER G 518 11.16 10.03 -41.03
C SER G 518 10.43 8.81 -41.56
N CYS G 519 9.22 8.57 -41.07
CA CYS G 519 8.53 7.35 -41.47
C CYS G 519 7.08 7.36 -41.02
N LYS G 520 6.30 6.45 -41.61
CA LYS G 520 4.96 6.09 -41.16
C LYS G 520 5.06 4.83 -40.29
N LEU G 521 4.23 4.74 -39.26
CA LEU G 521 4.24 3.61 -38.36
C LEU G 521 2.85 3.01 -38.24
N GLY G 522 2.81 1.70 -38.00
CA GLY G 522 1.53 1.01 -37.82
C GLY G 522 0.64 1.24 -39.01
N LYS G 523 -0.64 1.50 -38.75
CA LYS G 523 -1.58 1.90 -39.78
C LYS G 523 -1.83 3.41 -39.80
N ASP G 524 -0.98 4.18 -39.12
CA ASP G 524 -1.17 5.63 -39.05
C ASP G 524 -0.66 6.27 -40.32
N PRO G 525 -1.53 6.92 -41.11
CA PRO G 525 -1.09 7.45 -42.42
C PRO G 525 -0.20 8.67 -42.32
N ASN G 526 -0.14 9.33 -41.17
CA ASN G 526 0.67 10.53 -41.04
C ASN G 526 2.15 10.16 -41.05
N THR G 527 2.94 10.99 -41.72
CA THR G 527 4.39 10.79 -41.76
C THR G 527 5.01 11.62 -40.64
N TYR G 528 5.78 10.98 -39.79
CA TYR G 528 6.30 11.61 -38.59
C TYR G 528 7.82 11.77 -38.68
N PHE G 529 8.32 12.79 -38.00
CA PHE G 529 9.72 12.91 -37.59
C PHE G 529 9.85 12.34 -36.18
N ILE G 530 10.76 11.39 -35.98
CA ILE G 530 10.94 10.75 -34.69
C ILE G 530 12.39 10.94 -34.25
N VAL G 531 12.59 11.39 -33.03
CA VAL G 531 13.91 11.72 -32.51
C VAL G 531 14.20 10.89 -31.27
N GLY G 532 15.43 10.38 -31.19
CA GLY G 532 15.92 9.68 -30.00
C GLY G 532 16.96 10.54 -29.30
N THR G 533 16.79 10.67 -27.98
CA THR G 533 17.57 11.62 -27.20
C THR G 533 18.21 10.94 -25.99
N ALA G 534 19.10 11.67 -25.32
CA ALA G 534 19.77 11.22 -24.11
C ALA G 534 19.96 12.39 -23.16
N MET G 535 19.75 12.15 -21.87
CA MET G 535 19.98 13.16 -20.83
C MET G 535 21.44 13.07 -20.40
N VAL G 536 22.20 14.12 -20.70
CA VAL G 536 23.66 14.14 -20.60
C VAL G 536 24.10 15.05 -19.46
N TYR G 537 24.69 14.45 -18.42
CA TYR G 537 25.33 15.18 -17.34
C TYR G 537 26.78 14.74 -17.22
N PRO G 538 27.71 15.66 -16.96
CA PRO G 538 29.13 15.24 -16.84
C PRO G 538 29.31 14.15 -15.80
N GLU G 539 28.43 14.09 -14.80
CA GLU G 539 28.60 13.14 -13.70
C GLU G 539 28.39 11.70 -14.16
N GLU G 540 27.55 11.49 -15.16
CA GLU G 540 27.24 10.14 -15.61
C GLU G 540 28.28 9.69 -16.63
N ALA G 541 28.78 8.46 -16.44
CA ALA G 541 29.66 7.88 -17.43
C ALA G 541 28.87 7.46 -18.66
N GLU G 542 27.67 6.93 -18.44
CA GLU G 542 26.75 6.52 -19.47
C GLU G 542 25.38 7.10 -19.14
N PRO G 543 24.70 7.71 -20.10
CA PRO G 543 23.38 8.29 -19.80
C PRO G 543 22.42 7.23 -19.30
N LYS G 544 21.58 7.62 -18.34
CA LYS G 544 20.63 6.71 -17.73
C LYS G 544 19.19 7.09 -18.00
N GLN G 545 18.94 8.20 -18.70
CA GLN G 545 17.60 8.63 -19.05
C GLN G 545 17.56 9.06 -20.51
N GLY G 546 16.41 8.93 -21.14
CA GLY G 546 16.31 9.31 -22.54
C GLY G 546 14.87 9.35 -23.00
N ARG G 547 14.71 9.86 -24.22
CA ARG G 547 13.37 9.99 -24.80
C ARG G 547 13.39 9.53 -26.24
N ILE G 548 12.26 8.98 -26.67
CA ILE G 548 11.91 8.88 -28.08
C ILE G 548 10.71 9.80 -28.26
N VAL G 549 10.81 10.75 -29.17
CA VAL G 549 9.78 11.76 -29.36
C VAL G 549 9.29 11.68 -30.80
N VAL G 550 7.97 11.64 -30.97
CA VAL G 550 7.34 11.60 -32.28
C VAL G 550 6.78 12.98 -32.58
N PHE G 551 7.22 13.58 -33.68
CA PHE G 551 6.74 14.89 -34.11
C PHE G 551 5.97 14.74 -35.42
N GLN G 552 5.09 15.71 -35.70
CA GLN G 552 4.46 15.85 -37.00
C GLN G 552 4.65 17.28 -37.49
N TYR G 553 5.16 17.43 -38.70
CA TYR G 553 5.26 18.73 -39.33
C TYR G 553 3.96 19.00 -40.08
N SER G 554 3.16 19.95 -39.61
CA SER G 554 1.92 20.28 -40.30
C SER G 554 1.72 21.78 -40.32
N ASP G 555 1.37 22.30 -41.50
CA ASP G 555 1.03 23.71 -41.67
C ASP G 555 2.08 24.61 -41.03
N GLY G 556 3.34 24.33 -41.36
CA GLY G 556 4.46 25.16 -41.00
C GLY G 556 4.94 25.08 -39.56
N LYS G 557 4.34 24.23 -38.73
CA LYS G 557 4.80 24.05 -37.35
C LYS G 557 4.84 22.58 -36.99
N LEU G 558 5.86 22.21 -36.22
CA LEU G 558 6.06 20.87 -35.71
C LEU G 558 5.22 20.66 -34.46
N GLN G 559 4.52 19.54 -34.40
CA GLN G 559 3.66 19.20 -33.27
C GLN G 559 4.15 17.94 -32.57
N THR G 560 4.16 17.98 -31.23
CA THR G 560 4.57 16.82 -30.44
C THR G 560 3.41 15.83 -30.33
N VAL G 561 3.59 14.66 -30.93
CA VAL G 561 2.49 13.69 -31.02
C VAL G 561 2.52 12.69 -29.88
N ALA G 562 3.70 12.23 -29.49
CA ALA G 562 3.84 11.18 -28.49
C ALA G 562 5.27 11.21 -27.97
N GLU G 563 5.41 10.77 -26.72
CA GLU G 563 6.69 10.77 -26.03
C GLU G 563 6.86 9.48 -25.28
N LYS G 564 8.05 8.87 -25.40
CA LYS G 564 8.37 7.61 -24.75
C LYS G 564 9.64 7.76 -23.94
N GLU G 565 9.57 7.44 -22.65
CA GLU G 565 10.73 7.49 -21.78
C GLU G 565 11.53 6.19 -21.86
N VAL G 566 12.86 6.32 -21.91
CA VAL G 566 13.75 5.17 -21.92
C VAL G 566 14.84 5.39 -20.87
N LYS G 567 15.49 4.30 -20.47
CA LYS G 567 16.50 4.38 -19.41
C LYS G 567 17.92 4.39 -19.97
N GLY G 568 18.19 5.27 -20.94
CA GLY G 568 19.49 5.30 -21.57
C GLY G 568 19.48 6.25 -22.75
N ALA G 569 20.50 6.13 -23.59
CA ALA G 569 20.67 6.97 -24.76
C ALA G 569 20.12 6.24 -25.98
N VAL G 570 19.27 6.91 -26.74
CA VAL G 570 18.69 6.31 -27.95
C VAL G 570 19.68 6.62 -29.07
N TYR G 571 20.69 5.77 -29.18
CA TYR G 571 21.77 6.01 -30.13
C TYR G 571 21.31 5.88 -31.59
N SER G 572 20.42 4.93 -31.88
CA SER G 572 20.04 4.71 -33.28
C SER G 572 18.60 4.22 -33.41
N MET G 573 17.93 4.68 -34.47
CA MET G 573 16.57 4.28 -34.80
C MET G 573 16.44 4.02 -36.30
N VAL G 574 15.56 3.09 -36.66
CA VAL G 574 15.31 2.76 -38.06
C VAL G 574 13.88 2.27 -38.20
N GLU G 575 13.28 2.55 -39.38
CA GLU G 575 11.93 2.06 -39.64
C GLU G 575 12.00 0.56 -39.91
N PHE G 576 11.17 -0.22 -39.23
CA PHE G 576 11.22 -1.67 -39.35
C PHE G 576 9.79 -2.19 -39.55
N ASN G 577 9.39 -2.33 -40.80
CA ASN G 577 8.16 -3.02 -41.12
C ASN G 577 6.99 -2.46 -40.31
N GLY G 578 6.83 -1.14 -40.37
CA GLY G 578 5.77 -0.47 -39.66
C GLY G 578 6.01 -0.33 -38.18
N LYS G 579 7.14 -0.82 -37.69
CA LYS G 579 7.51 -0.74 -36.29
C LYS G 579 8.78 0.09 -36.17
N LEU G 580 9.03 0.55 -34.96
CA LEU G 580 10.18 1.40 -34.67
C LEU G 580 11.24 0.57 -33.96
N LEU G 581 12.39 0.41 -34.61
CA LEU G 581 13.53 -0.29 -34.03
C LEU G 581 14.50 0.75 -33.48
N ALA G 582 14.78 0.67 -32.18
CA ALA G 582 15.61 1.65 -31.51
C ALA G 582 16.59 0.93 -30.59
N SER G 583 17.75 1.56 -30.40
CA SER G 583 18.87 1.00 -29.63
C SER G 583 19.09 1.93 -28.43
N ILE G 584 18.62 1.51 -27.26
CA ILE G 584 18.85 2.22 -26.01
C ILE G 584 20.04 1.57 -25.28
N ASN G 585 21.13 2.32 -25.09
CA ASN G 585 22.39 1.81 -24.55
C ASN G 585 22.74 0.40 -25.02
N SER G 586 22.77 -0.58 -24.12
CA SER G 586 23.06 -1.95 -24.54
C SER G 586 21.84 -2.67 -25.11
N THR G 587 20.66 -2.08 -25.00
CA THR G 587 19.41 -2.74 -25.32
C THR G 587 19.04 -2.35 -26.75
N VAL G 588 18.62 -3.34 -27.51
CA VAL G 588 18.00 -3.16 -28.82
C VAL G 588 16.53 -3.51 -28.66
N ARG G 589 15.65 -2.53 -28.91
CA ARG G 589 14.23 -2.67 -28.63
C ARG G 589 13.43 -2.40 -29.89
N LEU G 590 12.35 -3.16 -30.06
CA LEU G 590 11.38 -2.95 -31.12
C LEU G 590 10.07 -2.42 -30.53
N TYR G 591 9.59 -1.31 -31.08
CA TYR G 591 8.37 -0.67 -30.60
C TYR G 591 7.27 -0.83 -31.65
N GLU G 592 6.03 -1.02 -31.20
CA GLU G 592 4.84 -1.00 -32.04
C GLU G 592 4.16 0.37 -31.89
N TRP G 593 3.48 0.81 -32.95
CA TRP G 593 2.79 2.10 -32.96
C TRP G 593 1.29 1.83 -32.81
N THR G 594 0.75 2.15 -31.63
CA THR G 594 -0.60 1.72 -31.31
C THR G 594 -1.65 2.60 -31.99
N THR G 595 -2.90 2.14 -31.93
CA THR G 595 -4.03 2.90 -32.40
C THR G 595 -4.27 4.13 -31.54
N GLU G 596 -3.62 4.21 -30.38
CA GLU G 596 -3.68 5.35 -29.48
C GLU G 596 -2.57 6.35 -29.73
N LYS G 597 -1.84 6.22 -30.84
CA LYS G 597 -0.72 7.10 -31.16
C LYS G 597 0.30 7.12 -30.03
N GLU G 598 0.71 5.93 -29.58
CA GLU G 598 1.79 5.80 -28.60
C GLU G 598 2.58 4.53 -28.91
N LEU G 599 3.84 4.55 -28.48
CA LEU G 599 4.78 3.46 -28.69
C LEU G 599 4.69 2.43 -27.58
N ARG G 600 4.65 1.15 -27.96
CA ARG G 600 4.59 0.03 -27.03
C ARG G 600 5.64 -1.01 -27.44
N THR G 601 6.41 -1.46 -26.47
CA THR G 601 7.49 -2.41 -26.71
C THR G 601 6.96 -3.79 -27.07
N GLU G 602 7.60 -4.41 -28.06
CA GLU G 602 7.31 -5.81 -28.39
C GLU G 602 8.39 -6.76 -27.87
N CYS G 603 9.66 -6.55 -28.25
CA CYS G 603 10.74 -7.47 -27.89
C CYS G 603 12.07 -6.72 -27.81
N ASN G 604 13.00 -7.27 -27.04
CA ASN G 604 14.27 -6.61 -26.74
C ASN G 604 15.44 -7.57 -26.90
N HIS G 605 16.63 -7.01 -27.13
CA HIS G 605 17.88 -7.77 -27.12
C HIS G 605 18.92 -7.05 -26.27
N TYR G 606 19.57 -7.77 -25.35
CA TYR G 606 20.47 -7.15 -24.39
C TYR G 606 21.95 -7.53 -24.49
N ASN G 607 22.32 -8.44 -25.39
CA ASN G 607 23.70 -8.93 -25.43
C ASN G 607 24.56 -7.95 -26.23
N ASN G 608 24.84 -6.81 -25.61
CA ASN G 608 25.63 -5.77 -26.25
C ASN G 608 26.42 -5.00 -25.21
N ILE G 609 27.43 -4.28 -25.68
CA ILE G 609 28.10 -3.31 -24.83
C ILE G 609 27.45 -1.94 -25.01
N MET G 610 27.46 -1.44 -26.24
CA MET G 610 26.72 -0.23 -26.60
C MET G 610 26.30 -0.40 -28.06
N ALA G 611 24.99 -0.37 -28.34
CA ALA G 611 24.44 -0.62 -29.68
C ALA G 611 24.35 0.68 -30.45
N LEU G 612 25.48 1.12 -30.98
CA LEU G 612 25.55 2.45 -31.56
C LEU G 612 24.88 2.54 -32.94
N TYR G 613 25.03 1.50 -33.78
CA TYR G 613 24.57 1.58 -35.16
C TYR G 613 23.62 0.44 -35.52
N LEU G 614 22.56 0.79 -36.27
CA LEU G 614 21.53 -0.15 -36.66
C LEU G 614 21.21 0.00 -38.15
N LYS G 615 21.08 -1.13 -38.84
CA LYS G 615 20.58 -1.18 -40.21
C LYS G 615 19.67 -2.39 -40.35
N THR G 616 18.70 -2.33 -41.27
CA THR G 616 17.75 -3.43 -41.44
C THR G 616 17.54 -3.78 -42.91
N LYS G 617 17.20 -5.05 -43.14
CA LYS G 617 16.80 -5.55 -44.47
C LYS G 617 15.78 -6.65 -44.21
N GLY G 618 14.52 -6.42 -44.57
CA GLY G 618 13.49 -7.41 -44.29
C GLY G 618 13.30 -7.55 -42.79
N ASP G 619 13.33 -8.78 -42.28
CA ASP G 619 13.25 -9.04 -40.86
C ASP G 619 14.64 -9.19 -40.24
N PHE G 620 15.69 -8.85 -40.99
CA PHE G 620 17.06 -8.94 -40.52
C PHE G 620 17.50 -7.57 -39.98
N ILE G 621 18.35 -7.60 -38.96
CA ILE G 621 18.87 -6.39 -38.33
C ILE G 621 20.37 -6.55 -38.18
N LEU G 622 21.13 -5.54 -38.60
CA LEU G 622 22.58 -5.51 -38.39
C LEU G 622 22.90 -4.51 -37.29
N VAL G 623 23.46 -5.01 -36.19
CA VAL G 623 23.78 -4.19 -35.03
C VAL G 623 25.28 -3.95 -34.99
N GLY G 624 25.68 -2.68 -34.85
CA GLY G 624 27.07 -2.32 -34.70
C GLY G 624 27.40 -1.87 -33.30
N ASP G 625 28.38 -2.51 -32.67
CA ASP G 625 28.69 -2.30 -31.26
C ASP G 625 29.96 -1.48 -31.10
N LEU G 626 30.15 -0.95 -29.88
CA LEU G 626 31.31 -0.12 -29.61
C LEU G 626 32.60 -0.89 -29.83
N MET G 627 32.68 -2.11 -29.30
CA MET G 627 33.89 -2.90 -29.40
C MET G 627 33.68 -4.32 -29.91
N ARG G 628 32.44 -4.77 -30.07
CA ARG G 628 32.17 -6.17 -30.41
C ARG G 628 31.72 -6.35 -31.87
N SER G 629 32.16 -5.46 -32.76
CA SER G 629 31.96 -5.56 -34.21
C SER G 629 30.46 -5.65 -34.49
N VAL G 630 30.00 -6.61 -35.29
CA VAL G 630 28.64 -6.64 -35.80
C VAL G 630 27.96 -7.94 -35.44
N LEU G 631 26.65 -7.85 -35.21
CA LEU G 631 25.80 -8.98 -34.88
C LEU G 631 24.58 -8.95 -35.78
N LEU G 632 24.40 -10.00 -36.57
CA LEU G 632 23.18 -10.14 -37.36
C LEU G 632 22.10 -10.67 -36.44
N LEU G 633 21.18 -9.78 -36.07
CA LEU G 633 19.95 -10.19 -35.38
C LEU G 633 18.85 -10.46 -36.40
N ALA G 634 17.86 -11.23 -35.96
CA ALA G 634 16.70 -11.52 -36.79
C ALA G 634 15.44 -11.43 -35.94
N TYR G 635 14.38 -10.93 -36.55
CA TYR G 635 13.06 -10.89 -35.93
C TYR G 635 12.34 -12.19 -36.30
N LYS G 636 11.85 -12.90 -35.28
CA LYS G 636 11.08 -14.12 -35.56
C LYS G 636 9.60 -13.77 -35.50
N PRO G 637 8.95 -13.52 -36.64
CA PRO G 637 7.58 -12.99 -36.60
C PRO G 637 6.59 -13.94 -35.93
N MET G 638 6.81 -15.25 -36.08
CA MET G 638 5.88 -16.23 -35.56
C MET G 638 5.75 -16.14 -34.05
N GLU G 639 6.85 -15.87 -33.36
CA GLU G 639 6.93 -15.91 -31.91
C GLU G 639 6.96 -14.53 -31.28
N GLY G 640 7.29 -13.49 -32.02
CA GLY G 640 7.33 -12.15 -31.48
C GLY G 640 8.54 -11.85 -30.63
N ASN G 641 9.73 -12.24 -31.07
CA ASN G 641 10.97 -12.03 -30.34
C ASN G 641 12.13 -12.03 -31.32
N PHE G 642 13.30 -11.59 -30.84
CA PHE G 642 14.50 -11.52 -31.66
C PHE G 642 15.26 -12.85 -31.57
N GLU G 643 16.20 -13.06 -32.50
CA GLU G 643 17.11 -14.19 -32.47
C GLU G 643 18.43 -13.87 -33.15
N GLU G 644 19.52 -14.25 -32.50
CA GLU G 644 20.87 -13.97 -32.98
C GLU G 644 21.23 -15.00 -34.04
N ILE G 645 21.21 -14.60 -35.32
CA ILE G 645 21.62 -15.54 -36.37
C ILE G 645 23.13 -15.75 -36.34
N ALA G 646 23.90 -14.68 -36.28
CA ALA G 646 25.35 -14.82 -36.33
C ALA G 646 26.04 -13.55 -35.82
N ARG G 647 27.25 -13.73 -35.29
CA ARG G 647 28.03 -12.64 -34.72
C ARG G 647 29.47 -12.73 -35.21
N ASP G 648 30.09 -11.56 -35.34
CA ASP G 648 31.53 -11.45 -35.56
C ASP G 648 32.22 -11.39 -34.19
N PHE G 649 32.88 -12.47 -33.81
CA PHE G 649 33.53 -12.51 -32.50
C PHE G 649 34.81 -11.70 -32.44
N ASN G 650 35.42 -11.40 -33.60
CA ASN G 650 36.61 -10.56 -33.61
C ASN G 650 36.25 -9.19 -33.03
N PRO G 651 37.03 -8.67 -32.06
CA PRO G 651 36.67 -7.38 -31.48
C PRO G 651 37.22 -6.25 -32.35
N ASN G 652 36.32 -5.42 -32.86
CA ASN G 652 36.71 -4.24 -33.64
C ASN G 652 35.88 -3.06 -33.15
N TRP G 653 36.55 -1.91 -33.02
CA TRP G 653 35.87 -0.66 -32.70
C TRP G 653 35.13 -0.14 -33.93
N MET G 654 33.82 0.06 -33.81
CA MET G 654 32.99 0.41 -34.95
C MET G 654 32.79 1.92 -35.09
N SER G 655 32.76 2.38 -36.34
CA SER G 655 32.38 3.74 -36.68
C SER G 655 31.07 3.83 -37.46
N ALA G 656 30.75 2.83 -38.27
CA ALA G 656 29.50 2.75 -39.02
C ALA G 656 29.38 1.36 -39.61
N VAL G 657 28.15 0.95 -39.91
CA VAL G 657 27.87 -0.35 -40.50
C VAL G 657 26.90 -0.19 -41.67
N GLU G 658 26.91 -1.17 -42.57
CA GLU G 658 25.95 -1.22 -43.65
C GLU G 658 25.70 -2.66 -44.08
N ILE G 659 24.48 -2.92 -44.54
CA ILE G 659 24.11 -4.23 -45.10
C ILE G 659 24.30 -4.14 -46.61
N LEU G 660 25.07 -5.09 -47.17
CA LEU G 660 25.26 -5.13 -48.63
C LEU G 660 24.22 -6.00 -49.33
N ASP G 661 23.99 -7.20 -48.80
CA ASP G 661 22.96 -8.12 -49.27
C ASP G 661 22.66 -9.08 -48.12
N ASP G 662 21.81 -10.07 -48.39
CA ASP G 662 21.34 -10.91 -47.30
C ASP G 662 22.45 -11.70 -46.61
N ASP G 663 23.62 -11.85 -47.26
CA ASP G 663 24.72 -12.60 -46.68
C ASP G 663 25.96 -11.77 -46.35
N ASN G 664 26.17 -10.62 -47.00
CA ASN G 664 27.38 -9.83 -46.85
C ASN G 664 27.11 -8.56 -46.05
N PHE G 665 27.98 -8.26 -45.08
CA PHE G 665 27.88 -7.10 -44.20
C PHE G 665 29.16 -6.30 -44.16
N LEU G 666 29.03 -4.98 -44.24
CA LEU G 666 30.17 -4.07 -44.33
C LEU G 666 30.32 -3.25 -43.05
N GLY G 667 31.58 -2.95 -42.69
CA GLY G 667 31.86 -2.21 -41.49
C GLY G 667 33.12 -1.37 -41.60
N ALA G 668 33.16 -0.31 -40.80
CA ALA G 668 34.31 0.58 -40.73
C ALA G 668 34.75 0.71 -39.27
N GLU G 669 36.06 0.71 -39.06
CA GLU G 669 36.70 0.70 -37.76
C GLU G 669 37.29 2.07 -37.44
N ASN G 670 37.51 2.34 -36.15
CA ASN G 670 38.15 3.58 -35.75
C ASN G 670 39.64 3.57 -36.07
N ALA G 671 40.12 2.49 -36.68
CA ALA G 671 41.50 2.32 -37.13
C ALA G 671 41.68 2.72 -38.58
N PHE G 672 40.68 3.37 -39.18
CA PHE G 672 40.73 3.75 -40.59
C PHE G 672 40.66 2.51 -41.50
N ASN G 673 39.94 1.46 -41.05
CA ASN G 673 39.85 0.22 -41.80
C ASN G 673 38.40 -0.14 -42.15
N LEU G 674 38.24 -0.91 -43.24
CA LEU G 674 36.96 -1.45 -43.70
C LEU G 674 37.03 -2.97 -43.67
N PHE G 675 35.92 -3.63 -43.35
CA PHE G 675 35.87 -5.09 -43.42
C PHE G 675 34.46 -5.54 -43.79
N VAL G 676 34.40 -6.76 -44.32
CA VAL G 676 33.15 -7.39 -44.74
C VAL G 676 33.03 -8.76 -44.09
N CYS G 677 31.89 -9.01 -43.45
CA CYS G 677 31.60 -10.28 -42.79
C CYS G 677 30.49 -11.03 -43.53
N GLN G 678 30.70 -12.32 -43.76
CA GLN G 678 29.74 -13.16 -44.48
C GLN G 678 29.25 -14.27 -43.55
N LYS G 679 27.95 -14.57 -43.65
CA LYS G 679 27.41 -15.72 -42.94
C LYS G 679 28.05 -17.02 -43.46
N ASP G 680 28.29 -17.97 -42.56
CA ASP G 680 28.85 -19.23 -43.02
C ASP G 680 27.82 -20.03 -43.81
N SER G 681 27.26 -19.44 -44.87
CA SER G 681 26.31 -20.08 -45.78
C SER G 681 25.18 -20.69 -44.94
N ALA G 682 24.83 -21.96 -45.16
CA ALA G 682 23.79 -22.65 -44.41
C ALA G 682 24.38 -23.98 -43.91
N ALA G 683 25.42 -23.88 -43.09
CA ALA G 683 26.13 -25.05 -42.60
C ALA G 683 25.31 -25.79 -41.54
N THR G 684 25.55 -27.10 -41.45
CA THR G 684 24.82 -27.93 -40.50
C THR G 684 25.25 -27.68 -39.07
N THR G 685 26.50 -27.24 -38.86
CA THR G 685 26.97 -26.96 -37.52
C THR G 685 26.29 -25.68 -37.04
N ASP G 686 25.77 -25.70 -35.81
CA ASP G 686 25.20 -24.48 -35.25
C ASP G 686 26.26 -23.42 -35.06
N GLU G 687 27.48 -23.83 -34.73
CA GLU G 687 28.56 -22.87 -34.51
C GLU G 687 28.90 -22.13 -35.79
N GLU G 688 28.98 -22.86 -36.92
CA GLU G 688 29.30 -22.20 -38.17
C GLU G 688 28.22 -21.21 -38.58
N ARG G 689 26.94 -21.58 -38.39
CA ARG G 689 25.91 -20.63 -38.77
C ARG G 689 26.02 -19.34 -37.95
N GLN G 690 26.30 -19.47 -36.64
CA GLN G 690 26.36 -18.34 -35.72
C GLN G 690 27.68 -17.57 -35.80
N HIS G 691 28.61 -17.98 -36.65
CA HIS G 691 29.88 -17.30 -36.82
C HIS G 691 29.88 -16.48 -38.10
N LEU G 692 29.94 -15.16 -37.96
CA LEU G 692 30.24 -14.29 -39.09
C LEU G 692 31.74 -14.30 -39.35
N GLN G 693 32.12 -14.51 -40.60
CA GLN G 693 33.53 -14.60 -40.97
C GLN G 693 33.93 -13.36 -41.77
N GLU G 694 34.94 -12.64 -41.26
CA GLU G 694 35.50 -11.53 -42.02
C GLU G 694 36.14 -12.12 -43.27
N VAL G 695 35.54 -11.80 -44.41
CA VAL G 695 36.03 -12.30 -45.70
C VAL G 695 36.65 -11.18 -46.52
N GLY G 696 36.56 -9.93 -46.07
CA GLY G 696 37.14 -8.78 -46.73
C GLY G 696 37.79 -7.81 -45.75
N LEU G 697 39.01 -7.40 -46.07
CA LEU G 697 39.79 -6.49 -45.24
C LEU G 697 40.47 -5.47 -46.13
N PHE G 698 40.37 -4.19 -45.75
CA PHE G 698 40.89 -3.11 -46.58
C PHE G 698 41.14 -1.91 -45.67
N HIS G 699 42.33 -1.32 -45.78
CA HIS G 699 42.66 -0.10 -45.06
C HIS G 699 42.22 1.06 -45.93
N LEU G 700 41.14 1.75 -45.52
CA LEU G 700 40.66 2.87 -46.32
C LEU G 700 41.56 4.09 -46.16
N GLY G 701 42.02 4.33 -44.94
CA GLY G 701 42.79 5.52 -44.64
C GLY G 701 41.96 6.68 -44.14
N GLU G 702 40.65 6.52 -44.09
CA GLU G 702 39.70 7.53 -43.64
C GLU G 702 38.72 6.92 -42.64
N PHE G 703 38.09 7.81 -41.89
CA PHE G 703 37.10 7.47 -40.88
C PHE G 703 35.72 7.60 -41.48
N VAL G 704 34.96 6.51 -41.54
CA VAL G 704 33.66 6.50 -42.18
C VAL G 704 32.60 6.75 -41.11
N ASN G 705 31.93 7.89 -41.17
CA ASN G 705 30.86 8.17 -40.22
C ASN G 705 29.51 7.62 -40.68
N VAL G 706 29.22 7.64 -41.97
CA VAL G 706 27.91 7.25 -42.48
C VAL G 706 28.06 6.42 -43.74
N PHE G 707 27.28 5.35 -43.82
CA PHE G 707 27.10 4.55 -45.02
C PHE G 707 25.69 4.78 -45.56
N CYS G 708 25.57 4.94 -46.87
CA CYS G 708 24.27 5.23 -47.45
C CYS G 708 24.13 4.56 -48.81
N HIS G 709 23.01 3.84 -48.99
CA HIS G 709 22.72 3.17 -50.25
C HIS G 709 22.24 4.21 -51.27
N GLY G 710 22.90 4.27 -52.42
CA GLY G 710 22.48 5.20 -53.46
C GLY G 710 23.58 5.32 -54.48
N SER G 711 23.28 6.06 -55.54
CA SER G 711 24.31 6.39 -56.53
C SER G 711 24.00 7.78 -57.06
N LEU G 712 25.05 8.59 -57.18
CA LEU G 712 24.90 9.91 -57.77
C LEU G 712 24.92 9.92 -59.29
N VAL G 713 25.27 8.81 -59.92
CA VAL G 713 25.30 8.67 -61.36
C VAL G 713 23.88 8.40 -61.86
N MET G 714 23.62 8.77 -63.10
CA MET G 714 22.30 8.62 -63.67
C MET G 714 21.90 7.15 -63.74
N GLN G 715 20.68 6.86 -63.30
CA GLN G 715 20.14 5.51 -63.31
C GLN G 715 19.58 5.16 -64.67
N ASN G 716 20.02 4.03 -65.21
CA ASN G 716 19.50 3.49 -66.47
C ASN G 716 18.43 2.42 -66.26
N LEU G 717 17.41 2.48 -67.11
CA LEU G 717 16.33 1.50 -67.04
C LEU G 717 16.76 0.17 -67.63
N GLY G 718 17.63 0.20 -68.63
CA GLY G 718 18.14 -1.02 -69.22
C GLY G 718 19.14 -1.74 -68.33
N GLU G 719 19.06 -3.08 -68.33
CA GLU G 719 19.97 -3.93 -67.59
C GLU G 719 21.14 -4.38 -68.46
N THR G 720 22.37 -4.25 -67.92
CA THR G 720 23.58 -4.69 -68.58
C THR G 720 24.45 -5.50 -67.61
N SER G 721 25.23 -6.43 -68.16
CA SER G 721 26.12 -7.22 -67.31
C SER G 721 27.24 -6.34 -66.77
N THR G 722 26.88 -5.30 -66.01
CA THR G 722 27.89 -4.46 -65.39
C THR G 722 28.57 -5.23 -64.25
N PRO G 723 29.88 -5.04 -64.05
CA PRO G 723 30.51 -5.73 -62.91
C PRO G 723 30.01 -5.22 -61.58
N THR G 724 29.84 -3.92 -61.43
CA THR G 724 29.36 -3.35 -60.19
C THR G 724 27.92 -3.76 -59.95
N GLN G 725 27.66 -4.34 -58.79
CA GLN G 725 26.33 -4.67 -58.30
C GLN G 725 26.15 -3.97 -56.97
N GLY G 726 25.16 -3.11 -56.87
CA GLY G 726 24.95 -2.35 -55.66
C GLY G 726 25.77 -1.07 -55.65
N SER G 727 25.34 -0.14 -54.80
CA SER G 727 26.04 1.14 -54.67
C SER G 727 25.82 1.64 -53.25
N VAL G 728 26.90 1.70 -52.47
CA VAL G 728 26.89 2.29 -51.13
C VAL G 728 27.82 3.48 -51.16
N LEU G 729 27.31 4.64 -50.80
CA LEU G 729 28.11 5.84 -50.67
C LEU G 729 28.53 5.95 -49.21
N PHE G 730 29.77 6.38 -48.96
CA PHE G 730 30.22 6.51 -47.58
C PHE G 730 30.83 7.89 -47.43
N GLY G 731 30.57 8.50 -46.28
CA GLY G 731 31.11 9.81 -45.95
C GLY G 731 32.17 9.68 -44.86
N THR G 732 33.23 10.46 -44.98
CA THR G 732 34.37 10.36 -44.09
C THR G 732 34.55 11.70 -43.40
N VAL G 733 35.49 11.74 -42.45
CA VAL G 733 35.63 12.95 -41.65
C VAL G 733 36.51 13.98 -42.37
N ASN G 734 37.36 13.56 -43.29
CA ASN G 734 38.20 14.46 -44.05
C ASN G 734 37.51 14.97 -45.31
N GLY G 735 36.24 14.64 -45.50
CA GLY G 735 35.47 15.09 -46.63
C GLY G 735 35.36 14.14 -47.80
N MET G 736 36.10 13.03 -47.79
CA MET G 736 35.99 12.10 -48.89
C MET G 736 34.58 11.48 -48.94
N ILE G 737 34.10 11.26 -50.16
CA ILE G 737 32.92 10.45 -50.45
C ILE G 737 33.41 9.28 -51.29
N GLY G 738 32.90 8.07 -51.00
CA GLY G 738 33.36 6.87 -51.67
C GLY G 738 32.21 5.92 -51.96
N LEU G 739 32.50 4.90 -52.76
CA LEU G 739 31.50 3.94 -53.19
C LEU G 739 32.03 2.53 -52.94
N VAL G 740 31.20 1.69 -52.34
CA VAL G 740 31.50 0.28 -52.15
C VAL G 740 30.48 -0.50 -52.99
N THR G 741 30.96 -1.38 -53.86
CA THR G 741 30.09 -2.18 -54.71
C THR G 741 30.70 -3.57 -54.84
N SER G 742 29.85 -4.57 -54.96
CA SER G 742 30.30 -5.95 -55.05
C SER G 742 30.61 -6.32 -56.48
N LEU G 743 31.48 -7.31 -56.66
CA LEU G 743 31.96 -7.74 -57.97
C LEU G 743 31.73 -9.25 -58.09
N SER G 744 31.57 -9.73 -59.31
CA SER G 744 31.52 -11.17 -59.54
C SER G 744 32.93 -11.75 -59.42
N GLU G 745 33.01 -13.02 -59.04
CA GLU G 745 34.31 -13.63 -58.82
C GLU G 745 35.23 -13.45 -60.02
N SER G 746 34.70 -13.71 -61.22
CA SER G 746 35.51 -13.59 -62.43
C SER G 746 36.07 -12.19 -62.57
N TRP G 747 35.24 -11.17 -62.34
CA TRP G 747 35.68 -9.79 -62.51
C TRP G 747 36.69 -9.41 -61.44
N TYR G 748 36.44 -9.85 -60.21
CA TYR G 748 37.39 -9.61 -59.13
C TYR G 748 38.75 -10.16 -59.49
N ASN G 749 38.82 -11.43 -59.88
CA ASN G 749 40.12 -12.03 -60.17
C ASN G 749 40.81 -11.28 -61.29
N LEU G 750 40.06 -10.93 -62.34
CA LEU G 750 40.63 -10.17 -63.45
C LEU G 750 41.22 -8.87 -62.92
N LEU G 751 40.45 -8.16 -62.09
CA LEU G 751 40.90 -6.87 -61.58
C LEU G 751 42.02 -7.02 -60.56
N LEU G 752 41.96 -8.06 -59.73
CA LEU G 752 43.04 -8.30 -58.79
C LEU G 752 44.34 -8.51 -59.54
N ASP G 753 44.31 -9.38 -60.55
CA ASP G 753 45.47 -9.63 -61.39
C ASP G 753 45.96 -8.33 -62.01
N MET G 754 45.04 -7.46 -62.41
CA MET G 754 45.47 -6.19 -62.98
C MET G 754 46.15 -5.33 -61.93
N GLN G 755 45.66 -5.36 -60.70
CA GLN G 755 46.29 -4.57 -59.64
C GLN G 755 47.74 -5.00 -59.42
N ASN G 756 47.93 -6.30 -59.13
CA ASN G 756 49.27 -6.83 -58.91
C ASN G 756 50.16 -6.56 -60.10
N ARG G 757 49.59 -6.47 -61.30
CA ARG G 757 50.34 -6.03 -62.46
C ARG G 757 50.56 -4.53 -62.44
N LEU G 758 49.52 -3.77 -62.11
CA LEU G 758 49.66 -2.32 -62.10
C LEU G 758 50.70 -1.87 -61.09
N ASN G 759 50.79 -2.56 -59.96
CA ASN G 759 51.72 -2.14 -58.91
C ASN G 759 53.17 -2.30 -59.35
N LYS G 760 53.47 -3.30 -60.18
CA LYS G 760 54.82 -3.48 -60.69
C LYS G 760 55.19 -2.36 -61.66
N VAL G 761 54.21 -1.69 -62.27
CA VAL G 761 54.43 -0.68 -63.29
C VAL G 761 54.49 0.72 -62.69
N ILE G 762 53.63 1.01 -61.73
CA ILE G 762 53.39 2.37 -61.24
C ILE G 762 54.37 2.72 -60.13
N LYS G 763 54.99 3.90 -60.25
CA LYS G 763 55.86 4.42 -59.20
C LYS G 763 55.04 5.30 -58.25
N SER G 764 55.14 5.02 -56.96
CA SER G 764 54.47 5.79 -55.91
C SER G 764 55.45 6.78 -55.27
N VAL G 765 54.92 7.90 -54.79
CA VAL G 765 55.75 8.87 -54.08
C VAL G 765 56.17 8.26 -52.74
N GLY G 766 57.48 8.29 -52.49
CA GLY G 766 58.06 7.63 -51.34
C GLY G 766 58.33 6.15 -51.49
N LYS G 767 58.06 5.58 -52.65
CA LYS G 767 58.27 4.15 -52.91
C LYS G 767 57.59 3.29 -51.82
N ILE G 768 56.32 3.57 -51.58
CA ILE G 768 55.52 2.88 -50.59
C ILE G 768 54.74 1.77 -51.27
N GLU G 769 54.91 0.54 -50.80
CA GLU G 769 54.21 -0.59 -51.40
C GLU G 769 52.70 -0.43 -51.28
N HIS G 770 51.99 -0.58 -52.40
CA HIS G 770 50.54 -0.48 -52.37
C HIS G 770 49.93 -1.52 -51.43
N SER G 771 50.46 -2.74 -51.45
CA SER G 771 49.95 -3.78 -50.57
C SER G 771 50.11 -3.43 -49.09
N PHE G 772 51.25 -2.81 -48.72
CA PHE G 772 51.44 -2.40 -47.32
C PHE G 772 50.41 -1.34 -46.92
N TRP G 773 50.23 -0.31 -47.75
CA TRP G 773 49.30 0.76 -47.44
C TRP G 773 47.90 0.23 -47.25
N ARG G 774 47.43 -0.63 -48.15
CA ARG G 774 46.07 -1.13 -48.06
C ARG G 774 45.90 -2.30 -47.10
N SER G 775 46.95 -2.75 -46.44
CA SER G 775 46.80 -3.82 -45.47
C SER G 775 46.08 -3.30 -44.22
N PHE G 776 45.10 -4.08 -43.77
CA PHE G 776 44.38 -3.83 -42.52
C PHE G 776 45.39 -3.56 -41.40
N HIS G 777 45.18 -2.47 -40.67
CA HIS G 777 46.17 -2.04 -39.69
C HIS G 777 45.53 -1.47 -38.43
N THR G 778 45.79 -2.13 -37.31
CA THR G 778 45.59 -1.59 -35.98
C THR G 778 46.97 -1.58 -35.30
N GLU G 779 47.12 -0.80 -34.22
CA GLU G 779 48.40 -0.80 -33.54
C GLU G 779 48.83 -2.22 -33.19
N ARG G 780 47.87 -3.06 -32.80
CA ARG G 780 48.16 -4.43 -32.39
C ARG G 780 48.31 -5.37 -33.58
N LYS G 781 47.47 -5.22 -34.62
CA LYS G 781 47.46 -6.20 -35.70
C LYS G 781 47.62 -5.54 -37.06
N THR G 782 48.34 -6.24 -37.95
CA THR G 782 48.41 -5.90 -39.36
C THR G 782 48.21 -7.18 -40.15
N GLU G 783 47.20 -7.20 -41.02
CA GLU G 783 46.88 -8.33 -41.87
C GLU G 783 46.80 -7.83 -43.31
N PRO G 784 47.20 -8.66 -44.28
CA PRO G 784 47.10 -8.23 -45.69
C PRO G 784 45.65 -8.13 -46.15
N ALA G 785 45.41 -7.19 -47.07
CA ALA G 785 44.06 -6.94 -47.53
C ALA G 785 43.49 -8.13 -48.29
N THR G 786 42.17 -8.30 -48.18
CA THR G 786 41.47 -9.41 -48.80
C THR G 786 40.09 -8.94 -49.22
N GLY G 787 39.64 -9.40 -50.40
CA GLY G 787 38.27 -9.17 -50.81
C GLY G 787 37.92 -7.79 -51.30
N PHE G 788 38.89 -6.89 -51.46
CA PHE G 788 38.63 -5.51 -51.85
C PHE G 788 39.56 -5.12 -53.00
N ILE G 789 38.98 -4.49 -54.01
CA ILE G 789 39.72 -3.98 -55.16
C ILE G 789 39.84 -2.47 -55.02
N ASP G 790 41.09 -1.98 -54.94
CA ASP G 790 41.32 -0.54 -54.83
C ASP G 790 40.92 0.12 -56.15
N GLY G 791 39.67 0.59 -56.24
CA GLY G 791 39.17 1.11 -57.50
C GLY G 791 40.03 2.23 -58.06
N ASP G 792 40.62 3.04 -57.19
CA ASP G 792 41.47 4.13 -57.64
C ASP G 792 42.70 3.61 -58.37
N LEU G 793 43.23 2.47 -57.94
CA LEU G 793 44.35 1.86 -58.65
C LEU G 793 43.92 1.36 -60.02
N ILE G 794 42.77 0.69 -60.09
CA ILE G 794 42.27 0.20 -61.38
C ILE G 794 42.03 1.36 -62.33
N GLU G 795 41.35 2.40 -61.85
CA GLU G 795 41.02 3.54 -62.70
C GLU G 795 42.26 4.34 -63.11
N SER G 796 43.41 4.05 -62.51
CA SER G 796 44.65 4.72 -62.92
C SER G 796 45.32 4.06 -64.13
N PHE G 797 44.78 2.93 -64.60
CA PHE G 797 45.23 2.29 -65.83
C PHE G 797 45.06 3.21 -67.03
N LEU G 798 44.02 4.04 -67.03
CA LEU G 798 43.76 4.87 -68.20
C LEU G 798 44.71 6.04 -68.32
N ASP G 799 45.47 6.36 -67.28
CA ASP G 799 46.38 7.49 -67.27
C ASP G 799 47.83 7.05 -67.44
N ILE G 800 48.08 5.74 -67.51
CA ILE G 800 49.44 5.26 -67.69
C ILE G 800 49.80 5.30 -69.17
N SER G 801 51.10 5.35 -69.45
CA SER G 801 51.56 5.42 -70.83
C SER G 801 51.17 4.16 -71.59
N ARG G 802 51.04 4.31 -72.90
CA ARG G 802 50.70 3.16 -73.75
C ARG G 802 51.72 2.04 -73.62
N PRO G 803 53.02 2.30 -73.55
CA PRO G 803 53.98 1.19 -73.31
C PRO G 803 53.65 0.36 -72.08
N LYS G 804 53.26 1.03 -70.99
CA LYS G 804 52.95 0.35 -69.75
C LYS G 804 51.66 -0.45 -69.87
N MET G 805 50.69 0.02 -70.66
CA MET G 805 49.47 -0.76 -70.84
C MET G 805 49.82 -2.14 -71.36
N GLN G 806 50.84 -2.21 -72.23
CA GLN G 806 51.28 -3.47 -72.77
C GLN G 806 51.94 -4.35 -71.71
N GLU G 807 52.77 -3.75 -70.83
CA GLU G 807 53.36 -4.54 -69.75
C GLU G 807 52.27 -5.16 -68.88
N VAL G 808 51.12 -4.49 -68.78
CA VAL G 808 50.02 -5.00 -67.96
C VAL G 808 49.27 -6.13 -68.66
N VAL G 809 49.05 -6.02 -69.98
CA VAL G 809 48.26 -7.04 -70.66
C VAL G 809 49.08 -8.24 -71.13
N ALA G 810 50.41 -8.20 -71.00
CA ALA G 810 51.20 -9.36 -71.38
C ALA G 810 50.77 -10.55 -70.54
N ASN G 811 50.43 -11.65 -71.22
CA ASN G 811 50.05 -12.89 -70.56
C ASN G 811 48.74 -12.76 -69.79
N LEU G 812 47.81 -11.94 -70.27
CA LEU G 812 46.54 -11.71 -69.59
C LEU G 812 45.36 -12.18 -70.43
N GLN G 813 44.54 -13.04 -69.83
CA GLN G 813 43.39 -13.65 -70.52
C GLN G 813 42.05 -13.14 -70.00
N TYR G 814 41.25 -12.59 -70.94
CA TYR G 814 39.91 -12.09 -70.70
C TYR G 814 38.87 -13.00 -71.35
N ASP G 815 37.64 -12.99 -70.80
CA ASP G 815 36.56 -13.84 -71.29
C ASP G 815 35.54 -12.94 -71.99
N ASP G 816 35.76 -12.76 -73.29
CA ASP G 816 34.87 -11.96 -74.13
C ASP G 816 33.54 -12.67 -74.32
N GLY G 817 32.46 -11.97 -73.96
CA GLY G 817 31.10 -12.46 -74.05
C GLY G 817 30.75 -13.60 -73.10
N SER G 818 30.80 -14.84 -73.58
CA SER G 818 30.54 -16.00 -72.73
C SER G 818 31.13 -17.24 -73.38
N GLY G 819 32.12 -17.83 -72.72
CA GLY G 819 32.78 -19.02 -73.18
C GLY G 819 34.10 -18.78 -73.88
N MET G 820 34.25 -17.65 -74.56
CA MET G 820 35.44 -17.37 -75.36
C MET G 820 36.48 -16.73 -74.44
N LYS G 821 37.58 -17.43 -74.24
CA LYS G 821 38.71 -16.93 -73.46
C LYS G 821 39.82 -16.58 -74.45
N ARG G 822 40.19 -15.30 -74.48
CA ARG G 822 41.19 -14.79 -75.39
C ARG G 822 42.11 -13.85 -74.62
N GLU G 823 43.41 -13.90 -74.90
CA GLU G 823 44.27 -12.94 -74.24
C GLU G 823 43.79 -11.55 -74.61
N ALA G 824 43.73 -10.68 -73.61
CA ALA G 824 43.09 -9.39 -73.81
C ALA G 824 44.11 -8.43 -74.40
N THR G 825 43.61 -7.56 -75.24
CA THR G 825 44.38 -6.47 -75.80
C THR G 825 44.23 -5.30 -74.84
N ALA G 826 45.18 -4.36 -74.91
CA ALA G 826 45.04 -3.18 -74.06
C ALA G 826 43.67 -2.56 -74.27
N ASP G 827 43.14 -2.64 -75.49
CA ASP G 827 41.82 -2.10 -75.76
C ASP G 827 40.76 -2.85 -74.97
N ASP G 828 40.92 -4.17 -74.79
CA ASP G 828 39.94 -4.90 -73.98
C ASP G 828 39.91 -4.39 -72.53
N LEU G 829 41.08 -4.13 -71.95
CA LEU G 829 41.16 -3.66 -70.58
C LEU G 829 40.74 -2.19 -70.45
N ILE G 830 41.06 -1.37 -71.44
CA ILE G 830 40.64 0.03 -71.39
C ILE G 830 39.13 0.14 -71.34
N LYS G 831 38.42 -0.76 -72.03
CA LYS G 831 36.97 -0.77 -71.94
C LYS G 831 36.52 -1.18 -70.54
N VAL G 832 37.19 -2.17 -69.95
CA VAL G 832 36.83 -2.66 -68.62
C VAL G 832 37.01 -1.55 -67.58
N VAL G 833 38.15 -0.85 -67.63
CA VAL G 833 38.38 0.23 -66.69
C VAL G 833 37.43 1.38 -66.93
N GLU G 834 37.18 1.72 -68.20
CA GLU G 834 36.31 2.86 -68.50
C GLU G 834 34.87 2.61 -68.02
N GLU G 835 34.37 1.38 -68.14
CA GLU G 835 33.04 1.08 -67.61
C GLU G 835 32.99 1.25 -66.10
N LEU G 836 34.07 0.92 -65.41
CA LEU G 836 34.08 1.06 -63.95
C LEU G 836 34.08 2.51 -63.53
N THR G 837 34.62 3.42 -64.36
CA THR G 837 34.61 4.84 -64.00
C THR G 837 33.22 5.44 -64.06
N ARG G 838 32.20 4.71 -64.54
CA ARG G 838 30.89 5.33 -64.64
C ARG G 838 30.13 5.25 -63.32
N ILE G 839 30.47 4.28 -62.48
CA ILE G 839 29.78 4.09 -61.20
C ILE G 839 30.10 5.23 -60.24
N HIS G 840 31.27 5.86 -60.38
CA HIS G 840 31.72 6.92 -59.47
C HIS G 840 31.42 8.28 -60.09
N THR H 7 20.37 -30.10 -2.89
CA THR H 7 21.35 -29.38 -2.08
C THR H 7 22.29 -28.56 -2.97
N GLU H 8 23.20 -27.82 -2.34
CA GLU H 8 24.14 -26.98 -3.06
C GLU H 8 25.15 -27.76 -3.89
N SER H 9 25.31 -29.06 -3.60
CA SER H 9 26.38 -29.87 -4.19
C SER H 9 25.95 -30.74 -5.36
N ASP H 10 24.65 -30.95 -5.55
CA ASP H 10 24.16 -31.95 -6.50
C ASP H 10 24.14 -31.34 -7.89
N TRP H 11 25.34 -31.24 -8.47
CA TRP H 11 25.50 -30.65 -9.78
C TRP H 11 25.04 -31.61 -10.86
N GLY H 12 24.71 -31.04 -12.01
CA GLY H 12 24.34 -31.83 -13.15
C GLY H 12 22.88 -32.21 -13.23
N LYS H 13 22.08 -31.90 -12.21
CA LYS H 13 20.67 -32.28 -12.18
C LYS H 13 19.75 -31.14 -12.57
N ARG H 14 19.98 -29.95 -12.03
CA ARG H 14 19.15 -28.80 -12.35
C ARG H 14 19.21 -28.47 -13.84
N CYS H 15 18.06 -28.07 -14.38
CA CYS H 15 17.90 -27.85 -15.81
C CYS H 15 18.26 -26.43 -16.18
N VAL H 16 18.78 -26.26 -17.40
CA VAL H 16 19.14 -24.95 -17.90
C VAL H 16 17.92 -24.07 -18.14
N ASP H 17 16.71 -24.63 -18.00
CA ASP H 17 15.51 -23.81 -18.04
C ASP H 17 15.54 -22.69 -17.02
N LYS H 18 16.28 -22.86 -15.94
CA LYS H 18 16.38 -21.88 -14.87
C LYS H 18 17.14 -20.64 -15.29
N PHE H 19 17.65 -20.58 -16.53
CA PHE H 19 18.33 -19.41 -17.05
C PHE H 19 17.63 -18.88 -18.30
N ASP H 20 17.56 -17.55 -18.40
CA ASP H 20 17.16 -16.88 -19.64
C ASP H 20 18.42 -16.59 -20.46
N ILE H 21 18.57 -17.27 -21.59
CA ILE H 21 19.74 -17.03 -22.45
C ILE H 21 19.60 -15.66 -23.08
N ILE H 22 20.68 -14.88 -23.06
CA ILE H 22 20.64 -13.52 -23.58
C ILE H 22 21.30 -13.41 -24.95
N GLY H 23 22.46 -14.02 -25.11
CA GLY H 23 23.15 -14.02 -26.39
C GLY H 23 24.36 -14.94 -26.29
N ILE H 24 25.05 -15.08 -27.41
CA ILE H 24 26.25 -15.90 -27.48
C ILE H 24 27.44 -14.94 -27.37
N ILE H 25 28.16 -15.02 -26.24
CA ILE H 25 29.31 -14.14 -26.00
C ILE H 25 30.51 -14.58 -26.81
N GLY H 26 30.78 -15.88 -26.88
CA GLY H 26 31.95 -16.33 -27.61
C GLY H 26 31.83 -17.80 -27.98
N GLU H 27 32.80 -18.22 -28.80
CA GLU H 27 32.94 -19.62 -29.20
C GLU H 27 34.15 -20.21 -28.48
N GLY H 28 33.89 -21.21 -27.65
CA GLY H 28 34.93 -21.83 -26.86
C GLY H 28 35.53 -23.05 -27.56
N THR H 29 36.52 -23.65 -26.90
CA THR H 29 37.24 -24.77 -27.50
C THR H 29 36.33 -25.98 -27.69
N TYR H 30 35.57 -26.33 -26.66
CA TYR H 30 34.73 -27.52 -26.66
C TYR H 30 33.25 -27.21 -26.88
N GLY H 31 32.88 -25.93 -26.95
CA GLY H 31 31.50 -25.56 -27.26
C GLY H 31 31.38 -24.06 -27.39
N GLN H 32 30.14 -23.60 -27.49
CA GLN H 32 29.81 -22.18 -27.51
C GLN H 32 29.55 -21.67 -26.08
N VAL H 33 30.05 -20.46 -25.78
CA VAL H 33 29.79 -19.80 -24.50
C VAL H 33 28.64 -18.81 -24.67
N TYR H 34 27.70 -18.82 -23.73
CA TYR H 34 26.52 -17.94 -23.78
C TYR H 34 26.45 -17.08 -22.51
N LYS H 35 25.91 -15.85 -22.65
CA LYS H 35 25.59 -15.00 -21.51
C LYS H 35 24.14 -15.27 -21.12
N ALA H 36 23.87 -15.40 -19.82
CA ALA H 36 22.53 -15.77 -19.38
C ALA H 36 22.18 -15.07 -18.07
N LYS H 37 20.87 -14.99 -17.79
CA LYS H 37 20.36 -14.41 -16.55
C LYS H 37 19.61 -15.50 -15.78
N ASP H 38 19.95 -15.66 -14.50
CA ASP H 38 19.27 -16.61 -13.64
C ASP H 38 17.85 -16.12 -13.31
N LYS H 39 16.86 -16.99 -13.54
CA LYS H 39 15.47 -16.60 -13.34
C LYS H 39 15.11 -16.37 -11.88
N ASP H 40 15.72 -17.11 -10.94
CA ASP H 40 15.34 -16.93 -9.55
C ASP H 40 16.06 -15.75 -8.91
N THR H 41 17.37 -15.62 -9.16
CA THR H 41 18.21 -14.63 -8.48
C THR H 41 18.46 -13.39 -9.30
N GLY H 42 18.37 -13.47 -10.62
CA GLY H 42 18.70 -12.37 -11.49
C GLY H 42 20.18 -12.20 -11.79
N GLU H 43 21.04 -13.04 -11.22
CA GLU H 43 22.46 -12.91 -11.46
C GLU H 43 22.78 -13.16 -12.93
N LEU H 44 23.79 -12.44 -13.42
CA LEU H 44 24.30 -12.70 -14.75
C LEU H 44 25.35 -13.79 -14.64
N VAL H 45 25.22 -14.83 -15.47
CA VAL H 45 26.12 -15.97 -15.48
C VAL H 45 26.57 -16.16 -16.92
N ALA H 46 27.55 -17.03 -17.12
CA ALA H 46 27.99 -17.41 -18.46
C ALA H 46 28.04 -18.94 -18.53
N LEU H 47 27.32 -19.50 -19.48
CA LEU H 47 27.23 -20.95 -19.67
C LEU H 47 28.19 -21.40 -20.75
N LYS H 48 29.03 -22.39 -20.43
CA LYS H 48 29.88 -23.05 -21.42
C LYS H 48 29.19 -24.37 -21.82
N LYS H 49 28.72 -24.46 -23.06
CA LYS H 49 28.01 -25.65 -23.49
C LYS H 49 29.01 -26.75 -23.82
N VAL H 50 28.73 -27.94 -23.30
CA VAL H 50 29.48 -29.16 -23.54
C VAL H 50 28.55 -30.14 -24.23
N ARG H 51 28.89 -30.54 -25.44
CA ARG H 51 28.03 -31.43 -26.21
C ARG H 51 28.62 -32.84 -26.15
N LEU H 52 27.86 -33.77 -25.56
CA LEU H 52 28.24 -35.17 -25.59
C LEU H 52 27.62 -35.89 -26.76
N ASP H 53 27.01 -35.14 -27.68
CA ASP H 53 26.36 -35.72 -28.83
C ASP H 53 27.34 -36.15 -29.91
N ASN H 54 28.50 -35.49 -30.05
CA ASN H 54 29.46 -35.99 -31.03
C ASN H 54 29.84 -37.41 -30.64
N GLU H 55 30.04 -37.64 -29.34
CA GLU H 55 30.27 -38.99 -28.82
C GLU H 55 31.42 -39.67 -29.56
N LYS H 56 32.35 -38.86 -30.06
CA LYS H 56 33.60 -39.42 -30.56
C LYS H 56 34.37 -40.07 -29.42
N GLU H 57 34.59 -39.34 -28.34
CA GLU H 57 35.15 -39.88 -27.11
C GLU H 57 34.36 -39.34 -25.92
N GLY H 58 33.06 -39.19 -26.09
CA GLY H 58 32.21 -38.87 -24.95
C GLY H 58 32.48 -37.48 -24.43
N PHE H 59 32.28 -37.31 -23.13
CA PHE H 59 32.54 -36.02 -22.49
C PHE H 59 33.96 -35.58 -22.80
N PRO H 60 34.16 -34.33 -23.23
CA PRO H 60 35.52 -33.89 -23.58
C PRO H 60 36.43 -33.84 -22.37
N ILE H 61 37.67 -34.28 -22.58
CA ILE H 61 38.64 -34.22 -21.49
C ILE H 61 38.99 -32.77 -21.20
N THR H 62 38.95 -31.89 -22.21
CA THR H 62 39.20 -30.48 -21.99
C THR H 62 38.25 -29.90 -20.95
N ALA H 63 36.97 -30.29 -21.01
CA ALA H 63 36.01 -29.85 -20.01
C ALA H 63 36.18 -30.59 -18.68
N ILE H 64 36.55 -31.88 -18.73
CA ILE H 64 36.81 -32.63 -17.51
C ILE H 64 37.92 -31.96 -16.71
N ARG H 65 38.92 -31.42 -17.39
CA ARG H 65 39.97 -30.70 -16.68
C ARG H 65 39.40 -29.46 -15.99
N GLU H 66 38.65 -28.65 -16.72
CA GLU H 66 38.12 -27.42 -16.14
C GLU H 66 37.19 -27.71 -14.96
N ILE H 67 36.45 -28.82 -15.01
CA ILE H 67 35.57 -29.17 -13.89
C ILE H 67 36.40 -29.71 -12.74
N LYS H 68 37.34 -30.59 -13.05
CA LYS H 68 38.17 -31.21 -12.02
C LYS H 68 38.97 -30.16 -11.28
N ILE H 69 39.50 -29.18 -12.00
CA ILE H 69 40.45 -28.24 -11.42
C ILE H 69 39.73 -27.10 -10.73
N LEU H 70 38.73 -26.51 -11.38
CA LEU H 70 38.11 -25.32 -10.80
C LEU H 70 37.30 -25.64 -9.54
N ARG H 71 36.74 -26.85 -9.43
CA ARG H 71 36.10 -27.20 -8.16
C ARG H 71 37.11 -27.33 -7.02
N GLN H 72 38.40 -27.40 -7.34
CA GLN H 72 39.49 -27.43 -6.39
C GLN H 72 40.00 -26.05 -6.04
N LEU H 73 39.92 -25.10 -6.97
CA LEU H 73 40.51 -23.78 -6.85
C LEU H 73 39.47 -22.76 -6.44
N ILE H 74 39.74 -22.03 -5.37
CA ILE H 74 38.86 -20.98 -4.90
C ILE H 74 39.75 -19.76 -4.64
N HIS H 75 39.74 -18.79 -5.55
CA HIS H 75 40.51 -17.58 -5.38
C HIS H 75 39.82 -16.45 -6.11
N ARG H 76 40.01 -15.21 -5.61
CA ARG H 76 39.35 -14.04 -6.16
C ARG H 76 39.81 -13.76 -7.58
N SER H 77 40.96 -14.26 -7.99
CA SER H 77 41.52 -13.99 -9.31
C SER H 77 41.44 -15.20 -10.22
N VAL H 78 40.62 -16.18 -9.86
CA VAL H 78 40.44 -17.40 -10.66
C VAL H 78 38.95 -17.54 -10.92
N VAL H 79 38.57 -17.66 -12.19
CA VAL H 79 37.16 -17.66 -12.54
C VAL H 79 36.46 -18.76 -11.76
N ASN H 80 35.24 -18.48 -11.31
CA ASN H 80 34.54 -19.39 -10.43
C ASN H 80 33.52 -20.20 -11.22
N MET H 81 33.55 -21.51 -11.06
CA MET H 81 32.51 -22.39 -11.58
C MET H 81 31.43 -22.55 -10.49
N LYS H 82 30.21 -22.12 -10.81
CA LYS H 82 29.10 -22.09 -9.86
C LYS H 82 28.32 -23.41 -9.81
N GLU H 83 27.98 -23.98 -10.96
CA GLU H 83 27.30 -25.27 -10.97
C GLU H 83 27.31 -25.79 -12.40
N ILE H 84 26.74 -26.97 -12.59
CA ILE H 84 26.57 -27.58 -13.91
C ILE H 84 25.11 -27.94 -14.08
N VAL H 85 24.53 -27.56 -15.21
CA VAL H 85 23.14 -27.79 -15.53
C VAL H 85 23.07 -28.55 -16.85
N THR H 86 21.88 -29.07 -17.16
CA THR H 86 21.70 -29.96 -18.30
C THR H 86 20.53 -29.52 -19.15
N ASP H 87 20.53 -29.96 -20.40
CA ASP H 87 19.37 -29.80 -21.26
C ASP H 87 18.21 -30.66 -20.76
N LYS H 88 16.98 -30.21 -21.08
CA LYS H 88 15.80 -30.96 -20.72
C LYS H 88 15.88 -32.37 -21.29
N GLN H 89 15.92 -33.37 -20.41
CA GLN H 89 15.98 -34.76 -20.87
C GLN H 89 14.55 -35.17 -21.25
N ASP H 90 14.19 -34.86 -22.49
CA ASP H 90 12.84 -35.17 -22.97
C ASP H 90 12.66 -36.67 -23.11
N ALA H 91 13.70 -37.38 -23.53
CA ALA H 91 13.60 -38.81 -23.72
C ALA H 91 13.67 -39.44 -22.33
N LEU H 92 12.68 -40.28 -22.02
CA LEU H 92 12.65 -40.93 -20.72
C LEU H 92 13.89 -41.78 -20.49
N ASP H 93 14.24 -42.60 -21.47
CA ASP H 93 15.41 -43.46 -21.39
C ASP H 93 16.70 -42.65 -21.55
N PHE H 94 17.64 -42.85 -20.62
CA PHE H 94 18.92 -42.14 -20.72
C PHE H 94 19.67 -42.54 -21.99
N LYS H 95 19.48 -43.76 -22.47
CA LYS H 95 20.11 -44.19 -23.73
C LYS H 95 19.58 -43.38 -24.90
N LYS H 96 18.29 -43.09 -24.91
CA LYS H 96 17.70 -42.27 -25.96
C LYS H 96 18.19 -40.82 -25.86
N ASP H 97 18.34 -40.32 -24.64
CA ASP H 97 18.74 -38.93 -24.39
C ASP H 97 20.15 -38.66 -24.92
N LYS H 98 20.28 -37.60 -25.72
CA LYS H 98 21.55 -37.11 -26.25
C LYS H 98 21.66 -35.59 -26.09
N GLY H 99 21.29 -35.09 -24.91
CA GLY H 99 21.38 -33.68 -24.59
C GLY H 99 22.79 -33.17 -24.38
N ALA H 100 22.92 -31.95 -23.88
CA ALA H 100 24.21 -31.36 -23.56
C ALA H 100 24.27 -30.95 -22.09
N PHE H 101 25.48 -30.62 -21.61
CA PHE H 101 25.66 -30.05 -20.29
C PHE H 101 26.19 -28.63 -20.43
N TYR H 102 25.88 -27.78 -19.45
CA TYR H 102 26.30 -26.39 -19.44
C TYR H 102 27.05 -26.12 -18.14
N LEU H 103 28.25 -25.56 -18.25
CA LEU H 103 29.05 -25.16 -17.08
C LEU H 103 28.73 -23.71 -16.73
N VAL H 104 28.16 -23.48 -15.56
CA VAL H 104 27.80 -22.13 -15.13
C VAL H 104 29.01 -21.45 -14.52
N PHE H 105 29.29 -20.23 -14.97
CA PHE H 105 30.35 -19.40 -14.45
C PHE H 105 29.79 -18.02 -14.11
N GLU H 106 30.51 -17.30 -13.26
CA GLU H 106 30.24 -15.87 -13.06
C GLU H 106 30.52 -15.09 -14.34
N TYR H 107 29.67 -14.10 -14.64
CA TYR H 107 29.86 -13.32 -15.87
C TYR H 107 30.82 -12.17 -15.56
N MET H 108 31.85 -12.04 -16.38
CA MET H 108 32.82 -10.94 -16.34
C MET H 108 32.49 -10.03 -17.52
N ASP H 109 32.51 -8.71 -17.28
CA ASP H 109 31.98 -7.79 -18.26
C ASP H 109 32.79 -7.80 -19.55
N HIS H 110 34.12 -7.79 -19.44
CA HIS H 110 35.02 -7.66 -20.58
C HIS H 110 36.14 -8.70 -20.52
N ASP H 111 36.90 -8.76 -21.62
CA ASP H 111 38.14 -9.54 -21.69
C ASP H 111 39.26 -8.62 -22.18
N LEU H 112 40.49 -8.90 -21.73
CA LEU H 112 41.56 -7.93 -21.96
C LEU H 112 41.76 -7.67 -23.46
N MET H 113 41.61 -8.71 -24.29
CA MET H 113 41.81 -8.53 -25.72
C MET H 113 40.79 -7.55 -26.31
N GLY H 114 39.52 -7.69 -25.95
CA GLY H 114 38.53 -6.78 -26.48
C GLY H 114 38.80 -5.33 -26.13
N LEU H 115 39.26 -5.09 -24.89
CA LEU H 115 39.54 -3.73 -24.46
C LEU H 115 40.77 -3.15 -25.15
N LEU H 116 41.79 -3.97 -25.36
CA LEU H 116 43.04 -3.46 -25.91
C LEU H 116 42.96 -3.32 -27.44
N GLU H 117 42.34 -4.29 -28.11
CA GLU H 117 42.18 -4.21 -29.57
C GLU H 117 41.43 -2.95 -29.96
N SER H 118 40.38 -2.60 -29.19
CA SER H 118 39.66 -1.36 -29.43
C SER H 118 40.56 -0.15 -29.21
N GLY H 119 41.57 -0.28 -28.35
CA GLY H 119 42.36 0.88 -28.01
C GLY H 119 41.70 1.81 -27.03
N LEU H 120 40.58 1.37 -26.45
CA LEU H 120 39.75 2.21 -25.62
C LEU H 120 40.43 2.43 -24.28
N VAL H 121 41.08 1.39 -23.76
CA VAL H 121 41.60 1.42 -22.41
C VAL H 121 42.96 2.10 -22.40
N HIS H 122 43.17 2.90 -21.36
CA HIS H 122 44.46 3.46 -21.00
C HIS H 122 44.81 2.96 -19.60
N PHE H 123 45.95 2.29 -19.48
CA PHE H 123 46.36 1.74 -18.20
C PHE H 123 47.44 2.65 -17.62
N SER H 124 47.18 3.17 -16.43
CA SER H 124 48.15 3.92 -15.68
C SER H 124 49.05 2.95 -14.91
N GLU H 125 50.21 3.43 -14.50
CA GLU H 125 51.11 2.55 -13.77
C GLU H 125 50.38 1.89 -12.60
N ASP H 126 49.56 2.65 -11.89
CA ASP H 126 48.86 2.11 -10.74
C ASP H 126 47.77 1.12 -11.14
N HIS H 127 47.29 1.20 -12.39
CA HIS H 127 46.38 0.16 -12.87
C HIS H 127 47.14 -1.12 -13.19
N ILE H 128 48.29 -0.98 -13.87
CA ILE H 128 49.09 -2.15 -14.18
C ILE H 128 49.54 -2.82 -12.89
N LYS H 129 49.75 -2.04 -11.84
CA LYS H 129 50.09 -2.64 -10.55
C LYS H 129 48.94 -3.49 -10.02
N SER H 130 47.70 -2.95 -10.06
CA SER H 130 46.57 -3.72 -9.56
C SER H 130 46.26 -4.92 -10.45
N PHE H 131 46.44 -4.76 -11.77
CA PHE H 131 46.19 -5.86 -12.70
C PHE H 131 47.14 -7.02 -12.40
N MET H 132 48.44 -6.74 -12.32
CA MET H 132 49.41 -7.81 -12.17
C MET H 132 49.40 -8.38 -10.75
N LYS H 133 49.13 -7.54 -9.75
CA LYS H 133 49.03 -8.04 -8.38
C LYS H 133 47.96 -9.13 -8.31
N GLN H 134 46.81 -8.87 -8.93
CA GLN H 134 45.77 -9.90 -8.92
C GLN H 134 46.16 -11.08 -9.80
N LEU H 135 46.61 -10.82 -11.03
CA LEU H 135 46.92 -11.92 -11.92
C LEU H 135 47.98 -12.83 -11.31
N MET H 136 49.07 -12.24 -10.82
CA MET H 136 50.15 -13.06 -10.28
C MET H 136 49.76 -13.72 -8.96
N GLU H 137 48.88 -13.09 -8.18
CA GLU H 137 48.38 -13.77 -6.99
C GLU H 137 47.57 -15.01 -7.36
N GLY H 138 46.76 -14.93 -8.41
CA GLY H 138 46.03 -16.10 -8.86
C GLY H 138 46.96 -17.21 -9.33
N LEU H 139 47.96 -16.86 -10.11
CA LEU H 139 48.91 -17.85 -10.58
C LEU H 139 49.62 -18.53 -9.41
N GLU H 140 49.94 -17.76 -8.36
CA GLU H 140 50.54 -18.37 -7.18
C GLU H 140 49.61 -19.39 -6.55
N TYR H 141 48.32 -19.04 -6.42
CA TYR H 141 47.36 -19.99 -5.88
C TYR H 141 47.37 -21.29 -6.69
N CYS H 142 47.25 -21.16 -8.01
CA CYS H 142 47.21 -22.33 -8.89
C CYS H 142 48.54 -23.07 -8.91
N HIS H 143 49.65 -22.33 -8.98
CA HIS H 143 50.95 -23.00 -9.01
C HIS H 143 51.23 -23.68 -7.67
N LYS H 144 50.85 -23.05 -6.56
CA LYS H 144 51.03 -23.71 -5.27
C LYS H 144 50.15 -24.95 -5.15
N LYS H 145 49.04 -25.03 -5.87
CA LYS H 145 48.24 -26.25 -5.90
C LYS H 145 48.75 -27.20 -6.98
N ASN H 146 49.94 -26.94 -7.51
CA ASN H 146 50.59 -27.76 -8.53
C ASN H 146 49.74 -27.91 -9.79
N PHE H 147 49.14 -26.81 -10.23
CA PHE H 147 48.38 -26.77 -11.47
C PHE H 147 49.06 -25.79 -12.43
N LEU H 148 49.13 -26.18 -13.69
CA LEU H 148 49.75 -25.36 -14.74
C LEU H 148 48.64 -24.85 -15.65
N HIS H 149 48.64 -23.55 -15.92
CA HIS H 149 47.56 -23.01 -16.75
C HIS H 149 47.70 -23.44 -18.20
N ARG H 150 48.87 -23.21 -18.79
CA ARG H 150 49.25 -23.72 -20.09
C ARG H 150 48.52 -23.01 -21.22
N ASP H 151 47.68 -22.02 -20.93
CA ASP H 151 47.05 -21.27 -22.01
C ASP H 151 46.79 -19.83 -21.61
N ILE H 152 47.81 -19.11 -21.19
CA ILE H 152 47.65 -17.71 -20.79
C ILE H 152 47.78 -16.82 -22.01
N LYS H 153 46.66 -16.20 -22.41
CA LYS H 153 46.61 -15.23 -23.48
C LYS H 153 45.69 -14.10 -23.01
N CYS H 154 45.69 -12.99 -23.74
CA CYS H 154 44.89 -11.85 -23.29
C CYS H 154 43.41 -12.19 -23.18
N SER H 155 42.89 -12.96 -24.14
CA SER H 155 41.47 -13.32 -24.11
C SER H 155 41.08 -14.17 -22.91
N ASN H 156 42.02 -14.87 -22.29
CA ASN H 156 41.72 -15.75 -21.15
C ASN H 156 41.83 -15.04 -19.81
N ILE H 157 42.21 -13.77 -19.77
CA ILE H 157 42.12 -12.95 -18.57
C ILE H 157 40.85 -12.11 -18.70
N LEU H 158 39.92 -12.32 -17.77
CA LEU H 158 38.64 -11.62 -17.81
C LEU H 158 38.66 -10.51 -16.78
N LEU H 159 38.13 -9.35 -17.16
CA LEU H 159 38.14 -8.13 -16.37
C LEU H 159 36.72 -7.62 -16.26
N ASN H 160 36.26 -7.32 -15.05
CA ASN H 160 34.97 -6.67 -14.90
C ASN H 160 35.21 -5.19 -14.67
N ASN H 161 34.16 -4.38 -14.87
CA ASN H 161 34.35 -2.92 -14.86
C ASN H 161 34.87 -2.40 -13.52
N SER H 162 34.64 -3.12 -12.43
CA SER H 162 35.07 -2.68 -11.11
C SER H 162 36.56 -2.74 -10.90
N GLY H 163 37.31 -3.38 -11.80
CA GLY H 163 38.75 -3.49 -11.67
C GLY H 163 39.25 -4.83 -11.20
N GLN H 164 38.36 -5.80 -10.97
CA GLN H 164 38.75 -7.14 -10.64
C GLN H 164 39.17 -7.93 -11.88
N ILE H 165 40.21 -8.74 -11.71
CA ILE H 165 40.77 -9.56 -12.77
C ILE H 165 40.57 -11.03 -12.39
N LYS H 166 40.21 -11.86 -13.36
CA LYS H 166 40.11 -13.31 -13.17
C LYS H 166 40.74 -14.05 -14.35
N LEU H 167 41.47 -15.13 -14.03
CA LEU H 167 42.04 -16.05 -15.01
C LEU H 167 40.99 -17.08 -15.40
N ALA H 168 41.04 -17.56 -16.70
CA ALA H 168 39.76 -18.16 -17.09
C ALA H 168 39.75 -19.49 -17.84
N ASP H 169 40.63 -19.73 -18.79
CA ASP H 169 40.47 -20.94 -19.60
C ASP H 169 41.43 -22.00 -19.06
N PHE H 170 40.94 -22.82 -18.14
CA PHE H 170 41.68 -23.93 -17.56
C PHE H 170 41.51 -25.23 -18.35
N GLY H 171 41.02 -25.13 -19.59
CA GLY H 171 40.85 -26.31 -20.42
C GLY H 171 42.13 -27.08 -20.71
N LEU H 172 43.26 -26.38 -20.77
CA LEU H 172 44.54 -27.04 -21.02
C LEU H 172 45.38 -27.22 -19.75
N ALA H 173 44.76 -27.18 -18.58
CA ALA H 173 45.50 -27.22 -17.32
C ALA H 173 45.80 -28.65 -16.87
N ARG H 174 47.00 -28.85 -16.33
CA ARG H 174 47.42 -30.15 -15.85
C ARG H 174 48.22 -29.99 -14.56
N LEU H 175 48.29 -31.07 -13.80
CA LEU H 175 49.05 -31.12 -12.54
C LEU H 175 50.54 -31.24 -12.83
N TYR H 176 51.36 -30.65 -11.96
CA TYR H 176 52.81 -30.67 -12.09
C TYR H 176 53.40 -31.39 -10.88
N ASN H 177 54.21 -32.41 -11.13
CA ASN H 177 55.01 -33.04 -10.08
C ASN H 177 56.48 -32.86 -10.44
N SER H 178 57.23 -32.17 -9.59
CA SER H 178 58.66 -31.96 -9.84
C SER H 178 59.44 -33.26 -9.66
N GLU H 179 59.10 -34.04 -8.64
CA GLU H 179 59.80 -35.30 -8.37
C GLU H 179 59.62 -36.30 -9.50
N GLU H 180 58.47 -36.30 -10.16
CA GLU H 180 58.12 -37.23 -11.24
C GLU H 180 58.04 -36.47 -12.55
N SER H 181 59.11 -36.55 -13.36
CA SER H 181 59.08 -35.95 -14.68
C SER H 181 58.21 -36.80 -15.63
N ARG H 182 57.17 -36.19 -16.19
CA ARG H 182 56.31 -36.89 -17.13
C ARG H 182 56.29 -36.12 -18.45
N PRO H 183 56.28 -36.81 -19.59
CA PRO H 183 56.24 -36.07 -20.88
C PRO H 183 54.91 -35.33 -21.05
N TYR H 184 54.99 -34.06 -21.45
CA TYR H 184 53.80 -33.24 -21.61
C TYR H 184 53.72 -32.76 -23.08
N ASN H 186 54.07 -30.50 -26.14
CA ASN H 186 55.03 -29.43 -26.42
C ASN H 186 54.43 -28.11 -26.86
N LYS H 187 53.35 -28.19 -27.63
CA LYS H 187 52.74 -27.03 -28.26
C LYS H 187 51.57 -26.55 -27.43
N VAL H 188 51.84 -25.96 -26.26
CA VAL H 188 50.72 -25.72 -25.37
C VAL H 188 50.22 -24.28 -25.26
N ILE H 189 51.05 -23.26 -25.48
CA ILE H 189 50.58 -21.87 -25.35
C ILE H 189 50.59 -21.18 -26.71
N THR H 190 49.72 -20.17 -26.86
CA THR H 190 49.65 -19.43 -28.12
C THR H 190 50.98 -18.78 -28.44
N LEU H 191 51.36 -18.77 -29.72
CA LEU H 191 52.75 -18.46 -30.07
C LEU H 191 53.22 -17.15 -29.47
N TRP H 192 52.38 -16.12 -29.50
CA TRP H 192 52.79 -14.81 -29.02
C TRP H 192 53.21 -14.87 -27.55
N TYR H 193 52.48 -15.64 -26.75
CA TYR H 193 52.77 -15.78 -25.33
C TYR H 193 53.48 -17.09 -25.01
N ARG H 194 54.03 -17.80 -26.04
CA ARG H 194 54.71 -19.06 -25.79
C ARG H 194 56.14 -18.80 -25.34
N PRO H 195 56.63 -19.54 -24.35
CA PRO H 195 58.00 -19.34 -23.84
C PRO H 195 59.06 -19.90 -24.78
N PRO H 196 60.30 -19.43 -24.64
CA PRO H 196 61.37 -19.95 -25.52
C PRO H 196 61.61 -21.44 -25.35
N GLU H 197 61.47 -21.94 -24.13
CA GLU H 197 61.74 -23.35 -23.89
C GLU H 197 60.81 -24.25 -24.71
N LEU H 198 59.53 -23.92 -24.74
CA LEU H 198 58.56 -24.69 -25.52
C LEU H 198 58.80 -24.51 -27.01
N LEU H 199 59.30 -23.34 -27.42
CA LEU H 199 59.64 -23.17 -28.82
C LEU H 199 60.82 -24.06 -29.20
N LEU H 200 61.74 -24.27 -28.28
CA LEU H 200 62.90 -25.13 -28.51
C LEU H 200 62.65 -26.59 -28.17
N GLY H 201 61.40 -26.99 -27.95
CA GLY H 201 61.01 -28.38 -27.94
C GLY H 201 60.95 -29.10 -26.61
N GLU H 202 61.00 -28.38 -25.49
CA GLU H 202 60.97 -29.04 -24.19
C GLU H 202 59.57 -29.61 -23.93
N GLU H 203 59.50 -30.91 -23.65
CA GLU H 203 58.23 -31.57 -23.33
C GLU H 203 58.02 -31.81 -21.84
N ARG H 204 59.01 -31.48 -21.00
CA ARG H 204 58.95 -31.65 -19.54
C ARG H 204 59.15 -30.30 -18.87
N TYR H 205 58.12 -29.47 -18.91
CA TYR H 205 58.28 -28.09 -18.51
C TYR H 205 57.87 -27.76 -17.07
N THR H 206 58.41 -26.62 -16.62
CA THR H 206 58.13 -26.05 -15.32
C THR H 206 56.83 -25.26 -15.36
N PRO H 207 56.33 -24.87 -14.19
CA PRO H 207 55.24 -23.88 -14.16
C PRO H 207 55.68 -22.51 -14.63
N ALA H 208 56.97 -22.32 -14.88
CA ALA H 208 57.46 -21.04 -15.38
C ALA H 208 57.00 -20.77 -16.81
N ILE H 209 56.39 -21.76 -17.49
CA ILE H 209 55.81 -21.46 -18.80
C ILE H 209 54.76 -20.38 -18.64
N ASP H 210 53.98 -20.43 -17.55
CA ASP H 210 52.95 -19.44 -17.29
C ASP H 210 53.56 -18.09 -16.93
N VAL H 211 54.66 -18.09 -16.18
CA VAL H 211 55.25 -16.80 -15.84
C VAL H 211 55.68 -16.07 -17.11
N TRP H 212 56.27 -16.78 -18.07
CA TRP H 212 56.65 -16.13 -19.32
C TRP H 212 55.44 -15.46 -19.97
N SER H 213 54.31 -16.16 -20.05
CA SER H 213 53.13 -15.58 -20.66
C SER H 213 52.72 -14.29 -19.94
N CYS H 214 52.67 -14.34 -18.61
CA CYS H 214 52.26 -13.15 -17.87
C CYS H 214 53.24 -12.01 -18.06
N GLY H 215 54.52 -12.32 -18.23
CA GLY H 215 55.49 -11.29 -18.49
C GLY H 215 55.23 -10.63 -19.83
N CYS H 216 54.92 -11.43 -20.85
CA CYS H 216 54.51 -10.85 -22.12
C CYS H 216 53.33 -9.89 -21.90
N ILE H 217 52.39 -10.27 -21.04
CA ILE H 217 51.27 -9.37 -20.76
C ILE H 217 51.75 -8.11 -20.05
N LEU H 218 52.65 -8.25 -19.08
CA LEU H 218 53.14 -7.06 -18.39
C LEU H 218 53.64 -6.02 -19.37
N GLY H 219 54.45 -6.44 -20.34
CA GLY H 219 54.90 -5.50 -21.35
C GLY H 219 53.79 -4.98 -22.24
N GLU H 220 52.84 -5.84 -22.57
CA GLU H 220 51.73 -5.44 -23.44
C GLU H 220 50.88 -4.36 -22.79
N LEU H 221 50.85 -4.32 -21.46
CA LEU H 221 50.10 -3.29 -20.75
C LEU H 221 50.79 -1.94 -20.88
N PHE H 222 52.13 -1.92 -20.96
CA PHE H 222 52.83 -0.66 -21.16
C PHE H 222 52.80 -0.22 -22.61
N THR H 223 53.09 -1.13 -23.56
CA THR H 223 53.13 -0.69 -24.96
C THR H 223 51.74 -0.63 -25.59
N LYS H 224 50.78 -1.44 -25.12
CA LYS H 224 49.42 -1.54 -25.67
C LYS H 224 49.37 -2.39 -26.94
N LYS H 225 50.48 -3.04 -27.29
CA LYS H 225 50.69 -3.91 -28.44
C LYS H 225 51.44 -5.13 -27.92
N PRO H 226 51.12 -6.34 -28.38
CA PRO H 226 51.89 -7.51 -27.94
C PRO H 226 53.37 -7.33 -28.22
N ILE H 227 54.20 -7.95 -27.38
CA ILE H 227 55.63 -7.71 -27.47
C ILE H 227 56.24 -8.54 -28.60
N PHE H 228 55.87 -9.82 -28.68
CA PHE H 228 56.40 -10.73 -29.70
C PHE H 228 55.27 -11.24 -30.57
N GLN H 229 55.14 -10.69 -31.78
CA GLN H 229 54.10 -11.12 -32.72
C GLN H 229 54.74 -11.73 -33.96
N ALA H 230 54.51 -13.02 -34.15
CA ALA H 230 54.99 -13.73 -35.32
C ALA H 230 53.96 -14.81 -35.64
N ASN H 231 54.13 -15.45 -36.80
CA ASN H 231 53.24 -16.50 -37.24
C ASN H 231 53.86 -17.89 -37.17
N LEU H 232 55.18 -17.99 -37.11
CA LEU H 232 55.85 -19.28 -37.07
C LEU H 232 56.81 -19.37 -35.89
N GLU H 233 56.98 -20.60 -35.40
CA GLU H 233 57.73 -20.82 -34.18
C GLU H 233 59.15 -20.31 -34.30
N LEU H 234 59.78 -20.48 -35.46
CA LEU H 234 61.14 -19.97 -35.63
C LEU H 234 61.13 -18.44 -35.64
N ALA H 235 60.20 -17.85 -36.40
CA ALA H 235 60.09 -16.39 -36.41
C ALA H 235 59.84 -15.85 -35.01
N GLN H 236 59.11 -16.61 -34.19
CA GLN H 236 58.87 -16.17 -32.81
C GLN H 236 60.15 -16.20 -31.99
N LEU H 237 60.91 -17.29 -32.08
CA LEU H 237 62.20 -17.38 -31.38
C LEU H 237 63.14 -16.27 -31.80
N GLU H 238 63.10 -15.87 -33.08
CA GLU H 238 63.94 -14.77 -33.54
C GLU H 238 63.54 -13.48 -32.85
N LEU H 239 62.25 -13.19 -32.75
CA LEU H 239 61.80 -11.98 -32.09
C LEU H 239 62.21 -11.97 -30.62
N ILE H 240 61.95 -13.08 -29.94
CA ILE H 240 62.35 -13.23 -28.55
C ILE H 240 63.85 -13.01 -28.41
N SER H 241 64.63 -13.54 -29.35
CA SER H 241 66.08 -13.48 -29.24
C SER H 241 66.59 -12.04 -29.35
N ARG H 242 65.96 -11.23 -30.19
CA ARG H 242 66.41 -9.85 -30.36
C ARG H 242 66.28 -9.03 -29.08
N LEU H 243 65.22 -9.29 -28.33
CA LEU H 243 64.96 -8.49 -27.14
C LEU H 243 65.66 -9.10 -25.95
N CYS H 244 65.55 -10.42 -25.79
CA CYS H 244 66.02 -11.11 -24.60
C CYS H 244 67.43 -11.64 -24.72
N GLY H 245 67.99 -11.71 -25.92
CA GLY H 245 69.24 -12.40 -26.13
C GLY H 245 68.99 -13.78 -26.69
N SER H 246 69.92 -14.26 -27.51
CA SER H 246 69.74 -15.58 -28.12
C SER H 246 69.92 -16.68 -27.08
N PRO H 247 69.11 -17.74 -27.12
CA PRO H 247 69.38 -18.90 -26.26
C PRO H 247 70.76 -19.47 -26.55
N CYS H 248 71.60 -19.50 -25.52
CA CYS H 248 72.95 -20.04 -25.61
C CYS H 248 73.36 -20.56 -24.24
N PRO H 249 74.29 -21.51 -24.19
CA PRO H 249 74.67 -22.07 -22.87
C PRO H 249 75.16 -21.03 -21.88
N ALA H 250 75.73 -19.91 -22.35
CA ALA H 250 76.30 -18.93 -21.43
C ALA H 250 75.25 -18.40 -20.46
N VAL H 251 74.06 -18.05 -20.98
CA VAL H 251 72.98 -17.56 -20.12
C VAL H 251 71.99 -18.65 -19.72
N TRP H 252 71.96 -19.78 -20.42
CA TRP H 252 70.98 -20.86 -20.25
C TRP H 252 71.77 -22.16 -20.35
N PRO H 253 72.35 -22.61 -19.24
CA PRO H 253 73.36 -23.68 -19.34
C PRO H 253 72.80 -24.96 -19.93
N ASP H 254 71.57 -25.32 -19.60
CA ASP H 254 70.98 -26.58 -20.01
C ASP H 254 70.24 -26.52 -21.33
N VAL H 255 70.38 -25.43 -22.09
CA VAL H 255 69.68 -25.34 -23.36
C VAL H 255 70.17 -26.40 -24.32
N ILE H 256 71.42 -26.85 -24.17
CA ILE H 256 72.01 -27.85 -25.05
C ILE H 256 71.33 -29.20 -24.95
N ARG H 257 70.44 -29.37 -23.96
CA ARG H 257 69.66 -30.59 -23.86
C ARG H 257 68.35 -30.51 -24.61
N LEU H 258 67.97 -29.35 -25.06
CA LEU H 258 66.67 -29.23 -25.70
C LEU H 258 66.75 -29.77 -27.12
N PRO H 259 65.68 -30.40 -27.59
CA PRO H 259 65.77 -31.11 -28.87
C PRO H 259 66.16 -30.22 -30.03
N TYR H 260 65.65 -28.99 -30.07
CA TYR H 260 65.78 -28.16 -31.25
C TYR H 260 66.83 -27.08 -31.08
N PHE H 261 67.69 -27.20 -30.08
CA PHE H 261 68.66 -26.15 -29.83
C PHE H 261 69.56 -25.94 -31.05
N ASN H 262 70.09 -27.03 -31.62
CA ASN H 262 70.90 -26.90 -32.83
C ASN H 262 70.03 -26.55 -34.04
N THR H 263 68.80 -27.08 -34.06
CA THR H 263 67.92 -26.94 -35.21
C THR H 263 67.44 -25.50 -35.38
N MET H 264 66.85 -24.93 -34.33
CA MET H 264 66.22 -23.61 -34.42
C MET H 264 67.19 -22.53 -33.96
N LYS H 265 68.21 -22.32 -34.73
CA LYS H 265 69.12 -21.25 -34.36
C LYS H 265 68.57 -19.89 -34.82
N PRO H 266 68.72 -18.83 -34.02
CA PRO H 266 68.38 -17.49 -34.51
C PRO H 266 69.36 -16.99 -35.55
N LYS H 267 68.94 -15.94 -36.27
CA LYS H 267 69.76 -15.36 -37.33
C LYS H 267 71.18 -15.09 -36.84
N LYS H 268 71.30 -14.54 -35.63
CA LYS H 268 72.57 -14.19 -35.02
C LYS H 268 72.61 -14.73 -33.60
N GLN H 269 73.74 -14.51 -32.93
CA GLN H 269 73.82 -14.63 -31.47
C GLN H 269 73.60 -13.24 -30.89
N TYR H 270 72.33 -12.90 -30.66
CA TYR H 270 71.99 -11.55 -30.22
C TYR H 270 72.37 -11.35 -28.75
N ARG H 271 72.54 -10.09 -28.38
CA ARG H 271 72.71 -9.69 -27.00
C ARG H 271 71.38 -9.20 -26.42
N ARG H 272 71.25 -9.29 -25.10
CA ARG H 272 70.00 -8.88 -24.45
C ARG H 272 69.82 -7.36 -24.57
N ARG H 273 68.61 -6.94 -24.94
CA ARG H 273 68.27 -5.54 -25.09
C ARG H 273 67.03 -5.15 -24.31
N LEU H 274 66.48 -6.07 -23.51
CA LEU H 274 65.18 -5.84 -22.88
C LEU H 274 65.18 -4.54 -22.10
N ARG H 275 66.20 -4.33 -21.27
CA ARG H 275 66.23 -3.08 -20.52
C ARG H 275 66.40 -1.87 -21.41
N GLU H 276 67.04 -2.05 -22.56
CA GLU H 276 67.22 -0.92 -23.46
C GLU H 276 65.94 -0.59 -24.21
N GLU H 277 65.35 -1.58 -24.89
CA GLU H 277 64.18 -1.31 -25.72
C GLU H 277 62.95 -0.97 -24.88
N PHE H 278 62.92 -1.39 -23.62
CA PHE H 278 61.83 -1.03 -22.69
C PHE H 278 62.28 0.04 -21.70
N SER H 279 63.11 0.99 -22.12
CA SER H 279 63.57 2.00 -21.17
C SER H 279 62.42 2.84 -20.63
N PHE H 280 61.34 3.02 -21.42
CA PHE H 280 60.23 3.88 -21.02
C PHE H 280 59.44 3.33 -19.84
N ILE H 281 59.59 2.04 -19.52
CA ILE H 281 58.91 1.42 -18.37
C ILE H 281 59.56 1.89 -17.08
N PRO H 282 58.80 2.09 -16.00
CA PRO H 282 59.42 2.47 -14.71
C PRO H 282 60.39 1.41 -14.17
N SER H 283 61.39 1.86 -13.42
CA SER H 283 62.46 0.95 -13.01
C SER H 283 61.93 -0.22 -12.20
N ALA H 284 60.94 0.01 -11.34
CA ALA H 284 60.39 -1.10 -10.57
C ALA H 284 59.82 -2.18 -11.49
N ALA H 285 59.10 -1.76 -12.54
CA ALA H 285 58.51 -2.72 -13.46
C ALA H 285 59.56 -3.33 -14.37
N LEU H 286 60.49 -2.51 -14.87
CA LEU H 286 61.49 -3.02 -15.80
C LEU H 286 62.27 -4.18 -15.17
N ASP H 287 62.60 -4.06 -13.88
CA ASP H 287 63.23 -5.18 -13.18
C ASP H 287 62.33 -6.40 -13.22
N LEU H 288 61.04 -6.21 -12.95
CA LEU H 288 60.10 -7.33 -13.01
C LEU H 288 60.05 -7.91 -14.42
N LEU H 289 59.94 -7.04 -15.43
CA LEU H 289 59.85 -7.52 -16.80
C LEU H 289 61.10 -8.30 -17.19
N ASP H 290 62.27 -7.76 -16.85
CA ASP H 290 63.52 -8.44 -17.16
C ASP H 290 63.52 -9.85 -16.57
N HIS H 291 62.96 -10.00 -15.37
CA HIS H 291 63.00 -11.27 -14.67
C HIS H 291 61.94 -12.26 -15.14
N MET H 292 60.78 -11.78 -15.58
CA MET H 292 59.79 -12.69 -16.12
C MET H 292 60.17 -13.20 -17.50
N LEU H 293 60.88 -12.39 -18.28
CA LEU H 293 61.31 -12.75 -19.63
C LEU H 293 62.76 -13.17 -19.64
N THR H 294 63.18 -13.95 -18.64
CA THR H 294 64.51 -14.52 -18.58
C THR H 294 64.46 -15.86 -19.30
N LEU H 295 65.44 -16.12 -20.15
CA LEU H 295 65.35 -17.28 -21.03
C LEU H 295 65.31 -18.59 -20.26
N ASP H 296 66.21 -18.76 -19.31
CA ASP H 296 66.34 -20.03 -18.62
C ASP H 296 65.12 -20.24 -17.72
N PRO H 297 64.30 -21.27 -17.94
CA PRO H 297 63.12 -21.45 -17.08
C PRO H 297 63.47 -21.54 -15.61
N SER H 298 64.68 -22.01 -15.31
CA SER H 298 65.17 -22.13 -13.95
C SER H 298 65.71 -20.82 -13.39
N LYS H 299 65.94 -19.80 -14.22
CA LYS H 299 66.27 -18.48 -13.69
C LYS H 299 65.10 -17.51 -13.77
N ARG H 300 64.00 -17.93 -14.41
CA ARG H 300 62.82 -17.09 -14.50
C ARG H 300 62.16 -17.05 -13.14
N CYS H 301 61.81 -15.84 -12.70
CA CYS H 301 61.21 -15.68 -11.39
C CYS H 301 59.91 -16.49 -11.30
N THR H 302 59.50 -16.75 -10.06
CA THR H 302 58.26 -17.47 -9.82
C THR H 302 57.13 -16.49 -9.60
N ALA H 303 55.90 -17.01 -9.46
CA ALA H 303 54.79 -16.11 -9.12
C ALA H 303 55.02 -15.47 -7.76
N GLU H 304 55.42 -16.26 -6.77
CA GLU H 304 55.64 -15.70 -5.44
C GLU H 304 56.67 -14.58 -5.49
N GLN H 305 57.75 -14.79 -6.25
CA GLN H 305 58.80 -13.79 -6.32
C GLN H 305 58.28 -12.50 -6.94
N THR H 306 57.40 -12.59 -7.94
CA THR H 306 56.87 -11.37 -8.54
C THR H 306 56.02 -10.58 -7.56
N LEU H 307 55.30 -11.25 -6.67
CA LEU H 307 54.52 -10.57 -5.64
C LEU H 307 55.40 -10.02 -4.54
N GLN H 308 56.65 -10.46 -4.47
CA GLN H 308 57.64 -9.92 -3.55
C GLN H 308 58.64 -9.04 -4.31
N SER H 309 58.13 -8.25 -5.26
CA SER H 309 58.96 -7.36 -6.04
C SER H 309 58.69 -5.93 -5.61
N ASP H 310 59.67 -5.06 -5.83
CA ASP H 310 59.46 -3.65 -5.52
C ASP H 310 58.22 -3.10 -6.21
N PHE H 311 57.78 -3.72 -7.31
CA PHE H 311 56.62 -3.24 -8.04
C PHE H 311 55.33 -3.63 -7.34
N LEU H 312 55.17 -4.91 -7.02
CA LEU H 312 53.91 -5.46 -6.52
C LEU H 312 53.92 -5.73 -5.03
N LYS H 313 55.07 -5.56 -4.36
CA LYS H 313 55.16 -6.00 -2.98
C LYS H 313 54.21 -5.19 -2.11
N ASP H 314 54.20 -3.88 -2.30
CA ASP H 314 53.44 -2.94 -1.49
C ASP H 314 52.12 -2.53 -2.13
N VAL H 315 51.68 -3.22 -3.18
CA VAL H 315 50.42 -2.88 -3.83
C VAL H 315 49.23 -3.36 -3.00
N GLU H 316 48.32 -2.43 -2.68
CA GLU H 316 47.08 -2.73 -1.98
C GLU H 316 45.93 -2.97 -2.97
N LEU H 317 45.31 -4.14 -2.91
CA LEU H 317 44.21 -4.45 -3.81
C LEU H 317 42.89 -3.80 -3.37
N SER H 318 42.83 -3.23 -2.15
CA SER H 318 41.65 -2.50 -1.71
C SER H 318 41.34 -1.31 -2.62
N LYS H 319 42.37 -0.60 -3.06
CA LYS H 319 42.15 0.50 -4.00
C LYS H 319 42.22 0.00 -5.43
N MET H 320 41.54 -1.11 -5.75
CA MET H 320 41.50 -1.52 -7.14
C MET H 320 40.83 -0.39 -7.90
N ALA H 321 41.49 0.09 -8.93
CA ALA H 321 41.02 1.27 -9.63
C ALA H 321 40.37 0.84 -10.93
N PRO H 322 39.10 1.17 -11.16
CA PRO H 322 38.48 0.80 -12.42
C PRO H 322 39.33 1.26 -13.59
N PRO H 323 39.58 0.39 -14.58
CA PRO H 323 40.41 0.80 -15.71
C PRO H 323 39.75 1.89 -16.52
N ASP H 324 40.56 2.71 -17.18
CA ASP H 324 40.03 3.87 -17.90
C ASP H 324 39.52 3.42 -19.27
N LEU H 325 38.27 2.99 -19.29
CA LEU H 325 37.58 2.61 -20.52
C LEU H 325 36.45 3.59 -20.74
N PRO H 326 36.43 4.35 -21.85
CA PRO H 326 35.41 5.39 -22.06
C PRO H 326 34.17 4.88 -22.80
N THR I 24 28.97 -26.53 -0.60
CA THR I 24 30.05 -26.40 -1.57
C THR I 24 30.23 -27.70 -2.35
N LYS I 25 30.98 -28.66 -1.77
CA LYS I 25 31.28 -29.99 -2.33
C LYS I 25 30.62 -31.11 -1.50
N PRO I 26 30.16 -32.18 -2.15
CA PRO I 26 29.29 -33.16 -1.50
C PRO I 26 29.99 -34.12 -0.55
N CYS I 27 29.17 -34.73 0.32
CA CYS I 27 29.60 -35.73 1.29
C CYS I 27 29.48 -37.13 0.73
N TRP I 28 30.61 -37.86 0.68
CA TRP I 28 30.66 -39.16 0.03
C TRP I 28 30.86 -40.32 1.01
N TYR I 29 30.43 -40.18 2.26
CA TYR I 29 30.65 -41.23 3.25
C TYR I 29 29.38 -41.55 4.01
N TRP I 30 29.13 -42.84 4.18
CA TRP I 30 27.95 -43.38 4.82
C TRP I 30 28.36 -44.23 6.02
N ASP I 31 27.40 -44.53 6.89
CA ASP I 31 27.64 -45.49 7.95
C ASP I 31 27.34 -46.90 7.47
N LYS I 32 28.04 -47.88 8.05
CA LYS I 32 27.81 -49.28 7.69
C LYS I 32 26.34 -49.63 7.74
N LYS I 33 25.64 -49.13 8.76
CA LYS I 33 24.22 -49.46 8.89
C LYS I 33 23.44 -49.03 7.65
N ASP I 34 23.91 -48.00 6.95
CA ASP I 34 23.18 -47.45 5.81
C ASP I 34 23.20 -48.36 4.60
N LEU I 35 24.19 -49.23 4.46
CA LEU I 35 24.24 -50.11 3.29
C LEU I 35 23.08 -51.09 3.24
N ALA I 36 22.35 -51.25 4.35
CA ALA I 36 21.15 -52.05 4.36
C ALA I 36 20.02 -51.42 3.56
N HIS I 37 20.20 -50.18 3.10
CA HIS I 37 19.16 -49.42 2.42
C HIS I 37 19.61 -48.88 1.07
N THR I 38 20.55 -49.56 0.42
CA THR I 38 20.91 -49.15 -0.92
C THR I 38 19.76 -49.46 -1.87
N PRO I 39 19.68 -48.78 -3.02
CA PRO I 39 18.65 -49.14 -4.01
C PRO I 39 18.62 -50.64 -4.28
N SER I 40 19.78 -51.29 -4.34
CA SER I 40 19.83 -52.72 -4.60
C SER I 40 19.13 -53.51 -3.49
N GLN I 41 19.41 -53.19 -2.23
CA GLN I 41 18.77 -53.91 -1.14
C GLN I 41 17.25 -53.77 -1.23
N LEU I 42 16.77 -52.56 -1.48
CA LEU I 42 15.34 -52.28 -1.44
C LEU I 42 14.60 -52.82 -2.65
N GLU I 43 15.31 -53.18 -3.71
CA GLU I 43 14.71 -53.89 -4.84
C GLU I 43 14.73 -55.40 -4.66
N GLY I 44 15.21 -55.90 -3.52
CA GLY I 44 15.12 -57.30 -3.19
C GLY I 44 16.43 -58.05 -3.22
N LEU I 45 17.52 -57.39 -3.60
CA LEU I 45 18.83 -58.02 -3.57
C LEU I 45 19.27 -58.21 -2.13
N ASP I 46 19.78 -59.39 -1.80
CA ASP I 46 20.19 -59.63 -0.43
C ASP I 46 21.61 -59.14 -0.19
N PRO I 47 21.99 -58.94 1.08
CA PRO I 47 23.31 -58.35 1.35
C PRO I 47 24.46 -59.15 0.76
N ALA I 48 24.41 -60.48 0.85
CA ALA I 48 25.49 -61.26 0.28
C ALA I 48 25.64 -60.99 -1.21
N THR I 49 24.53 -60.92 -1.94
CA THR I 49 24.59 -60.74 -3.38
C THR I 49 25.17 -59.38 -3.75
N GLU I 50 24.71 -58.31 -3.09
CA GLU I 50 25.24 -57.00 -3.44
C GLU I 50 26.74 -56.93 -3.15
N ALA I 51 27.17 -57.52 -2.03
CA ALA I 51 28.60 -57.56 -1.76
C ALA I 51 29.34 -58.31 -2.85
N ARG I 52 28.76 -59.42 -3.33
CA ARG I 52 29.39 -60.19 -4.41
C ARG I 52 29.47 -59.38 -5.68
N TYR I 53 28.40 -58.67 -6.04
CA TYR I 53 28.42 -57.83 -7.23
C TYR I 53 29.47 -56.72 -7.10
N ARG I 54 29.65 -56.16 -5.91
CA ARG I 54 30.66 -55.12 -5.74
C ARG I 54 32.05 -55.68 -5.96
N ARG I 55 32.33 -56.86 -5.40
CA ARG I 55 33.64 -57.47 -5.65
C ARG I 55 33.81 -57.77 -7.13
N GLU I 56 32.82 -58.42 -7.73
CA GLU I 56 32.93 -58.78 -9.13
C GLU I 56 33.15 -57.53 -9.98
N GLY I 57 32.40 -56.47 -9.70
CA GLY I 57 32.60 -55.23 -10.44
C GLY I 57 33.94 -54.60 -10.16
N ALA I 58 34.34 -54.54 -8.89
CA ALA I 58 35.61 -53.92 -8.57
C ALA I 58 36.76 -54.68 -9.21
N ARG I 59 36.78 -56.01 -9.08
CA ARG I 59 37.86 -56.79 -9.67
C ARG I 59 37.84 -56.73 -11.20
N PHE I 60 36.65 -56.71 -11.81
CA PHE I 60 36.57 -56.49 -13.25
C PHE I 60 37.29 -55.22 -13.65
N ILE I 61 37.00 -54.10 -12.97
CA ILE I 61 37.67 -52.84 -13.27
C ILE I 61 39.18 -52.98 -13.09
N PHE I 62 39.61 -53.63 -12.02
CA PHE I 62 41.03 -53.81 -11.76
C PHE I 62 41.69 -54.62 -12.86
N ASP I 63 41.07 -55.75 -13.24
CA ASP I 63 41.66 -56.63 -14.23
C ASP I 63 41.72 -55.96 -15.60
N VAL I 64 40.62 -55.33 -16.02
CA VAL I 64 40.60 -54.71 -17.33
C VAL I 64 41.66 -53.61 -17.41
N GLY I 65 41.72 -52.76 -16.40
CA GLY I 65 42.68 -51.68 -16.41
C GLY I 65 44.11 -52.15 -16.31
N THR I 66 44.35 -53.23 -15.56
CA THR I 66 45.72 -53.75 -15.45
C THR I 66 46.21 -54.24 -16.81
N ARG I 67 45.36 -54.95 -17.56
CA ARG I 67 45.76 -55.36 -18.90
C ARG I 67 46.09 -54.16 -19.78
N LEU I 68 45.39 -53.05 -19.59
CA LEU I 68 45.65 -51.85 -20.39
C LEU I 68 46.89 -51.09 -19.92
N GLY I 69 47.53 -51.53 -18.84
CA GLY I 69 48.74 -50.87 -18.38
C GLY I 69 48.51 -49.61 -17.59
N LEU I 70 47.34 -49.48 -16.98
CA LEU I 70 46.93 -48.22 -16.37
C LEU I 70 47.59 -48.02 -15.01
N HIS I 71 47.83 -46.74 -14.68
CA HIS I 71 48.34 -46.38 -13.37
C HIS I 71 47.39 -46.90 -12.29
N TYR I 72 47.93 -47.15 -11.10
CA TYR I 72 47.09 -47.70 -10.03
C TYR I 72 46.00 -46.72 -9.63
N ASP I 73 46.30 -45.42 -9.66
CA ASP I 73 45.31 -44.43 -9.28
C ASP I 73 44.10 -44.49 -10.20
N THR I 74 44.33 -44.66 -11.50
CA THR I 74 43.22 -44.70 -12.43
C THR I 74 42.29 -45.86 -12.12
N LEU I 75 42.84 -47.00 -11.74
CA LEU I 75 41.99 -48.11 -11.36
C LEU I 75 41.15 -47.77 -10.14
N ALA I 76 41.80 -47.21 -9.11
CA ALA I 76 41.07 -46.91 -7.89
C ALA I 76 39.99 -45.86 -8.16
N THR I 77 40.32 -44.82 -8.92
CA THR I 77 39.31 -43.81 -9.23
C THR I 77 38.09 -44.45 -9.87
N GLY I 78 38.31 -45.29 -10.88
CA GLY I 78 37.17 -45.97 -11.47
C GLY I 78 36.37 -46.74 -10.45
N ILE I 79 37.06 -47.48 -9.58
CA ILE I 79 36.35 -48.33 -8.63
C ILE I 79 35.53 -47.50 -7.65
N ILE I 80 36.02 -46.32 -7.26
CA ILE I 80 35.22 -45.50 -6.35
C ILE I 80 34.03 -44.92 -7.08
N TYR I 81 34.22 -44.45 -8.31
CA TYR I 81 33.06 -44.10 -9.15
C TYR I 81 32.06 -45.25 -9.14
N PHE I 82 32.54 -46.47 -9.35
CA PHE I 82 31.67 -47.64 -9.37
C PHE I 82 30.93 -47.80 -8.04
N HIS I 83 31.66 -47.83 -6.92
CA HIS I 83 31.02 -48.06 -5.63
C HIS I 83 29.97 -46.99 -5.33
N ARG I 84 30.32 -45.73 -5.60
CA ARG I 84 29.39 -44.64 -5.35
C ARG I 84 28.15 -44.78 -6.23
N PHE I 85 28.34 -45.16 -7.49
CA PHE I 85 27.22 -45.32 -8.40
C PHE I 85 26.12 -46.17 -7.77
N TYR I 86 26.49 -47.31 -7.20
CA TYR I 86 25.49 -48.23 -6.65
C TYR I 86 25.05 -47.88 -5.25
N MET I 87 25.42 -46.69 -4.77
CA MET I 87 24.70 -46.05 -3.67
C MET I 87 23.50 -45.26 -4.18
N PHE I 88 23.45 -45.00 -5.49
CA PHE I 88 22.38 -44.23 -6.11
C PHE I 88 21.52 -45.01 -7.09
N HIS I 89 21.92 -46.24 -7.43
CA HIS I 89 21.18 -47.03 -8.41
C HIS I 89 21.16 -48.47 -7.94
N SER I 90 20.35 -49.27 -8.63
CA SER I 90 20.22 -50.68 -8.30
C SER I 90 21.02 -51.51 -9.28
N PHE I 91 21.66 -52.57 -8.77
CA PHE I 91 22.35 -53.50 -9.65
C PHE I 91 21.36 -54.14 -10.62
N LYS I 92 20.09 -54.26 -10.23
CA LYS I 92 19.11 -54.88 -11.10
C LYS I 92 18.77 -54.03 -12.31
N GLN I 93 18.97 -52.71 -12.23
CA GLN I 93 18.66 -51.82 -13.34
C GLN I 93 19.88 -51.49 -14.18
N PHE I 94 21.07 -51.58 -13.62
CA PHE I 94 22.32 -51.29 -14.33
C PHE I 94 23.25 -52.48 -14.25
N PRO I 95 23.43 -53.25 -15.32
CA PRO I 95 24.36 -54.39 -15.24
C PRO I 95 25.76 -53.91 -14.86
N ARG I 96 26.38 -54.66 -13.94
CA ARG I 96 27.55 -54.13 -13.24
C ARG I 96 28.75 -53.97 -14.16
N TYR I 97 28.97 -54.92 -15.07
CA TYR I 97 30.19 -54.86 -15.88
C TYR I 97 30.13 -53.72 -16.88
N VAL I 98 28.94 -53.35 -17.35
CA VAL I 98 28.82 -52.15 -18.18
C VAL I 98 29.15 -50.91 -17.35
N THR I 99 28.54 -50.80 -16.16
CA THR I 99 28.90 -49.73 -15.24
C THR I 99 30.40 -49.71 -14.99
N GLY I 100 30.98 -50.87 -14.70
CA GLY I 100 32.42 -50.94 -14.47
C GLY I 100 33.22 -50.35 -15.63
N ALA I 101 32.95 -50.85 -16.85
CA ALA I 101 33.65 -50.33 -18.03
C ALA I 101 33.48 -48.83 -18.16
N CYS I 102 32.27 -48.31 -17.93
CA CYS I 102 32.03 -46.89 -18.03
C CYS I 102 32.86 -46.11 -17.01
N CYS I 103 32.90 -46.59 -15.76
CA CYS I 103 33.68 -45.91 -14.74
C CYS I 103 35.14 -45.81 -15.15
N LEU I 104 35.72 -46.91 -15.65
CA LEU I 104 37.13 -46.87 -16.01
C LEU I 104 37.34 -45.92 -17.17
N PHE I 105 36.42 -45.91 -18.14
CA PHE I 105 36.56 -44.98 -19.26
C PHE I 105 36.62 -43.54 -18.78
N LEU I 106 35.72 -43.18 -17.86
CA LEU I 106 35.73 -41.81 -17.35
C LEU I 106 36.96 -41.59 -16.46
N ALA I 107 37.30 -42.57 -15.64
CA ALA I 107 38.47 -42.45 -14.79
C ALA I 107 39.70 -42.13 -15.62
N GLY I 108 39.86 -42.80 -16.77
CA GLY I 108 41.01 -42.52 -17.61
C GLY I 108 41.13 -41.07 -18.03
N LYS I 109 40.02 -40.48 -18.45
CA LYS I 109 40.07 -39.07 -18.81
C LYS I 109 40.30 -38.20 -17.59
N VAL I 110 39.70 -38.57 -16.46
CA VAL I 110 39.87 -37.77 -15.25
C VAL I 110 41.33 -37.77 -14.82
N GLU I 111 41.96 -38.94 -14.76
CA GLU I 111 43.31 -39.08 -14.24
C GLU I 111 44.40 -38.84 -15.29
N GLU I 112 44.03 -38.39 -16.48
CA GLU I 112 45.00 -38.12 -17.55
C GLU I 112 45.76 -39.38 -17.95
N THR I 113 45.05 -40.52 -17.96
CA THR I 113 45.55 -41.76 -18.54
C THR I 113 44.50 -42.31 -19.49
N PRO I 114 44.08 -41.53 -20.49
CA PRO I 114 42.89 -41.92 -21.26
C PRO I 114 43.11 -43.14 -22.13
N LYS I 115 42.02 -43.88 -22.32
CA LYS I 115 41.97 -45.02 -23.24
C LYS I 115 40.70 -44.90 -24.07
N LYS I 116 40.71 -45.53 -25.23
CA LYS I 116 39.56 -45.46 -26.11
C LYS I 116 38.48 -46.42 -25.62
N CYS I 117 37.23 -46.00 -25.76
CA CYS I 117 36.14 -46.90 -25.37
C CYS I 117 36.27 -48.21 -26.13
N LYS I 118 36.77 -48.15 -27.37
CA LYS I 118 36.94 -49.34 -28.19
C LYS I 118 37.93 -50.31 -27.58
N ASP I 119 38.95 -49.80 -26.89
CA ASP I 119 39.94 -50.68 -26.29
C ASP I 119 39.42 -51.34 -25.03
N ILE I 120 38.63 -50.60 -24.25
CA ILE I 120 38.07 -51.14 -23.01
C ILE I 120 37.09 -52.27 -23.32
N ILE I 121 36.27 -52.10 -24.36
CA ILE I 121 35.35 -53.18 -24.73
C ILE I 121 36.14 -54.42 -25.11
N LYS I 122 37.16 -54.24 -25.97
CA LYS I 122 37.95 -55.38 -26.42
C LYS I 122 38.56 -56.12 -25.25
N THR I 123 39.16 -55.39 -24.30
CA THR I 123 39.75 -56.03 -23.13
C THR I 123 38.69 -56.72 -22.28
N ALA I 124 37.52 -56.08 -22.13
CA ALA I 124 36.44 -56.69 -21.35
C ALA I 124 36.02 -58.03 -21.96
N ARG I 125 36.00 -58.10 -23.29
CA ARG I 125 35.65 -59.34 -23.96
C ARG I 125 36.65 -60.44 -23.62
N SER I 126 37.94 -60.09 -23.52
CA SER I 126 38.94 -61.11 -23.15
C SER I 126 38.65 -61.69 -21.78
N LEU I 127 38.24 -60.86 -20.84
CA LEU I 127 38.13 -61.28 -19.45
C LEU I 127 36.76 -61.81 -19.08
N LEU I 128 35.75 -61.51 -19.86
CA LEU I 128 34.38 -61.93 -19.55
C LEU I 128 34.01 -63.10 -20.45
N ASN I 129 33.26 -64.05 -19.89
CA ASN I 129 32.70 -65.16 -20.66
C ASN I 129 31.49 -64.67 -21.45
N ASP I 130 30.89 -65.59 -22.22
CA ASP I 130 29.78 -65.20 -23.09
C ASP I 130 28.57 -64.76 -22.29
N VAL I 131 28.27 -65.45 -21.19
CA VAL I 131 27.13 -65.05 -20.35
C VAL I 131 27.34 -63.66 -19.79
N GLN I 132 28.55 -63.41 -19.23
CA GLN I 132 28.84 -62.12 -18.63
C GLN I 132 28.80 -61.00 -19.66
N PHE I 133 29.45 -61.20 -20.80
CA PHE I 133 29.48 -60.18 -21.84
C PHE I 133 28.10 -59.92 -22.42
N GLY I 134 27.12 -60.77 -22.14
CA GLY I 134 25.76 -60.48 -22.59
C GLY I 134 25.26 -59.15 -22.07
N GLN I 135 25.75 -58.71 -20.92
CA GLN I 135 25.32 -57.44 -20.37
C GLN I 135 25.56 -56.28 -21.33
N PHE I 136 26.59 -56.36 -22.15
CA PHE I 136 26.87 -55.27 -23.09
C PHE I 136 25.94 -55.25 -24.29
N GLY I 137 25.20 -56.33 -24.55
CA GLY I 137 24.18 -56.21 -25.56
C GLY I 137 24.73 -56.14 -26.97
N ASP I 138 23.88 -55.61 -27.86
CA ASP I 138 24.20 -55.61 -29.28
C ASP I 138 25.33 -54.65 -29.63
N ASP I 139 25.44 -53.53 -28.92
CA ASP I 139 26.45 -52.51 -29.20
C ASP I 139 27.18 -52.18 -27.91
N PRO I 140 28.25 -52.91 -27.59
CA PRO I 140 28.94 -52.65 -26.31
C PRO I 140 29.39 -51.21 -26.16
N LYS I 141 30.05 -50.66 -27.17
CA LYS I 141 30.61 -49.30 -27.05
C LYS I 141 29.52 -48.28 -26.72
N GLU I 142 28.39 -48.33 -27.43
CA GLU I 142 27.35 -47.33 -27.18
C GLU I 142 26.84 -47.44 -25.75
N GLU I 143 26.56 -48.66 -25.29
CA GLU I 143 26.04 -48.84 -23.93
C GLU I 143 26.94 -48.16 -22.91
N VAL I 144 28.24 -48.28 -23.09
CA VAL I 144 29.17 -47.64 -22.16
C VAL I 144 29.15 -46.12 -22.35
N MET I 145 29.18 -45.66 -23.61
CA MET I 145 29.22 -44.22 -23.84
C MET I 145 27.93 -43.54 -23.42
N VAL I 146 26.81 -44.27 -23.45
CA VAL I 146 25.54 -43.70 -23.05
C VAL I 146 25.46 -43.55 -21.53
N LEU I 147 26.08 -44.46 -20.79
CA LEU I 147 26.03 -44.41 -19.34
C LEU I 147 26.86 -43.27 -18.79
N GLU I 148 27.78 -42.73 -19.58
CA GLU I 148 28.63 -41.64 -19.10
C GLU I 148 27.80 -40.45 -18.65
N ARG I 149 26.75 -40.12 -19.41
CA ARG I 149 25.89 -39.03 -19.00
C ARG I 149 25.33 -39.26 -17.61
N ILE I 150 24.85 -40.48 -17.34
CA ILE I 150 24.33 -40.78 -16.02
C ILE I 150 25.46 -40.81 -14.99
N LEU I 151 26.57 -41.46 -15.31
CA LEU I 151 27.65 -41.55 -14.33
C LEU I 151 28.06 -40.17 -13.86
N LEU I 152 28.31 -39.25 -14.79
CA LEU I 152 28.72 -37.90 -14.43
C LEU I 152 27.68 -37.22 -13.55
N GLN I 153 26.40 -37.42 -13.84
CA GLN I 153 25.37 -36.84 -12.99
C GLN I 153 25.31 -37.52 -11.64
N THR I 154 25.52 -38.83 -11.61
CA THR I 154 25.43 -39.57 -10.36
C THR I 154 26.52 -39.16 -9.38
N ILE I 155 27.75 -39.04 -9.86
CA ILE I 155 28.86 -38.65 -8.99
C ILE I 155 28.89 -37.13 -8.86
N LYS I 156 27.83 -36.46 -9.30
CA LYS I 156 27.64 -35.04 -9.08
C LYS I 156 28.79 -34.21 -9.63
N PHE I 157 29.42 -34.70 -10.71
CA PHE I 157 30.54 -34.04 -11.36
C PHE I 157 31.66 -33.72 -10.38
N ASP I 158 31.67 -34.39 -9.22
CA ASP I 158 32.77 -34.28 -8.28
C ASP I 158 33.82 -35.31 -8.73
N LEU I 159 34.68 -34.91 -9.66
CA LEU I 159 35.56 -35.87 -10.31
C LEU I 159 36.84 -36.12 -9.54
N GLN I 160 37.31 -35.15 -8.76
CA GLN I 160 38.55 -35.30 -8.02
C GLN I 160 38.37 -36.30 -6.86
N VAL I 161 39.26 -37.28 -6.81
CA VAL I 161 39.22 -38.33 -5.79
C VAL I 161 40.64 -38.58 -5.28
N GLU I 162 40.78 -38.77 -3.97
CA GLU I 162 42.04 -39.13 -3.32
C GLU I 162 41.99 -40.60 -2.92
N HIS I 163 43.17 -41.23 -2.89
CA HIS I 163 43.19 -42.66 -2.60
C HIS I 163 44.19 -43.00 -1.50
N PRO I 164 43.96 -44.09 -0.77
CA PRO I 164 44.86 -44.42 0.34
C PRO I 164 46.33 -44.54 -0.06
N TYR I 165 46.64 -44.85 -1.32
CA TYR I 165 48.02 -45.13 -1.66
C TYR I 165 48.92 -43.94 -1.35
N GLN I 166 48.48 -42.74 -1.72
CA GLN I 166 49.35 -41.57 -1.57
C GLN I 166 49.63 -41.28 -0.11
N PHE I 167 48.68 -41.56 0.78
CA PHE I 167 48.88 -41.35 2.20
C PHE I 167 49.72 -42.48 2.79
N LEU I 168 49.55 -43.70 2.29
CA LEU I 168 50.43 -44.78 2.68
C LEU I 168 51.88 -44.39 2.41
N LEU I 169 52.13 -43.76 1.26
CA LEU I 169 53.50 -43.35 0.95
C LEU I 169 53.91 -42.13 1.76
N LYS I 170 53.03 -41.13 1.86
CA LYS I 170 53.36 -39.91 2.60
C LYS I 170 53.68 -40.23 4.06
N TYR I 171 52.89 -41.09 4.69
CA TYR I 171 53.12 -41.40 6.10
C TYR I 171 54.34 -42.28 6.29
N ALA I 172 54.52 -43.30 5.44
CA ALA I 172 55.69 -44.15 5.57
C ALA I 172 56.98 -43.37 5.36
N LYS I 173 56.95 -42.31 4.54
CA LYS I 173 58.14 -41.52 4.25
C LYS I 173 58.67 -40.82 5.50
N GLN I 174 57.83 -40.59 6.51
CA GLN I 174 58.26 -39.99 7.76
C GLN I 174 58.73 -41.05 8.76
N LEU I 175 58.65 -42.33 8.42
CA LEU I 175 59.20 -43.38 9.26
C LEU I 175 60.70 -43.52 8.95
N LYS I 176 61.49 -43.72 10.01
CA LYS I 176 62.93 -43.89 9.91
C LYS I 176 63.31 -45.12 10.71
N GLY I 177 64.10 -46.01 10.12
CA GLY I 177 64.54 -47.21 10.81
C GLY I 177 65.00 -48.24 9.80
N ASP I 178 64.97 -49.50 10.23
CA ASP I 178 65.37 -50.60 9.34
C ASP I 178 64.59 -50.44 8.04
N LYS I 179 65.29 -50.09 6.96
CA LYS I 179 64.59 -49.84 5.70
C LYS I 179 63.77 -51.05 5.27
N ASN I 180 64.28 -52.26 5.51
CA ASN I 180 63.63 -53.45 4.98
C ASN I 180 62.36 -53.78 5.75
N LYS I 181 62.34 -53.51 7.07
CA LYS I 181 61.11 -53.71 7.81
C LYS I 181 60.05 -52.67 7.39
N ILE I 182 60.48 -51.43 7.16
CA ILE I 182 59.54 -50.40 6.74
C ILE I 182 58.99 -50.73 5.35
N GLN I 183 59.85 -51.23 4.46
CA GLN I 183 59.37 -51.61 3.14
C GLN I 183 58.38 -52.77 3.20
N LYS I 184 58.64 -53.77 4.05
CA LYS I 184 57.69 -54.88 4.18
C LYS I 184 56.34 -54.38 4.67
N LEU I 185 56.34 -53.40 5.58
CA LEU I 185 55.10 -52.81 6.02
C LEU I 185 54.36 -52.16 4.85
N VAL I 186 55.07 -51.34 4.08
CA VAL I 186 54.44 -50.63 2.97
C VAL I 186 53.84 -51.61 1.98
N GLN I 187 54.62 -52.63 1.59
CA GLN I 187 54.14 -53.58 0.61
C GLN I 187 52.91 -54.32 1.09
N MET I 188 52.93 -54.78 2.35
CA MET I 188 51.77 -55.46 2.89
C MET I 188 50.57 -54.51 2.93
N ALA I 189 50.81 -53.27 3.36
CA ALA I 189 49.73 -52.28 3.38
C ALA I 189 49.23 -52.01 1.97
N TRP I 190 50.15 -51.90 1.00
CA TRP I 190 49.73 -51.70 -0.37
C TRP I 190 48.83 -52.84 -0.82
N THR I 191 49.21 -54.08 -0.49
CA THR I 191 48.35 -55.21 -0.81
C THR I 191 46.99 -55.09 -0.13
N PHE I 192 46.97 -54.66 1.13
CA PHE I 192 45.68 -54.49 1.82
C PHE I 192 44.84 -53.40 1.17
N VAL I 193 45.46 -52.31 0.71
CA VAL I 193 44.70 -51.28 0.02
C VAL I 193 44.04 -51.85 -1.22
N ASN I 194 44.80 -52.59 -2.02
CA ASN I 194 44.24 -53.22 -3.22
C ASN I 194 43.05 -54.09 -2.86
N ASP I 195 43.12 -54.78 -1.72
CA ASP I 195 42.03 -55.65 -1.29
C ASP I 195 40.82 -54.85 -0.83
N SER I 196 41.05 -53.72 -0.16
CA SER I 196 39.94 -52.92 0.37
C SER I 196 39.08 -52.33 -0.74
N LEU I 197 39.61 -52.23 -1.95
CA LEU I 197 38.82 -51.71 -3.06
C LEU I 197 37.63 -52.60 -3.38
N CYS I 198 37.73 -53.90 -3.10
CA CYS I 198 36.59 -54.77 -3.34
C CYS I 198 35.47 -54.52 -2.35
N THR I 199 35.74 -53.80 -1.26
CA THR I 199 34.77 -53.56 -0.20
C THR I 199 34.22 -52.13 -0.27
N THR I 200 33.22 -51.88 0.57
CA THR I 200 32.61 -50.57 0.70
C THR I 200 33.35 -49.66 1.67
N LEU I 201 34.55 -50.04 2.11
CA LEU I 201 35.34 -49.15 2.94
C LEU I 201 35.61 -47.84 2.22
N SER I 202 35.70 -47.88 0.88
CA SER I 202 35.85 -46.66 0.11
C SER I 202 34.70 -45.69 0.37
N LEU I 203 33.56 -46.20 0.81
CA LEU I 203 32.39 -45.38 1.08
C LEU I 203 32.19 -45.11 2.58
N GLN I 204 33.05 -45.63 3.44
CA GLN I 204 32.84 -45.43 4.88
C GLN I 204 33.87 -44.52 5.55
N TRP I 205 35.10 -44.49 5.08
CA TRP I 205 36.16 -43.77 5.77
C TRP I 205 37.03 -43.02 4.78
N GLU I 206 37.46 -41.82 5.16
CA GLU I 206 38.36 -41.07 4.31
C GLU I 206 39.61 -41.89 3.98
N PRO I 207 40.26 -41.62 2.84
CA PRO I 207 41.44 -42.42 2.46
C PRO I 207 42.57 -42.32 3.47
N GLU I 208 42.76 -41.14 4.08
CA GLU I 208 43.79 -41.01 5.09
C GLU I 208 43.61 -42.07 6.17
N ILE I 209 42.36 -42.30 6.59
CA ILE I 209 42.07 -43.28 7.62
C ILE I 209 42.35 -44.69 7.13
N ILE I 210 41.97 -44.99 5.90
CA ILE I 210 42.28 -46.31 5.34
C ILE I 210 43.79 -46.53 5.33
N ALA I 211 44.54 -45.52 4.91
CA ALA I 211 45.99 -45.66 4.85
C ALA I 211 46.56 -46.02 6.22
N VAL I 212 46.09 -45.33 7.27
CA VAL I 212 46.56 -45.65 8.61
C VAL I 212 46.15 -47.07 8.98
N ALA I 213 44.90 -47.44 8.69
CA ALA I 213 44.43 -48.78 9.09
C ALA I 213 45.30 -49.87 8.49
N VAL I 214 45.67 -49.74 7.21
CA VAL I 214 46.46 -50.80 6.59
C VAL I 214 47.88 -50.81 7.15
N MET I 215 48.43 -49.64 7.48
CA MET I 215 49.70 -49.63 8.20
C MET I 215 49.55 -50.33 9.55
N TYR I 216 48.47 -50.00 10.25
CA TYR I 216 48.16 -50.59 11.55
C TYR I 216 48.05 -52.10 11.46
N LEU I 217 47.34 -52.61 10.46
CA LEU I 217 47.21 -54.05 10.30
C LEU I 217 48.56 -54.69 9.97
N ALA I 218 49.25 -54.18 8.95
CA ALA I 218 50.55 -54.71 8.57
C ALA I 218 51.49 -54.70 9.77
N GLY I 219 51.43 -53.65 10.58
CA GLY I 219 52.23 -53.62 11.79
C GLY I 219 51.87 -54.79 12.70
N ARG I 220 50.58 -54.99 12.94
CA ARG I 220 50.17 -56.11 13.76
C ARG I 220 50.68 -57.43 13.22
N LEU I 221 50.49 -57.67 11.93
CA LEU I 221 50.88 -58.96 11.37
C LEU I 221 52.38 -59.14 11.40
N CYS I 222 53.14 -58.09 11.13
CA CYS I 222 54.60 -58.17 11.12
C CYS I 222 55.23 -58.02 12.51
N LYS I 223 54.42 -57.81 13.55
CA LYS I 223 54.93 -57.64 14.91
C LYS I 223 55.92 -56.47 14.98
N PHE I 224 55.58 -55.36 14.32
CA PHE I 224 56.36 -54.14 14.34
C PHE I 224 55.76 -53.14 15.32
N GLU I 225 56.62 -52.36 15.96
CA GLU I 225 56.18 -51.28 16.85
C GLU I 225 56.41 -49.98 16.09
N ILE I 226 55.39 -49.58 15.32
CA ILE I 226 55.56 -48.47 14.39
C ILE I 226 55.93 -47.19 15.10
N GLN I 227 55.50 -47.00 16.35
CA GLN I 227 55.79 -45.75 17.01
C GLN I 227 57.30 -45.49 17.04
N GLU I 228 58.10 -46.57 17.08
CA GLU I 228 59.55 -46.41 17.20
C GLU I 228 60.18 -45.77 15.98
N TRP I 229 59.54 -45.82 14.82
CA TRP I 229 60.11 -45.23 13.61
C TRP I 229 59.67 -43.78 13.43
N THR I 230 58.79 -43.28 14.29
CA THR I 230 58.26 -41.92 14.16
C THR I 230 59.17 -40.92 14.87
N SER I 231 58.88 -39.63 14.64
CA SER I 231 59.58 -38.57 15.35
C SER I 231 59.26 -38.57 16.84
N LYS I 232 58.19 -39.27 17.24
CA LYS I 232 57.75 -39.33 18.64
C LYS I 232 57.73 -40.78 19.10
N PRO I 233 58.90 -41.34 19.37
CA PRO I 233 58.96 -42.80 19.61
C PRO I 233 58.23 -43.29 20.87
N MET I 234 57.87 -42.43 21.81
CA MET I 234 57.19 -42.88 23.02
C MET I 234 55.70 -42.53 23.03
N TYR I 235 55.15 -42.19 21.88
CA TYR I 235 53.72 -41.93 21.68
C TYR I 235 53.11 -43.17 21.04
N ARG I 236 52.49 -44.01 21.86
CA ARG I 236 52.09 -45.34 21.40
C ARG I 236 50.97 -45.29 20.37
N ARG I 237 50.11 -44.28 20.41
CA ARG I 237 49.13 -44.09 19.32
C ARG I 237 49.78 -43.23 18.24
N TRP I 238 50.69 -43.88 17.52
CA TRP I 238 51.58 -43.21 16.58
C TRP I 238 50.85 -42.51 15.45
N TRP I 239 49.69 -43.02 15.03
CA TRP I 239 49.05 -42.45 13.86
C TRP I 239 48.55 -41.03 14.11
N GLU I 240 48.21 -40.69 15.35
CA GLU I 240 47.56 -39.42 15.62
C GLU I 240 48.35 -38.24 15.07
N GLN I 241 49.66 -38.41 14.83
CA GLN I 241 50.43 -37.34 14.21
C GLN I 241 50.21 -37.29 12.70
N PHE I 242 49.68 -38.36 12.10
CA PHE I 242 49.31 -38.35 10.69
C PHE I 242 47.83 -38.03 10.46
N VAL I 243 46.95 -38.61 11.26
CA VAL I 243 45.51 -38.45 11.09
C VAL I 243 44.94 -38.13 12.45
N GLN I 244 44.49 -36.89 12.64
CA GLN I 244 43.96 -36.49 13.92
C GLN I 244 42.59 -37.09 14.15
N ASP I 245 42.32 -37.43 15.41
CA ASP I 245 40.98 -37.82 15.84
C ASP I 245 40.54 -39.15 15.21
N VAL I 246 41.39 -40.16 15.27
CA VAL I 246 40.92 -41.46 14.82
C VAL I 246 40.97 -42.42 16.00
N PRO I 247 39.83 -42.86 16.51
CA PRO I 247 39.85 -43.84 17.62
C PRO I 247 40.26 -45.21 17.12
N VAL I 248 40.78 -46.01 18.06
CA VAL I 248 41.23 -47.36 17.73
C VAL I 248 40.07 -48.22 17.24
N ASP I 249 38.87 -48.02 17.78
CA ASP I 249 37.73 -48.81 17.31
C ASP I 249 37.65 -48.77 15.79
N VAL I 250 37.80 -47.58 15.20
CA VAL I 250 37.69 -47.44 13.76
C VAL I 250 38.76 -48.27 13.06
N LEU I 251 40.00 -48.16 13.51
CA LEU I 251 41.07 -48.92 12.89
C LEU I 251 40.81 -50.42 13.03
N GLU I 252 40.19 -50.84 14.14
CA GLU I 252 39.85 -52.26 14.29
C GLU I 252 38.69 -52.66 13.36
N ASP I 253 37.68 -51.80 13.23
CA ASP I 253 36.60 -52.10 12.29
C ASP I 253 37.14 -52.31 10.88
N ILE I 254 38.00 -51.40 10.43
CA ILE I 254 38.53 -51.48 9.06
C ILE I 254 39.37 -52.74 8.87
N CYS I 255 40.31 -52.98 9.80
CA CYS I 255 41.14 -54.18 9.69
C CYS I 255 40.26 -55.42 9.65
N HIS I 256 39.25 -55.47 10.53
CA HIS I 256 38.37 -56.61 10.58
C HIS I 256 37.78 -56.90 9.21
N GLN I 257 37.36 -55.87 8.48
CA GLN I 257 36.77 -56.12 7.18
C GLN I 257 37.77 -56.73 6.20
N ILE I 258 39.02 -56.27 6.22
CA ILE I 258 39.99 -56.86 5.32
C ILE I 258 40.25 -58.30 5.70
N LEU I 259 40.44 -58.56 7.00
CA LEU I 259 40.70 -59.91 7.44
C LEU I 259 39.52 -60.82 7.13
N ASP I 260 38.30 -60.27 7.12
CA ASP I 260 37.14 -61.09 6.78
C ASP I 260 37.19 -61.58 5.35
N LEU I 261 37.59 -60.70 4.42
CA LEU I 261 37.68 -61.13 3.02
C LEU I 261 38.66 -62.29 2.86
N TYR I 262 39.81 -62.22 3.53
CA TYR I 262 40.82 -63.26 3.38
C TYR I 262 40.34 -64.60 3.92
N SER I 263 39.71 -64.58 5.10
CA SER I 263 39.29 -65.84 5.72
C SER I 263 38.09 -66.44 4.98
N GLN I 264 37.20 -65.59 4.49
CA GLN I 264 36.02 -66.05 3.77
C GLN I 264 36.38 -66.84 2.51
N GLY I 265 37.28 -66.30 1.71
CA GLY I 265 37.68 -66.90 0.47
C GLY I 265 38.58 -68.10 0.67
N LYS I 266 39.43 -68.36 -0.32
CA LYS I 266 40.52 -69.32 -0.16
C LYS I 266 41.90 -68.67 0.01
N GLN I 267 42.08 -67.42 -0.43
CA GLN I 267 43.35 -66.71 -0.32
C GLN I 267 43.70 -66.45 1.15
N GLN I 268 45.00 -66.28 1.42
CA GLN I 268 45.50 -66.10 2.79
C GLN I 268 46.25 -64.78 2.97
N MET I 269 46.46 -64.42 4.25
CA MET I 269 47.10 -63.16 4.59
C MET I 269 48.49 -63.07 3.96
N PRO I 270 48.89 -61.91 3.45
CA PRO I 270 50.19 -61.88 2.74
C PRO I 270 51.37 -62.26 3.62
N HIS I 271 51.43 -61.70 4.82
CA HIS I 271 52.53 -61.93 5.77
C HIS I 271 53.85 -62.26 5.08
#